data_3ZHU
#
_entry.id   3ZHU
#
_cell.length_a   79.783
_cell.length_b   82.286
_cell.length_c   163.039
_cell.angle_alpha   99.19
_cell.angle_beta   99.10
_cell.angle_gamma   100.71
#
_symmetry.space_group_name_H-M   'P 1'
#
loop_
_entity.id
_entity.type
_entity.pdbx_description
1 polymer 'MULTIFUNCTIONAL 2-OXOGLUTARATE METABOLISM ENZYME'
2 non-polymer (5R)-5-{3-[(4-amino-2-methylpyrimidin-5-yl)methyl]-4-methyl-5-(2-{[(phosphonatooxy)phosphinato]oxy}ethyl)-1,3-thiazol-3-ium-2-yl}-5-hydroxypentanoate
3 non-polymer 'MAGNESIUM ION'
4 non-polymer 'CALCIUM ION'
5 water water
#
_entity_poly.entity_id   1
_entity_poly.type   'polypeptide(L)'
_entity_poly.pdbx_seq_one_letter_code
;GDSIEDKNARVIELIAAYRNRGHLMADIDPLRLDNTRFRSHPDLDVNSHGLTLWDLDREFKVDGFAGVQRKKLRDILSVL
RDAYCRHVGVEYTHILEPEQQRWIQERVETKHDKPTVAEQKYILSKLNAAEAFETFLQTKYVGQKRFSLEGAETVIPMMD
AVIDQCAEHGLDEVVIAMPHRGRLNVLANIVGKPYSQIFSEFEGNLNPSQAHGSGDVKYHLGATGTYIQMFGDNDIEVSL
TANPSHLEAVDPVLEGLVRAKQDLLDTGEEGSDNRFSVVPLMLHGDAAFAGQGVVAETLNLALLRGYRTGGTIHIVVNNQ
IGFTTAPTDSRSSEYCTDVAKMIGAPIFHVNGDDPEACAWVARLAVDFRQAFKKDVVIDMLCYRRRGHNEGDDPSMTQPY
MYDVIDTKRGSRKAYTEALIGRGDISMKEAEDALRDYQGQLERVFNEVRELEKHEIEPSESVEADQQIPSKLATAVDKAM
LQRIGDAHLALPEGFTVHPRVRPVLEKRREMAYEGRIDWAFAELLALGSLIAEGKLVRLSGQDTQRGTFTQRHAVIVDRK
TGEEFTPLQLLATNPDGTPTGGKFLVYNSALSEFAAVGFEYGYSVGNPDAMVLWEAQFGDFVNGAQSIIDEFISSGEAKW
GQLSDVVLLLPHGHEGQGPDHTSGRIERFLQLWAEGSMTIAMPSTPANYFHLLRRHGKDGIQRPLIVFTPKSMLRNKAAV
SDIRDFTESKFRSVLEEPMYTDGEGDRNKVTRLLLTSGKIYYELAARKAKENREDVAIVRIEQLAPLPRRRLAETLDRYP
NVKEKFWVQEEPANQGAWPSFGLTLPEILPDHFTGLKRISRRAMSAPSSGSSKVHAVEQQEILDTAFG
;
_entity_poly.pdbx_strand_id   A,B,C,D
#
# COMPACT_ATOMS: atom_id res chain seq x y z
N ASP A 2 -50.31 11.73 -10.92
CA ASP A 2 -51.32 12.73 -10.59
C ASP A 2 -50.76 14.14 -10.83
N SER A 3 -49.66 14.51 -10.15
CA SER A 3 -48.99 15.80 -10.27
C SER A 3 -47.57 15.60 -10.87
N ILE A 4 -46.72 16.67 -10.85
CA ILE A 4 -45.34 16.62 -11.36
C ILE A 4 -44.47 15.70 -10.47
N GLU A 5 -44.57 15.85 -9.12
CA GLU A 5 -43.85 15.06 -8.14
C GLU A 5 -44.33 13.60 -8.13
N ASP A 6 -45.65 13.40 -8.39
CA ASP A 6 -46.32 12.09 -8.44
C ASP A 6 -45.89 11.30 -9.70
N LYS A 7 -45.90 11.95 -10.88
CA LYS A 7 -45.52 11.35 -12.16
C LYS A 7 -44.03 10.97 -12.17
N ASN A 8 -43.15 11.91 -11.74
CA ASN A 8 -41.70 11.69 -11.71
C ASN A 8 -41.30 10.47 -10.84
N ALA A 9 -42.08 10.16 -9.78
CA ALA A 9 -41.82 9.04 -8.86
C ALA A 9 -42.15 7.67 -9.47
N ARG A 10 -43.14 7.61 -10.37
CA ARG A 10 -43.57 6.38 -11.07
C ARG A 10 -42.52 5.98 -12.13
N VAL A 11 -41.81 6.99 -12.68
CA VAL A 11 -40.73 6.87 -13.68
C VAL A 11 -39.51 6.20 -13.01
N ILE A 12 -39.15 6.67 -11.80
CA ILE A 12 -38.04 6.16 -10.96
C ILE A 12 -38.28 4.66 -10.65
N GLU A 13 -39.56 4.29 -10.38
CA GLU A 13 -39.97 2.90 -10.14
C GLU A 13 -39.81 2.08 -11.38
N LEU A 14 -40.15 2.66 -12.56
CA LEU A 14 -40.08 2.05 -13.89
C LEU A 14 -38.63 1.74 -14.27
N ILE A 15 -37.70 2.70 -14.04
CA ILE A 15 -36.26 2.58 -14.29
C ILE A 15 -35.70 1.38 -13.50
N ALA A 16 -35.96 1.32 -12.18
CA ALA A 16 -35.54 0.24 -11.30
C ALA A 16 -36.21 -1.10 -11.70
N ALA A 17 -37.52 -1.08 -12.08
CA ALA A 17 -38.27 -2.28 -12.52
C ALA A 17 -37.60 -2.96 -13.72
N TYR A 18 -37.08 -2.19 -14.69
CA TYR A 18 -36.40 -2.74 -15.88
C TYR A 18 -35.02 -3.27 -15.55
N ARG A 19 -34.30 -2.56 -14.65
CA ARG A 19 -32.95 -2.95 -14.21
C ARG A 19 -32.99 -4.22 -13.36
N ASN A 20 -34.11 -4.41 -12.59
CA ASN A 20 -34.34 -5.56 -11.71
C ASN A 20 -35.00 -6.71 -12.43
N ARG A 21 -36.07 -6.43 -13.20
CA ARG A 21 -36.90 -7.49 -13.80
C ARG A 21 -37.01 -7.53 -15.35
N GLY A 22 -36.39 -6.58 -16.05
CA GLY A 22 -36.40 -6.50 -17.51
C GLY A 22 -35.98 -7.77 -18.23
N HIS A 23 -34.97 -8.50 -17.68
CA HIS A 23 -34.42 -9.77 -18.18
C HIS A 23 -35.49 -10.86 -18.28
N LEU A 24 -36.58 -10.75 -17.46
CA LEU A 24 -37.70 -11.70 -17.48
C LEU A 24 -38.58 -11.50 -18.73
N MET A 25 -38.41 -10.36 -19.40
CA MET A 25 -39.14 -9.98 -20.61
C MET A 25 -38.25 -10.01 -21.85
N ALA A 26 -36.93 -10.12 -21.69
CA ALA A 26 -35.96 -10.11 -22.79
C ALA A 26 -36.14 -11.31 -23.75
N ASP A 27 -36.02 -11.02 -25.06
CA ASP A 27 -36.15 -12.00 -26.15
C ASP A 27 -34.84 -12.76 -26.31
N ILE A 28 -34.58 -13.66 -25.34
CA ILE A 28 -33.35 -14.44 -25.22
C ILE A 28 -33.50 -15.86 -25.76
N ASP A 29 -34.72 -16.43 -25.81
CA ASP A 29 -34.91 -17.82 -26.29
C ASP A 29 -35.10 -17.86 -27.83
N PRO A 30 -34.11 -18.38 -28.60
CA PRO A 30 -34.26 -18.46 -30.06
C PRO A 30 -35.37 -19.41 -30.53
N LEU A 31 -35.99 -20.18 -29.62
CA LEU A 31 -37.08 -21.10 -29.97
C LEU A 31 -38.47 -20.51 -29.63
N ARG A 32 -38.53 -19.46 -28.78
CA ARG A 32 -39.77 -18.82 -28.32
C ARG A 32 -40.78 -19.88 -27.80
N LEU A 33 -40.27 -20.89 -27.07
CA LEU A 33 -41.03 -22.02 -26.56
C LEU A 33 -42.14 -21.60 -25.62
N ASP A 34 -41.84 -20.70 -24.68
CA ASP A 34 -42.80 -20.19 -23.71
C ASP A 34 -43.64 -19.10 -24.36
N ASN A 35 -44.93 -19.42 -24.58
CA ASN A 35 -45.92 -18.54 -25.21
C ASN A 35 -46.29 -17.35 -24.31
N THR A 36 -46.41 -17.57 -22.99
CA THR A 36 -46.81 -16.58 -21.99
C THR A 36 -45.62 -15.68 -21.50
N ARG A 37 -44.41 -15.80 -22.11
CA ARG A 37 -43.22 -15.04 -21.73
C ARG A 37 -43.48 -13.52 -21.82
N LEU A 51 -48.75 6.25 -15.40
CA LEU A 51 -48.33 7.22 -16.40
C LEU A 51 -49.20 7.12 -17.65
N THR A 52 -49.52 8.28 -18.26
CA THR A 52 -50.31 8.38 -19.48
C THR A 52 -49.42 8.50 -20.73
N LEU A 53 -50.01 8.43 -21.94
CA LEU A 53 -49.31 8.57 -23.23
C LEU A 53 -48.84 10.02 -23.41
N TRP A 54 -49.47 10.95 -22.67
CA TRP A 54 -49.15 12.36 -22.64
C TRP A 54 -47.83 12.60 -21.92
N ASP A 55 -47.45 11.68 -21.02
CA ASP A 55 -46.21 11.78 -20.24
C ASP A 55 -44.97 11.34 -21.02
N LEU A 56 -45.15 10.54 -22.11
CA LEU A 56 -44.09 10.03 -22.99
C LEU A 56 -43.22 11.14 -23.60
N ASP A 57 -43.77 12.33 -23.83
CA ASP A 57 -43.04 13.45 -24.42
C ASP A 57 -42.55 14.46 -23.37
N ARG A 58 -42.88 14.23 -22.08
CA ARG A 58 -42.48 15.10 -20.96
C ARG A 58 -41.06 14.78 -20.49
N GLU A 59 -40.33 15.82 -20.04
CA GLU A 59 -38.94 15.73 -19.55
C GLU A 59 -38.93 15.44 -18.04
N PHE A 60 -38.16 14.43 -17.63
CA PHE A 60 -38.06 14.02 -16.21
C PHE A 60 -36.63 14.11 -15.69
N LYS A 61 -36.48 14.18 -14.35
CA LYS A 61 -35.18 14.27 -13.67
C LYS A 61 -34.51 12.88 -13.62
N VAL A 62 -33.29 12.79 -14.18
CA VAL A 62 -32.52 11.54 -14.25
C VAL A 62 -31.08 11.77 -13.78
N ASP A 63 -30.54 10.80 -13.00
CA ASP A 63 -29.18 10.79 -12.45
C ASP A 63 -28.10 10.75 -13.56
N VAL A 68 -26.36 14.74 -13.42
CA VAL A 68 -27.81 14.90 -13.44
C VAL A 68 -28.25 15.61 -14.73
N GLN A 69 -29.16 14.98 -15.49
CA GLN A 69 -29.68 15.50 -16.74
C GLN A 69 -31.21 15.32 -16.84
N ARG A 70 -31.85 16.10 -17.73
CA ARG A 70 -33.28 16.07 -17.99
C ARG A 70 -33.55 15.30 -19.28
N LYS A 71 -34.26 14.15 -19.19
CA LYS A 71 -34.57 13.31 -20.35
C LYS A 71 -36.06 13.05 -20.50
N LYS A 72 -36.56 12.99 -21.75
CA LYS A 72 -37.94 12.69 -22.11
C LYS A 72 -38.24 11.22 -21.77
N LEU A 73 -39.46 10.91 -21.28
CA LEU A 73 -39.82 9.52 -20.88
C LEU A 73 -39.66 8.52 -22.03
N ARG A 74 -40.08 8.87 -23.26
CA ARG A 74 -39.95 7.97 -24.43
C ARG A 74 -38.47 7.50 -24.60
N ASP A 75 -37.50 8.41 -24.42
CA ASP A 75 -36.07 8.18 -24.54
C ASP A 75 -35.55 7.34 -23.38
N ILE A 76 -36.11 7.52 -22.18
CA ILE A 76 -35.74 6.73 -21.00
C ILE A 76 -36.20 5.28 -21.20
N LEU A 77 -37.46 5.06 -21.62
CA LEU A 77 -38.07 3.75 -21.91
C LEU A 77 -37.36 3.03 -23.03
N SER A 78 -36.94 3.76 -24.08
CA SER A 78 -36.28 3.17 -25.24
C SER A 78 -34.85 2.72 -24.88
N VAL A 79 -34.14 3.48 -23.99
CA VAL A 79 -32.80 3.11 -23.50
C VAL A 79 -32.88 1.79 -22.70
N LEU A 80 -33.85 1.71 -21.77
CA LEU A 80 -34.10 0.57 -20.88
C LEU A 80 -34.48 -0.69 -21.70
N ARG A 81 -35.48 -0.60 -22.62
CA ARG A 81 -35.90 -1.72 -23.50
C ARG A 81 -34.74 -2.26 -24.34
N ASP A 82 -33.90 -1.36 -24.86
CA ASP A 82 -32.75 -1.76 -25.68
C ASP A 82 -31.70 -2.48 -24.84
N ALA A 83 -31.43 -1.93 -23.65
CA ALA A 83 -30.48 -2.43 -22.68
C ALA A 83 -30.89 -3.75 -22.01
N TYR A 84 -32.16 -3.86 -21.62
CA TYR A 84 -32.61 -5.00 -20.83
C TYR A 84 -33.65 -5.91 -21.44
N CYS A 85 -34.35 -5.50 -22.52
CA CYS A 85 -35.43 -6.32 -23.08
C CYS A 85 -35.22 -6.69 -24.52
N ARG A 86 -33.98 -6.68 -25.03
CA ARG A 86 -33.80 -7.11 -26.42
C ARG A 86 -33.29 -8.56 -26.41
N HIS A 87 -32.10 -8.86 -26.98
CA HIS A 87 -31.56 -10.22 -27.02
C HIS A 87 -30.63 -10.54 -25.85
N VAL A 88 -30.47 -9.57 -24.92
CA VAL A 88 -29.62 -9.74 -23.73
C VAL A 88 -30.42 -9.46 -22.43
N GLY A 89 -30.51 -10.48 -21.58
CA GLY A 89 -31.11 -10.40 -20.26
C GLY A 89 -29.99 -10.18 -19.26
N VAL A 90 -30.01 -9.05 -18.55
CA VAL A 90 -28.94 -8.67 -17.63
C VAL A 90 -29.42 -8.76 -16.19
N GLU A 91 -28.74 -9.58 -15.37
CA GLU A 91 -29.00 -9.71 -13.94
C GLU A 91 -27.80 -9.19 -13.19
N TYR A 92 -27.95 -8.03 -12.51
CA TYR A 92 -26.82 -7.42 -11.81
C TYR A 92 -27.23 -6.66 -10.53
N THR A 93 -28.53 -6.39 -10.32
CA THR A 93 -28.97 -5.62 -9.14
C THR A 93 -28.81 -6.40 -7.81
N HIS A 94 -28.49 -7.70 -7.88
CA HIS A 94 -28.22 -8.54 -6.71
C HIS A 94 -26.79 -8.26 -6.21
N ILE A 95 -25.94 -7.62 -7.06
CA ILE A 95 -24.56 -7.32 -6.70
C ILE A 95 -24.55 -6.27 -5.57
N LEU A 96 -23.84 -6.59 -4.48
CA LEU A 96 -23.75 -5.80 -3.26
C LEU A 96 -22.79 -4.63 -3.38
N GLU A 97 -21.79 -4.71 -4.28
CA GLU A 97 -20.83 -3.62 -4.50
C GLU A 97 -21.51 -2.57 -5.40
N PRO A 98 -21.77 -1.32 -4.91
CA PRO A 98 -22.42 -0.30 -5.75
C PRO A 98 -21.64 0.09 -7.00
N GLU A 99 -20.29 0.11 -6.94
CA GLU A 99 -19.45 0.46 -8.11
C GLU A 99 -19.58 -0.56 -9.25
N GLN A 100 -19.85 -1.85 -8.93
CA GLN A 100 -20.03 -2.93 -9.89
C GLN A 100 -21.36 -2.79 -10.57
N GLN A 101 -22.42 -2.42 -9.82
CA GLN A 101 -23.74 -2.15 -10.40
C GLN A 101 -23.68 -0.97 -11.40
N ARG A 102 -23.00 0.12 -11.00
CA ARG A 102 -22.85 1.29 -11.86
C ARG A 102 -22.02 0.99 -13.09
N TRP A 103 -20.94 0.16 -12.95
CA TRP A 103 -20.04 -0.19 -14.07
C TRP A 103 -20.84 -0.87 -15.18
N ILE A 104 -21.66 -1.88 -14.82
CA ILE A 104 -22.51 -2.64 -15.73
C ILE A 104 -23.56 -1.71 -16.34
N GLN A 105 -24.27 -0.94 -15.49
CA GLN A 105 -25.30 0.05 -15.84
C GLN A 105 -24.81 1.04 -16.89
N GLU A 106 -23.59 1.57 -16.73
CA GLU A 106 -22.96 2.53 -17.66
C GLU A 106 -22.62 1.89 -19.00
N ARG A 107 -22.19 0.62 -19.01
CA ARG A 107 -21.81 -0.08 -20.25
C ARG A 107 -23.00 -0.69 -20.98
N VAL A 108 -24.13 -0.92 -20.28
CA VAL A 108 -25.32 -1.56 -20.88
C VAL A 108 -26.37 -0.51 -21.33
N GLU A 109 -26.46 0.64 -20.66
CA GLU A 109 -27.50 1.64 -21.02
C GLU A 109 -27.03 2.73 -22.02
N THR A 110 -25.91 2.52 -22.70
CA THR A 110 -25.38 3.44 -23.72
C THR A 110 -25.54 2.83 -25.11
N LYS A 111 -25.30 3.64 -26.16
CA LYS A 111 -25.36 3.20 -27.55
C LYS A 111 -24.14 2.35 -27.85
N HIS A 112 -24.36 1.10 -28.27
CA HIS A 112 -23.27 0.18 -28.58
C HIS A 112 -22.79 0.39 -30.01
N ASP A 113 -21.45 0.50 -30.19
CA ASP A 113 -20.81 0.68 -31.49
C ASP A 113 -20.97 -0.61 -32.32
N LYS A 114 -21.56 -0.47 -33.52
CA LYS A 114 -21.79 -1.58 -34.45
C LYS A 114 -20.45 -2.18 -34.91
N PRO A 115 -20.32 -3.52 -35.03
CA PRO A 115 -19.04 -4.07 -35.49
C PRO A 115 -18.74 -3.68 -36.94
N THR A 116 -17.45 -3.60 -37.32
CA THR A 116 -17.05 -3.29 -38.69
C THR A 116 -17.41 -4.46 -39.60
N VAL A 117 -17.50 -4.22 -40.93
CA VAL A 117 -17.81 -5.23 -41.96
C VAL A 117 -16.79 -6.38 -41.84
N ALA A 118 -15.50 -6.04 -41.65
CA ALA A 118 -14.40 -7.00 -41.48
C ALA A 118 -14.62 -7.91 -40.25
N GLU A 119 -15.12 -7.34 -39.13
CA GLU A 119 -15.39 -8.08 -37.89
C GLU A 119 -16.61 -8.99 -38.05
N GLN A 120 -17.66 -8.52 -38.77
CA GLN A 120 -18.89 -9.27 -39.06
C GLN A 120 -18.58 -10.51 -39.90
N LYS A 121 -17.75 -10.31 -40.95
CA LYS A 121 -17.26 -11.36 -41.85
C LYS A 121 -16.49 -12.41 -41.05
N TYR A 122 -15.67 -11.95 -40.09
CA TYR A 122 -14.86 -12.83 -39.23
C TYR A 122 -15.78 -13.70 -38.35
N ILE A 123 -16.88 -13.12 -37.80
CA ILE A 123 -17.87 -13.85 -37.00
C ILE A 123 -18.49 -14.93 -37.92
N LEU A 124 -18.89 -14.53 -39.15
CA LEU A 124 -19.46 -15.48 -40.11
C LEU A 124 -18.50 -16.65 -40.39
N SER A 125 -17.18 -16.37 -40.58
CA SER A 125 -16.17 -17.41 -40.78
C SER A 125 -16.14 -18.40 -39.61
N LYS A 126 -16.36 -17.89 -38.35
CA LYS A 126 -16.41 -18.72 -37.14
C LYS A 126 -17.66 -19.61 -37.16
N LEU A 127 -18.84 -19.10 -37.58
CA LEU A 127 -20.07 -19.89 -37.67
C LEU A 127 -19.98 -20.90 -38.84
N ASN A 128 -19.24 -20.55 -39.93
CA ASN A 128 -19.01 -21.44 -41.10
C ASN A 128 -18.19 -22.66 -40.69
N ALA A 129 -17.04 -22.42 -40.00
CA ALA A 129 -16.12 -23.45 -39.52
C ALA A 129 -16.83 -24.37 -38.52
N ALA A 130 -17.63 -23.77 -37.60
CA ALA A 130 -18.41 -24.46 -36.56
C ALA A 130 -19.46 -25.41 -37.15
N GLU A 131 -20.30 -24.93 -38.10
CA GLU A 131 -21.38 -25.72 -38.70
C GLU A 131 -20.86 -26.72 -39.72
N ALA A 132 -19.86 -26.35 -40.55
CA ALA A 132 -19.35 -27.27 -41.58
C ALA A 132 -18.50 -28.37 -40.98
N PHE A 133 -17.92 -28.13 -39.77
CA PHE A 133 -17.18 -29.15 -39.02
C PHE A 133 -18.20 -30.27 -38.63
N GLU A 134 -19.34 -29.88 -38.02
CA GLU A 134 -20.39 -30.82 -37.61
C GLU A 134 -21.08 -31.55 -38.78
N THR A 135 -21.33 -30.86 -39.93
CA THR A 135 -22.00 -31.50 -41.07
C THR A 135 -21.05 -32.46 -41.78
N PHE A 136 -19.73 -32.16 -41.77
CA PHE A 136 -18.73 -33.04 -42.36
C PHE A 136 -18.66 -34.35 -41.58
N LEU A 137 -18.72 -34.27 -40.23
CA LEU A 137 -18.67 -35.41 -39.33
C LEU A 137 -19.95 -36.24 -39.41
N GLN A 138 -21.10 -35.58 -39.67
CA GLN A 138 -22.38 -36.27 -39.84
C GLN A 138 -22.35 -37.09 -41.13
N THR A 139 -21.59 -36.64 -42.15
CA THR A 139 -21.47 -37.27 -43.46
C THR A 139 -20.50 -38.44 -43.42
N LYS A 140 -19.29 -38.24 -42.85
CA LYS A 140 -18.23 -39.26 -42.87
C LYS A 140 -18.40 -40.36 -41.82
N TYR A 141 -18.75 -39.98 -40.58
CA TYR A 141 -18.87 -40.92 -39.47
C TYR A 141 -20.26 -40.79 -38.81
N VAL A 142 -21.31 -41.07 -39.58
CA VAL A 142 -22.72 -40.98 -39.16
C VAL A 142 -23.04 -41.88 -37.91
N GLY A 143 -22.29 -42.99 -37.72
CA GLY A 143 -22.50 -43.90 -36.60
C GLY A 143 -21.62 -43.74 -35.38
N GLN A 144 -20.87 -42.62 -35.28
CA GLN A 144 -20.01 -42.37 -34.13
C GLN A 144 -20.51 -41.14 -33.40
N LYS A 145 -20.53 -41.19 -32.04
CA LYS A 145 -20.96 -40.06 -31.21
C LYS A 145 -19.95 -38.90 -31.33
N ARG A 146 -20.43 -37.66 -31.40
CA ARG A 146 -19.54 -36.49 -31.46
C ARG A 146 -20.05 -35.37 -30.56
N PHE A 147 -21.30 -35.52 -30.04
CA PHE A 147 -21.99 -34.55 -29.18
C PHE A 147 -21.92 -33.17 -29.82
N SER A 148 -22.51 -33.10 -31.05
CA SER A 148 -22.56 -31.92 -31.94
C SER A 148 -22.93 -30.60 -31.26
N LEU A 149 -22.33 -29.51 -31.77
CA LEU A 149 -22.56 -28.12 -31.38
C LEU A 149 -23.75 -27.50 -32.14
N GLU A 150 -24.34 -28.24 -33.15
CA GLU A 150 -25.45 -27.79 -33.98
C GLU A 150 -26.62 -27.27 -33.12
N GLY A 151 -26.99 -26.03 -33.40
CA GLY A 151 -28.02 -25.31 -32.69
C GLY A 151 -27.42 -24.36 -31.68
N ALA A 152 -26.07 -24.44 -31.48
CA ALA A 152 -25.27 -23.66 -30.53
C ALA A 152 -23.92 -23.19 -31.12
N GLU A 153 -23.82 -23.04 -32.46
CA GLU A 153 -22.59 -22.64 -33.17
C GLU A 153 -22.03 -21.28 -32.71
N THR A 154 -22.89 -20.38 -32.20
CA THR A 154 -22.49 -19.06 -31.69
C THR A 154 -21.45 -19.20 -30.53
N VAL A 155 -21.40 -20.36 -29.87
CA VAL A 155 -20.41 -20.70 -28.82
C VAL A 155 -18.94 -20.44 -29.35
N ILE A 156 -18.64 -20.76 -30.63
CA ILE A 156 -17.33 -20.59 -31.28
C ILE A 156 -17.03 -19.08 -31.41
N PRO A 157 -17.81 -18.22 -32.13
CA PRO A 157 -17.45 -16.79 -32.13
C PRO A 157 -17.45 -16.16 -30.72
N MET A 158 -18.27 -16.66 -29.78
CA MET A 158 -18.33 -16.17 -28.40
C MET A 158 -17.02 -16.44 -27.65
N MET A 159 -16.48 -17.68 -27.73
CA MET A 159 -15.22 -18.07 -27.08
C MET A 159 -14.04 -17.31 -27.67
N ASP A 160 -14.09 -17.14 -28.99
CA ASP A 160 -13.11 -16.38 -29.78
C ASP A 160 -13.05 -14.93 -29.26
N ALA A 161 -14.23 -14.31 -29.04
CA ALA A 161 -14.35 -12.95 -28.50
C ALA A 161 -13.76 -12.88 -27.08
N VAL A 162 -14.03 -13.89 -26.21
CA VAL A 162 -13.48 -13.97 -24.84
C VAL A 162 -11.94 -13.93 -24.93
N ILE A 163 -11.36 -14.84 -25.73
CA ILE A 163 -9.92 -15.01 -25.88
C ILE A 163 -9.29 -13.76 -26.51
N ASP A 164 -9.94 -13.19 -27.55
CA ASP A 164 -9.47 -11.99 -28.22
C ASP A 164 -9.47 -10.82 -27.26
N GLN A 165 -10.52 -10.70 -26.41
CA GLN A 165 -10.59 -9.64 -25.42
C GLN A 165 -9.50 -9.80 -24.34
N CYS A 166 -9.15 -11.04 -23.95
CA CYS A 166 -8.07 -11.35 -22.99
C CYS A 166 -6.71 -10.93 -23.56
N ALA A 167 -6.48 -11.17 -24.88
CA ALA A 167 -5.28 -10.77 -25.61
C ALA A 167 -5.21 -9.24 -25.69
N GLU A 168 -6.40 -8.59 -25.82
CA GLU A 168 -6.55 -7.13 -25.92
C GLU A 168 -6.11 -6.49 -24.59
N HIS A 169 -6.36 -7.17 -23.44
CA HIS A 169 -5.93 -6.76 -22.09
C HIS A 169 -4.45 -7.14 -21.83
N GLY A 170 -3.82 -7.79 -22.81
CA GLY A 170 -2.42 -8.21 -22.76
C GLY A 170 -2.13 -9.34 -21.79
N LEU A 171 -3.11 -10.22 -21.56
CA LEU A 171 -2.96 -11.36 -20.63
C LEU A 171 -2.12 -12.49 -21.25
N ASP A 172 -1.62 -13.41 -20.42
CA ASP A 172 -0.68 -14.46 -20.83
C ASP A 172 -1.32 -15.77 -21.29
N GLU A 173 -2.43 -16.21 -20.69
CA GLU A 173 -3.02 -17.49 -21.07
C GLU A 173 -4.49 -17.56 -20.72
N VAL A 174 -5.25 -18.31 -21.54
CA VAL A 174 -6.65 -18.65 -21.28
C VAL A 174 -6.68 -20.16 -21.12
N VAL A 175 -7.13 -20.64 -19.95
CA VAL A 175 -7.18 -22.09 -19.72
C VAL A 175 -8.65 -22.52 -19.72
N ILE A 176 -9.00 -23.42 -20.62
CA ILE A 176 -10.37 -23.89 -20.78
C ILE A 176 -10.62 -25.27 -20.15
N ALA A 177 -11.82 -25.41 -19.58
CA ALA A 177 -12.41 -26.65 -19.12
C ALA A 177 -13.84 -26.64 -19.62
N MET A 178 -14.29 -27.78 -20.15
CA MET A 178 -15.61 -27.87 -20.72
C MET A 178 -16.11 -29.30 -20.75
N PRO A 179 -17.45 -29.50 -20.89
CA PRO A 179 -17.97 -30.87 -21.05
C PRO A 179 -17.88 -31.30 -22.52
N HIS A 180 -18.69 -32.27 -22.90
CA HIS A 180 -18.74 -32.89 -24.23
C HIS A 180 -19.32 -31.98 -25.35
N ARG A 181 -20.33 -31.10 -25.04
CA ARG A 181 -21.06 -30.30 -26.05
C ARG A 181 -20.13 -29.38 -26.85
N GLY A 182 -19.95 -29.70 -28.14
CA GLY A 182 -19.12 -28.95 -29.07
C GLY A 182 -17.62 -28.96 -28.80
N ARG A 183 -17.15 -29.95 -28.04
CA ARG A 183 -15.77 -30.15 -27.57
C ARG A 183 -14.80 -30.29 -28.74
N LEU A 184 -15.12 -31.22 -29.67
CA LEU A 184 -14.31 -31.48 -30.85
C LEU A 184 -14.24 -30.17 -31.65
N ASN A 185 -15.37 -29.51 -31.80
CA ASN A 185 -15.48 -28.22 -32.49
C ASN A 185 -14.58 -27.16 -31.82
N VAL A 186 -14.62 -27.03 -30.48
CA VAL A 186 -13.76 -26.08 -29.74
C VAL A 186 -12.27 -26.47 -29.94
N LEU A 187 -11.93 -27.76 -29.82
CA LEU A 187 -10.56 -28.24 -30.00
C LEU A 187 -10.00 -27.88 -31.38
N ALA A 188 -10.81 -28.10 -32.41
CA ALA A 188 -10.46 -27.82 -33.80
C ALA A 188 -10.48 -26.31 -34.16
N ASN A 189 -11.53 -25.58 -33.74
CA ASN A 189 -11.73 -24.19 -34.16
C ASN A 189 -11.30 -23.12 -33.15
N ILE A 190 -11.07 -23.46 -31.89
CA ILE A 190 -10.64 -22.45 -30.89
C ILE A 190 -9.18 -22.74 -30.45
N VAL A 191 -8.90 -23.95 -29.94
CA VAL A 191 -7.58 -24.29 -29.38
C VAL A 191 -6.57 -24.55 -30.51
N GLY A 192 -7.04 -25.03 -31.65
CA GLY A 192 -6.20 -25.34 -32.81
C GLY A 192 -5.71 -26.76 -32.88
N LYS A 193 -6.43 -27.72 -32.29
CA LYS A 193 -6.06 -29.13 -32.40
C LYS A 193 -6.18 -29.54 -33.89
N PRO A 194 -5.12 -30.13 -34.50
CA PRO A 194 -5.19 -30.47 -35.93
C PRO A 194 -6.39 -31.36 -36.26
N TYR A 195 -7.02 -31.04 -37.38
CA TYR A 195 -8.15 -31.78 -37.91
C TYR A 195 -7.74 -33.21 -38.15
N SER A 196 -6.48 -33.41 -38.62
CA SER A 196 -5.90 -34.72 -38.91
C SER A 196 -5.91 -35.59 -37.67
N GLN A 197 -5.64 -35.00 -36.50
CA GLN A 197 -5.65 -35.70 -35.21
C GLN A 197 -7.08 -36.17 -34.86
N ILE A 198 -8.07 -35.27 -35.00
CA ILE A 198 -9.49 -35.58 -34.74
C ILE A 198 -9.97 -36.65 -35.74
N PHE A 199 -9.60 -36.50 -37.02
CA PHE A 199 -9.97 -37.46 -38.06
C PHE A 199 -9.35 -38.84 -37.79
N SER A 200 -8.05 -38.89 -37.32
CA SER A 200 -7.36 -40.15 -36.96
C SER A 200 -8.06 -40.86 -35.81
N GLU A 201 -8.69 -40.08 -34.90
CA GLU A 201 -9.45 -40.60 -33.75
C GLU A 201 -10.75 -41.26 -34.18
N PHE A 202 -11.44 -40.69 -35.18
CA PHE A 202 -12.67 -41.26 -35.70
C PHE A 202 -12.37 -42.53 -36.51
N GLU A 203 -11.25 -42.54 -37.25
CA GLU A 203 -10.77 -43.67 -38.04
C GLU A 203 -10.40 -44.84 -37.14
N GLY A 204 -10.01 -44.52 -35.89
CA GLY A 204 -9.60 -45.50 -34.89
C GLY A 204 -8.24 -46.07 -35.21
N ASN A 205 -7.34 -45.20 -35.73
CA ASN A 205 -5.97 -45.55 -36.10
C ASN A 205 -5.00 -44.59 -35.40
N LEU A 206 -4.58 -44.98 -34.17
CA LEU A 206 -3.69 -44.19 -33.33
C LEU A 206 -2.25 -44.74 -33.36
N ASN A 207 -1.25 -43.83 -33.42
CA ASN A 207 0.19 -44.17 -33.43
C ASN A 207 0.64 -44.62 -32.01
N PRO A 208 1.82 -45.27 -31.81
CA PRO A 208 2.20 -45.74 -30.44
C PRO A 208 2.14 -44.68 -29.32
N SER A 209 2.37 -43.39 -29.66
CA SER A 209 2.33 -42.28 -28.70
C SER A 209 0.87 -41.99 -28.26
N GLN A 210 -0.09 -42.02 -29.22
CA GLN A 210 -1.53 -41.79 -28.99
C GLN A 210 -2.21 -43.02 -28.38
N ALA A 211 -1.65 -44.23 -28.63
CA ALA A 211 -2.16 -45.50 -28.12
C ALA A 211 -1.51 -45.90 -26.76
N HIS A 212 -0.75 -44.97 -26.14
CA HIS A 212 -0.07 -45.17 -24.86
C HIS A 212 -1.06 -45.07 -23.67
N GLY A 213 -0.88 -45.95 -22.69
CA GLY A 213 -1.76 -46.04 -21.53
C GLY A 213 -3.07 -46.72 -21.90
N SER A 214 -4.13 -46.51 -21.12
CA SER A 214 -5.41 -47.13 -21.43
C SER A 214 -6.27 -46.16 -22.27
N GLY A 215 -5.98 -44.87 -22.13
CA GLY A 215 -6.64 -43.81 -22.88
C GLY A 215 -8.04 -43.45 -22.43
N ASP A 216 -8.70 -42.65 -23.26
CA ASP A 216 -10.05 -42.15 -23.02
C ASP A 216 -10.65 -41.69 -24.33
N VAL A 217 -11.96 -41.41 -24.32
CA VAL A 217 -12.77 -40.99 -25.47
C VAL A 217 -12.31 -39.61 -25.99
N LYS A 218 -12.51 -39.35 -27.30
CA LYS A 218 -12.10 -38.16 -28.07
C LYS A 218 -12.59 -36.83 -27.53
N TYR A 219 -13.79 -36.77 -26.93
CA TYR A 219 -14.33 -35.53 -26.38
C TYR A 219 -13.94 -35.35 -24.87
N HIS A 220 -12.84 -35.97 -24.41
CA HIS A 220 -12.28 -35.85 -23.05
C HIS A 220 -10.86 -35.31 -23.12
N LEU A 221 -10.33 -35.24 -24.34
CA LEU A 221 -8.97 -34.84 -24.66
C LEU A 221 -8.76 -33.29 -24.64
N GLY A 222 -7.58 -32.88 -24.19
CA GLY A 222 -7.16 -31.50 -24.16
C GLY A 222 -6.21 -31.18 -25.31
N ALA A 223 -5.78 -29.92 -25.38
CA ALA A 223 -4.85 -29.40 -26.39
C ALA A 223 -4.31 -28.04 -25.93
N THR A 224 -3.22 -27.60 -26.54
CA THR A 224 -2.59 -26.32 -26.26
C THR A 224 -2.27 -25.63 -27.59
N GLY A 225 -2.20 -24.31 -27.58
CA GLY A 225 -1.91 -23.51 -28.76
C GLY A 225 -1.71 -22.04 -28.46
N THR A 226 -1.44 -21.25 -29.52
CA THR A 226 -1.23 -19.81 -29.43
C THR A 226 -2.26 -19.11 -30.31
N TYR A 227 -3.14 -18.32 -29.69
CA TYR A 227 -4.15 -17.53 -30.39
C TYR A 227 -3.51 -16.24 -30.85
N ILE A 228 -3.68 -15.91 -32.12
CA ILE A 228 -3.14 -14.68 -32.67
C ILE A 228 -4.35 -13.80 -33.04
N GLN A 229 -4.35 -12.54 -32.55
CA GLN A 229 -5.43 -11.59 -32.82
C GLN A 229 -5.55 -11.33 -34.31
N MET A 230 -6.80 -11.33 -34.80
CA MET A 230 -7.15 -11.11 -36.18
C MET A 230 -6.97 -9.63 -36.53
N PHE A 231 -7.37 -8.73 -35.63
CA PHE A 231 -7.31 -7.28 -35.88
C PHE A 231 -6.29 -6.56 -34.97
N GLY A 232 -5.86 -7.20 -33.90
CA GLY A 232 -4.87 -6.66 -32.96
C GLY A 232 -3.49 -7.24 -33.19
N ASP A 233 -2.50 -6.77 -32.41
CA ASP A 233 -1.10 -7.19 -32.56
C ASP A 233 -0.61 -8.09 -31.41
N ASN A 234 -1.54 -8.59 -30.58
CA ASN A 234 -1.18 -9.44 -29.46
C ASN A 234 -1.50 -10.91 -29.71
N ASP A 235 -0.80 -11.78 -28.97
CA ASP A 235 -1.01 -13.21 -28.96
C ASP A 235 -1.23 -13.64 -27.50
N ILE A 236 -1.90 -14.77 -27.32
CA ILE A 236 -2.21 -15.32 -26.01
C ILE A 236 -2.21 -16.85 -26.12
N GLU A 237 -1.76 -17.54 -25.07
CA GLU A 237 -1.76 -19.00 -25.03
C GLU A 237 -3.18 -19.49 -24.74
N VAL A 238 -3.62 -20.53 -25.44
CA VAL A 238 -4.95 -21.11 -25.23
C VAL A 238 -4.77 -22.58 -24.89
N SER A 239 -5.23 -22.99 -23.70
CA SER A 239 -5.14 -24.36 -23.24
C SER A 239 -6.50 -24.93 -22.93
N LEU A 240 -6.67 -26.23 -23.16
CA LEU A 240 -7.90 -26.96 -22.83
C LEU A 240 -7.49 -28.19 -22.01
N THR A 241 -8.03 -28.31 -20.78
CA THR A 241 -7.65 -29.43 -19.90
C THR A 241 -8.56 -30.66 -20.08
N ALA A 242 -8.00 -31.84 -19.79
CA ALA A 242 -8.70 -33.12 -19.87
C ALA A 242 -9.77 -33.28 -18.78
N ASN A 243 -10.66 -34.26 -18.93
CA ASN A 243 -11.71 -34.48 -17.94
C ASN A 243 -12.40 -35.82 -18.09
N PRO A 244 -13.07 -36.32 -17.03
CA PRO A 244 -13.90 -37.50 -17.22
C PRO A 244 -15.31 -37.10 -17.74
N SER A 245 -16.19 -38.10 -17.89
CA SER A 245 -17.59 -37.93 -18.29
C SER A 245 -18.36 -37.24 -17.16
N HIS A 246 -17.86 -37.37 -15.90
CA HIS A 246 -18.41 -36.78 -14.68
C HIS A 246 -18.41 -35.29 -14.87
N LEU A 247 -19.61 -34.81 -15.18
CA LEU A 247 -19.96 -33.46 -15.49
C LEU A 247 -19.74 -32.58 -14.34
N GLU A 248 -19.04 -31.46 -14.63
CA GLU A 248 -18.69 -30.39 -13.72
C GLU A 248 -17.50 -30.75 -12.78
N ALA A 249 -17.05 -32.03 -12.71
CA ALA A 249 -15.98 -32.49 -11.81
C ALA A 249 -14.63 -31.79 -12.05
N VAL A 250 -14.37 -31.34 -13.31
CA VAL A 250 -13.15 -30.64 -13.72
C VAL A 250 -13.15 -29.19 -13.25
N ASP A 251 -14.33 -28.61 -12.87
CA ASP A 251 -14.42 -27.20 -12.42
C ASP A 251 -13.35 -26.81 -11.37
N PRO A 252 -13.19 -27.52 -10.22
CA PRO A 252 -12.15 -27.10 -9.26
C PRO A 252 -10.73 -27.40 -9.75
N VAL A 253 -10.58 -28.42 -10.59
CA VAL A 253 -9.31 -28.86 -11.20
C VAL A 253 -8.79 -27.69 -12.05
N LEU A 254 -9.68 -27.06 -12.85
CA LEU A 254 -9.35 -25.92 -13.71
C LEU A 254 -8.80 -24.76 -12.87
N GLU A 255 -9.55 -24.39 -11.80
CA GLU A 255 -9.19 -23.35 -10.84
C GLU A 255 -7.80 -23.59 -10.23
N GLY A 256 -7.53 -24.83 -9.78
CA GLY A 256 -6.23 -25.19 -9.22
C GLY A 256 -5.10 -25.03 -10.21
N LEU A 257 -5.34 -25.46 -11.48
CA LEU A 257 -4.41 -25.43 -12.62
C LEU A 257 -4.04 -24.00 -12.94
N VAL A 258 -5.05 -23.10 -12.98
CA VAL A 258 -4.90 -21.67 -13.24
C VAL A 258 -4.12 -20.99 -12.09
N ARG A 259 -4.52 -21.25 -10.81
CA ARG A 259 -3.84 -20.70 -9.63
C ARG A 259 -2.34 -21.14 -9.61
N ALA A 260 -2.04 -22.40 -9.96
CA ALA A 260 -0.65 -22.86 -10.04
C ALA A 260 0.14 -22.11 -11.12
N LYS A 261 -0.49 -21.82 -12.27
CA LYS A 261 0.09 -21.08 -13.38
C LYS A 261 0.30 -19.61 -12.99
N GLN A 262 -0.73 -19.02 -12.32
CA GLN A 262 -0.69 -17.65 -11.84
C GLN A 262 0.46 -17.46 -10.86
N ASP A 263 0.60 -18.38 -9.87
CA ASP A 263 1.69 -18.34 -8.88
C ASP A 263 3.06 -18.39 -9.55
N LEU A 264 3.22 -19.20 -10.64
CA LEU A 264 4.47 -19.33 -11.41
C LEU A 264 4.83 -18.04 -12.18
N LEU A 265 3.82 -17.33 -12.71
CA LEU A 265 4.03 -16.09 -13.47
C LEU A 265 4.13 -14.86 -12.56
N ASP A 266 4.20 -15.08 -11.23
CA ASP A 266 4.29 -14.06 -10.17
C ASP A 266 3.12 -13.05 -10.35
N THR A 267 1.93 -13.60 -10.66
CA THR A 267 0.73 -12.81 -10.87
C THR A 267 -0.38 -13.34 -9.95
N GLY A 268 -1.39 -12.52 -9.71
CA GLY A 268 -2.49 -12.93 -8.86
C GLY A 268 -2.31 -12.67 -7.38
N GLU A 269 -2.84 -13.59 -6.54
CA GLU A 269 -2.82 -13.50 -5.08
C GLU A 269 -1.42 -13.61 -4.49
N GLU A 270 -0.58 -14.55 -4.97
CA GLU A 270 0.78 -14.73 -4.47
C GLU A 270 1.82 -14.10 -5.43
N GLY A 271 1.40 -13.07 -6.15
CA GLY A 271 2.25 -12.35 -7.09
C GLY A 271 2.41 -10.87 -6.76
N SER A 272 3.40 -10.25 -7.40
CA SER A 272 3.74 -8.82 -7.24
C SER A 272 2.67 -7.92 -7.91
N ASP A 273 2.15 -8.32 -9.08
CA ASP A 273 1.12 -7.59 -9.81
C ASP A 273 -0.26 -8.25 -9.64
N ASN A 274 -1.36 -7.47 -9.81
CA ASN A 274 -2.72 -7.96 -9.62
C ASN A 274 -3.45 -8.18 -10.94
N ARG A 275 -2.70 -8.56 -11.98
CA ARG A 275 -3.25 -8.77 -13.31
C ARG A 275 -4.03 -10.09 -13.45
N PHE A 276 -3.72 -11.17 -12.64
CA PHE A 276 -4.34 -12.52 -12.77
C PHE A 276 -4.38 -12.85 -14.27
N SER A 277 -3.20 -12.80 -14.92
CA SER A 277 -3.00 -12.91 -16.35
C SER A 277 -3.36 -14.27 -16.96
N VAL A 278 -3.67 -15.27 -16.12
CA VAL A 278 -4.12 -16.58 -16.59
C VAL A 278 -5.61 -16.63 -16.25
N VAL A 279 -6.43 -16.75 -17.30
CA VAL A 279 -7.89 -16.67 -17.26
C VAL A 279 -8.55 -18.05 -17.39
N PRO A 280 -9.35 -18.44 -16.37
CA PRO A 280 -10.14 -19.66 -16.51
C PRO A 280 -11.41 -19.33 -17.32
N LEU A 281 -11.63 -20.10 -18.38
CA LEU A 281 -12.83 -20.03 -19.21
C LEU A 281 -13.49 -21.39 -19.02
N MET A 282 -14.59 -21.39 -18.25
CA MET A 282 -15.28 -22.62 -17.85
C MET A 282 -16.62 -22.74 -18.57
N LEU A 283 -16.77 -23.82 -19.36
CA LEU A 283 -17.99 -24.07 -20.11
C LEU A 283 -18.81 -25.09 -19.35
N HIS A 284 -20.15 -24.99 -19.44
CA HIS A 284 -21.08 -25.84 -18.71
C HIS A 284 -22.33 -26.16 -19.53
N GLY A 285 -22.96 -27.30 -19.26
CA GLY A 285 -24.24 -27.66 -19.86
C GLY A 285 -25.27 -27.19 -18.87
N ASP A 286 -26.50 -26.86 -19.33
CA ASP A 286 -27.54 -26.28 -18.47
C ASP A 286 -28.08 -27.19 -17.36
N ALA A 287 -28.26 -28.50 -17.63
CA ALA A 287 -28.75 -29.38 -16.56
C ALA A 287 -27.67 -29.63 -15.50
N ALA A 288 -26.40 -29.84 -15.95
CA ALA A 288 -25.26 -30.10 -15.07
C ALA A 288 -24.92 -28.90 -14.23
N PHE A 289 -25.08 -27.66 -14.77
CA PHE A 289 -24.79 -26.45 -13.98
C PHE A 289 -25.71 -26.27 -12.78
N ALA A 290 -26.99 -26.64 -12.91
CA ALA A 290 -27.92 -26.47 -11.80
C ALA A 290 -27.92 -27.70 -10.86
N GLY A 291 -27.69 -28.90 -11.39
CA GLY A 291 -27.75 -30.13 -10.59
C GLY A 291 -26.52 -30.56 -9.81
N GLN A 292 -25.34 -30.24 -10.29
CA GLN A 292 -24.10 -30.68 -9.62
C GLN A 292 -23.61 -29.69 -8.54
N GLY A 293 -23.50 -30.20 -7.31
CA GLY A 293 -23.05 -29.47 -6.14
C GLY A 293 -21.65 -28.90 -6.22
N VAL A 294 -20.74 -29.55 -7.00
CA VAL A 294 -19.36 -29.10 -7.12
C VAL A 294 -19.29 -27.67 -7.76
N VAL A 295 -20.36 -27.25 -8.45
CA VAL A 295 -20.48 -25.93 -9.08
C VAL A 295 -20.45 -24.91 -7.96
N ALA A 296 -21.34 -25.05 -6.95
CA ALA A 296 -21.43 -24.17 -5.78
C ALA A 296 -20.15 -24.19 -4.98
N GLU A 297 -19.53 -25.36 -4.82
CA GLU A 297 -18.28 -25.53 -4.10
C GLU A 297 -17.12 -24.75 -4.74
N THR A 298 -17.06 -24.73 -6.10
CA THR A 298 -16.01 -24.09 -6.87
C THR A 298 -16.24 -22.56 -6.87
N LEU A 299 -17.50 -22.09 -7.01
CA LEU A 299 -17.90 -20.68 -6.95
C LEU A 299 -17.53 -20.10 -5.59
N ASN A 300 -17.77 -20.88 -4.53
CA ASN A 300 -17.47 -20.53 -3.16
C ASN A 300 -15.95 -20.23 -2.93
N LEU A 301 -15.06 -20.76 -3.79
CA LEU A 301 -13.60 -20.53 -3.77
C LEU A 301 -13.15 -19.24 -4.49
N ALA A 302 -14.01 -18.70 -5.39
CA ALA A 302 -13.73 -17.57 -6.29
C ALA A 302 -13.06 -16.33 -5.63
N LEU A 303 -13.38 -15.99 -4.38
CA LEU A 303 -12.79 -14.81 -3.74
C LEU A 303 -11.91 -15.16 -2.51
N LEU A 304 -11.75 -16.46 -2.20
CA LEU A 304 -10.87 -16.91 -1.11
C LEU A 304 -9.37 -16.69 -1.46
N ARG A 305 -8.58 -16.24 -0.50
CA ARG A 305 -7.13 -15.96 -0.64
C ARG A 305 -6.34 -17.19 -1.15
N GLY A 306 -6.63 -18.37 -0.60
CA GLY A 306 -5.93 -19.58 -1.00
C GLY A 306 -6.35 -20.20 -2.30
N TYR A 307 -7.46 -19.72 -2.90
CA TYR A 307 -8.06 -20.33 -4.09
C TYR A 307 -8.38 -19.36 -5.23
N ARG A 308 -8.50 -18.06 -4.97
CA ARG A 308 -8.91 -17.08 -5.99
C ARG A 308 -7.99 -17.08 -7.23
N THR A 309 -8.63 -16.96 -8.39
CA THR A 309 -7.94 -16.95 -9.69
C THR A 309 -8.21 -15.62 -10.42
N GLY A 310 -8.81 -14.67 -9.72
CA GLY A 310 -9.15 -13.34 -10.23
C GLY A 310 -10.37 -13.30 -11.10
N GLY A 311 -11.26 -14.27 -10.91
CA GLY A 311 -12.49 -14.33 -11.68
C GLY A 311 -12.46 -15.28 -12.86
N THR A 312 -13.47 -16.12 -12.93
CA THR A 312 -13.67 -17.11 -13.97
C THR A 312 -14.74 -16.60 -14.95
N ILE A 313 -14.52 -16.82 -16.25
CA ILE A 313 -15.52 -16.50 -17.25
C ILE A 313 -16.28 -17.80 -17.47
N HIS A 314 -17.58 -17.80 -17.11
CA HIS A 314 -18.43 -18.96 -17.28
C HIS A 314 -19.32 -18.80 -18.50
N ILE A 315 -19.39 -19.85 -19.33
CA ILE A 315 -20.28 -19.92 -20.48
C ILE A 315 -21.14 -21.18 -20.32
N VAL A 316 -22.45 -20.99 -20.22
CA VAL A 316 -23.42 -22.06 -20.15
C VAL A 316 -24.00 -22.25 -21.56
N VAL A 317 -23.80 -23.44 -22.13
CA VAL A 317 -24.38 -23.75 -23.41
C VAL A 317 -25.76 -24.28 -23.04
N ASN A 318 -26.71 -23.34 -22.90
CA ASN A 318 -28.07 -23.62 -22.46
C ASN A 318 -28.96 -23.97 -23.66
N ASN A 319 -28.98 -25.26 -23.98
CA ASN A 319 -29.79 -25.76 -25.10
C ASN A 319 -31.19 -26.18 -24.59
N GLN A 320 -31.57 -25.73 -23.36
CA GLN A 320 -32.88 -25.93 -22.70
C GLN A 320 -33.31 -27.42 -22.64
N ILE A 321 -32.36 -28.32 -22.45
CA ILE A 321 -32.58 -29.75 -22.38
C ILE A 321 -31.33 -30.40 -21.78
N GLY A 322 -31.52 -31.51 -21.08
CA GLY A 322 -30.50 -32.39 -20.51
C GLY A 322 -30.83 -33.80 -20.92
N PHE A 323 -30.43 -34.22 -22.16
CA PHE A 323 -30.71 -35.53 -22.79
C PHE A 323 -32.26 -35.63 -23.04
N THR A 324 -33.04 -36.26 -22.14
CA THR A 324 -34.50 -36.34 -22.32
C THR A 324 -35.23 -35.53 -21.26
N THR A 325 -34.46 -34.89 -20.36
CA THR A 325 -34.99 -34.18 -19.20
C THR A 325 -35.23 -32.71 -19.51
N ALA A 326 -36.50 -32.29 -19.38
CA ALA A 326 -36.91 -30.91 -19.58
C ALA A 326 -36.39 -30.05 -18.40
N PRO A 327 -36.05 -28.76 -18.62
CA PRO A 327 -35.55 -27.92 -17.50
C PRO A 327 -36.44 -27.88 -16.25
N THR A 328 -37.77 -28.11 -16.40
CA THR A 328 -38.75 -28.15 -15.28
C THR A 328 -38.40 -29.28 -14.28
N ASP A 329 -37.70 -30.33 -14.75
CA ASP A 329 -37.30 -31.46 -13.93
C ASP A 329 -35.81 -31.37 -13.57
N SER A 330 -35.12 -30.35 -14.07
CA SER A 330 -33.69 -30.15 -13.82
C SER A 330 -33.37 -29.14 -12.72
N ARG A 331 -34.25 -28.13 -12.52
CA ARG A 331 -33.99 -27.08 -11.52
C ARG A 331 -35.28 -26.51 -10.93
N SER A 332 -35.17 -25.91 -9.73
CA SER A 332 -36.24 -25.27 -8.97
C SER A 332 -36.11 -23.75 -9.07
N SER A 333 -35.39 -23.26 -10.10
CA SER A 333 -35.19 -21.84 -10.33
C SER A 333 -35.45 -21.47 -11.78
N GLU A 334 -35.65 -20.16 -12.03
CA GLU A 334 -35.91 -19.58 -13.33
C GLU A 334 -34.78 -19.87 -14.30
N TYR A 335 -33.53 -19.62 -13.88
CA TYR A 335 -32.36 -19.82 -14.73
C TYR A 335 -31.43 -20.85 -14.19
N CYS A 336 -30.76 -21.56 -15.12
CA CYS A 336 -29.77 -22.59 -14.81
C CYS A 336 -28.54 -21.99 -14.13
N THR A 337 -28.36 -20.67 -14.27
CA THR A 337 -27.24 -19.90 -13.74
C THR A 337 -27.46 -19.27 -12.35
N ASP A 338 -28.64 -19.45 -11.74
CA ASP A 338 -29.02 -18.78 -10.47
C ASP A 338 -28.11 -19.10 -9.29
N VAL A 339 -27.39 -20.25 -9.33
CA VAL A 339 -26.42 -20.63 -8.30
C VAL A 339 -25.25 -19.60 -8.26
N ALA A 340 -24.92 -18.95 -9.41
CA ALA A 340 -23.83 -17.97 -9.47
C ALA A 340 -24.13 -16.66 -8.73
N LYS A 341 -25.40 -16.46 -8.34
CA LYS A 341 -25.82 -15.28 -7.57
C LYS A 341 -25.25 -15.34 -6.12
N MET A 342 -24.94 -16.56 -5.61
CA MET A 342 -24.35 -16.80 -4.30
C MET A 342 -23.01 -16.04 -4.10
N ILE A 343 -22.29 -15.65 -5.18
CA ILE A 343 -21.02 -14.93 -5.08
C ILE A 343 -21.15 -13.53 -5.69
N GLY A 344 -22.39 -13.14 -5.97
CA GLY A 344 -22.70 -11.83 -6.55
C GLY A 344 -22.11 -11.64 -7.93
N ALA A 345 -22.13 -12.69 -8.74
CA ALA A 345 -21.62 -12.61 -10.10
C ALA A 345 -22.69 -12.04 -11.01
N PRO A 346 -22.34 -11.09 -11.92
CA PRO A 346 -23.34 -10.64 -12.91
C PRO A 346 -23.64 -11.78 -13.87
N ILE A 347 -24.90 -11.92 -14.31
CA ILE A 347 -25.33 -12.94 -15.24
C ILE A 347 -25.92 -12.29 -16.49
N PHE A 348 -25.41 -12.70 -17.66
CA PHE A 348 -25.89 -12.26 -18.96
C PHE A 348 -26.53 -13.42 -19.69
N HIS A 349 -27.85 -13.36 -19.86
CA HIS A 349 -28.63 -14.33 -20.62
C HIS A 349 -28.67 -13.79 -22.03
N VAL A 350 -28.11 -14.53 -23.01
CA VAL A 350 -28.03 -13.98 -24.37
C VAL A 350 -28.61 -14.95 -25.39
N ASN A 351 -29.32 -14.40 -26.40
CA ASN A 351 -29.91 -15.14 -27.50
C ASN A 351 -28.81 -15.68 -28.41
N GLY A 352 -28.76 -17.02 -28.50
CA GLY A 352 -27.79 -17.73 -29.31
C GLY A 352 -27.91 -17.49 -30.80
N ASP A 353 -29.08 -16.97 -31.27
CA ASP A 353 -29.27 -16.67 -32.70
C ASP A 353 -28.76 -15.27 -33.04
N ASP A 354 -28.23 -14.53 -32.07
CA ASP A 354 -27.67 -13.20 -32.29
C ASP A 354 -26.17 -13.30 -31.99
N PRO A 355 -25.33 -13.73 -32.98
CA PRO A 355 -23.90 -13.90 -32.70
C PRO A 355 -23.19 -12.61 -32.33
N GLU A 356 -23.67 -11.45 -32.82
CA GLU A 356 -23.09 -10.15 -32.47
C GLU A 356 -23.33 -9.81 -31.00
N ALA A 357 -24.57 -10.08 -30.48
CA ALA A 357 -24.88 -9.84 -29.06
C ALA A 357 -24.04 -10.78 -28.18
N CYS A 358 -23.80 -12.01 -28.66
CA CYS A 358 -23.01 -13.03 -27.98
C CYS A 358 -21.53 -12.62 -27.88
N ALA A 359 -20.95 -12.10 -28.98
CA ALA A 359 -19.56 -11.65 -29.00
C ALA A 359 -19.39 -10.40 -28.12
N TRP A 360 -20.39 -9.49 -28.11
CA TRP A 360 -20.35 -8.25 -27.34
C TRP A 360 -20.40 -8.53 -25.83
N VAL A 361 -21.26 -9.47 -25.40
CA VAL A 361 -21.44 -9.89 -24.01
C VAL A 361 -20.16 -10.58 -23.52
N ALA A 362 -19.52 -11.39 -24.39
CA ALA A 362 -18.27 -12.07 -24.09
C ALA A 362 -17.16 -11.06 -23.79
N ARG A 363 -17.08 -9.96 -24.56
CA ARG A 363 -16.07 -8.91 -24.37
C ARG A 363 -16.37 -8.09 -23.10
N LEU A 364 -17.67 -7.85 -22.81
CA LEU A 364 -18.12 -7.15 -21.62
C LEU A 364 -17.75 -7.98 -20.38
N ALA A 365 -17.95 -9.32 -20.46
CA ALA A 365 -17.63 -10.29 -19.41
C ALA A 365 -16.16 -10.22 -19.03
N VAL A 366 -15.26 -10.21 -20.05
CA VAL A 366 -13.80 -10.14 -19.86
C VAL A 366 -13.44 -8.79 -19.21
N ASP A 367 -14.08 -7.70 -19.65
CA ASP A 367 -13.86 -6.36 -19.11
C ASP A 367 -14.29 -6.28 -17.65
N PHE A 368 -15.38 -6.98 -17.25
CA PHE A 368 -15.84 -6.98 -15.86
C PHE A 368 -14.85 -7.76 -14.99
N ARG A 369 -14.36 -8.92 -15.50
CA ARG A 369 -13.41 -9.77 -14.80
C ARG A 369 -12.12 -8.99 -14.56
N GLN A 370 -11.64 -8.26 -15.57
CA GLN A 370 -10.42 -7.46 -15.45
C GLN A 370 -10.57 -6.29 -14.49
N ALA A 371 -11.76 -5.70 -14.40
CA ALA A 371 -12.02 -4.56 -13.54
C ALA A 371 -12.23 -4.94 -12.07
N PHE A 372 -12.91 -6.06 -11.79
CA PHE A 372 -13.27 -6.41 -10.42
C PHE A 372 -12.69 -7.73 -9.89
N LYS A 373 -11.95 -8.49 -10.71
CA LYS A 373 -11.30 -9.78 -10.35
C LYS A 373 -12.35 -10.76 -9.78
N LYS A 374 -13.50 -10.78 -10.44
CA LYS A 374 -14.66 -11.56 -10.02
C LYS A 374 -15.27 -12.35 -11.19
N ASP A 375 -15.91 -13.50 -10.89
CA ASP A 375 -16.58 -14.36 -11.84
C ASP A 375 -17.71 -13.65 -12.56
N VAL A 376 -17.92 -14.03 -13.84
CA VAL A 376 -18.97 -13.56 -14.75
C VAL A 376 -19.59 -14.79 -15.41
N VAL A 377 -20.92 -14.81 -15.51
CA VAL A 377 -21.62 -15.93 -16.11
C VAL A 377 -22.41 -15.48 -17.34
N ILE A 378 -22.21 -16.22 -18.45
CA ILE A 378 -22.90 -16.01 -19.71
C ILE A 378 -23.78 -17.23 -19.94
N ASP A 379 -25.09 -17.03 -19.95
CA ASP A 379 -26.08 -18.06 -20.21
C ASP A 379 -26.45 -17.97 -21.70
N MET A 380 -25.82 -18.82 -22.53
CA MET A 380 -26.11 -18.77 -23.96
C MET A 380 -27.36 -19.57 -24.24
N LEU A 381 -28.45 -18.89 -24.55
CA LEU A 381 -29.67 -19.59 -24.84
C LEU A 381 -29.64 -20.09 -26.27
N CYS A 382 -29.78 -21.41 -26.41
CA CYS A 382 -29.73 -22.03 -27.72
C CYS A 382 -30.64 -23.24 -27.74
N TYR A 383 -30.30 -24.21 -28.61
CA TYR A 383 -31.01 -25.45 -28.79
C TYR A 383 -30.04 -26.52 -29.29
N ARG A 384 -30.44 -27.77 -29.15
CA ARG A 384 -29.66 -28.94 -29.57
C ARG A 384 -30.38 -29.46 -30.80
N ARG A 385 -29.80 -29.24 -31.99
CA ARG A 385 -30.38 -29.58 -33.30
C ARG A 385 -30.68 -31.07 -33.43
N ARG A 386 -29.76 -31.94 -33.01
CA ARG A 386 -29.97 -33.40 -33.08
C ARG A 386 -30.36 -33.93 -31.71
N GLY A 387 -30.37 -35.24 -31.56
CA GLY A 387 -30.63 -35.91 -30.30
C GLY A 387 -29.49 -35.66 -29.35
N HIS A 388 -29.57 -36.21 -28.11
CA HIS A 388 -28.53 -36.01 -27.09
C HIS A 388 -27.16 -36.39 -27.64
N ASN A 389 -27.09 -37.54 -28.28
CA ASN A 389 -25.99 -38.08 -29.09
C ASN A 389 -26.55 -38.08 -30.53
N GLU A 390 -25.71 -38.29 -31.53
CA GLU A 390 -26.16 -38.24 -32.93
C GLU A 390 -26.97 -39.45 -33.35
N GLY A 391 -27.08 -40.45 -32.49
CA GLY A 391 -27.87 -41.65 -32.75
C GLY A 391 -29.20 -41.69 -32.02
N ASP A 392 -29.46 -40.73 -31.13
CA ASP A 392 -30.69 -40.66 -30.32
C ASP A 392 -31.85 -39.90 -31.03
N ASP A 393 -33.11 -40.39 -30.89
CA ASP A 393 -34.32 -39.78 -31.47
C ASP A 393 -35.04 -38.96 -30.38
N PRO A 394 -34.91 -37.61 -30.42
CA PRO A 394 -35.45 -36.79 -29.32
C PRO A 394 -36.94 -36.49 -29.37
N SER A 395 -37.63 -36.76 -30.50
CA SER A 395 -39.07 -36.50 -30.63
C SER A 395 -39.91 -37.49 -29.80
N MET A 396 -39.29 -38.58 -29.29
CA MET A 396 -40.00 -39.55 -28.46
C MET A 396 -40.46 -38.87 -27.19
N THR A 397 -39.58 -38.05 -26.58
CA THR A 397 -39.79 -37.36 -25.32
C THR A 397 -40.05 -35.87 -25.49
N GLN A 398 -39.44 -35.21 -26.49
CA GLN A 398 -39.64 -33.78 -26.73
C GLN A 398 -40.24 -33.50 -28.12
N PRO A 399 -41.49 -33.94 -28.43
CA PRO A 399 -42.04 -33.70 -29.78
C PRO A 399 -42.31 -32.21 -30.06
N TYR A 400 -42.83 -31.45 -29.10
CA TYR A 400 -43.10 -30.01 -29.29
C TYR A 400 -41.80 -29.25 -29.63
N MET A 401 -40.75 -29.40 -28.79
CA MET A 401 -39.44 -28.75 -28.99
C MET A 401 -38.83 -29.12 -30.37
N TYR A 402 -38.89 -30.40 -30.77
CA TYR A 402 -38.29 -30.81 -32.04
C TYR A 402 -39.15 -30.49 -33.23
N ASP A 403 -40.44 -30.19 -33.03
CA ASP A 403 -41.28 -29.73 -34.12
C ASP A 403 -40.93 -28.23 -34.41
N VAL A 404 -40.52 -27.48 -33.38
CA VAL A 404 -40.13 -26.09 -33.51
C VAL A 404 -38.74 -26.02 -34.13
N ILE A 405 -37.78 -26.87 -33.68
CA ILE A 405 -36.39 -26.91 -34.19
C ILE A 405 -36.39 -27.18 -35.73
N ASP A 406 -37.28 -28.07 -36.23
CA ASP A 406 -37.37 -28.41 -37.66
C ASP A 406 -37.81 -27.22 -38.55
N THR A 407 -38.47 -26.20 -37.98
CA THR A 407 -38.89 -25.02 -38.74
C THR A 407 -37.77 -23.97 -38.74
N LYS A 408 -36.94 -23.98 -37.68
CA LYS A 408 -35.87 -23.01 -37.44
C LYS A 408 -34.71 -23.16 -38.40
N ARG A 409 -34.25 -22.04 -38.93
CA ARG A 409 -33.05 -21.96 -39.78
C ARG A 409 -31.91 -21.72 -38.81
N GLY A 410 -30.76 -22.35 -39.07
CA GLY A 410 -29.59 -22.22 -38.20
C GLY A 410 -29.06 -20.81 -38.06
N SER A 411 -28.24 -20.57 -37.04
CA SER A 411 -27.66 -19.24 -36.81
C SER A 411 -26.74 -18.82 -37.98
N ARG A 412 -26.00 -19.80 -38.59
CA ARG A 412 -25.09 -19.55 -39.73
C ARG A 412 -25.86 -19.05 -40.94
N LYS A 413 -26.94 -19.75 -41.34
CA LYS A 413 -27.78 -19.40 -42.49
C LYS A 413 -28.45 -18.03 -42.26
N ALA A 414 -28.98 -17.80 -41.03
CA ALA A 414 -29.63 -16.55 -40.66
C ALA A 414 -28.63 -15.37 -40.70
N TYR A 415 -27.42 -15.56 -40.13
CA TYR A 415 -26.40 -14.51 -40.12
C TYR A 415 -25.91 -14.25 -41.54
N THR A 416 -25.78 -15.30 -42.38
CA THR A 416 -25.36 -15.15 -43.79
C THR A 416 -26.38 -14.27 -44.55
N GLU A 417 -27.70 -14.53 -44.35
CA GLU A 417 -28.80 -13.80 -44.98
C GLU A 417 -28.82 -12.32 -44.54
N ALA A 418 -28.33 -12.01 -43.31
CA ALA A 418 -28.25 -10.64 -42.79
C ALA A 418 -27.14 -9.85 -43.48
N LEU A 419 -25.92 -10.46 -43.63
CA LEU A 419 -24.75 -9.87 -44.27
C LEU A 419 -24.93 -9.73 -45.79
N ILE A 420 -25.77 -10.60 -46.40
CA ILE A 420 -26.09 -10.49 -47.84
C ILE A 420 -27.07 -9.33 -48.00
N GLY A 421 -28.01 -9.20 -47.05
CA GLY A 421 -29.02 -8.15 -46.99
C GLY A 421 -28.42 -6.78 -46.77
N ARG A 422 -27.46 -6.68 -45.80
CA ARG A 422 -26.72 -5.46 -45.47
C ARG A 422 -25.73 -5.07 -46.61
N GLY A 423 -25.64 -5.92 -47.64
CA GLY A 423 -24.78 -5.73 -48.81
C GLY A 423 -23.30 -5.92 -48.55
N ASP A 424 -22.94 -6.49 -47.39
CA ASP A 424 -21.56 -6.71 -46.95
C ASP A 424 -20.82 -7.78 -47.82
N ILE A 425 -21.51 -8.89 -48.17
CA ILE A 425 -21.00 -9.99 -49.00
C ILE A 425 -22.06 -10.39 -50.04
N SER A 426 -21.62 -11.07 -51.09
CA SER A 426 -22.50 -11.58 -52.15
C SER A 426 -22.92 -13.00 -51.80
N MET A 427 -23.91 -13.55 -52.54
CA MET A 427 -24.36 -14.94 -52.38
C MET A 427 -23.23 -15.89 -52.83
N LYS A 428 -22.49 -15.48 -53.89
CA LYS A 428 -21.38 -16.23 -54.47
C LYS A 428 -20.22 -16.34 -53.48
N GLU A 429 -19.81 -15.21 -52.83
CA GLU A 429 -18.74 -15.16 -51.83
C GLU A 429 -19.04 -16.07 -50.63
N ALA A 430 -20.32 -16.13 -50.20
CA ALA A 430 -20.81 -16.95 -49.09
C ALA A 430 -20.75 -18.44 -49.45
N GLU A 431 -21.19 -18.78 -50.68
CA GLU A 431 -21.19 -20.15 -51.22
C GLU A 431 -19.74 -20.63 -51.38
N ASP A 432 -18.88 -19.83 -52.03
CA ASP A 432 -17.46 -20.11 -52.27
C ASP A 432 -16.68 -20.36 -50.99
N ALA A 433 -16.99 -19.61 -49.91
CA ALA A 433 -16.34 -19.76 -48.59
C ALA A 433 -16.67 -21.10 -47.95
N LEU A 434 -17.89 -21.62 -48.18
CA LEU A 434 -18.30 -22.94 -47.67
C LEU A 434 -17.64 -24.04 -48.49
N ARG A 435 -17.57 -23.89 -49.82
CA ARG A 435 -16.90 -24.83 -50.74
C ARG A 435 -15.39 -24.96 -50.42
N ASP A 436 -14.73 -23.85 -50.02
CA ASP A 436 -13.32 -23.79 -49.62
C ASP A 436 -13.08 -24.59 -48.35
N TYR A 437 -13.97 -24.38 -47.36
CA TYR A 437 -13.89 -25.06 -46.07
C TYR A 437 -14.18 -26.57 -46.22
N GLN A 438 -15.16 -26.91 -47.07
CA GLN A 438 -15.57 -28.28 -47.37
C GLN A 438 -14.51 -29.04 -48.18
N GLY A 439 -13.79 -28.31 -49.01
CA GLY A 439 -12.71 -28.88 -49.82
C GLY A 439 -11.49 -29.17 -48.96
N GLN A 440 -11.20 -28.30 -47.99
CA GLN A 440 -10.05 -28.43 -47.09
C GLN A 440 -10.24 -29.64 -46.14
N LEU A 441 -11.45 -29.80 -45.57
CA LEU A 441 -11.79 -30.90 -44.68
C LEU A 441 -11.62 -32.26 -45.38
N GLU A 442 -12.19 -32.36 -46.62
CA GLU A 442 -12.15 -33.55 -47.47
C GLU A 442 -10.70 -33.96 -47.81
N ARG A 443 -9.83 -32.96 -48.12
CA ARG A 443 -8.41 -33.17 -48.42
C ARG A 443 -7.66 -33.77 -47.21
N VAL A 444 -7.92 -33.25 -45.98
CA VAL A 444 -7.29 -33.74 -44.75
C VAL A 444 -7.84 -35.14 -44.38
N PHE A 445 -9.18 -35.33 -44.51
CA PHE A 445 -9.84 -36.62 -44.26
C PHE A 445 -9.26 -37.72 -45.18
N ASN A 446 -9.01 -37.40 -46.47
CA ASN A 446 -8.44 -38.36 -47.42
C ASN A 446 -6.97 -38.73 -47.10
N GLU A 447 -6.14 -37.73 -46.69
CA GLU A 447 -4.73 -37.91 -46.34
C GLU A 447 -4.59 -38.81 -45.13
N VAL A 448 -5.49 -38.65 -44.14
CA VAL A 448 -5.54 -39.44 -42.89
C VAL A 448 -5.96 -40.88 -43.21
N ARG A 449 -6.96 -41.04 -44.10
CA ARG A 449 -7.50 -42.33 -44.54
C ARG A 449 -6.43 -43.15 -45.24
N GLU A 450 -5.54 -42.45 -45.98
CA GLU A 450 -4.42 -43.00 -46.75
C GLU A 450 -3.28 -43.55 -45.87
N LEU A 451 -3.23 -43.19 -44.58
CA LEU A 451 -2.18 -43.64 -43.65
C LEU A 451 -2.27 -45.15 -43.34
N GLU A 452 -1.08 -45.78 -43.14
CA GLU A 452 -0.90 -47.20 -42.81
C GLU A 452 -1.50 -47.50 -41.43
N LYS A 453 -2.43 -48.48 -41.37
CA LYS A 453 -3.15 -48.87 -40.17
C LYS A 453 -2.31 -49.74 -39.23
N HIS A 454 -2.20 -49.30 -37.96
CA HIS A 454 -1.48 -50.00 -36.90
C HIS A 454 -2.32 -51.16 -36.36
N GLU A 455 -1.65 -52.24 -35.90
CA GLU A 455 -2.34 -53.40 -35.29
C GLU A 455 -2.86 -53.03 -33.90
N ILE A 456 -4.12 -53.36 -33.59
CA ILE A 456 -4.71 -53.06 -32.29
C ILE A 456 -4.24 -54.08 -31.27
N GLU A 457 -3.61 -53.60 -30.20
CA GLU A 457 -3.08 -54.38 -29.09
C GLU A 457 -3.79 -54.01 -27.77
N PRO A 458 -3.88 -54.93 -26.76
CA PRO A 458 -4.47 -54.54 -25.46
C PRO A 458 -3.70 -53.41 -24.80
N SER A 459 -4.40 -52.55 -24.05
CA SER A 459 -3.77 -51.41 -23.35
C SER A 459 -2.70 -51.91 -22.37
N GLU A 460 -1.64 -51.12 -22.22
CA GLU A 460 -0.52 -51.49 -21.37
C GLU A 460 -0.46 -50.59 -20.16
N SER A 461 0.07 -51.14 -19.05
CA SER A 461 0.29 -50.44 -17.80
C SER A 461 1.28 -49.28 -18.03
N VAL A 462 1.10 -48.16 -17.32
CA VAL A 462 1.93 -46.95 -17.40
C VAL A 462 3.08 -47.00 -16.39
N GLU A 463 3.18 -48.09 -15.59
CA GLU A 463 4.17 -48.25 -14.50
C GLU A 463 5.61 -47.84 -14.88
N ALA A 464 6.12 -48.35 -16.01
CA ALA A 464 7.47 -48.11 -16.49
C ALA A 464 7.68 -46.71 -17.12
N ASP A 465 6.61 -45.94 -17.38
CA ASP A 465 6.70 -44.61 -17.99
C ASP A 465 7.47 -43.61 -17.12
N GLN A 466 7.46 -43.83 -15.79
CA GLN A 466 8.14 -43.00 -14.79
C GLN A 466 8.97 -43.91 -13.87
N GLN A 467 10.30 -43.90 -14.06
CA GLN A 467 11.24 -44.69 -13.26
C GLN A 467 12.06 -43.78 -12.38
N ILE A 468 12.65 -42.70 -12.97
CA ILE A 468 13.48 -41.73 -12.24
C ILE A 468 13.58 -40.43 -13.04
N LEU A 472 18.38 -42.07 -4.21
CA LEU A 472 18.01 -40.69 -3.94
C LEU A 472 18.33 -40.31 -2.47
N ALA A 473 19.16 -39.25 -2.28
CA ALA A 473 19.60 -38.78 -0.98
C ALA A 473 18.61 -37.79 -0.41
N THR A 474 17.90 -38.18 0.66
CA THR A 474 16.87 -37.35 1.30
C THR A 474 17.33 -36.80 2.66
N ALA A 475 18.49 -37.26 3.16
CA ALA A 475 19.07 -36.81 4.42
C ALA A 475 19.45 -35.33 4.36
N VAL A 476 19.39 -34.65 5.52
CA VAL A 476 19.74 -33.23 5.60
C VAL A 476 20.89 -33.03 6.58
N ASP A 477 21.52 -31.85 6.51
CA ASP A 477 22.61 -31.48 7.40
C ASP A 477 22.04 -31.10 8.77
N LYS A 478 22.86 -31.20 9.84
CA LYS A 478 22.48 -30.84 11.20
C LYS A 478 22.10 -29.36 11.26
N ALA A 479 22.84 -28.53 10.51
CA ALA A 479 22.64 -27.09 10.38
C ALA A 479 21.28 -26.76 9.73
N MET A 480 20.70 -27.70 8.93
CA MET A 480 19.37 -27.56 8.33
C MET A 480 18.29 -27.73 9.41
N LEU A 481 18.42 -28.81 10.24
CA LEU A 481 17.51 -29.12 11.35
C LEU A 481 17.48 -27.98 12.37
N GLN A 482 18.67 -27.47 12.73
CA GLN A 482 18.85 -26.37 13.69
C GLN A 482 18.20 -25.08 13.17
N ARG A 483 18.36 -24.80 11.85
CA ARG A 483 17.78 -23.63 11.21
C ARG A 483 16.25 -23.61 11.30
N ILE A 484 15.58 -24.75 10.99
CA ILE A 484 14.12 -24.86 11.01
C ILE A 484 13.62 -24.72 12.47
N GLY A 485 14.43 -25.21 13.41
CA GLY A 485 14.20 -25.09 14.86
C GLY A 485 14.32 -23.64 15.29
N ASP A 486 15.45 -22.96 14.97
CA ASP A 486 15.68 -21.55 15.30
C ASP A 486 14.58 -20.64 14.72
N ALA A 487 14.10 -20.95 13.49
CA ALA A 487 13.02 -20.25 12.77
C ALA A 487 11.75 -20.13 13.64
N HIS A 488 11.50 -21.13 14.51
CA HIS A 488 10.34 -21.15 15.41
C HIS A 488 10.49 -20.11 16.54
N LEU A 489 11.73 -19.71 16.85
CA LEU A 489 11.98 -18.69 17.87
C LEU A 489 12.43 -17.34 17.27
N ALA A 490 12.50 -17.25 15.92
CA ALA A 490 12.90 -16.01 15.23
C ALA A 490 11.65 -15.14 15.02
N LEU A 491 11.01 -14.80 16.14
CA LEU A 491 9.77 -14.03 16.23
C LEU A 491 9.97 -12.56 15.87
N PRO A 492 9.01 -11.96 15.13
CA PRO A 492 9.10 -10.52 14.83
C PRO A 492 9.16 -9.68 16.10
N GLU A 493 9.67 -8.44 15.99
CA GLU A 493 9.78 -7.51 17.13
C GLU A 493 8.41 -7.24 17.78
N GLY A 494 8.32 -7.51 19.08
CA GLY A 494 7.11 -7.30 19.87
C GLY A 494 6.03 -8.34 19.76
N PHE A 495 6.27 -9.44 19.01
CA PHE A 495 5.29 -10.52 18.82
C PHE A 495 4.91 -11.18 20.16
N THR A 496 3.60 -11.37 20.40
CA THR A 496 3.15 -12.01 21.63
C THR A 496 2.59 -13.40 21.29
N VAL A 497 3.33 -14.41 21.70
CA VAL A 497 2.94 -15.79 21.46
C VAL A 497 1.94 -16.19 22.53
N HIS A 498 0.88 -16.90 22.13
CA HIS A 498 -0.10 -17.46 23.03
C HIS A 498 0.62 -18.34 24.07
N PRO A 499 0.30 -18.24 25.39
CA PRO A 499 1.02 -19.05 26.40
C PRO A 499 1.08 -20.56 26.14
N ARG A 500 0.07 -21.15 25.48
CA ARG A 500 0.02 -22.59 25.19
C ARG A 500 0.67 -22.93 23.82
N VAL A 501 1.10 -21.91 23.04
CA VAL A 501 1.77 -22.10 21.74
C VAL A 501 3.29 -22.00 21.93
N ARG A 502 3.76 -21.08 22.83
CA ARG A 502 5.16 -20.87 23.17
C ARG A 502 5.93 -22.21 23.47
N PRO A 503 5.39 -23.19 24.25
CA PRO A 503 6.18 -24.42 24.48
C PRO A 503 6.42 -25.23 23.21
N VAL A 504 5.54 -25.10 22.18
CA VAL A 504 5.67 -25.79 20.89
C VAL A 504 6.92 -25.28 20.14
N LEU A 505 7.11 -23.94 20.10
CA LEU A 505 8.23 -23.29 19.42
C LEU A 505 9.52 -23.59 20.10
N GLU A 506 9.52 -23.54 21.44
CA GLU A 506 10.71 -23.81 22.26
C GLU A 506 11.07 -25.30 22.23
N LYS A 507 10.08 -26.20 22.38
CA LYS A 507 10.31 -27.65 22.33
C LYS A 507 10.85 -28.06 20.96
N ARG A 508 10.49 -27.32 19.88
CA ARG A 508 10.93 -27.58 18.51
C ARG A 508 12.36 -27.18 18.28
N ARG A 509 12.81 -26.06 18.86
CA ARG A 509 14.22 -25.67 18.78
C ARG A 509 15.03 -26.71 19.58
N GLU A 510 14.47 -27.21 20.70
CA GLU A 510 15.13 -28.22 21.54
C GLU A 510 15.27 -29.54 20.76
N MET A 511 14.18 -29.99 20.12
CA MET A 511 14.19 -31.21 19.31
C MET A 511 15.22 -31.15 18.16
N ALA A 512 15.38 -29.95 17.54
CA ALA A 512 16.25 -29.69 16.40
C ALA A 512 17.75 -29.81 16.75
N TYR A 513 18.09 -29.66 18.04
CA TYR A 513 19.44 -29.72 18.57
C TYR A 513 19.68 -30.94 19.44
N GLU A 514 18.62 -31.50 20.07
CA GLU A 514 18.80 -32.58 21.03
C GLU A 514 18.08 -33.90 20.64
N GLY A 515 17.26 -33.89 19.60
CA GLY A 515 16.58 -35.12 19.19
C GLY A 515 15.19 -35.30 19.74
N ARG A 516 14.71 -36.56 19.77
CA ARG A 516 13.36 -36.96 20.21
C ARG A 516 12.29 -36.12 19.46
N ILE A 517 12.46 -36.03 18.14
CA ILE A 517 11.61 -35.29 17.20
C ILE A 517 10.28 -36.04 17.00
N ASP A 518 9.16 -35.34 17.30
CA ASP A 518 7.79 -35.88 17.18
C ASP A 518 7.34 -35.78 15.71
N TRP A 519 6.18 -36.37 15.40
CA TRP A 519 5.61 -36.40 14.04
C TRP A 519 5.38 -34.99 13.43
N ALA A 520 4.72 -34.08 14.17
CA ALA A 520 4.39 -32.75 13.67
C ALA A 520 5.61 -31.92 13.30
N PHE A 521 6.70 -32.00 14.09
CA PHE A 521 7.92 -31.25 13.76
C PHE A 521 8.63 -31.89 12.57
N ALA A 522 8.69 -33.24 12.51
CA ALA A 522 9.30 -33.99 11.38
C ALA A 522 8.69 -33.56 10.03
N GLU A 523 7.37 -33.36 9.99
CA GLU A 523 6.64 -32.89 8.81
C GLU A 523 7.17 -31.53 8.37
N LEU A 524 7.26 -30.57 9.33
CA LEU A 524 7.73 -29.21 9.06
C LEU A 524 9.21 -29.20 8.72
N LEU A 525 9.96 -30.19 9.22
CA LEU A 525 11.38 -30.34 8.90
C LEU A 525 11.52 -30.71 7.45
N ALA A 526 10.62 -31.60 6.96
CA ALA A 526 10.60 -32.01 5.56
C ALA A 526 10.23 -30.83 4.65
N LEU A 527 9.08 -30.17 4.94
CA LEU A 527 8.58 -29.04 4.15
C LEU A 527 9.55 -27.84 4.17
N GLY A 528 10.11 -27.52 5.34
CA GLY A 528 11.07 -26.45 5.52
C GLY A 528 12.38 -26.64 4.77
N SER A 529 12.92 -27.89 4.78
CA SER A 529 14.17 -28.21 4.08
C SER A 529 13.97 -28.09 2.56
N LEU A 530 12.78 -28.49 2.05
CA LEU A 530 12.42 -28.38 0.63
C LEU A 530 12.35 -26.91 0.24
N ILE A 531 11.72 -26.04 1.07
CA ILE A 531 11.63 -24.58 0.85
C ILE A 531 13.05 -24.02 0.76
N ALA A 532 13.94 -24.42 1.70
CA ALA A 532 15.34 -23.99 1.78
C ALA A 532 16.14 -24.39 0.54
N GLU A 533 15.76 -25.50 -0.11
CA GLU A 533 16.38 -26.00 -1.33
C GLU A 533 15.78 -25.33 -2.59
N GLY A 534 14.76 -24.48 -2.39
CA GLY A 534 14.13 -23.72 -3.45
C GLY A 534 12.79 -24.23 -3.95
N LYS A 535 12.15 -25.12 -3.20
CA LYS A 535 10.86 -25.67 -3.65
C LYS A 535 9.64 -24.86 -3.17
N LEU A 536 8.65 -24.71 -4.07
CA LEU A 536 7.38 -24.10 -3.76
C LEU A 536 6.56 -25.15 -2.98
N VAL A 537 6.14 -24.83 -1.73
CA VAL A 537 5.36 -25.78 -0.92
C VAL A 537 3.96 -25.22 -0.65
N ARG A 538 2.94 -25.96 -1.09
CA ARG A 538 1.55 -25.58 -0.88
C ARG A 538 0.90 -26.63 -0.02
N LEU A 539 0.47 -26.22 1.18
CA LEU A 539 -0.14 -27.06 2.20
C LEU A 539 -1.46 -26.44 2.56
N SER A 540 -2.54 -27.23 2.48
CA SER A 540 -3.87 -26.73 2.79
C SER A 540 -4.79 -27.85 3.26
N GLY A 541 -5.94 -27.44 3.78
CA GLY A 541 -6.97 -28.32 4.31
C GLY A 541 -7.70 -27.67 5.47
N GLN A 542 -8.65 -28.40 6.05
CA GLN A 542 -9.50 -27.92 7.11
C GLN A 542 -8.74 -27.74 8.44
N ASP A 543 -8.57 -26.47 8.84
CA ASP A 543 -7.85 -26.03 10.05
C ASP A 543 -6.37 -26.50 9.99
N THR A 544 -5.79 -26.48 8.77
CA THR A 544 -4.44 -26.98 8.51
C THR A 544 -3.36 -26.02 9.02
N GLN A 545 -3.64 -24.73 9.17
CA GLN A 545 -2.62 -23.79 9.68
C GLN A 545 -2.23 -24.14 11.13
N ARG A 546 -3.20 -24.39 12.02
CA ARG A 546 -2.92 -24.83 13.40
C ARG A 546 -2.74 -26.37 13.49
N GLY A 547 -3.56 -27.07 12.74
CA GLY A 547 -3.68 -28.52 12.85
C GLY A 547 -4.96 -28.79 13.62
N THR A 548 -5.70 -29.81 13.18
CA THR A 548 -6.93 -30.35 13.78
C THR A 548 -6.60 -30.81 15.23
N PHE A 549 -5.38 -31.34 15.43
CA PHE A 549 -4.98 -31.90 16.73
C PHE A 549 -4.00 -30.98 17.45
N THR A 550 -4.04 -29.65 17.14
CA THR A 550 -3.26 -28.57 17.75
C THR A 550 -1.76 -28.94 17.75
N GLN A 551 -1.32 -29.51 16.64
CA GLN A 551 0.03 -30.03 16.59
C GLN A 551 0.89 -29.32 15.60
N ARG A 552 0.29 -28.71 14.54
CA ARG A 552 1.11 -28.15 13.47
C ARG A 552 1.68 -26.79 13.82
N HIS A 553 0.79 -25.79 14.04
CA HIS A 553 1.19 -24.41 14.32
C HIS A 553 2.12 -23.91 13.18
N ALA A 554 1.71 -24.17 11.91
CA ALA A 554 2.42 -23.72 10.71
C ALA A 554 2.35 -22.18 10.63
N VAL A 555 1.27 -21.61 11.21
CA VAL A 555 1.01 -20.17 11.37
C VAL A 555 0.70 -19.96 12.85
N ILE A 556 1.30 -18.93 13.50
CA ILE A 556 1.04 -18.63 14.91
C ILE A 556 0.37 -17.22 14.99
N VAL A 557 -0.66 -17.07 15.83
CA VAL A 557 -1.44 -15.83 15.89
C VAL A 557 -1.06 -15.02 17.14
N ASP A 558 -0.64 -13.76 16.93
CA ASP A 558 -0.26 -12.85 18.02
C ASP A 558 -1.46 -12.71 18.97
N ARG A 559 -1.24 -13.04 20.26
CA ARG A 559 -2.26 -13.04 21.33
C ARG A 559 -2.89 -11.66 21.53
N LYS A 560 -2.14 -10.58 21.29
CA LYS A 560 -2.63 -9.22 21.50
C LYS A 560 -3.20 -8.56 20.24
N THR A 561 -2.60 -8.80 19.06
CA THR A 561 -2.98 -8.08 17.85
C THR A 561 -3.64 -8.92 16.75
N GLY A 562 -3.51 -10.25 16.82
CA GLY A 562 -4.07 -11.12 15.80
C GLY A 562 -3.18 -11.31 14.59
N GLU A 563 -2.03 -10.58 14.56
CA GLU A 563 -1.03 -10.64 13.49
C GLU A 563 -0.49 -12.05 13.33
N GLU A 564 -0.28 -12.48 12.09
CA GLU A 564 0.21 -13.83 11.82
C GLU A 564 1.71 -13.90 11.61
N PHE A 565 2.31 -15.04 12.00
CA PHE A 565 3.72 -15.34 11.79
C PHE A 565 3.83 -16.78 11.30
N THR A 566 4.52 -16.96 10.17
CA THR A 566 4.73 -18.27 9.55
C THR A 566 6.24 -18.62 9.65
N PRO A 567 6.64 -19.45 10.65
CA PRO A 567 8.07 -19.77 10.82
C PRO A 567 8.79 -20.34 9.57
N LEU A 568 8.18 -21.29 8.82
CA LEU A 568 8.84 -21.88 7.65
C LEU A 568 9.09 -20.88 6.50
N GLN A 569 8.38 -19.72 6.48
CA GLN A 569 8.59 -18.70 5.45
C GLN A 569 9.97 -18.05 5.57
N LEU A 570 10.66 -18.22 6.71
CA LEU A 570 12.01 -17.70 6.92
C LEU A 570 13.06 -18.54 6.17
N LEU A 571 12.69 -19.77 5.80
CA LEU A 571 13.55 -20.71 5.08
C LEU A 571 13.63 -20.36 3.58
N ALA A 572 12.71 -19.48 3.11
CA ALA A 572 12.65 -18.99 1.72
C ALA A 572 13.79 -18.00 1.44
N THR A 573 14.45 -17.51 2.51
CA THR A 573 15.59 -16.60 2.41
C THR A 573 16.84 -17.30 2.93
N ASN A 574 17.92 -17.24 2.14
CA ASN A 574 19.23 -17.79 2.49
C ASN A 574 19.87 -16.96 3.62
N PRO A 575 20.90 -17.46 4.37
CA PRO A 575 21.54 -16.62 5.40
C PRO A 575 22.19 -15.35 4.84
N ASP A 576 22.59 -15.36 3.55
CA ASP A 576 23.22 -14.21 2.87
C ASP A 576 22.16 -13.19 2.34
N GLY A 577 20.88 -13.39 2.70
CA GLY A 577 19.78 -12.50 2.34
C GLY A 577 19.05 -12.74 1.03
N THR A 578 19.63 -13.54 0.12
CA THR A 578 19.03 -13.82 -1.19
C THR A 578 17.90 -14.86 -1.09
N PRO A 579 16.89 -14.84 -2.01
CA PRO A 579 15.83 -15.88 -1.93
C PRO A 579 16.32 -17.23 -2.43
N THR A 580 15.74 -18.31 -1.89
CA THR A 580 16.06 -19.70 -2.28
C THR A 580 15.30 -20.09 -3.53
N GLY A 581 14.19 -19.40 -3.77
CA GLY A 581 13.27 -19.67 -4.87
C GLY A 581 12.04 -20.32 -4.32
N GLY A 582 12.17 -20.88 -3.11
CA GLY A 582 11.12 -21.58 -2.37
C GLY A 582 10.11 -20.64 -1.76
N LYS A 583 8.97 -21.19 -1.32
CA LYS A 583 7.87 -20.46 -0.70
C LYS A 583 6.97 -21.42 0.08
N PHE A 584 6.38 -20.94 1.18
CA PHE A 584 5.44 -21.71 1.98
C PHE A 584 4.03 -21.11 1.86
N LEU A 585 3.16 -21.84 1.16
CA LEU A 585 1.80 -21.40 0.97
C LEU A 585 0.95 -22.32 1.81
N VAL A 586 0.53 -21.82 2.97
CA VAL A 586 -0.26 -22.62 3.90
C VAL A 586 -1.59 -21.90 4.15
N TYR A 587 -2.68 -22.64 3.92
CA TYR A 587 -4.01 -22.05 4.03
C TYR A 587 -4.96 -22.95 4.77
N ASN A 588 -6.01 -22.32 5.29
CA ASN A 588 -7.18 -22.96 5.86
C ASN A 588 -8.19 -23.04 4.72
N SER A 589 -8.52 -24.25 4.30
CA SER A 589 -9.47 -24.45 3.20
C SER A 589 -10.91 -24.13 3.64
N ALA A 590 -11.83 -24.03 2.66
CA ALA A 590 -13.27 -23.91 2.96
C ALA A 590 -13.74 -25.29 3.40
N LEU A 591 -14.93 -25.40 3.99
CA LEU A 591 -15.40 -26.70 4.43
C LEU A 591 -15.92 -27.50 3.21
N SER A 592 -14.98 -27.98 2.41
CA SER A 592 -15.20 -28.74 1.19
CA SER A 592 -15.21 -28.76 1.21
C SER A 592 -14.15 -29.83 1.03
N GLU A 593 -14.51 -30.93 0.38
CA GLU A 593 -13.57 -32.02 0.08
C GLU A 593 -13.44 -32.13 -1.42
N PHE A 594 -14.58 -32.23 -2.14
CA PHE A 594 -14.63 -32.37 -3.60
C PHE A 594 -13.85 -31.22 -4.30
N ALA A 595 -14.24 -29.95 -4.06
CA ALA A 595 -13.58 -28.79 -4.67
C ALA A 595 -12.11 -28.62 -4.21
N ALA A 596 -11.85 -28.80 -2.89
CA ALA A 596 -10.53 -28.63 -2.30
C ALA A 596 -9.53 -29.67 -2.80
N VAL A 597 -9.94 -30.95 -2.90
CA VAL A 597 -9.09 -32.05 -3.43
C VAL A 597 -8.90 -31.86 -4.96
N GLY A 598 -9.97 -31.49 -5.66
CA GLY A 598 -9.91 -31.22 -7.10
C GLY A 598 -8.95 -30.08 -7.43
N PHE A 599 -9.02 -28.98 -6.64
CA PHE A 599 -8.16 -27.81 -6.74
C PHE A 599 -6.68 -28.18 -6.56
N GLU A 600 -6.38 -28.98 -5.53
CA GLU A 600 -5.00 -29.36 -5.19
C GLU A 600 -4.45 -30.32 -6.19
N TYR A 601 -5.31 -31.20 -6.77
CA TYR A 601 -4.91 -32.10 -7.84
C TYR A 601 -4.52 -31.25 -9.04
N GLY A 602 -5.41 -30.34 -9.44
CA GLY A 602 -5.20 -29.41 -10.56
C GLY A 602 -3.97 -28.53 -10.35
N TYR A 603 -3.70 -28.09 -9.06
CA TYR A 603 -2.54 -27.25 -8.69
C TYR A 603 -1.26 -28.02 -9.01
N SER A 604 -1.20 -29.31 -8.62
CA SER A 604 0.01 -30.11 -8.86
C SER A 604 0.25 -30.33 -10.36
N VAL A 605 -0.82 -30.43 -11.18
CA VAL A 605 -0.75 -30.60 -12.64
C VAL A 605 -0.20 -29.29 -13.24
N GLY A 606 -0.68 -28.16 -12.72
CA GLY A 606 -0.29 -26.81 -13.14
C GLY A 606 1.16 -26.46 -12.87
N ASN A 607 1.68 -26.92 -11.72
CA ASN A 607 3.06 -26.71 -11.33
C ASN A 607 3.65 -28.03 -10.86
N PRO A 608 4.26 -28.80 -11.80
CA PRO A 608 4.85 -30.11 -11.45
C PRO A 608 6.04 -29.99 -10.49
N ASP A 609 6.68 -28.80 -10.39
CA ASP A 609 7.83 -28.58 -9.51
C ASP A 609 7.39 -28.15 -8.09
N ALA A 610 6.07 -27.99 -7.85
CA ALA A 610 5.57 -27.67 -6.54
C ALA A 610 5.33 -28.93 -5.70
N MET A 611 5.43 -28.77 -4.38
CA MET A 611 5.11 -29.76 -3.36
C MET A 611 3.69 -29.37 -2.90
N VAL A 612 2.70 -30.18 -3.29
CA VAL A 612 1.28 -29.90 -3.03
C VAL A 612 0.72 -30.95 -2.12
N LEU A 613 0.32 -30.53 -0.92
CA LEU A 613 -0.26 -31.38 0.10
C LEU A 613 -1.64 -30.88 0.51
N TRP A 614 -2.61 -31.78 0.50
CA TRP A 614 -3.97 -31.50 0.96
C TRP A 614 -4.22 -32.38 2.13
N GLU A 615 -4.75 -31.81 3.21
CA GLU A 615 -4.97 -32.57 4.42
C GLU A 615 -6.46 -32.63 4.79
N ALA A 616 -6.98 -33.87 4.93
CA ALA A 616 -8.33 -34.13 5.43
C ALA A 616 -8.32 -33.89 6.91
N GLN A 617 -9.44 -33.45 7.51
CA GLN A 617 -9.57 -33.25 8.94
C GLN A 617 -9.32 -34.61 9.61
N PHE A 618 -10.04 -35.61 9.11
CA PHE A 618 -9.97 -37.03 9.40
C PHE A 618 -10.16 -37.68 8.06
N GLY A 619 -9.44 -38.76 7.79
CA GLY A 619 -9.51 -39.47 6.51
C GLY A 619 -10.90 -39.94 6.13
N ASP A 620 -11.81 -40.06 7.10
CA ASP A 620 -13.20 -40.48 6.95
C ASP A 620 -14.00 -39.55 6.00
N PHE A 621 -13.54 -38.30 5.81
CA PHE A 621 -14.24 -37.30 4.99
C PHE A 621 -13.72 -37.21 3.56
N VAL A 622 -12.64 -37.92 3.21
CA VAL A 622 -12.10 -37.87 1.85
C VAL A 622 -13.09 -38.50 0.83
N ASN A 623 -14.05 -39.34 1.31
CA ASN A 623 -15.06 -39.97 0.44
C ASN A 623 -16.03 -38.90 -0.18
N GLY A 624 -15.97 -37.67 0.33
CA GLY A 624 -16.70 -36.54 -0.25
C GLY A 624 -16.04 -36.08 -1.54
N ALA A 625 -14.80 -36.49 -1.78
CA ALA A 625 -14.03 -36.17 -2.99
C ALA A 625 -13.79 -37.43 -3.87
N GLN A 626 -14.63 -38.46 -3.71
CA GLN A 626 -14.52 -39.75 -4.38
C GLN A 626 -14.38 -39.64 -5.89
N SER A 627 -15.14 -38.72 -6.56
CA SER A 627 -15.03 -38.50 -8.00
C SER A 627 -13.62 -38.02 -8.36
N ILE A 628 -12.98 -37.17 -7.52
CA ILE A 628 -11.63 -36.69 -7.81
C ILE A 628 -10.64 -37.86 -7.68
N ILE A 629 -10.74 -38.64 -6.59
CA ILE A 629 -9.86 -39.79 -6.35
C ILE A 629 -10.00 -40.78 -7.52
N ASP A 630 -11.23 -41.16 -7.86
CA ASP A 630 -11.52 -42.14 -8.94
C ASP A 630 -11.21 -41.63 -10.35
N GLU A 631 -11.62 -40.40 -10.66
CA GLU A 631 -11.54 -39.89 -12.04
C GLU A 631 -10.29 -39.12 -12.37
N PHE A 632 -9.59 -38.56 -11.37
CA PHE A 632 -8.41 -37.74 -11.64
C PHE A 632 -7.14 -38.30 -11.03
N ILE A 633 -7.09 -38.42 -9.70
CA ILE A 633 -5.91 -38.80 -8.94
C ILE A 633 -5.41 -40.23 -9.29
N SER A 634 -6.27 -41.25 -9.16
CA SER A 634 -5.84 -42.63 -9.38
C SER A 634 -5.72 -43.06 -10.85
N SER A 635 -6.36 -42.34 -11.77
CA SER A 635 -6.43 -42.80 -13.16
C SER A 635 -6.01 -41.82 -14.24
N GLY A 636 -5.79 -40.55 -13.90
CA GLY A 636 -5.44 -39.51 -14.87
C GLY A 636 -4.23 -39.77 -15.76
N GLU A 637 -3.18 -40.40 -15.22
CA GLU A 637 -1.96 -40.74 -15.96
C GLU A 637 -2.29 -41.80 -17.04
N ALA A 638 -2.95 -42.92 -16.65
CA ALA A 638 -3.33 -44.00 -17.58
C ALA A 638 -4.28 -43.51 -18.68
N LYS A 639 -5.26 -42.65 -18.31
CA LYS A 639 -6.28 -42.16 -19.26
C LYS A 639 -5.83 -41.04 -20.18
N TRP A 640 -5.07 -40.05 -19.67
CA TRP A 640 -4.74 -38.87 -20.47
C TRP A 640 -3.24 -38.55 -20.60
N GLY A 641 -2.39 -39.26 -19.88
CA GLY A 641 -0.96 -38.93 -19.86
C GLY A 641 -0.72 -37.69 -19.02
N GLN A 642 -1.75 -37.29 -18.23
CA GLN A 642 -1.78 -36.15 -17.31
C GLN A 642 -1.15 -36.57 -15.99
N LEU A 643 -0.11 -35.84 -15.58
CA LEU A 643 0.61 -36.21 -14.37
C LEU A 643 0.36 -35.24 -13.20
N SER A 644 0.23 -35.82 -12.00
CA SER A 644 -0.03 -35.10 -10.76
C SER A 644 0.80 -35.68 -9.64
N ASP A 645 1.40 -34.82 -8.81
CA ASP A 645 2.21 -35.23 -7.66
C ASP A 645 1.50 -34.85 -6.34
N VAL A 646 0.17 -34.68 -6.37
CA VAL A 646 -0.62 -34.28 -5.21
C VAL A 646 -0.46 -35.28 -4.02
N VAL A 647 -0.28 -34.74 -2.82
CA VAL A 647 -0.17 -35.55 -1.61
C VAL A 647 -1.51 -35.44 -0.86
N LEU A 648 -2.09 -36.60 -0.49
CA LEU A 648 -3.29 -36.59 0.33
C LEU A 648 -2.89 -37.04 1.74
N LEU A 649 -3.10 -36.18 2.73
CA LEU A 649 -2.81 -36.49 4.15
C LEU A 649 -4.12 -36.91 4.80
N LEU A 650 -4.20 -38.18 5.21
CA LEU A 650 -5.45 -38.73 5.74
C LEU A 650 -5.32 -39.24 7.18
N PRO A 651 -5.70 -38.40 8.21
CA PRO A 651 -5.63 -38.83 9.63
C PRO A 651 -6.48 -40.09 9.82
N HIS A 652 -5.81 -41.15 10.31
CA HIS A 652 -6.33 -42.51 10.39
C HIS A 652 -5.90 -43.23 11.66
N GLY A 653 -6.78 -44.11 12.16
CA GLY A 653 -6.49 -44.92 13.35
C GLY A 653 -7.66 -45.12 14.28
N HIS A 654 -7.81 -46.37 14.80
CA HIS A 654 -8.82 -46.84 15.73
C HIS A 654 -8.47 -46.35 17.14
N GLU A 655 -9.19 -45.31 17.62
CA GLU A 655 -8.94 -44.66 18.93
C GLU A 655 -10.21 -44.50 19.77
N GLY A 656 -11.34 -45.00 19.27
CA GLY A 656 -12.61 -44.94 19.99
C GLY A 656 -13.43 -43.68 19.79
N GLN A 657 -13.17 -42.91 18.71
CA GLN A 657 -13.90 -41.65 18.44
C GLN A 657 -15.09 -41.85 17.45
N GLY A 658 -15.48 -43.10 17.23
CA GLY A 658 -16.62 -43.43 16.37
C GLY A 658 -16.30 -43.78 14.93
N PRO A 659 -17.32 -44.26 14.18
CA PRO A 659 -17.09 -44.72 12.79
C PRO A 659 -16.64 -43.63 11.79
N ASP A 660 -16.84 -42.34 12.09
CA ASP A 660 -16.44 -41.22 11.22
C ASP A 660 -15.18 -40.51 11.69
N HIS A 661 -14.51 -41.03 12.74
CA HIS A 661 -13.28 -40.39 13.21
C HIS A 661 -12.23 -41.47 13.40
N THR A 662 -12.23 -42.45 12.49
CA THR A 662 -11.43 -43.65 12.61
C THR A 662 -10.66 -44.09 11.37
N SER A 663 -11.30 -44.09 10.18
CA SER A 663 -10.67 -44.67 9.00
C SER A 663 -10.64 -43.78 7.78
N GLY A 664 -9.50 -43.82 7.09
CA GLY A 664 -9.28 -43.17 5.80
C GLY A 664 -9.57 -44.09 4.62
N ARG A 665 -10.15 -45.28 4.92
CA ARG A 665 -10.56 -46.36 4.00
C ARG A 665 -9.36 -46.78 3.12
N ILE A 666 -8.27 -47.28 3.79
CA ILE A 666 -7.03 -47.79 3.18
C ILE A 666 -7.35 -48.81 2.08
N GLU A 667 -8.29 -49.73 2.36
CA GLU A 667 -8.77 -50.82 1.47
C GLU A 667 -9.26 -50.28 0.13
N ARG A 668 -9.88 -49.07 0.12
CA ARG A 668 -10.37 -48.44 -1.11
C ARG A 668 -9.22 -47.92 -1.96
N PHE A 669 -8.19 -47.30 -1.35
CA PHE A 669 -7.04 -46.79 -2.07
C PHE A 669 -6.18 -47.92 -2.61
N LEU A 670 -6.06 -49.02 -1.85
CA LEU A 670 -5.31 -50.21 -2.29
C LEU A 670 -6.00 -50.90 -3.47
N GLN A 671 -7.35 -50.90 -3.48
CA GLN A 671 -8.22 -51.44 -4.52
C GLN A 671 -8.08 -50.62 -5.79
N LEU A 672 -8.00 -49.29 -5.64
CA LEU A 672 -7.84 -48.36 -6.76
C LEU A 672 -6.43 -48.42 -7.34
N TRP A 673 -5.42 -48.75 -6.52
CA TRP A 673 -4.03 -48.86 -6.96
C TRP A 673 -3.86 -49.92 -8.04
N ALA A 674 -3.13 -49.54 -9.06
CA ALA A 674 -2.68 -50.39 -10.19
C ALA A 674 -1.66 -49.62 -11.00
N GLU A 675 -0.78 -50.35 -11.74
CA GLU A 675 0.20 -49.75 -12.68
C GLU A 675 1.14 -48.72 -12.05
N GLY A 676 1.36 -48.80 -10.74
CA GLY A 676 2.19 -47.86 -9.99
C GLY A 676 1.75 -46.43 -10.15
N SER A 677 0.43 -46.20 -10.22
CA SER A 677 -0.20 -44.87 -10.42
C SER A 677 0.00 -43.96 -9.19
N MET A 678 -0.03 -44.56 -8.00
CA MET A 678 0.16 -43.83 -6.74
C MET A 678 1.09 -44.58 -5.79
N THR A 679 1.61 -43.84 -4.80
CA THR A 679 2.36 -44.37 -3.67
C THR A 679 1.39 -44.30 -2.51
N ILE A 680 1.28 -45.39 -1.74
CA ILE A 680 0.41 -45.44 -0.56
C ILE A 680 1.27 -45.86 0.63
N ALA A 681 1.30 -45.02 1.66
CA ALA A 681 2.11 -45.27 2.84
C ALA A 681 1.35 -45.01 4.13
N MET A 682 1.82 -45.68 5.19
CA MET A 682 1.34 -45.56 6.55
C MET A 682 2.59 -45.61 7.43
N PRO A 683 3.34 -44.47 7.48
CA PRO A 683 4.58 -44.47 8.28
C PRO A 683 4.29 -44.53 9.77
N SER A 684 5.19 -45.16 10.53
CA SER A 684 5.04 -45.33 11.98
C SER A 684 5.99 -44.45 12.77
N THR A 685 6.97 -43.80 12.10
CA THR A 685 7.91 -42.95 12.81
C THR A 685 7.99 -41.56 12.15
N PRO A 686 8.29 -40.50 12.93
CA PRO A 686 8.45 -39.16 12.33
C PRO A 686 9.52 -39.10 11.21
N ALA A 687 10.73 -39.66 11.48
CA ALA A 687 11.83 -39.70 10.51
C ALA A 687 11.42 -40.38 9.20
N ASN A 688 10.66 -41.50 9.27
CA ASN A 688 10.23 -42.20 8.05
C ASN A 688 9.22 -41.34 7.27
N TYR A 689 8.35 -40.59 7.98
CA TYR A 689 7.42 -39.66 7.34
C TYR A 689 8.20 -38.53 6.67
N PHE A 690 9.22 -37.99 7.36
CA PHE A 690 10.11 -36.94 6.84
C PHE A 690 10.74 -37.38 5.49
N HIS A 691 11.36 -38.58 5.46
CA HIS A 691 12.03 -39.10 4.26
C HIS A 691 11.03 -39.43 3.15
N LEU A 692 9.80 -39.89 3.50
CA LEU A 692 8.73 -40.17 2.53
C LEU A 692 8.34 -38.87 1.77
N LEU A 693 8.19 -37.74 2.52
CA LEU A 693 7.84 -36.44 1.94
C LEU A 693 8.96 -35.89 1.07
N ARG A 694 10.22 -35.98 1.56
CA ARG A 694 11.40 -35.50 0.84
C ARG A 694 11.62 -36.31 -0.43
N ARG A 695 11.45 -37.67 -0.36
CA ARG A 695 11.59 -38.54 -1.53
C ARG A 695 10.54 -38.13 -2.57
N HIS A 696 9.27 -37.92 -2.14
CA HIS A 696 8.18 -37.51 -3.00
C HIS A 696 8.44 -36.18 -3.70
N GLY A 697 8.97 -35.20 -2.99
CA GLY A 697 9.26 -33.90 -3.57
C GLY A 697 10.51 -33.83 -4.41
N LYS A 698 11.48 -34.75 -4.20
CA LYS A 698 12.77 -34.70 -4.91
C LYS A 698 12.99 -35.82 -5.97
N ASP A 699 12.11 -36.85 -6.04
CA ASP A 699 12.32 -37.99 -6.95
C ASP A 699 12.16 -37.70 -8.46
N GLY A 700 11.59 -36.55 -8.83
CA GLY A 700 11.36 -36.20 -10.23
C GLY A 700 10.17 -36.87 -10.89
N ILE A 701 9.50 -37.80 -10.17
CA ILE A 701 8.30 -38.55 -10.58
C ILE A 701 7.07 -37.73 -10.21
N GLN A 702 6.05 -37.71 -11.08
CA GLN A 702 4.82 -36.97 -10.85
C GLN A 702 3.70 -37.97 -10.69
N ARG A 703 3.59 -38.50 -9.46
CA ARG A 703 2.58 -39.50 -9.12
C ARG A 703 2.05 -39.21 -7.73
N PRO A 704 0.70 -39.26 -7.54
CA PRO A 704 0.14 -38.90 -6.23
C PRO A 704 0.64 -39.78 -5.09
N LEU A 705 0.69 -39.20 -3.89
CA LEU A 705 1.11 -39.89 -2.67
C LEU A 705 -0.06 -39.84 -1.67
N ILE A 706 -0.52 -41.02 -1.24
CA ILE A 706 -1.59 -41.17 -0.26
C ILE A 706 -0.93 -41.53 1.07
N VAL A 707 -1.05 -40.65 2.08
CA VAL A 707 -0.43 -40.91 3.39
C VAL A 707 -1.49 -41.07 4.45
N PHE A 708 -1.46 -42.19 5.18
CA PHE A 708 -2.35 -42.44 6.31
C PHE A 708 -1.56 -41.94 7.52
N THR A 709 -2.05 -40.82 8.09
CA THR A 709 -1.35 -40.07 9.13
C THR A 709 -1.93 -40.30 10.55
N PRO A 710 -1.13 -40.06 11.60
CA PRO A 710 -1.59 -40.36 12.97
C PRO A 710 -2.39 -39.24 13.61
N LYS A 711 -3.03 -39.58 14.74
CA LYS A 711 -3.84 -38.68 15.55
C LYS A 711 -3.26 -38.70 16.97
N SER A 712 -3.49 -39.78 17.75
CA SER A 712 -2.91 -39.93 19.11
C SER A 712 -1.40 -40.21 19.03
N MET A 713 -0.95 -40.94 18.01
CA MET A 713 0.46 -41.28 17.75
C MET A 713 1.33 -40.01 17.63
N LEU A 714 0.69 -38.82 17.39
CA LEU A 714 1.36 -37.50 17.31
C LEU A 714 2.00 -37.17 18.66
N ARG A 715 1.37 -37.59 19.77
CA ARG A 715 1.79 -37.34 21.14
C ARG A 715 2.33 -38.59 21.87
N ASN A 716 2.50 -39.72 21.16
CA ASN A 716 3.07 -40.96 21.70
C ASN A 716 4.58 -40.76 21.86
N LYS A 717 5.08 -40.85 23.11
CA LYS A 717 6.48 -40.62 23.48
C LYS A 717 7.41 -41.70 22.94
N ALA A 718 6.86 -42.85 22.50
CA ALA A 718 7.63 -43.92 21.87
C ALA A 718 7.86 -43.60 20.39
N ALA A 719 6.90 -42.89 19.78
CA ALA A 719 6.92 -42.50 18.37
C ALA A 719 7.70 -41.18 18.15
N VAL A 720 8.97 -41.18 18.53
CA VAL A 720 9.88 -40.05 18.34
C VAL A 720 11.13 -40.57 17.61
N SER A 721 11.84 -39.67 16.95
CA SER A 721 13.03 -40.04 16.18
C SER A 721 14.26 -39.27 16.59
N ASP A 722 15.44 -39.90 16.40
CA ASP A 722 16.75 -39.36 16.67
C ASP A 722 17.16 -38.45 15.52
N ILE A 723 18.08 -37.49 15.77
CA ILE A 723 18.61 -36.58 14.74
C ILE A 723 19.27 -37.39 13.60
N ARG A 724 20.04 -38.46 13.94
CA ARG A 724 20.75 -39.31 12.97
C ARG A 724 19.78 -40.01 11.96
N ASP A 725 18.49 -40.15 12.32
CA ASP A 725 17.47 -40.71 11.44
C ASP A 725 17.12 -39.72 10.31
N PHE A 726 17.39 -38.42 10.53
CA PHE A 726 17.13 -37.36 9.54
C PHE A 726 18.37 -37.01 8.74
N THR A 727 19.55 -37.19 9.35
CA THR A 727 20.84 -36.79 8.78
C THR A 727 21.65 -37.95 8.18
N GLU A 728 21.42 -39.21 8.63
CA GLU A 728 22.22 -40.37 8.19
C GLU A 728 21.38 -41.49 7.54
N SER A 729 20.05 -41.45 7.71
CA SER A 729 19.17 -42.48 7.18
C SER A 729 18.44 -42.02 5.89
N LYS A 730 17.53 -42.89 5.41
CA LYS A 730 16.69 -42.74 4.21
C LYS A 730 15.32 -43.41 4.46
N PHE A 731 14.36 -43.27 3.52
CA PHE A 731 13.03 -43.89 3.64
C PHE A 731 13.16 -45.41 3.70
N ARG A 732 12.44 -46.04 4.63
CA ARG A 732 12.44 -47.48 4.77
C ARG A 732 11.02 -47.96 4.53
N SER A 733 10.83 -48.76 3.47
CA SER A 733 9.53 -49.30 3.11
C SER A 733 9.10 -50.40 4.10
N VAL A 734 10.08 -51.12 4.65
CA VAL A 734 9.86 -52.20 5.63
C VAL A 734 10.76 -51.93 6.85
N LEU A 735 10.18 -51.90 8.07
CA LEU A 735 10.89 -51.64 9.32
C LEU A 735 10.86 -52.83 10.27
N GLU A 736 12.03 -53.14 10.83
CA GLU A 736 12.27 -54.15 11.85
C GLU A 736 12.24 -53.45 13.20
N GLU A 737 12.10 -54.22 14.29
CA GLU A 737 12.17 -53.67 15.63
C GLU A 737 13.60 -53.19 15.90
N PRO A 738 13.77 -52.01 16.55
CA PRO A 738 15.14 -51.50 16.84
C PRO A 738 16.03 -52.46 17.65
N MET A 739 15.43 -53.38 18.46
CA MET A 739 16.17 -54.36 19.27
C MET A 739 16.99 -55.34 18.39
N TYR A 740 16.62 -55.51 17.12
CA TYR A 740 17.32 -56.42 16.22
C TYR A 740 18.33 -55.70 15.35
N THR A 741 18.01 -54.48 14.90
CA THR A 741 18.88 -53.67 14.04
C THR A 741 19.91 -52.85 14.83
N ASP A 742 19.55 -52.38 16.04
CA ASP A 742 20.38 -51.50 16.86
C ASP A 742 20.61 -52.02 18.29
N GLY A 743 19.82 -53.02 18.72
CA GLY A 743 19.90 -53.58 20.06
C GLY A 743 20.56 -54.92 20.18
N GLU A 744 20.32 -55.61 21.32
CA GLU A 744 20.88 -56.93 21.61
C GLU A 744 19.83 -58.06 21.49
N GLY A 745 18.93 -57.93 20.52
CA GLY A 745 17.88 -58.91 20.24
C GLY A 745 18.33 -60.03 19.34
N ASP A 746 17.82 -61.26 19.60
CA ASP A 746 18.16 -62.45 18.82
C ASP A 746 16.99 -62.87 17.92
N ARG A 747 17.18 -62.66 16.60
CA ARG A 747 16.24 -62.98 15.52
C ARG A 747 15.97 -64.48 15.39
N ASN A 748 16.94 -65.32 15.80
CA ASN A 748 16.82 -66.78 15.67
C ASN A 748 15.86 -67.37 16.72
N LYS A 749 15.53 -66.61 17.76
CA LYS A 749 14.58 -67.06 18.81
C LYS A 749 13.12 -66.90 18.34
N VAL A 750 12.89 -66.15 17.25
CA VAL A 750 11.57 -65.84 16.71
C VAL A 750 10.95 -67.05 16.00
N THR A 751 9.72 -67.43 16.43
CA THR A 751 8.94 -68.54 15.86
C THR A 751 7.63 -67.99 15.26
N ARG A 752 7.12 -66.87 15.82
CA ARG A 752 5.91 -66.21 15.34
C ARG A 752 6.25 -64.82 14.81
N LEU A 753 5.82 -64.56 13.58
CA LEU A 753 6.03 -63.30 12.90
C LEU A 753 4.73 -62.50 12.81
N LEU A 754 4.74 -61.25 13.29
CA LEU A 754 3.57 -60.38 13.21
C LEU A 754 3.87 -59.28 12.22
N LEU A 755 3.12 -59.26 11.12
CA LEU A 755 3.26 -58.25 10.09
C LEU A 755 2.18 -57.21 10.26
N THR A 756 2.60 -55.96 10.29
CA THR A 756 1.65 -54.92 10.54
C THR A 756 2.02 -53.62 9.83
N SER A 757 1.18 -52.59 10.05
CA SER A 757 1.38 -51.25 9.55
C SER A 757 0.71 -50.24 10.51
N GLY A 758 1.39 -49.11 10.73
CA GLY A 758 0.83 -48.04 11.56
C GLY A 758 1.05 -48.09 13.05
N LYS A 759 0.16 -47.41 13.80
CA LYS A 759 0.22 -47.22 15.25
C LYS A 759 0.08 -48.51 16.06
N ILE A 760 -0.61 -49.56 15.56
CA ILE A 760 -0.79 -50.79 16.33
C ILE A 760 0.59 -51.43 16.64
N TYR A 761 1.65 -51.08 15.87
CA TYR A 761 3.02 -51.58 16.13
C TYR A 761 3.44 -51.31 17.56
N TYR A 762 3.26 -50.07 18.04
CA TYR A 762 3.67 -49.63 19.39
C TYR A 762 2.95 -50.39 20.49
N GLU A 763 1.66 -50.73 20.28
CA GLU A 763 0.84 -51.50 21.23
C GLU A 763 1.35 -52.95 21.26
N LEU A 764 1.66 -53.52 20.08
CA LEU A 764 2.21 -54.88 19.97
C LEU A 764 3.60 -54.94 20.59
N ALA A 765 4.44 -53.91 20.34
CA ALA A 765 5.80 -53.79 20.87
C ALA A 765 5.80 -53.68 22.39
N ALA A 766 4.81 -52.94 22.97
CA ALA A 766 4.67 -52.73 24.42
C ALA A 766 4.25 -54.02 25.10
N ARG A 767 3.40 -54.81 24.42
CA ARG A 767 2.94 -56.10 24.91
C ARG A 767 4.08 -57.12 24.89
N LYS A 768 4.93 -57.07 23.83
CA LYS A 768 6.08 -57.94 23.67
C LYS A 768 7.10 -57.68 24.79
N ALA A 769 7.35 -56.40 25.12
CA ALA A 769 8.31 -56.00 26.18
C ALA A 769 7.79 -56.42 27.57
N LYS A 770 6.49 -56.15 27.84
CA LYS A 770 5.82 -56.48 29.09
C LYS A 770 5.92 -57.97 29.40
N GLU A 771 5.72 -58.83 28.38
CA GLU A 771 5.76 -60.29 28.50
C GLU A 771 7.14 -60.90 28.17
N ASN A 772 8.13 -60.07 27.75
CA ASN A 772 9.50 -60.49 27.35
C ASN A 772 9.43 -61.65 26.31
N ARG A 773 8.59 -61.44 25.26
CA ARG A 773 8.32 -62.43 24.21
C ARG A 773 9.37 -62.37 23.09
N GLU A 774 10.53 -63.00 23.32
CA GLU A 774 11.63 -63.09 22.35
C GLU A 774 11.28 -63.99 21.16
N ASP A 775 10.23 -64.85 21.31
CA ASP A 775 9.72 -65.79 20.32
C ASP A 775 8.85 -65.10 19.24
N VAL A 776 8.50 -63.81 19.46
CA VAL A 776 7.64 -63.02 18.58
C VAL A 776 8.39 -61.79 18.03
N ALA A 777 8.30 -61.55 16.71
CA ALA A 777 8.85 -60.37 16.06
C ALA A 777 7.76 -59.60 15.35
N ILE A 778 7.92 -58.28 15.28
CA ILE A 778 6.95 -57.39 14.62
C ILE A 778 7.66 -56.66 13.50
N VAL A 779 7.20 -56.88 12.26
CA VAL A 779 7.73 -56.25 11.07
C VAL A 779 6.67 -55.29 10.51
N ARG A 780 7.07 -54.05 10.28
CA ARG A 780 6.18 -53.01 9.77
C ARG A 780 6.35 -52.82 8.29
N ILE A 781 5.22 -52.74 7.58
CA ILE A 781 5.16 -52.44 6.15
C ILE A 781 4.74 -50.96 6.09
N GLU A 782 5.71 -50.08 5.84
CA GLU A 782 5.52 -48.62 5.80
C GLU A 782 4.94 -48.20 4.46
N GLN A 783 5.44 -48.80 3.36
CA GLN A 783 4.95 -48.51 2.03
C GLN A 783 3.98 -49.62 1.64
N LEU A 784 2.68 -49.31 1.61
CA LEU A 784 1.61 -50.25 1.30
C LEU A 784 1.51 -50.51 -0.21
N ALA A 785 1.78 -49.48 -1.03
CA ALA A 785 1.74 -49.61 -2.49
C ALA A 785 2.73 -48.64 -3.16
N PRO A 786 3.60 -49.11 -4.10
CA PRO A 786 3.78 -50.51 -4.54
C PRO A 786 4.36 -51.35 -3.39
N LEU A 787 3.95 -52.64 -3.29
CA LEU A 787 4.43 -53.53 -2.23
C LEU A 787 5.95 -53.70 -2.35
N PRO A 788 6.69 -53.50 -1.24
CA PRO A 788 8.14 -53.67 -1.32
C PRO A 788 8.49 -55.17 -1.26
N ARG A 789 8.32 -55.88 -2.41
CA ARG A 789 8.53 -57.33 -2.57
C ARG A 789 9.92 -57.74 -2.11
N ARG A 790 10.98 -57.18 -2.74
CA ARG A 790 12.37 -57.55 -2.46
C ARG A 790 12.76 -57.30 -1.01
N ARG A 791 12.50 -56.09 -0.49
CA ARG A 791 12.84 -55.69 0.88
C ARG A 791 12.10 -56.57 1.90
N LEU A 792 10.82 -56.87 1.68
CA LEU A 792 9.98 -57.71 2.55
C LEU A 792 10.51 -59.14 2.57
N ALA A 793 10.87 -59.69 1.38
CA ALA A 793 11.45 -61.02 1.24
C ALA A 793 12.83 -61.09 1.93
N GLU A 794 13.61 -59.99 1.87
CA GLU A 794 14.94 -59.89 2.48
C GLU A 794 14.84 -59.79 4.00
N THR A 795 13.78 -59.13 4.51
CA THR A 795 13.53 -58.96 5.94
C THR A 795 13.16 -60.31 6.57
N LEU A 796 12.19 -61.03 5.97
CA LEU A 796 11.69 -62.32 6.47
C LEU A 796 12.75 -63.40 6.50
N ASP A 797 13.77 -63.31 5.61
CA ASP A 797 14.86 -64.29 5.53
C ASP A 797 15.78 -64.22 6.76
N ARG A 798 15.79 -63.08 7.46
CA ARG A 798 16.58 -62.81 8.67
C ARG A 798 15.97 -63.53 9.91
N TYR A 799 14.77 -64.14 9.76
CA TYR A 799 14.06 -64.87 10.82
C TYR A 799 13.86 -66.33 10.36
N PRO A 800 14.93 -67.18 10.39
CA PRO A 800 14.81 -68.54 9.84
C PRO A 800 13.96 -69.54 10.63
N ASN A 801 13.69 -69.26 11.92
CA ASN A 801 12.94 -70.22 12.73
C ASN A 801 11.43 -69.89 12.83
N VAL A 802 10.94 -68.99 11.96
CA VAL A 802 9.52 -68.61 11.91
C VAL A 802 8.69 -69.81 11.41
N LYS A 803 7.68 -70.18 12.21
CA LYS A 803 6.77 -71.30 11.94
C LYS A 803 5.39 -70.80 11.55
N GLU A 804 5.04 -69.55 11.92
CA GLU A 804 3.74 -68.95 11.60
C GLU A 804 3.86 -67.43 11.42
N LYS A 805 3.17 -66.93 10.38
CA LYS A 805 3.12 -65.53 10.01
C LYS A 805 1.68 -65.02 10.07
N PHE A 806 1.47 -63.86 10.70
CA PHE A 806 0.15 -63.25 10.80
C PHE A 806 0.17 -61.82 10.36
N TRP A 807 -0.85 -61.41 9.57
CA TRP A 807 -1.04 -60.01 9.25
C TRP A 807 -1.93 -59.48 10.36
N VAL A 808 -1.43 -58.49 11.11
CA VAL A 808 -2.14 -57.92 12.24
C VAL A 808 -2.55 -56.48 11.90
N GLN A 809 -3.83 -56.16 12.16
CA GLN A 809 -4.38 -54.84 11.91
C GLN A 809 -5.52 -54.55 12.87
N GLU A 810 -5.69 -53.27 13.20
CA GLU A 810 -6.79 -52.87 14.06
C GLU A 810 -8.10 -52.74 13.27
N GLU A 811 -8.02 -52.54 11.93
CA GLU A 811 -9.18 -52.35 11.05
C GLU A 811 -10.02 -53.62 10.88
N PRO A 812 -11.36 -53.49 10.68
CA PRO A 812 -12.20 -54.68 10.42
C PRO A 812 -11.66 -55.55 9.28
N ALA A 813 -12.00 -56.87 9.29
CA ALA A 813 -11.52 -57.87 8.33
C ALA A 813 -11.71 -57.45 6.85
N ASN A 814 -12.82 -56.76 6.52
CA ASN A 814 -13.14 -56.33 5.16
C ASN A 814 -12.53 -54.94 4.83
N GLN A 815 -11.75 -54.37 5.76
CA GLN A 815 -11.14 -53.04 5.63
C GLN A 815 -9.65 -53.15 5.93
N GLY A 816 -8.93 -52.03 5.90
CA GLY A 816 -7.49 -52.04 6.13
C GLY A 816 -6.72 -52.67 4.99
N ALA A 817 -5.51 -53.17 5.25
CA ALA A 817 -4.69 -53.75 4.19
C ALA A 817 -5.00 -55.23 3.90
N TRP A 818 -5.66 -55.95 4.83
CA TRP A 818 -5.94 -57.38 4.67
C TRP A 818 -6.63 -57.73 3.33
N PRO A 819 -7.77 -57.10 2.89
CA PRO A 819 -8.40 -57.51 1.61
C PRO A 819 -7.42 -57.61 0.43
N SER A 820 -6.43 -56.72 0.34
CA SER A 820 -5.48 -56.78 -0.77
C SER A 820 -4.25 -57.65 -0.40
N PHE A 821 -3.66 -57.46 0.80
CA PHE A 821 -2.47 -58.20 1.26
C PHE A 821 -2.74 -59.71 1.45
N GLY A 822 -3.94 -60.08 1.89
CA GLY A 822 -4.31 -61.48 2.06
C GLY A 822 -4.39 -62.25 0.76
N LEU A 823 -4.57 -61.53 -0.35
CA LEU A 823 -4.64 -62.07 -1.70
C LEU A 823 -3.30 -61.91 -2.43
N THR A 824 -2.68 -60.71 -2.38
CA THR A 824 -1.44 -60.44 -3.10
C THR A 824 -0.18 -61.05 -2.45
N LEU A 825 -0.02 -60.96 -1.10
CA LEU A 825 1.19 -61.47 -0.43
C LEU A 825 1.42 -62.97 -0.71
N PRO A 826 0.42 -63.90 -0.61
CA PRO A 826 0.71 -65.32 -0.98
C PRO A 826 0.96 -65.54 -2.47
N GLU A 827 0.56 -64.58 -3.33
CA GLU A 827 0.74 -64.70 -4.78
C GLU A 827 2.10 -64.17 -5.24
N ILE A 828 2.54 -62.98 -4.76
CA ILE A 828 3.82 -62.38 -5.16
C ILE A 828 4.98 -63.08 -4.42
N LEU A 829 4.77 -63.57 -3.18
CA LEU A 829 5.79 -64.26 -2.38
C LEU A 829 5.22 -65.59 -1.83
N PRO A 830 5.02 -66.62 -2.69
CA PRO A 830 4.44 -67.90 -2.22
C PRO A 830 5.32 -68.65 -1.22
N ASP A 831 6.65 -68.63 -1.38
CA ASP A 831 7.56 -69.30 -0.45
C ASP A 831 7.50 -68.66 0.93
N HIS A 832 7.34 -67.32 0.98
CA HIS A 832 7.31 -66.58 2.23
C HIS A 832 5.91 -66.46 2.85
N PHE A 833 4.86 -66.27 2.05
CA PHE A 833 3.54 -65.97 2.62
C PHE A 833 2.43 -66.99 2.46
N THR A 834 2.73 -68.23 2.01
CA THR A 834 1.69 -69.26 1.94
C THR A 834 1.41 -69.67 3.40
N GLY A 835 0.14 -69.60 3.78
CA GLY A 835 -0.28 -69.93 5.12
C GLY A 835 -0.44 -68.71 6.00
N LEU A 836 -0.30 -67.49 5.41
CA LEU A 836 -0.46 -66.22 6.12
C LEU A 836 -1.90 -66.07 6.60
N LYS A 837 -2.06 -65.81 7.89
CA LYS A 837 -3.38 -65.68 8.51
C LYS A 837 -3.58 -64.26 9.00
N ARG A 838 -4.85 -63.90 9.25
CA ARG A 838 -5.25 -62.58 9.66
C ARG A 838 -5.64 -62.50 11.14
N ILE A 839 -5.21 -61.40 11.79
CA ILE A 839 -5.58 -60.98 13.15
C ILE A 839 -6.09 -59.53 13.02
N SER A 840 -7.40 -59.36 13.19
CA SER A 840 -8.08 -58.09 13.03
C SER A 840 -9.41 -58.08 13.73
N ARG A 841 -10.10 -56.95 13.65
CA ARG A 841 -11.49 -56.84 14.09
C ARG A 841 -12.33 -57.68 13.12
N ARG A 842 -13.52 -58.11 13.53
CA ARG A 842 -14.44 -58.83 12.63
C ARG A 842 -14.78 -57.92 11.43
N ALA A 843 -15.34 -58.47 10.35
CA ALA A 843 -15.81 -57.65 9.24
C ALA A 843 -16.96 -56.77 9.77
N MET A 844 -16.92 -55.49 9.45
CA MET A 844 -17.91 -54.52 9.92
C MET A 844 -18.43 -53.65 8.80
N SER A 845 -19.70 -53.24 8.89
CA SER A 845 -20.38 -52.39 7.93
C SER A 845 -19.86 -50.95 8.05
N ALA A 846 -19.60 -50.50 9.27
CA ALA A 846 -19.06 -49.18 9.58
C ALA A 846 -17.56 -49.35 9.87
N PRO A 847 -16.74 -48.29 9.82
CA PRO A 847 -15.29 -48.49 10.04
C PRO A 847 -14.90 -48.86 11.47
N SER A 848 -15.81 -48.69 12.44
CA SER A 848 -15.61 -49.03 13.84
C SER A 848 -16.89 -48.79 14.63
N SER A 849 -16.88 -49.17 15.94
CA SER A 849 -18.00 -48.99 16.84
C SER A 849 -18.10 -47.53 17.33
N GLY A 850 -19.29 -47.14 17.80
CA GLY A 850 -19.53 -45.78 18.29
C GLY A 850 -19.06 -45.50 19.69
N SER A 851 -18.91 -46.57 20.51
CA SER A 851 -18.46 -46.48 21.91
C SER A 851 -16.93 -46.69 22.01
N SER A 852 -16.23 -45.78 22.72
CA SER A 852 -14.79 -45.86 22.98
C SER A 852 -14.49 -47.05 23.90
N LYS A 853 -15.43 -47.39 24.82
CA LYS A 853 -15.32 -48.56 25.73
C LYS A 853 -15.31 -49.86 24.95
N VAL A 854 -16.19 -49.97 23.93
CA VAL A 854 -16.33 -51.16 23.06
C VAL A 854 -15.07 -51.28 22.18
N HIS A 855 -14.57 -50.12 21.68
CA HIS A 855 -13.32 -50.03 20.90
C HIS A 855 -12.17 -50.65 21.70
N ALA A 856 -12.04 -50.25 22.99
CA ALA A 856 -10.99 -50.68 23.92
C ALA A 856 -11.00 -52.19 24.13
N VAL A 857 -12.21 -52.79 24.29
CA VAL A 857 -12.39 -54.24 24.47
C VAL A 857 -11.96 -54.98 23.19
N GLU A 858 -12.34 -54.47 21.99
CA GLU A 858 -11.97 -55.04 20.70
C GLU A 858 -10.46 -54.92 20.46
N GLN A 859 -9.86 -53.78 20.81
CA GLN A 859 -8.43 -53.54 20.64
C GLN A 859 -7.60 -54.52 21.48
N GLN A 860 -8.02 -54.79 22.72
CA GLN A 860 -7.32 -55.71 23.62
C GLN A 860 -7.41 -57.15 23.10
N GLU A 861 -8.55 -57.51 22.45
CA GLU A 861 -8.74 -58.84 21.85
C GLU A 861 -7.70 -59.11 20.76
N ILE A 862 -7.39 -58.10 19.93
CA ILE A 862 -6.42 -58.20 18.84
C ILE A 862 -5.03 -58.52 19.43
N LEU A 863 -4.61 -57.77 20.47
CA LEU A 863 -3.33 -57.94 21.13
C LEU A 863 -3.24 -59.31 21.81
N ASP A 864 -4.32 -59.76 22.45
CA ASP A 864 -4.38 -61.04 23.11
C ASP A 864 -4.30 -62.18 22.11
N THR A 865 -4.88 -62.01 20.90
CA THR A 865 -4.85 -63.03 19.84
C THR A 865 -3.43 -63.11 19.27
N ALA A 866 -2.80 -61.96 19.03
CA ALA A 866 -1.44 -61.85 18.46
C ALA A 866 -0.38 -62.48 19.36
N PHE A 867 -0.62 -62.51 20.66
CA PHE A 867 0.30 -63.05 21.65
C PHE A 867 -0.24 -64.31 22.37
N GLY A 868 -1.39 -64.83 21.92
CA GLY A 868 -2.05 -65.99 22.49
C GLY A 868 -2.03 -67.20 21.58
N ASP B 6 -39.97 15.81 -7.39
CA ASP B 6 -38.53 15.74 -7.11
C ASP B 6 -38.27 15.11 -5.72
N LYS B 7 -38.94 15.66 -4.67
CA LYS B 7 -38.82 15.17 -3.29
C LYS B 7 -39.49 13.78 -3.16
N ASN B 8 -40.72 13.63 -3.70
CA ASN B 8 -41.48 12.37 -3.68
C ASN B 8 -40.72 11.22 -4.38
N ALA B 9 -39.98 11.54 -5.47
CA ALA B 9 -39.18 10.58 -6.24
C ALA B 9 -37.97 10.09 -5.43
N ARG B 10 -37.37 11.00 -4.64
CA ARG B 10 -36.23 10.74 -3.76
C ARG B 10 -36.63 9.81 -2.60
N VAL B 11 -37.89 9.93 -2.14
CA VAL B 11 -38.51 9.13 -1.07
C VAL B 11 -38.72 7.69 -1.57
N ILE B 12 -39.26 7.53 -2.80
CA ILE B 12 -39.48 6.23 -3.45
C ILE B 12 -38.13 5.50 -3.58
N GLU B 13 -37.05 6.22 -4.00
CA GLU B 13 -35.71 5.65 -4.09
C GLU B 13 -35.23 5.18 -2.73
N LEU B 14 -35.48 5.99 -1.69
CA LEU B 14 -35.09 5.70 -0.31
C LEU B 14 -35.83 4.47 0.22
N ILE B 15 -37.15 4.36 -0.04
CA ILE B 15 -37.96 3.19 0.37
C ILE B 15 -37.35 1.93 -0.23
N ALA B 16 -37.01 1.95 -1.53
CA ALA B 16 -36.42 0.82 -2.25
C ALA B 16 -35.03 0.46 -1.69
N ALA B 17 -34.20 1.49 -1.32
CA ALA B 17 -32.84 1.34 -0.77
C ALA B 17 -32.85 0.56 0.55
N TYR B 18 -33.83 0.84 1.45
CA TYR B 18 -33.96 0.11 2.73
C TYR B 18 -34.38 -1.33 2.48
N ARG B 19 -35.40 -1.52 1.63
CA ARG B 19 -35.92 -2.85 1.24
C ARG B 19 -34.83 -3.72 0.58
N ASN B 20 -33.95 -3.11 -0.24
CA ASN B 20 -32.88 -3.81 -0.97
C ASN B 20 -31.57 -3.92 -0.23
N ARG B 21 -31.15 -2.87 0.49
CA ARG B 21 -29.81 -2.85 1.07
C ARG B 21 -29.74 -2.63 2.58
N GLY B 22 -30.88 -2.44 3.26
CA GLY B 22 -30.98 -2.22 4.70
C GLY B 22 -30.34 -3.28 5.57
N HIS B 23 -30.40 -4.55 5.09
CA HIS B 23 -29.83 -5.71 5.77
C HIS B 23 -28.31 -5.54 5.96
N LEU B 24 -27.62 -4.73 5.13
CA LEU B 24 -26.17 -4.48 5.29
C LEU B 24 -25.90 -3.47 6.45
N MET B 25 -26.97 -2.90 7.03
CA MET B 25 -26.91 -1.90 8.11
C MET B 25 -27.54 -2.41 9.40
N ALA B 26 -28.34 -3.48 9.30
CA ALA B 26 -29.03 -4.09 10.44
C ALA B 26 -28.02 -4.52 11.50
N ASP B 27 -28.37 -4.28 12.76
CA ASP B 27 -27.58 -4.66 13.93
C ASP B 27 -27.89 -6.13 14.25
N ILE B 28 -27.34 -7.04 13.43
CA ILE B 28 -27.58 -8.49 13.49
C ILE B 28 -26.44 -9.23 14.23
N ASP B 29 -25.19 -8.70 14.29
CA ASP B 29 -24.08 -9.39 14.93
C ASP B 29 -24.03 -9.06 16.45
N PRO B 30 -24.35 -10.04 17.34
CA PRO B 30 -24.28 -9.78 18.78
C PRO B 30 -22.87 -9.49 19.32
N LEU B 31 -21.81 -9.71 18.50
CA LEU B 31 -20.43 -9.43 18.92
C LEU B 31 -19.93 -8.06 18.42
N ARG B 32 -20.61 -7.45 17.43
CA ARG B 32 -20.24 -6.16 16.82
C ARG B 32 -18.73 -6.18 16.40
N LEU B 33 -18.28 -7.32 15.85
CA LEU B 33 -16.90 -7.56 15.45
C LEU B 33 -16.41 -6.57 14.41
N ASP B 34 -17.24 -6.31 13.38
CA ASP B 34 -16.92 -5.37 12.31
C ASP B 34 -17.26 -3.94 12.77
N TRP B 54 -36.27 18.26 7.73
CA TRP B 54 -37.27 19.29 7.43
C TRP B 54 -38.41 18.72 6.59
N ASP B 55 -38.07 17.75 5.72
CA ASP B 55 -39.01 17.02 4.89
C ASP B 55 -39.64 15.91 5.72
N LEU B 56 -39.07 15.62 6.91
CA LEU B 56 -39.52 14.57 7.82
C LEU B 56 -41.00 14.69 8.23
N ASP B 57 -41.53 15.91 8.37
CA ASP B 57 -42.93 16.12 8.77
C ASP B 57 -43.86 16.31 7.55
N ARG B 58 -43.28 16.34 6.33
CA ARG B 58 -44.07 16.47 5.12
C ARG B 58 -44.70 15.11 4.73
N GLU B 59 -45.91 15.13 4.14
CA GLU B 59 -46.66 13.95 3.71
C GLU B 59 -46.28 13.56 2.28
N PHE B 60 -45.97 12.28 2.05
CA PHE B 60 -45.57 11.77 0.73
C PHE B 60 -46.50 10.65 0.24
N LYS B 61 -46.48 10.40 -1.09
CA LYS B 61 -47.30 9.39 -1.76
C LYS B 61 -46.72 8.00 -1.55
N VAL B 62 -47.52 7.09 -0.98
CA VAL B 62 -47.12 5.71 -0.69
C VAL B 62 -48.22 4.74 -1.21
N GLY B 67 -55.40 0.89 -0.45
CA GLY B 67 -54.50 1.08 -1.59
C GLY B 67 -53.48 2.17 -1.36
N VAL B 68 -53.59 3.26 -2.13
CA VAL B 68 -52.69 4.43 -2.06
C VAL B 68 -53.05 5.30 -0.87
N GLN B 69 -52.05 5.61 -0.03
CA GLN B 69 -52.21 6.44 1.17
C GLN B 69 -51.08 7.49 1.27
N ARG B 70 -51.36 8.58 2.00
CA ARG B 70 -50.41 9.67 2.24
C ARG B 70 -49.81 9.53 3.64
N LYS B 71 -48.49 9.32 3.72
CA LYS B 71 -47.78 9.15 4.99
C LYS B 71 -46.62 10.15 5.15
N LYS B 72 -46.39 10.63 6.39
CA LYS B 72 -45.32 11.55 6.76
C LYS B 72 -43.95 10.85 6.59
N LEU B 73 -42.89 11.61 6.19
CA LEU B 73 -41.55 11.02 5.96
C LEU B 73 -40.96 10.38 7.23
N ARG B 74 -41.18 11.01 8.41
CA ARG B 74 -40.70 10.51 9.70
C ARG B 74 -41.23 9.06 9.95
N ASP B 75 -42.52 8.80 9.61
CA ASP B 75 -43.23 7.52 9.78
C ASP B 75 -42.78 6.49 8.76
N ILE B 76 -42.49 6.92 7.52
CA ILE B 76 -42.02 6.06 6.44
C ILE B 76 -40.67 5.45 6.86
N LEU B 77 -39.74 6.32 7.30
CA LEU B 77 -38.40 5.97 7.74
C LEU B 77 -38.41 5.13 9.01
N SER B 78 -39.28 5.45 9.99
CA SER B 78 -39.39 4.71 11.27
C SER B 78 -39.68 3.25 11.02
N VAL B 79 -40.67 2.98 10.16
CA VAL B 79 -41.16 1.66 9.72
C VAL B 79 -40.06 0.96 8.90
N LEU B 80 -39.25 1.73 8.12
CA LEU B 80 -38.14 1.16 7.36
C LEU B 80 -36.99 0.76 8.29
N ARG B 81 -36.63 1.61 9.27
CA ARG B 81 -35.55 1.30 10.22
C ARG B 81 -35.90 0.11 11.14
N ASP B 82 -37.18 0.01 11.58
CA ASP B 82 -37.66 -1.05 12.45
C ASP B 82 -37.67 -2.41 11.75
N ALA B 83 -38.10 -2.42 10.49
CA ALA B 83 -38.25 -3.63 9.69
C ALA B 83 -36.93 -4.13 9.09
N TYR B 84 -36.00 -3.23 8.73
CA TYR B 84 -34.79 -3.59 7.99
C TYR B 84 -33.45 -3.23 8.63
N CYS B 85 -33.41 -2.38 9.61
CA CYS B 85 -32.12 -1.92 10.15
C CYS B 85 -32.03 -2.06 11.68
N ARG B 86 -32.81 -2.98 12.28
CA ARG B 86 -32.75 -3.18 13.73
C ARG B 86 -32.04 -4.50 13.98
N HIS B 87 -32.71 -5.53 14.51
CA HIS B 87 -32.03 -6.80 14.78
C HIS B 87 -32.34 -7.86 13.72
N VAL B 88 -33.11 -7.49 12.66
CA VAL B 88 -33.48 -8.41 11.58
C VAL B 88 -33.09 -7.80 10.21
N GLY B 89 -32.21 -8.51 9.50
CA GLY B 89 -31.76 -8.20 8.14
C GLY B 89 -32.61 -9.04 7.21
N VAL B 90 -33.41 -8.38 6.36
CA VAL B 90 -34.35 -9.06 5.47
C VAL B 90 -33.87 -8.97 4.01
N GLU B 91 -33.66 -10.13 3.38
CA GLU B 91 -33.30 -10.22 1.96
C GLU B 91 -34.46 -10.88 1.24
N TYR B 92 -35.15 -10.13 0.40
CA TYR B 92 -36.31 -10.66 -0.31
C TYR B 92 -36.51 -10.04 -1.71
N THR B 93 -35.85 -8.91 -2.03
CA THR B 93 -36.05 -8.26 -3.34
C THR B 93 -35.48 -9.07 -4.51
N HIS B 94 -34.73 -10.16 -4.24
CA HIS B 94 -34.21 -11.09 -5.27
C HIS B 94 -35.32 -12.05 -5.70
N ILE B 95 -36.42 -12.13 -4.93
CA ILE B 95 -37.56 -13.00 -5.23
C ILE B 95 -38.27 -12.45 -6.49
N LEU B 96 -38.45 -13.34 -7.47
CA LEU B 96 -39.03 -13.01 -8.77
C LEU B 96 -40.54 -12.94 -8.74
N GLU B 97 -41.21 -13.61 -7.80
CA GLU B 97 -42.68 -13.57 -7.68
C GLU B 97 -43.07 -12.28 -6.95
N PRO B 98 -43.74 -11.30 -7.61
CA PRO B 98 -44.09 -10.03 -6.90
C PRO B 98 -45.03 -10.22 -5.71
N GLU B 99 -45.90 -11.25 -5.76
CA GLU B 99 -46.87 -11.54 -4.70
C GLU B 99 -46.17 -12.00 -3.40
N GLN B 100 -44.93 -12.52 -3.51
CA GLN B 100 -44.10 -12.97 -2.40
C GLN B 100 -43.35 -11.80 -1.77
N GLN B 101 -42.88 -10.84 -2.60
CA GLN B 101 -42.24 -9.61 -2.14
C GLN B 101 -43.26 -8.76 -1.36
N ARG B 102 -44.48 -8.66 -1.90
CA ARG B 102 -45.60 -7.92 -1.30
C ARG B 102 -46.04 -8.53 0.02
N TRP B 103 -46.08 -9.88 0.11
CA TRP B 103 -46.45 -10.62 1.33
C TRP B 103 -45.50 -10.28 2.49
N ILE B 104 -44.19 -10.27 2.20
CA ILE B 104 -43.11 -9.97 3.14
C ILE B 104 -43.24 -8.51 3.62
N GLN B 105 -43.37 -7.54 2.68
CA GLN B 105 -43.56 -6.11 2.95
C GLN B 105 -44.74 -5.86 3.90
N GLU B 106 -45.91 -6.46 3.62
CA GLU B 106 -47.14 -6.30 4.42
C GLU B 106 -46.98 -6.82 5.87
N ARG B 107 -46.11 -7.83 6.07
CA ARG B 107 -45.91 -8.40 7.41
C ARG B 107 -44.71 -7.82 8.15
N VAL B 108 -43.74 -7.32 7.43
CA VAL B 108 -42.49 -6.77 7.95
C VAL B 108 -42.62 -5.24 8.17
N GLU B 109 -43.29 -4.53 7.25
CA GLU B 109 -43.43 -3.07 7.31
C GLU B 109 -44.71 -2.61 8.07
N THR B 110 -45.02 -3.26 9.19
CA THR B 110 -46.13 -2.87 10.09
C THR B 110 -45.63 -2.90 11.54
N LYS B 111 -46.42 -2.34 12.47
CA LYS B 111 -46.08 -2.36 13.90
C LYS B 111 -46.36 -3.76 14.46
N HIS B 112 -45.33 -4.40 15.01
CA HIS B 112 -45.46 -5.74 15.57
C HIS B 112 -45.94 -5.63 17.02
N ASP B 113 -46.97 -6.42 17.37
CA ASP B 113 -47.55 -6.45 18.72
C ASP B 113 -46.56 -7.11 19.69
N LYS B 114 -46.22 -6.40 20.79
CA LYS B 114 -45.28 -6.86 21.81
C LYS B 114 -45.76 -8.17 22.46
N PRO B 115 -44.88 -9.17 22.72
CA PRO B 115 -45.35 -10.43 23.31
C PRO B 115 -45.88 -10.22 24.73
N THR B 116 -46.83 -11.09 25.17
CA THR B 116 -47.39 -11.02 26.51
C THR B 116 -46.30 -11.43 27.51
N VAL B 117 -46.41 -11.02 28.79
CA VAL B 117 -45.42 -11.40 29.81
C VAL B 117 -45.39 -12.95 29.90
N ALA B 118 -46.55 -13.65 29.80
CA ALA B 118 -46.61 -15.12 29.81
C ALA B 118 -45.74 -15.72 28.70
N GLU B 119 -45.77 -15.12 27.48
CA GLU B 119 -44.97 -15.57 26.32
C GLU B 119 -43.48 -15.29 26.53
N GLN B 120 -43.15 -14.11 27.13
CA GLN B 120 -41.77 -13.69 27.44
C GLN B 120 -41.14 -14.64 28.45
N LYS B 121 -41.91 -14.96 29.51
CA LYS B 121 -41.53 -15.90 30.57
C LYS B 121 -41.24 -17.29 29.97
N TYR B 122 -42.08 -17.72 29.01
CA TYR B 122 -41.94 -19.00 28.32
C TYR B 122 -40.63 -19.02 27.51
N ILE B 123 -40.28 -17.91 26.83
CA ILE B 123 -39.02 -17.79 26.07
C ILE B 123 -37.85 -17.91 27.07
N LEU B 124 -37.95 -17.18 28.20
CA LEU B 124 -36.93 -17.25 29.25
C LEU B 124 -36.74 -18.70 29.74
N SER B 125 -37.83 -19.43 30.00
CA SER B 125 -37.76 -20.85 30.40
C SER B 125 -36.99 -21.66 29.37
N LYS B 126 -37.14 -21.34 28.06
CA LYS B 126 -36.42 -22.03 26.97
C LYS B 126 -34.90 -21.71 27.01
N LEU B 127 -34.52 -20.44 27.27
CA LEU B 127 -33.11 -20.05 27.40
C LEU B 127 -32.50 -20.61 28.70
N ASN B 128 -33.30 -20.77 29.78
CA ASN B 128 -32.87 -21.34 31.06
C ASN B 128 -32.51 -22.81 30.88
N ALA B 129 -33.42 -23.60 30.28
CA ALA B 129 -33.26 -25.02 30.01
C ALA B 129 -32.04 -25.26 29.10
N ALA B 130 -31.87 -24.40 28.07
CA ALA B 130 -30.79 -24.45 27.10
C ALA B 130 -29.41 -24.22 27.74
N GLU B 131 -29.27 -23.16 28.55
CA GLU B 131 -28.00 -22.79 29.16
C GLU B 131 -27.68 -23.66 30.37
N ALA B 132 -28.68 -24.02 31.21
CA ALA B 132 -28.41 -24.85 32.39
C ALA B 132 -28.13 -26.30 32.04
N PHE B 133 -28.58 -26.77 30.87
CA PHE B 133 -28.24 -28.12 30.45
C PHE B 133 -26.76 -28.17 30.04
N GLU B 134 -26.25 -27.10 29.39
CA GLU B 134 -24.83 -27.08 28.97
C GLU B 134 -23.92 -26.88 30.18
N THR B 135 -24.34 -26.06 31.18
CA THR B 135 -23.48 -25.79 32.35
C THR B 135 -23.42 -26.99 33.24
N PHE B 136 -24.51 -27.76 33.31
CA PHE B 136 -24.58 -29.01 34.06
C PHE B 136 -23.63 -30.04 33.49
N LEU B 137 -23.65 -30.22 32.14
CA LEU B 137 -22.81 -31.20 31.47
C LEU B 137 -21.32 -30.83 31.56
N GLN B 138 -21.01 -29.53 31.56
CA GLN B 138 -19.67 -28.99 31.75
C GLN B 138 -19.15 -29.46 33.12
N THR B 139 -19.98 -29.30 34.16
CA THR B 139 -19.67 -29.61 35.56
C THR B 139 -19.48 -31.11 35.77
N LYS B 140 -20.42 -31.95 35.27
CA LYS B 140 -20.40 -33.39 35.51
C LYS B 140 -19.41 -34.15 34.61
N TYR B 141 -19.38 -33.83 33.31
CA TYR B 141 -18.54 -34.53 32.34
C TYR B 141 -17.64 -33.54 31.58
N VAL B 142 -16.74 -32.88 32.33
CA VAL B 142 -15.82 -31.85 31.82
C VAL B 142 -14.89 -32.38 30.68
N GLY B 143 -14.58 -33.68 30.66
CA GLY B 143 -13.71 -34.28 29.64
C GLY B 143 -14.37 -34.96 28.46
N GLN B 144 -15.69 -34.78 28.30
CA GLN B 144 -16.39 -35.40 27.18
C GLN B 144 -16.93 -34.31 26.26
N LYS B 145 -16.78 -34.49 24.94
CA LYS B 145 -17.26 -33.56 23.91
C LYS B 145 -18.80 -33.54 23.92
N ARG B 146 -19.40 -32.38 23.72
CA ARG B 146 -20.86 -32.27 23.71
C ARG B 146 -21.28 -31.21 22.71
N PHE B 147 -20.30 -30.56 22.06
CA PHE B 147 -20.52 -29.51 21.03
C PHE B 147 -21.61 -28.56 21.50
N SER B 148 -21.33 -27.96 22.68
CA SER B 148 -22.18 -27.03 23.40
C SER B 148 -22.74 -25.94 22.48
N LEU B 149 -24.00 -25.59 22.74
CA LEU B 149 -24.81 -24.59 22.07
C LEU B 149 -24.59 -23.18 22.74
N GLU B 150 -23.75 -23.10 23.83
CA GLU B 150 -23.46 -21.86 24.56
C GLU B 150 -23.03 -20.76 23.58
N GLY B 151 -23.72 -19.63 23.65
CA GLY B 151 -23.53 -18.50 22.77
C GLY B 151 -24.56 -18.48 21.66
N ALA B 152 -25.33 -19.57 21.54
CA ALA B 152 -26.36 -19.79 20.52
C ALA B 152 -27.70 -20.29 21.11
N GLU B 153 -27.92 -20.10 22.44
CA GLU B 153 -29.08 -20.60 23.19
C GLU B 153 -30.45 -20.27 22.57
N THR B 154 -30.58 -19.15 21.89
CA THR B 154 -31.78 -18.67 21.21
C THR B 154 -32.28 -19.71 20.19
N VAL B 155 -31.42 -20.67 19.81
CA VAL B 155 -31.76 -21.75 18.88
C VAL B 155 -32.98 -22.52 19.44
N ILE B 156 -32.98 -22.76 20.76
CA ILE B 156 -34.04 -23.48 21.47
C ILE B 156 -35.39 -22.69 21.40
N PRO B 157 -35.54 -21.42 21.87
CA PRO B 157 -36.85 -20.76 21.70
C PRO B 157 -37.27 -20.55 20.22
N MET B 158 -36.27 -20.42 19.30
CA MET B 158 -36.54 -20.26 17.87
C MET B 158 -37.16 -21.52 17.25
N MET B 159 -36.59 -22.71 17.55
CA MET B 159 -37.10 -24.01 17.04
C MET B 159 -38.47 -24.30 17.60
N ASP B 160 -38.66 -23.95 18.90
CA ASP B 160 -39.91 -24.08 19.61
C ASP B 160 -41.00 -23.26 18.89
N ALA B 161 -40.67 -22.01 18.48
CA ALA B 161 -41.56 -21.12 17.77
C ALA B 161 -41.94 -21.71 16.40
N VAL B 162 -40.95 -22.30 15.65
CA VAL B 162 -41.18 -22.97 14.36
C VAL B 162 -42.24 -24.07 14.53
N ILE B 163 -42.00 -24.98 15.49
CA ILE B 163 -42.84 -26.15 15.75
C ILE B 163 -44.22 -25.70 16.24
N ASP B 164 -44.26 -24.69 17.15
CA ASP B 164 -45.52 -24.16 17.68
C ASP B 164 -46.33 -23.53 16.56
N GLN B 165 -45.67 -22.81 15.63
CA GLN B 165 -46.34 -22.20 14.48
C GLN B 165 -46.89 -23.28 13.52
N CYS B 166 -46.19 -24.41 13.36
CA CYS B 166 -46.63 -25.55 12.52
C CYS B 166 -47.89 -26.18 13.13
N ALA B 167 -47.93 -26.31 14.47
CA ALA B 167 -49.09 -26.83 15.23
C ALA B 167 -50.26 -25.86 15.11
N GLU B 168 -49.96 -24.52 15.05
CA GLU B 168 -50.94 -23.45 14.89
C GLU B 168 -51.64 -23.56 13.52
N HIS B 169 -50.89 -24.00 12.48
CA HIS B 169 -51.39 -24.25 11.12
C HIS B 169 -52.08 -25.63 11.03
N GLY B 170 -52.11 -26.37 12.15
CA GLY B 170 -52.73 -27.69 12.26
C GLY B 170 -52.04 -28.79 11.48
N LEU B 171 -50.70 -28.70 11.33
CA LEU B 171 -49.91 -29.67 10.57
C LEU B 171 -49.67 -30.95 11.39
N ASP B 172 -49.25 -32.04 10.72
CA ASP B 172 -49.11 -33.35 11.34
C ASP B 172 -47.76 -33.67 11.96
N GLU B 173 -46.64 -33.23 11.34
CA GLU B 173 -45.33 -33.57 11.86
C GLU B 173 -44.26 -32.58 11.42
N VAL B 174 -43.25 -32.39 12.29
CA VAL B 174 -42.05 -31.60 12.00
C VAL B 174 -40.90 -32.59 12.05
N VAL B 175 -40.17 -32.72 10.92
CA VAL B 175 -39.05 -33.67 10.89
C VAL B 175 -37.73 -32.85 10.87
N ILE B 176 -36.91 -33.06 11.87
CA ILE B 176 -35.64 -32.32 12.00
C ILE B 176 -34.41 -33.13 11.56
N ALA B 177 -33.46 -32.43 10.97
CA ALA B 177 -32.11 -32.88 10.65
C ALA B 177 -31.20 -31.74 11.02
N MET B 178 -30.10 -32.07 11.69
CA MET B 178 -29.18 -31.05 12.18
C MET B 178 -27.79 -31.61 12.38
N PRO B 179 -26.77 -30.72 12.47
CA PRO B 179 -25.41 -31.21 12.76
C PRO B 179 -25.23 -31.31 14.29
N HIS B 180 -23.97 -31.25 14.74
CA HIS B 180 -23.54 -31.43 16.13
C HIS B 180 -23.88 -30.26 17.06
N ARG B 181 -23.90 -28.98 16.55
CA ARG B 181 -24.07 -27.79 17.37
C ARG B 181 -25.42 -27.77 18.08
N GLY B 182 -25.34 -27.96 19.42
CA GLY B 182 -26.51 -28.02 20.29
C GLY B 182 -27.43 -29.21 20.06
N ARG B 183 -26.93 -30.27 19.33
CA ARG B 183 -27.75 -31.47 19.07
C ARG B 183 -28.30 -32.06 20.39
N LEU B 184 -27.42 -32.28 21.37
CA LEU B 184 -27.83 -32.83 22.67
C LEU B 184 -28.93 -31.98 23.31
N ASN B 185 -28.75 -30.62 23.28
CA ASN B 185 -29.71 -29.65 23.82
C ASN B 185 -31.08 -29.76 23.11
N VAL B 186 -31.06 -29.83 21.77
CA VAL B 186 -32.27 -29.96 20.94
C VAL B 186 -33.01 -31.28 21.28
N LEU B 187 -32.26 -32.41 21.36
CA LEU B 187 -32.85 -33.72 21.71
C LEU B 187 -33.57 -33.68 23.04
N ALA B 188 -32.97 -33.03 24.06
CA ALA B 188 -33.51 -32.93 25.42
C ALA B 188 -34.62 -31.87 25.57
N ASN B 189 -34.42 -30.66 24.99
CA ASN B 189 -35.31 -29.51 25.19
C ASN B 189 -36.32 -29.26 24.05
N ILE B 190 -36.13 -29.84 22.86
CA ILE B 190 -37.11 -29.66 21.76
C ILE B 190 -37.86 -30.99 21.47
N VAL B 191 -37.12 -32.07 21.18
CA VAL B 191 -37.71 -33.35 20.75
C VAL B 191 -38.29 -34.11 21.95
N GLY B 192 -37.69 -33.93 23.13
CA GLY B 192 -38.13 -34.55 24.37
C GLY B 192 -37.46 -35.87 24.72
N LYS B 193 -36.24 -36.11 24.18
CA LYS B 193 -35.45 -37.29 24.52
C LYS B 193 -35.17 -37.23 26.04
N PRO B 194 -35.47 -38.31 26.81
CA PRO B 194 -35.25 -38.27 28.25
C PRO B 194 -33.83 -37.89 28.62
N TYR B 195 -33.70 -37.03 29.62
CA TYR B 195 -32.43 -36.60 30.19
C TYR B 195 -31.67 -37.81 30.67
N SER B 196 -32.39 -38.80 31.26
CA SER B 196 -31.81 -40.04 31.77
C SER B 196 -31.06 -40.79 30.68
N GLN B 197 -31.58 -40.75 29.43
CA GLN B 197 -30.97 -41.40 28.28
C GLN B 197 -29.66 -40.69 27.89
N ILE B 198 -29.66 -39.33 27.82
CA ILE B 198 -28.47 -38.53 27.50
C ILE B 198 -27.42 -38.73 28.62
N PHE B 199 -27.86 -38.72 29.90
CA PHE B 199 -26.99 -38.93 31.06
C PHE B 199 -26.37 -40.35 31.05
N SER B 200 -27.14 -41.39 30.68
CA SER B 200 -26.59 -42.75 30.62
C SER B 200 -25.54 -42.86 29.50
N GLU B 201 -25.71 -42.11 28.41
CA GLU B 201 -24.75 -42.07 27.30
C GLU B 201 -23.41 -41.49 27.75
N PHE B 202 -23.43 -40.45 28.60
CA PHE B 202 -22.22 -39.84 29.11
C PHE B 202 -21.53 -40.77 30.12
N GLU B 203 -22.34 -41.48 30.93
CA GLU B 203 -21.86 -42.48 31.91
C GLU B 203 -21.18 -43.64 31.20
N GLY B 204 -21.60 -43.90 29.96
CA GLY B 204 -21.09 -44.99 29.13
C GLY B 204 -21.60 -46.33 29.61
N ASN B 205 -22.87 -46.34 30.08
CA ASN B 205 -23.57 -47.51 30.60
C ASN B 205 -24.87 -47.71 29.84
N LEU B 206 -24.80 -48.48 28.74
CA LEU B 206 -25.92 -48.76 27.86
C LEU B 206 -26.49 -50.17 28.09
N ASN B 207 -27.84 -50.27 28.12
CA ASN B 207 -28.57 -51.52 28.36
C ASN B 207 -28.61 -52.37 27.09
N HIS B 212 -26.77 -52.35 21.00
CA HIS B 212 -27.09 -53.16 19.82
C HIS B 212 -26.42 -52.59 18.55
N GLY B 213 -25.88 -53.47 17.71
CA GLY B 213 -25.13 -53.09 16.52
C GLY B 213 -23.76 -52.56 16.89
N SER B 214 -23.14 -51.76 16.00
CA SER B 214 -21.82 -51.17 16.29
C SER B 214 -22.00 -49.77 16.89
N GLY B 215 -23.14 -49.16 16.63
CA GLY B 215 -23.50 -47.88 17.21
C GLY B 215 -22.83 -46.67 16.62
N ASP B 216 -23.06 -45.53 17.28
CA ASP B 216 -22.52 -44.24 16.87
C ASP B 216 -22.55 -43.30 18.05
N VAL B 217 -21.87 -42.16 17.91
CA VAL B 217 -21.71 -41.13 18.94
C VAL B 217 -23.07 -40.48 19.27
N LYS B 218 -23.20 -39.97 20.52
CA LYS B 218 -24.41 -39.40 21.14
C LYS B 218 -25.04 -38.23 20.38
N TYR B 219 -24.22 -37.40 19.71
CA TYR B 219 -24.75 -36.25 18.94
C TYR B 219 -25.03 -36.63 17.45
N HIS B 220 -25.27 -37.93 17.15
CA HIS B 220 -25.64 -38.42 15.81
C HIS B 220 -26.99 -39.09 15.85
N LEU B 221 -27.49 -39.34 17.05
CA LEU B 221 -28.72 -40.06 17.30
C LEU B 221 -29.94 -39.16 17.15
N GLY B 222 -31.07 -39.79 16.85
CA GLY B 222 -32.37 -39.15 16.71
C GLY B 222 -33.33 -39.53 17.81
N ALA B 223 -34.55 -39.00 17.74
CA ALA B 223 -35.64 -39.28 18.69
C ALA B 223 -36.96 -38.82 18.08
N THR B 224 -38.06 -39.24 18.69
CA THR B 224 -39.40 -38.91 18.24
C THR B 224 -40.24 -38.50 19.42
N GLY B 225 -41.25 -37.69 19.16
CA GLY B 225 -42.12 -37.19 20.23
C GLY B 225 -43.31 -36.36 19.79
N THR B 226 -44.11 -35.94 20.77
CA THR B 226 -45.30 -35.14 20.60
C THR B 226 -45.11 -33.80 21.29
N TYR B 227 -45.19 -32.73 20.50
CA TYR B 227 -45.13 -31.36 21.00
C TYR B 227 -46.54 -30.92 21.31
N ILE B 228 -46.75 -30.36 22.51
CA ILE B 228 -48.07 -29.86 22.90
C ILE B 228 -47.94 -28.33 23.04
N GLN B 229 -48.81 -27.58 22.33
CA GLN B 229 -48.80 -26.11 22.37
C GLN B 229 -49.02 -25.58 23.80
N MET B 230 -48.20 -24.59 24.19
CA MET B 230 -48.23 -23.92 25.48
C MET B 230 -49.46 -23.01 25.59
N PHE B 231 -49.76 -22.21 24.54
CA PHE B 231 -50.87 -21.25 24.55
C PHE B 231 -52.04 -21.63 23.62
N GLY B 232 -51.89 -22.74 22.91
CA GLY B 232 -52.91 -23.27 21.99
C GLY B 232 -53.47 -24.60 22.45
N ASP B 233 -54.28 -25.24 21.60
CA ASP B 233 -54.94 -26.50 21.90
C ASP B 233 -54.54 -27.63 20.93
N ASN B 234 -53.51 -27.40 20.11
CA ASN B 234 -53.06 -28.39 19.14
C ASN B 234 -51.78 -29.08 19.55
N ASP B 235 -51.57 -30.29 19.01
CA ASP B 235 -50.35 -31.06 19.18
C ASP B 235 -49.78 -31.40 17.77
N ILE B 236 -48.48 -31.70 17.72
CA ILE B 236 -47.79 -32.04 16.49
C ILE B 236 -46.66 -33.01 16.82
N GLU B 237 -46.38 -33.96 15.91
CA GLU B 237 -45.30 -34.92 16.07
C GLU B 237 -43.97 -34.24 15.75
N VAL B 238 -42.95 -34.48 16.56
CA VAL B 238 -41.62 -33.90 16.35
C VAL B 238 -40.61 -35.05 16.22
N SER B 239 -39.92 -35.11 15.08
CA SER B 239 -38.93 -36.16 14.83
C SER B 239 -37.59 -35.55 14.53
N LEU B 240 -36.54 -36.25 14.93
CA LEU B 240 -35.17 -35.86 14.64
C LEU B 240 -34.48 -37.07 14.06
N THR B 241 -33.95 -36.94 12.82
CA THR B 241 -33.33 -38.08 12.14
C THR B 241 -31.81 -38.20 12.43
N ALA B 242 -31.32 -39.42 12.41
CA ALA B 242 -29.90 -39.73 12.60
C ALA B 242 -29.02 -39.20 11.43
N ASN B 243 -27.69 -39.11 11.65
CA ASN B 243 -26.76 -38.67 10.61
C ASN B 243 -25.32 -39.02 10.94
N PRO B 244 -24.38 -38.96 9.97
CA PRO B 244 -22.98 -39.12 10.29
C PRO B 244 -22.34 -37.73 10.60
N SER B 245 -20.99 -37.74 10.82
CA SER B 245 -20.19 -36.56 11.09
C SER B 245 -20.18 -35.67 9.88
N HIS B 246 -20.25 -36.31 8.68
CA HIS B 246 -20.30 -35.68 7.35
C HIS B 246 -21.45 -34.69 7.35
N LEU B 247 -21.06 -33.45 7.56
CA LEU B 247 -21.90 -32.27 7.64
C LEU B 247 -22.63 -32.05 6.35
N GLU B 248 -23.96 -31.79 6.45
CA GLU B 248 -24.85 -31.51 5.34
C GLU B 248 -25.25 -32.77 4.53
N ALA B 249 -24.64 -33.93 4.76
CA ALA B 249 -24.96 -35.14 4.00
C ALA B 249 -26.41 -35.64 4.23
N VAL B 250 -26.97 -35.38 5.43
CA VAL B 250 -28.34 -35.74 5.83
C VAL B 250 -29.41 -34.84 5.15
N ASP B 251 -29.03 -33.62 4.65
CA ASP B 251 -29.97 -32.70 4.01
C ASP B 251 -30.90 -33.40 2.97
N PRO B 252 -30.42 -34.12 1.93
CA PRO B 252 -31.36 -34.76 0.99
C PRO B 252 -32.12 -35.93 1.60
N VAL B 253 -31.51 -36.63 2.58
CA VAL B 253 -32.08 -37.76 3.33
C VAL B 253 -33.35 -37.26 4.06
N LEU B 254 -33.26 -36.06 4.71
CA LEU B 254 -34.38 -35.44 5.42
C LEU B 254 -35.55 -35.18 4.45
N GLU B 255 -35.26 -34.57 3.30
CA GLU B 255 -36.22 -34.28 2.22
C GLU B 255 -36.93 -35.56 1.73
N GLY B 256 -36.16 -36.62 1.51
CA GLY B 256 -36.71 -37.91 1.08
C GLY B 256 -37.69 -38.50 2.08
N LEU B 257 -37.30 -38.43 3.38
CA LEU B 257 -38.02 -38.91 4.55
C LEU B 257 -39.37 -38.19 4.68
N VAL B 258 -39.35 -36.87 4.54
CA VAL B 258 -40.51 -35.99 4.59
C VAL B 258 -41.44 -36.28 3.39
N ARG B 259 -40.90 -36.33 2.15
CA ARG B 259 -41.68 -36.65 0.94
C ARG B 259 -42.37 -38.04 1.06
N ALA B 260 -41.67 -39.04 1.63
CA ALA B 260 -42.28 -40.38 1.86
C ALA B 260 -43.44 -40.30 2.86
N LYS B 261 -43.30 -39.46 3.92
CA LYS B 261 -44.32 -39.25 4.94
C LYS B 261 -45.52 -38.49 4.35
N GLN B 262 -45.24 -37.44 3.56
CA GLN B 262 -46.24 -36.64 2.86
C GLN B 262 -47.08 -37.52 1.89
N ASP B 263 -46.42 -38.37 1.11
CA ASP B 263 -47.11 -39.30 0.20
C ASP B 263 -48.04 -40.27 0.98
N LEU B 264 -47.61 -40.72 2.19
CA LEU B 264 -48.42 -41.61 3.02
C LEU B 264 -49.66 -40.92 3.62
N LEU B 265 -49.55 -39.64 3.98
CA LEU B 265 -50.64 -38.89 4.61
C LEU B 265 -51.59 -38.24 3.57
N ASP B 266 -51.39 -38.48 2.26
CA ASP B 266 -52.22 -37.92 1.18
C ASP B 266 -52.13 -36.38 1.20
N THR B 267 -50.91 -35.89 1.44
CA THR B 267 -50.61 -34.46 1.50
C THR B 267 -49.44 -34.19 0.53
N GLY B 268 -49.39 -32.98 0.02
CA GLY B 268 -48.32 -32.60 -0.88
C GLY B 268 -48.55 -32.88 -2.34
N GLU B 269 -47.44 -33.07 -3.09
CA GLU B 269 -47.41 -33.29 -4.54
C GLU B 269 -48.24 -34.50 -4.97
N GLU B 270 -48.12 -35.65 -4.29
CA GLU B 270 -48.90 -36.84 -4.66
C GLU B 270 -50.10 -37.09 -3.70
N GLY B 271 -50.56 -36.02 -3.04
CA GLY B 271 -51.68 -36.09 -2.12
C GLY B 271 -52.86 -35.26 -2.56
N SER B 272 -54.06 -35.62 -2.06
CA SER B 272 -55.36 -34.98 -2.31
C SER B 272 -55.33 -33.49 -1.92
N ASP B 273 -54.73 -33.17 -0.77
CA ASP B 273 -54.60 -31.79 -0.28
C ASP B 273 -53.24 -31.15 -0.67
N ASN B 274 -53.15 -29.83 -0.52
CA ASN B 274 -51.97 -29.01 -0.81
C ASN B 274 -51.35 -28.52 0.52
N ARG B 275 -51.64 -29.20 1.65
CA ARG B 275 -51.16 -28.79 2.95
C ARG B 275 -49.66 -29.07 3.20
N PHE B 276 -49.04 -30.11 2.54
CA PHE B 276 -47.63 -30.52 2.76
C PHE B 276 -47.36 -30.60 4.29
N SER B 277 -48.36 -31.16 5.00
CA SER B 277 -48.50 -31.24 6.45
C SER B 277 -47.31 -31.89 7.21
N VAL B 278 -46.20 -32.23 6.51
CA VAL B 278 -44.97 -32.74 7.15
C VAL B 278 -43.89 -31.73 6.81
N VAL B 279 -43.36 -31.07 7.83
CA VAL B 279 -42.43 -29.97 7.68
C VAL B 279 -40.97 -30.34 7.95
N PRO B 280 -40.09 -30.15 6.95
CA PRO B 280 -38.67 -30.34 7.20
C PRO B 280 -38.10 -29.08 7.86
N LEU B 281 -37.46 -29.25 9.01
CA LEU B 281 -36.77 -28.21 9.74
C LEU B 281 -35.30 -28.63 9.69
N MET B 282 -34.51 -27.92 8.88
CA MET B 282 -33.12 -28.26 8.61
C MET B 282 -32.17 -27.27 9.26
N LEU B 283 -31.35 -27.74 10.20
CA LEU B 283 -30.39 -26.88 10.90
C LEU B 283 -29.01 -27.04 10.26
N HIS B 284 -28.18 -25.98 10.33
CA HIS B 284 -26.89 -25.95 9.67
C HIS B 284 -25.89 -25.15 10.44
N GLY B 285 -24.60 -25.36 10.17
CA GLY B 285 -23.51 -24.55 10.70
C GLY B 285 -23.12 -23.64 9.55
N ASP B 286 -22.62 -22.44 9.88
CA ASP B 286 -22.24 -21.41 8.89
C ASP B 286 -21.08 -21.83 7.94
N ALA B 287 -20.06 -22.53 8.42
CA ALA B 287 -19.00 -22.91 7.50
C ALA B 287 -19.44 -24.06 6.53
N ALA B 288 -20.20 -25.05 7.06
CA ALA B 288 -20.68 -26.19 6.26
C ALA B 288 -21.79 -25.79 5.31
N PHE B 289 -22.60 -24.75 5.65
CA PHE B 289 -23.68 -24.32 4.74
C PHE B 289 -23.12 -23.69 3.46
N ALA B 290 -22.01 -22.99 3.56
CA ALA B 290 -21.42 -22.35 2.38
C ALA B 290 -20.44 -23.28 1.63
N GLY B 291 -19.74 -24.16 2.33
CA GLY B 291 -18.75 -25.05 1.75
C GLY B 291 -19.21 -26.36 1.12
N GLN B 292 -20.29 -26.96 1.62
CA GLN B 292 -20.73 -28.26 1.08
C GLN B 292 -21.71 -28.14 -0.11
N GLY B 293 -21.31 -28.72 -1.25
CA GLY B 293 -22.07 -28.75 -2.48
C GLY B 293 -23.46 -29.38 -2.39
N VAL B 294 -23.64 -30.36 -1.49
CA VAL B 294 -24.92 -31.05 -1.33
C VAL B 294 -26.04 -30.09 -0.89
N VAL B 295 -25.67 -28.90 -0.33
CA VAL B 295 -26.61 -27.88 0.09
C VAL B 295 -27.33 -27.38 -1.15
N ALA B 296 -26.56 -26.96 -2.20
CA ALA B 296 -27.09 -26.46 -3.48
C ALA B 296 -27.88 -27.55 -4.19
N GLU B 297 -27.41 -28.80 -4.12
CA GLU B 297 -28.08 -29.95 -4.73
C GLU B 297 -29.48 -30.20 -4.12
N THR B 298 -29.61 -30.01 -2.79
CA THR B 298 -30.84 -30.26 -2.03
C THR B 298 -31.83 -29.10 -2.25
N LEU B 299 -31.32 -27.84 -2.28
CA LEU B 299 -32.11 -26.63 -2.57
C LEU B 299 -32.71 -26.73 -3.97
N ASN B 300 -31.90 -27.22 -4.92
CA ASN B 300 -32.27 -27.41 -6.31
C ASN B 300 -33.46 -28.38 -6.47
N LEU B 301 -33.73 -29.26 -5.47
CA LEU B 301 -34.88 -30.20 -5.44
C LEU B 301 -36.18 -29.57 -4.90
N ALA B 302 -36.07 -28.41 -4.18
CA ALA B 302 -37.16 -27.75 -3.43
C ALA B 302 -38.48 -27.57 -4.20
N LEU B 303 -38.44 -27.28 -5.52
CA LEU B 303 -39.68 -27.05 -6.29
C LEU B 303 -39.90 -28.11 -7.37
N LEU B 304 -39.03 -29.12 -7.46
CA LEU B 304 -39.21 -30.21 -8.42
C LEU B 304 -40.39 -31.12 -8.03
N ARG B 305 -41.19 -31.55 -9.00
CA ARG B 305 -42.36 -32.43 -8.82
C ARG B 305 -42.03 -33.73 -8.10
N GLY B 306 -40.94 -34.37 -8.48
CA GLY B 306 -40.53 -35.63 -7.86
C GLY B 306 -39.87 -35.54 -6.52
N TYR B 307 -39.54 -34.32 -6.06
CA TYR B 307 -38.78 -34.10 -4.83
C TYR B 307 -39.34 -33.06 -3.86
N ARG B 308 -40.21 -32.17 -4.31
CA ARG B 308 -40.73 -31.07 -3.47
C ARG B 308 -41.42 -31.58 -2.18
N THR B 309 -41.17 -30.86 -1.08
CA THR B 309 -41.73 -31.19 0.23
C THR B 309 -42.58 -30.02 0.73
N GLY B 310 -42.82 -29.05 -0.14
CA GLY B 310 -43.63 -27.87 0.12
C GLY B 310 -42.91 -26.81 0.92
N GLY B 311 -41.58 -26.79 0.80
CA GLY B 311 -40.76 -25.81 1.50
C GLY B 311 -40.15 -26.30 2.80
N THR B 312 -38.85 -26.08 2.93
CA THR B 312 -38.06 -26.43 4.09
C THR B 312 -37.79 -25.17 4.91
N ILE B 313 -37.82 -25.29 6.25
CA ILE B 313 -37.48 -24.18 7.13
C ILE B 313 -36.02 -24.41 7.47
N HIS B 314 -35.14 -23.51 7.03
CA HIS B 314 -33.71 -23.62 7.30
C HIS B 314 -33.31 -22.68 8.41
N ILE B 315 -32.53 -23.19 9.38
CA ILE B 315 -31.95 -22.42 10.47
C ILE B 315 -30.42 -22.62 10.41
N VAL B 316 -29.64 -21.54 10.15
CA VAL B 316 -28.18 -21.60 10.20
C VAL B 316 -27.70 -21.08 11.58
N VAL B 317 -26.99 -21.94 12.33
CA VAL B 317 -26.41 -21.59 13.62
C VAL B 317 -25.03 -21.01 13.30
N ASN B 318 -25.06 -19.74 12.87
CA ASN B 318 -23.97 -18.89 12.42
C ASN B 318 -23.20 -18.27 13.58
N ASN B 319 -22.31 -19.04 14.20
CA ASN B 319 -21.43 -18.63 15.28
C ASN B 319 -20.19 -17.98 14.70
N GLN B 320 -20.26 -17.57 13.45
CA GLN B 320 -19.21 -16.81 12.74
C GLN B 320 -17.79 -17.46 12.87
N ILE B 321 -17.73 -18.81 12.84
CA ILE B 321 -16.52 -19.63 12.97
C ILE B 321 -16.79 -21.10 12.52
N GLY B 322 -15.78 -21.70 11.91
CA GLY B 322 -15.77 -23.10 11.47
C GLY B 322 -14.52 -23.70 12.08
N PHE B 323 -14.64 -24.19 13.35
CA PHE B 323 -13.54 -24.73 14.17
C PHE B 323 -12.43 -23.61 14.38
N THR B 324 -11.34 -23.58 13.60
CA THR B 324 -10.34 -22.49 13.76
C THR B 324 -10.41 -21.54 12.57
N THR B 325 -11.33 -21.80 11.62
CA THR B 325 -11.42 -21.08 10.36
C THR B 325 -12.36 -19.89 10.42
N ALA B 326 -11.81 -18.69 10.09
CA ALA B 326 -12.60 -17.45 10.03
C ALA B 326 -13.54 -17.48 8.79
N PRO B 327 -14.76 -16.89 8.87
CA PRO B 327 -15.66 -16.85 7.70
C PRO B 327 -15.01 -16.32 6.41
N THR B 328 -13.98 -15.45 6.50
CA THR B 328 -13.23 -14.91 5.35
C THR B 328 -12.53 -16.04 4.55
N ASP B 329 -12.24 -17.17 5.21
CA ASP B 329 -11.61 -18.31 4.56
C ASP B 329 -12.62 -19.43 4.26
N SER B 330 -13.88 -19.23 4.67
CA SER B 330 -14.95 -20.19 4.51
C SER B 330 -15.86 -19.94 3.32
N ARG B 331 -16.02 -18.65 2.89
CA ARG B 331 -16.91 -18.29 1.79
C ARG B 331 -16.44 -17.05 1.05
N SER B 332 -16.87 -16.92 -0.21
CA SER B 332 -16.57 -15.81 -1.10
C SER B 332 -17.77 -14.84 -1.22
N SER B 333 -18.68 -14.90 -0.26
CA SER B 333 -19.89 -14.08 -0.24
C SER B 333 -20.11 -13.45 1.13
N GLU B 334 -20.97 -12.40 1.17
CA GLU B 334 -21.32 -11.65 2.37
C GLU B 334 -21.92 -12.55 3.45
N TYR B 335 -22.91 -13.38 3.07
CA TYR B 335 -23.60 -14.25 4.00
C TYR B 335 -23.43 -15.69 3.66
N CYS B 336 -23.39 -16.53 4.71
CA CYS B 336 -23.26 -17.99 4.63
C CYS B 336 -24.49 -18.59 3.95
N THR B 337 -25.59 -17.84 3.90
CA THR B 337 -26.88 -18.26 3.35
C THR B 337 -27.11 -17.87 1.88
N ASP B 338 -26.14 -17.21 1.20
CA ASP B 338 -26.30 -16.68 -0.16
C ASP B 338 -26.60 -17.73 -1.22
N VAL B 339 -26.25 -18.99 -0.96
CA VAL B 339 -26.55 -20.10 -1.85
C VAL B 339 -28.08 -20.30 -1.96
N ALA B 340 -28.87 -19.97 -0.91
CA ALA B 340 -30.33 -20.12 -0.91
C ALA B 340 -31.05 -19.14 -1.86
N LYS B 341 -30.33 -18.13 -2.34
CA LYS B 341 -30.88 -17.16 -3.30
C LYS B 341 -31.12 -17.82 -4.68
N MET B 342 -30.38 -18.91 -4.99
CA MET B 342 -30.52 -19.69 -6.23
C MET B 342 -31.96 -20.20 -6.46
N ILE B 343 -32.80 -20.33 -5.41
CA ILE B 343 -34.17 -20.82 -5.53
C ILE B 343 -35.16 -19.73 -5.13
N GLY B 344 -34.66 -18.51 -4.96
CA GLY B 344 -35.46 -17.35 -4.59
C GLY B 344 -36.08 -17.47 -3.23
N ALA B 345 -35.33 -18.03 -2.29
CA ALA B 345 -35.82 -18.16 -0.93
C ALA B 345 -35.59 -16.86 -0.17
N PRO B 346 -36.59 -16.37 0.61
CA PRO B 346 -36.33 -15.19 1.44
C PRO B 346 -35.34 -15.57 2.54
N ILE B 347 -34.44 -14.65 2.91
CA ILE B 347 -33.45 -14.88 3.95
C ILE B 347 -33.61 -13.83 5.04
N PHE B 348 -33.69 -14.31 6.29
CA PHE B 348 -33.80 -13.48 7.47
C PHE B 348 -32.53 -13.66 8.30
N HIS B 349 -31.72 -12.61 8.40
CA HIS B 349 -30.52 -12.58 9.23
C HIS B 349 -30.99 -11.98 10.54
N VAL B 350 -30.87 -12.74 11.64
CA VAL B 350 -31.43 -12.26 12.90
C VAL B 350 -30.37 -12.32 14.01
N ASN B 351 -30.39 -11.29 14.88
CA ASN B 351 -29.49 -11.17 16.05
C ASN B 351 -29.88 -12.22 17.10
N GLY B 352 -28.95 -13.11 17.38
CA GLY B 352 -29.12 -14.19 18.35
C GLY B 352 -29.30 -13.69 19.77
N ASP B 353 -28.92 -12.43 20.08
CA ASP B 353 -29.11 -11.87 21.42
C ASP B 353 -30.51 -11.29 21.60
N ASP B 354 -31.36 -11.34 20.55
CA ASP B 354 -32.74 -10.87 20.61
C ASP B 354 -33.64 -12.10 20.44
N PRO B 355 -33.93 -12.84 21.53
CA PRO B 355 -34.74 -14.06 21.38
C PRO B 355 -36.17 -13.79 20.89
N GLU B 356 -36.73 -12.60 21.18
CA GLU B 356 -38.06 -12.22 20.70
C GLU B 356 -38.07 -12.05 19.19
N ALA B 357 -37.03 -11.39 18.62
CA ALA B 357 -36.91 -11.19 17.16
C ALA B 357 -36.73 -12.56 16.48
N CYS B 358 -35.99 -13.47 17.12
CA CYS B 358 -35.73 -14.83 16.64
C CYS B 358 -37.01 -15.67 16.61
N ALA B 359 -37.84 -15.60 17.68
CA ALA B 359 -39.12 -16.33 17.74
C ALA B 359 -40.12 -15.78 16.71
N TRP B 360 -40.13 -14.44 16.51
CA TRP B 360 -41.04 -13.77 15.57
C TRP B 360 -40.71 -14.14 14.11
N VAL B 361 -39.40 -14.16 13.74
CA VAL B 361 -38.88 -14.50 12.42
C VAL B 361 -39.19 -15.98 12.13
N ALA B 362 -39.07 -16.86 13.14
CA ALA B 362 -39.37 -18.27 13.02
C ALA B 362 -40.84 -18.49 12.66
N ARG B 363 -41.75 -17.71 13.28
CA ARG B 363 -43.20 -17.81 12.99
C ARG B 363 -43.52 -17.24 11.60
N LEU B 364 -42.83 -16.15 11.20
CA LEU B 364 -42.98 -15.54 9.89
C LEU B 364 -42.53 -16.55 8.81
N ALA B 365 -41.40 -17.24 9.08
CA ALA B 365 -40.82 -18.26 8.19
C ALA B 365 -41.83 -19.36 7.90
N VAL B 366 -42.51 -19.88 8.94
CA VAL B 366 -43.52 -20.95 8.85
C VAL B 366 -44.71 -20.43 8.04
N ASP B 367 -45.13 -19.17 8.28
CA ASP B 367 -46.24 -18.54 7.56
C ASP B 367 -45.94 -18.39 6.08
N PHE B 368 -44.66 -18.11 5.72
CA PHE B 368 -44.26 -17.95 4.32
C PHE B 368 -44.27 -19.31 3.62
N ARG B 369 -43.78 -20.35 4.31
CA ARG B 369 -43.74 -21.73 3.82
C ARG B 369 -45.16 -22.20 3.56
N GLN B 370 -46.09 -21.94 4.49
CA GLN B 370 -47.49 -22.34 4.32
C GLN B 370 -48.20 -21.60 3.20
N ALA B 371 -47.83 -20.34 2.94
CA ALA B 371 -48.45 -19.54 1.90
C ALA B 371 -47.92 -19.86 0.50
N PHE B 372 -46.61 -20.10 0.35
CA PHE B 372 -46.03 -20.26 -0.98
C PHE B 372 -45.39 -21.63 -1.28
N LYS B 373 -45.38 -22.55 -0.29
CA LYS B 373 -44.83 -23.93 -0.42
C LYS B 373 -43.37 -23.87 -0.91
N LYS B 374 -42.62 -22.94 -0.32
CA LYS B 374 -41.26 -22.64 -0.69
C LYS B 374 -40.36 -22.53 0.55
N ASP B 375 -39.05 -22.86 0.38
CA ASP B 375 -38.03 -22.78 1.40
C ASP B 375 -37.84 -21.37 1.94
N VAL B 376 -37.49 -21.29 3.23
CA VAL B 376 -37.21 -20.07 4.00
C VAL B 376 -35.92 -20.30 4.76
N VAL B 377 -35.05 -19.29 4.82
CA VAL B 377 -33.77 -19.43 5.48
C VAL B 377 -33.65 -18.39 6.58
N ILE B 378 -33.30 -18.87 7.78
CA ILE B 378 -33.06 -18.03 8.95
C ILE B 378 -31.56 -18.16 9.30
N ASP B 379 -30.85 -17.02 9.28
CA ASP B 379 -29.42 -16.88 9.57
C ASP B 379 -29.26 -16.32 10.97
N MET B 380 -29.11 -17.20 11.98
CA MET B 380 -29.01 -16.74 13.35
C MET B 380 -27.57 -16.47 13.74
N LEU B 381 -27.25 -15.19 13.71
CA LEU B 381 -25.95 -14.68 14.08
C LEU B 381 -25.83 -14.77 15.56
N CYS B 382 -24.81 -15.49 16.00
CA CYS B 382 -24.51 -15.79 17.39
C CYS B 382 -23.01 -15.98 17.54
N TYR B 383 -22.59 -16.74 18.53
CA TYR B 383 -21.18 -17.02 18.76
C TYR B 383 -21.07 -18.32 19.49
N ARG B 384 -19.87 -18.85 19.54
CA ARG B 384 -19.57 -20.13 20.16
C ARG B 384 -18.76 -19.75 21.38
N ARG B 385 -19.39 -19.89 22.57
CA ARG B 385 -18.82 -19.47 23.88
C ARG B 385 -17.52 -20.20 24.19
N ARG B 386 -17.48 -21.53 23.95
CA ARG B 386 -16.26 -22.32 24.21
C ARG B 386 -15.54 -22.58 22.90
N GLY B 387 -14.56 -23.45 22.95
CA GLY B 387 -13.82 -23.87 21.78
C GLY B 387 -14.70 -24.70 20.87
N HIS B 388 -14.16 -25.16 19.73
CA HIS B 388 -14.91 -25.95 18.76
C HIS B 388 -15.59 -27.14 19.42
N ASN B 389 -14.82 -27.85 20.24
CA ASN B 389 -15.22 -28.92 21.15
C ASN B 389 -14.94 -28.35 22.52
N GLU B 390 -15.39 -29.00 23.59
CA GLU B 390 -15.22 -28.41 24.92
C GLU B 390 -13.78 -28.46 25.41
N GLY B 391 -12.94 -29.28 24.78
CA GLY B 391 -11.53 -29.39 25.14
C GLY B 391 -10.57 -28.53 24.34
N ASP B 392 -11.08 -27.79 23.33
CA ASP B 392 -10.28 -26.96 22.43
C ASP B 392 -10.10 -25.51 22.97
N ASP B 393 -8.89 -24.94 22.84
CA ASP B 393 -8.58 -23.56 23.26
C ASP B 393 -8.62 -22.63 22.01
N PRO B 394 -9.71 -21.83 21.86
CA PRO B 394 -9.88 -21.05 20.63
C PRO B 394 -9.09 -19.73 20.54
N SER B 395 -8.50 -19.24 21.66
CA SER B 395 -7.73 -18.00 21.68
C SER B 395 -6.38 -18.16 20.94
N MET B 396 -5.97 -19.40 20.64
CA MET B 396 -4.72 -19.64 19.93
C MET B 396 -4.82 -19.04 18.54
N THR B 397 -5.98 -19.22 17.90
CA THR B 397 -6.25 -18.80 16.53
C THR B 397 -7.20 -17.61 16.45
N GLN B 398 -8.15 -17.47 17.37
CA GLN B 398 -9.10 -16.33 17.39
C GLN B 398 -9.00 -15.50 18.69
N PRO B 399 -7.84 -14.84 18.98
CA PRO B 399 -7.75 -14.05 20.22
C PRO B 399 -8.68 -12.84 20.27
N TYR B 400 -8.82 -12.08 19.16
CA TYR B 400 -9.74 -10.90 19.16
C TYR B 400 -11.20 -11.33 19.46
N MET B 401 -11.74 -12.32 18.71
CA MET B 401 -13.10 -12.84 18.91
C MET B 401 -13.32 -13.34 20.37
N TYR B 402 -12.35 -14.08 20.93
CA TYR B 402 -12.54 -14.62 22.29
C TYR B 402 -12.26 -13.60 23.37
N ASP B 403 -11.61 -12.47 23.04
CA ASP B 403 -11.44 -11.38 23.98
C ASP B 403 -12.79 -10.62 24.10
N VAL B 404 -13.57 -10.58 23.01
CA VAL B 404 -14.88 -9.93 22.97
C VAL B 404 -15.89 -10.84 23.66
N ILE B 405 -15.87 -12.16 23.40
CA ILE B 405 -16.81 -13.15 24.01
C ILE B 405 -16.70 -13.12 25.57
N ASP B 406 -15.47 -12.99 26.12
CA ASP B 406 -15.24 -12.95 27.57
C ASP B 406 -15.88 -11.71 28.26
N THR B 407 -16.14 -10.62 27.51
CA THR B 407 -16.79 -9.42 28.07
C THR B 407 -18.32 -9.55 27.96
N LYS B 408 -18.80 -10.44 27.05
CA LYS B 408 -20.20 -10.65 26.73
C LYS B 408 -20.97 -11.40 27.79
N ARG B 409 -22.11 -10.81 28.17
CA ARG B 409 -23.10 -11.47 29.02
C ARG B 409 -23.94 -12.31 28.05
N GLY B 410 -24.23 -13.55 28.42
CA GLY B 410 -25.02 -14.43 27.54
C GLY B 410 -26.40 -13.91 27.23
N SER B 411 -27.13 -14.57 26.34
CA SER B 411 -28.48 -14.13 25.98
C SER B 411 -29.48 -14.35 27.13
N ARG B 412 -29.32 -15.45 27.91
CA ARG B 412 -30.16 -15.80 29.06
C ARG B 412 -30.08 -14.73 30.14
N LYS B 413 -28.85 -14.36 30.56
CA LYS B 413 -28.64 -13.35 31.61
C LYS B 413 -29.17 -11.98 31.15
N ALA B 414 -28.91 -11.62 29.88
CA ALA B 414 -29.35 -10.35 29.30
C ALA B 414 -30.86 -10.26 29.26
N TYR B 415 -31.53 -11.33 28.82
CA TYR B 415 -32.97 -11.38 28.65
C TYR B 415 -33.64 -11.36 30.01
N THR B 416 -33.05 -12.08 30.99
CA THR B 416 -33.51 -12.15 32.38
C THR B 416 -33.46 -10.75 32.97
N GLU B 417 -32.32 -10.03 32.81
CA GLU B 417 -32.11 -8.67 33.31
C GLU B 417 -33.13 -7.71 32.71
N ALA B 418 -33.42 -7.82 31.40
CA ALA B 418 -34.42 -6.98 30.73
C ALA B 418 -35.82 -7.19 31.32
N LEU B 419 -36.17 -8.44 31.70
CA LEU B 419 -37.47 -8.73 32.32
C LEU B 419 -37.53 -8.23 33.78
N ILE B 420 -36.39 -8.17 34.49
CA ILE B 420 -36.35 -7.69 35.88
C ILE B 420 -36.41 -6.14 35.87
N GLY B 421 -35.68 -5.51 34.96
CA GLY B 421 -35.65 -4.05 34.78
C GLY B 421 -37.02 -3.42 34.53
N ARG B 422 -37.90 -4.17 33.83
CA ARG B 422 -39.29 -3.79 33.52
C ARG B 422 -40.23 -4.00 34.73
N GLY B 423 -39.94 -5.02 35.53
CA GLY B 423 -40.76 -5.41 36.67
C GLY B 423 -41.66 -6.59 36.36
N ASP B 424 -41.39 -7.31 35.25
CA ASP B 424 -42.16 -8.48 34.77
C ASP B 424 -41.99 -9.69 35.72
N ILE B 425 -40.77 -9.89 36.22
CA ILE B 425 -40.38 -10.93 37.18
C ILE B 425 -39.40 -10.34 38.18
N SER B 426 -39.37 -10.93 39.39
CA SER B 426 -38.46 -10.50 40.43
C SER B 426 -37.11 -11.20 40.24
N MET B 427 -36.07 -10.76 40.97
CA MET B 427 -34.75 -11.37 40.99
C MET B 427 -34.88 -12.77 41.62
N LYS B 428 -35.73 -12.89 42.66
CA LYS B 428 -35.98 -14.13 43.40
C LYS B 428 -36.65 -15.18 42.52
N GLU B 429 -37.71 -14.82 41.75
CA GLU B 429 -38.42 -15.70 40.81
C GLU B 429 -37.49 -16.26 39.75
N ALA B 430 -36.56 -15.42 39.22
CA ALA B 430 -35.56 -15.77 38.22
C ALA B 430 -34.52 -16.76 38.78
N GLU B 431 -34.05 -16.49 40.01
CA GLU B 431 -33.07 -17.32 40.72
C GLU B 431 -33.70 -18.68 41.06
N ASP B 432 -34.91 -18.69 41.65
CA ASP B 432 -35.68 -19.88 42.04
C ASP B 432 -35.94 -20.81 40.84
N ALA B 433 -36.22 -20.23 39.65
CA ALA B 433 -36.48 -20.98 38.42
C ALA B 433 -35.23 -21.73 37.96
N LEU B 434 -34.03 -21.13 38.15
CA LEU B 434 -32.77 -21.78 37.81
C LEU B 434 -32.44 -22.89 38.80
N ARG B 435 -32.68 -22.64 40.12
CA ARG B 435 -32.49 -23.64 41.19
C ARG B 435 -33.38 -24.88 40.96
N ASP B 436 -34.62 -24.69 40.45
CA ASP B 436 -35.59 -25.75 40.15
C ASP B 436 -35.11 -26.61 39.01
N TYR B 437 -34.64 -25.96 37.95
CA TYR B 437 -34.10 -26.64 36.76
C TYR B 437 -32.81 -27.38 37.13
N GLN B 438 -31.93 -26.73 37.92
CA GLN B 438 -30.67 -27.27 38.45
C GLN B 438 -30.88 -28.51 39.32
N GLY B 439 -31.90 -28.45 40.17
CA GLY B 439 -32.26 -29.50 41.10
C GLY B 439 -32.82 -30.73 40.41
N GLN B 440 -33.58 -30.51 39.33
CA GLN B 440 -34.20 -31.60 38.56
C GLN B 440 -33.13 -32.40 37.81
N LEU B 441 -32.15 -31.69 37.19
CA LEU B 441 -31.08 -32.32 36.44
C LEU B 441 -30.24 -33.19 37.35
N GLU B 442 -29.84 -32.65 38.53
CA GLU B 442 -29.05 -33.35 39.56
C GLU B 442 -29.75 -34.64 40.06
N ARG B 443 -31.09 -34.57 40.28
CA ARG B 443 -31.93 -35.71 40.72
C ARG B 443 -31.91 -36.84 39.68
N VAL B 444 -32.03 -36.50 38.38
CA VAL B 444 -32.01 -37.49 37.27
C VAL B 444 -30.57 -38.05 37.10
N PHE B 445 -29.54 -37.16 37.16
CA PHE B 445 -28.12 -37.56 37.07
C PHE B 445 -27.76 -38.58 38.19
N ASN B 446 -28.27 -38.35 39.43
CA ASN B 446 -28.00 -39.25 40.56
C ASN B 446 -28.71 -40.62 40.40
N GLU B 447 -29.97 -40.64 39.90
CA GLU B 447 -30.75 -41.87 39.66
C GLU B 447 -30.08 -42.74 38.61
N VAL B 448 -29.54 -42.11 37.55
CA VAL B 448 -28.83 -42.78 36.43
C VAL B 448 -27.50 -43.39 36.94
N ARG B 449 -26.75 -42.63 37.76
CA ARG B 449 -25.46 -43.01 38.35
C ARG B 449 -25.64 -44.18 39.33
N GLU B 450 -26.83 -44.30 39.94
CA GLU B 450 -27.22 -45.35 40.84
C GLU B 450 -27.51 -46.71 40.14
N LEU B 451 -27.64 -46.73 38.78
CA LEU B 451 -27.89 -47.97 38.03
C LEU B 451 -26.63 -48.88 37.96
N GLU B 452 -26.84 -50.21 38.05
CA GLU B 452 -25.79 -51.23 37.98
C GLU B 452 -25.15 -51.22 36.58
N LYS B 453 -23.81 -51.09 36.53
CA LYS B 453 -23.03 -51.01 35.30
C LYS B 453 -22.87 -52.37 34.57
N HIS B 454 -23.24 -52.38 33.28
CA HIS B 454 -23.12 -53.53 32.39
C HIS B 454 -21.66 -53.69 31.94
N GLU B 455 -21.21 -54.95 31.73
CA GLU B 455 -19.86 -55.24 31.23
C GLU B 455 -19.76 -54.88 29.75
N ILE B 456 -18.69 -54.17 29.34
CA ILE B 456 -18.51 -53.76 27.94
C ILE B 456 -17.98 -54.94 27.13
N GLU B 457 -18.72 -55.32 26.07
CA GLU B 457 -18.39 -56.42 25.16
C GLU B 457 -18.18 -55.91 23.72
N PRO B 458 -17.43 -56.64 22.85
CA PRO B 458 -17.29 -56.19 21.47
C PRO B 458 -18.63 -56.12 20.74
N SER B 459 -18.76 -55.16 19.81
CA SER B 459 -19.97 -54.95 19.02
C SER B 459 -20.26 -56.21 18.19
N GLU B 460 -21.55 -56.51 18.00
CA GLU B 460 -21.96 -57.69 17.26
C GLU B 460 -22.61 -57.33 15.93
N SER B 461 -22.50 -58.25 14.96
CA SER B 461 -23.06 -58.13 13.62
C SER B 461 -24.60 -58.04 13.75
N VAL B 462 -25.24 -57.28 12.85
CA VAL B 462 -26.70 -57.07 12.82
C VAL B 462 -27.38 -58.10 11.90
N GLU B 463 -26.59 -59.01 11.27
CA GLU B 463 -27.06 -59.99 10.26
C GLU B 463 -28.35 -60.71 10.66
N ALA B 464 -28.40 -61.26 11.89
CA ALA B 464 -29.51 -62.04 12.43
C ALA B 464 -30.73 -61.18 12.86
N ASP B 465 -30.59 -59.84 12.94
CA ASP B 465 -31.67 -58.94 13.35
C ASP B 465 -32.86 -58.98 12.40
N GLN B 466 -32.61 -59.31 11.12
CA GLN B 466 -33.62 -59.40 10.06
C GLN B 466 -33.44 -60.74 9.32
N GLN B 467 -34.37 -61.69 9.57
CA GLN B 467 -34.27 -63.03 8.98
C GLN B 467 -35.25 -63.20 7.83
N ILE B 468 -34.70 -63.68 6.68
CA ILE B 468 -35.41 -63.88 5.41
C ILE B 468 -36.44 -65.00 5.52
N PRO B 469 -37.69 -64.80 5.00
CA PRO B 469 -38.66 -65.91 5.01
C PRO B 469 -38.11 -67.01 4.09
N SER B 470 -37.79 -68.18 4.69
CA SER B 470 -37.17 -69.33 4.02
C SER B 470 -37.69 -69.54 2.60
N LYS B 471 -39.01 -69.73 2.46
CA LYS B 471 -39.64 -69.94 1.15
C LYS B 471 -40.66 -68.84 0.85
N LEU B 472 -40.23 -67.82 0.07
CA LEU B 472 -41.07 -66.70 -0.37
C LEU B 472 -41.49 -66.89 -1.86
N ALA B 473 -42.81 -66.90 -2.13
CA ALA B 473 -43.39 -67.08 -3.46
C ALA B 473 -43.48 -65.73 -4.17
N THR B 474 -42.68 -65.57 -5.24
CA THR B 474 -42.60 -64.36 -6.04
C THR B 474 -43.24 -64.53 -7.43
N ALA B 475 -43.64 -65.76 -7.78
CA ALA B 475 -44.31 -66.06 -9.05
C ALA B 475 -45.68 -65.36 -9.12
N VAL B 476 -46.11 -64.99 -10.34
CA VAL B 476 -47.41 -64.36 -10.57
C VAL B 476 -48.22 -65.24 -11.50
N ASP B 477 -49.54 -65.00 -11.57
CA ASP B 477 -50.42 -65.69 -12.52
C ASP B 477 -50.16 -65.16 -13.91
N LYS B 478 -50.35 -65.99 -14.96
CA LYS B 478 -50.19 -65.62 -16.37
C LYS B 478 -51.09 -64.44 -16.70
N ALA B 479 -52.32 -64.41 -16.12
CA ALA B 479 -53.31 -63.36 -16.33
C ALA B 479 -52.78 -61.98 -15.87
N MET B 480 -51.83 -61.96 -14.91
CA MET B 480 -51.18 -60.75 -14.42
C MET B 480 -50.17 -60.23 -15.45
N LEU B 481 -49.39 -61.15 -16.09
CA LEU B 481 -48.43 -60.74 -17.10
C LEU B 481 -49.17 -60.12 -18.30
N GLN B 482 -50.27 -60.78 -18.71
CA GLN B 482 -51.14 -60.38 -19.82
C GLN B 482 -51.75 -59.01 -19.56
N ARG B 483 -52.19 -58.75 -18.31
CA ARG B 483 -52.78 -57.47 -17.90
C ARG B 483 -51.78 -56.31 -18.05
N ILE B 484 -50.50 -56.51 -17.64
CA ILE B 484 -49.40 -55.52 -17.74
C ILE B 484 -49.03 -55.38 -19.22
N GLY B 485 -49.22 -56.45 -19.99
CA GLY B 485 -49.03 -56.43 -21.45
C GLY B 485 -50.08 -55.55 -22.12
N ASP B 486 -51.38 -55.78 -21.79
CA ASP B 486 -52.56 -55.07 -22.29
C ASP B 486 -52.54 -53.60 -21.92
N ALA B 487 -52.06 -53.27 -20.71
CA ALA B 487 -51.95 -51.92 -20.19
C ALA B 487 -51.16 -51.01 -21.13
N HIS B 488 -50.11 -51.54 -21.79
CA HIS B 488 -49.30 -50.80 -22.78
C HIS B 488 -50.10 -50.41 -24.03
N LEU B 489 -51.16 -51.17 -24.36
CA LEU B 489 -52.01 -50.87 -25.51
C LEU B 489 -53.37 -50.22 -25.11
N ALA B 490 -53.63 -50.03 -23.79
CA ALA B 490 -54.87 -49.40 -23.29
C ALA B 490 -54.67 -47.88 -23.26
N LEU B 491 -54.43 -47.35 -24.47
CA LEU B 491 -54.14 -45.95 -24.72
C LEU B 491 -55.37 -45.08 -24.58
N PRO B 492 -55.22 -43.85 -24.00
CA PRO B 492 -56.35 -42.92 -23.93
C PRO B 492 -56.93 -42.61 -25.31
N GLU B 493 -58.19 -42.14 -25.36
CA GLU B 493 -58.87 -41.81 -26.63
C GLU B 493 -58.12 -40.73 -27.41
N GLY B 494 -57.76 -41.05 -28.65
CA GLY B 494 -57.05 -40.14 -29.55
C GLY B 494 -55.56 -39.98 -29.32
N PHE B 495 -54.96 -40.79 -28.41
CA PHE B 495 -53.54 -40.72 -28.10
C PHE B 495 -52.70 -41.09 -29.33
N THR B 496 -51.66 -40.28 -29.63
CA THR B 496 -50.79 -40.58 -30.77
C THR B 496 -49.42 -41.01 -30.26
N VAL B 497 -49.14 -42.29 -30.44
CA VAL B 497 -47.87 -42.88 -30.05
C VAL B 497 -46.82 -42.55 -31.10
N HIS B 498 -45.63 -42.17 -30.68
CA HIS B 498 -44.48 -41.96 -31.56
C HIS B 498 -44.25 -43.24 -32.41
N PRO B 499 -44.02 -43.14 -33.74
CA PRO B 499 -43.87 -44.36 -34.56
C PRO B 499 -42.80 -45.36 -34.08
N ARG B 500 -41.73 -44.90 -33.42
CA ARG B 500 -40.64 -45.74 -32.93
C ARG B 500 -40.90 -46.25 -31.47
N VAL B 501 -42.00 -45.78 -30.83
CA VAL B 501 -42.39 -46.21 -29.47
C VAL B 501 -43.49 -47.30 -29.58
N ARG B 502 -44.41 -47.17 -30.57
CA ARG B 502 -45.50 -48.11 -30.85
C ARG B 502 -45.00 -49.59 -30.92
N PRO B 503 -43.85 -49.96 -31.58
CA PRO B 503 -43.46 -51.38 -31.60
C PRO B 503 -43.09 -51.93 -30.22
N VAL B 504 -42.55 -51.07 -29.31
CA VAL B 504 -42.21 -51.44 -27.92
C VAL B 504 -43.50 -51.93 -27.20
N LEU B 505 -44.58 -51.11 -27.29
CA LEU B 505 -45.87 -51.35 -26.66
C LEU B 505 -46.50 -52.59 -27.17
N GLU B 506 -46.56 -52.76 -28.52
CA GLU B 506 -47.11 -53.95 -29.18
C GLU B 506 -46.28 -55.21 -28.92
N LYS B 507 -44.94 -55.11 -29.00
CA LYS B 507 -44.04 -56.25 -28.75
C LYS B 507 -44.17 -56.73 -27.28
N ARG B 508 -44.44 -55.81 -26.33
CA ARG B 508 -44.65 -56.14 -24.91
C ARG B 508 -45.94 -56.94 -24.71
N ARG B 509 -47.07 -56.52 -25.38
CA ARG B 509 -48.34 -57.25 -25.29
C ARG B 509 -48.12 -58.65 -25.85
N GLU B 510 -47.38 -58.75 -27.00
CA GLU B 510 -47.01 -60.03 -27.58
C GLU B 510 -46.17 -60.87 -26.59
N MET B 511 -45.19 -60.25 -25.91
CA MET B 511 -44.30 -60.94 -24.93
C MET B 511 -45.08 -61.50 -23.73
N ALA B 512 -46.10 -60.76 -23.26
CA ALA B 512 -46.93 -61.14 -22.12
C ALA B 512 -47.80 -62.36 -22.40
N TYR B 513 -48.10 -62.62 -23.68
CA TYR B 513 -48.94 -63.75 -24.10
C TYR B 513 -48.13 -64.85 -24.74
N GLU B 514 -46.96 -64.52 -25.33
CA GLU B 514 -46.19 -65.51 -26.11
C GLU B 514 -44.77 -65.78 -25.57
N GLY B 515 -44.31 -64.99 -24.63
CA GLY B 515 -42.99 -65.23 -24.06
C GLY B 515 -41.88 -64.44 -24.69
N ARG B 516 -40.62 -64.94 -24.56
CA ARG B 516 -39.39 -64.27 -25.02
C ARG B 516 -39.33 -62.84 -24.44
N ILE B 517 -39.60 -62.74 -23.14
CA ILE B 517 -39.63 -61.48 -22.38
C ILE B 517 -38.20 -60.95 -22.18
N ASP B 518 -37.94 -59.70 -22.66
CA ASP B 518 -36.65 -59.02 -22.55
C ASP B 518 -36.50 -58.41 -21.15
N TRP B 519 -35.29 -57.90 -20.84
CA TRP B 519 -34.97 -57.30 -19.55
C TRP B 519 -35.88 -56.14 -19.16
N ALA B 520 -36.05 -55.15 -20.07
CA ALA B 520 -36.83 -53.96 -19.81
C ALA B 520 -38.29 -54.29 -19.47
N PHE B 521 -38.92 -55.24 -20.17
CA PHE B 521 -40.32 -55.59 -19.88
C PHE B 521 -40.45 -56.38 -18.57
N ALA B 522 -39.45 -57.23 -18.22
CA ALA B 522 -39.47 -58.02 -16.97
C ALA B 522 -39.44 -57.08 -15.75
N GLU B 523 -38.70 -55.98 -15.87
CA GLU B 523 -38.60 -54.95 -14.86
C GLU B 523 -39.98 -54.38 -14.59
N LEU B 524 -40.70 -53.98 -15.66
CA LEU B 524 -42.04 -53.39 -15.58
C LEU B 524 -43.08 -54.42 -15.16
N LEU B 525 -42.87 -55.73 -15.53
CA LEU B 525 -43.74 -56.82 -15.06
C LEU B 525 -43.59 -56.96 -13.55
N ALA B 526 -42.35 -56.82 -12.99
CA ALA B 526 -42.12 -56.86 -11.53
C ALA B 526 -42.79 -55.68 -10.83
N LEU B 527 -42.50 -54.44 -11.30
CA LEU B 527 -43.04 -53.22 -10.70
C LEU B 527 -44.58 -53.14 -10.83
N GLY B 528 -45.11 -53.54 -11.99
CA GLY B 528 -46.55 -53.56 -12.27
C GLY B 528 -47.32 -54.55 -11.41
N SER B 529 -46.76 -55.77 -11.20
CA SER B 529 -47.40 -56.80 -10.38
C SER B 529 -47.44 -56.35 -8.90
N LEU B 530 -46.40 -55.67 -8.43
CA LEU B 530 -46.33 -55.11 -7.06
C LEU B 530 -47.40 -54.04 -6.89
N ILE B 531 -47.56 -53.12 -7.89
CA ILE B 531 -48.60 -52.07 -7.88
C ILE B 531 -49.98 -52.75 -7.80
N ALA B 532 -50.22 -53.79 -8.60
CA ALA B 532 -51.46 -54.56 -8.67
C ALA B 532 -51.78 -55.23 -7.32
N GLU B 533 -50.74 -55.57 -6.55
CA GLU B 533 -50.88 -56.20 -5.23
C GLU B 533 -51.08 -55.14 -4.13
N GLY B 534 -51.03 -53.86 -4.51
CA GLY B 534 -51.24 -52.73 -3.61
C GLY B 534 -50.00 -52.03 -3.12
N LYS B 535 -48.83 -52.23 -3.75
CA LYS B 535 -47.59 -51.59 -3.32
C LYS B 535 -47.35 -50.22 -3.97
N LEU B 536 -46.85 -49.27 -3.17
CA LEU B 536 -46.41 -47.97 -3.66
C LEU B 536 -45.03 -48.18 -4.32
N VAL B 537 -44.89 -47.84 -5.63
CA VAL B 537 -43.61 -47.99 -6.34
C VAL B 537 -43.06 -46.63 -6.76
N ARG B 538 -41.85 -46.30 -6.30
CA ARG B 538 -41.18 -45.05 -6.64
C ARG B 538 -39.91 -45.40 -7.40
N LEU B 539 -39.87 -44.98 -8.67
CA LEU B 539 -38.78 -45.22 -9.60
C LEU B 539 -38.32 -43.90 -10.11
N SER B 540 -37.01 -43.61 -9.97
CA SER B 540 -36.46 -42.34 -10.44
C SER B 540 -34.96 -42.46 -10.82
N GLY B 541 -34.47 -41.44 -11.49
CA GLY B 541 -33.07 -41.35 -11.92
C GLY B 541 -32.98 -40.52 -13.16
N GLN B 542 -31.76 -40.39 -13.69
CA GLN B 542 -31.50 -39.57 -14.86
C GLN B 542 -32.07 -40.21 -16.13
N ASP B 543 -33.09 -39.54 -16.74
CA ASP B 543 -33.80 -39.98 -17.95
C ASP B 543 -34.46 -41.36 -17.72
N THR B 544 -34.97 -41.58 -16.46
CA THR B 544 -35.52 -42.87 -16.06
C THR B 544 -36.91 -43.11 -16.64
N GLN B 545 -37.67 -42.06 -17.00
CA GLN B 545 -39.01 -42.29 -17.57
C GLN B 545 -38.92 -43.03 -18.92
N ARG B 546 -38.02 -42.61 -19.79
CA ARG B 546 -37.84 -43.26 -21.09
C ARG B 546 -36.73 -44.34 -21.01
N GLY B 547 -35.67 -44.00 -20.29
CA GLY B 547 -34.52 -44.86 -20.11
C GLY B 547 -33.37 -44.43 -20.99
N THR B 548 -32.16 -44.36 -20.38
CA THR B 548 -30.87 -44.03 -21.01
C THR B 548 -30.74 -44.72 -22.39
N PHE B 549 -31.04 -46.01 -22.42
CA PHE B 549 -30.92 -46.90 -23.57
C PHE B 549 -32.23 -47.06 -24.32
N THR B 550 -33.21 -46.13 -24.12
CA THR B 550 -34.54 -46.08 -24.81
C THR B 550 -35.27 -47.41 -24.71
N GLN B 551 -35.14 -48.07 -23.57
CA GLN B 551 -35.69 -49.40 -23.34
C GLN B 551 -36.91 -49.41 -22.41
N ARG B 552 -36.99 -48.47 -21.41
CA ARG B 552 -38.03 -48.53 -20.38
C ARG B 552 -39.43 -48.07 -20.88
N HIS B 553 -39.54 -46.81 -21.34
CA HIS B 553 -40.81 -46.21 -21.78
C HIS B 553 -41.90 -46.39 -20.70
N ALA B 554 -41.53 -46.04 -19.46
CA ALA B 554 -42.43 -46.07 -18.30
C ALA B 554 -43.51 -45.00 -18.46
N VAL B 555 -43.16 -43.89 -19.17
CA VAL B 555 -44.02 -42.78 -19.56
C VAL B 555 -43.87 -42.63 -21.09
N ILE B 556 -45.00 -42.49 -21.83
CA ILE B 556 -44.95 -42.32 -23.30
C ILE B 556 -45.52 -40.93 -23.64
N VAL B 557 -44.89 -40.21 -24.60
CA VAL B 557 -45.27 -38.82 -24.88
C VAL B 557 -46.06 -38.74 -26.19
N ASP B 558 -47.29 -38.20 -26.13
CA ASP B 558 -48.15 -38.03 -27.31
C ASP B 558 -47.39 -37.20 -28.36
N ARG B 559 -47.19 -37.77 -29.55
CA ARG B 559 -46.46 -37.18 -30.68
C ARG B 559 -47.03 -35.85 -31.14
N LYS B 560 -48.36 -35.65 -31.00
CA LYS B 560 -49.02 -34.42 -31.46
C LYS B 560 -49.21 -33.38 -30.35
N THR B 561 -49.53 -33.82 -29.11
CA THR B 561 -49.90 -32.87 -28.05
C THR B 561 -48.89 -32.76 -26.89
N GLY B 562 -47.99 -33.72 -26.75
CA GLY B 562 -47.03 -33.74 -25.66
C GLY B 562 -47.56 -34.35 -24.37
N GLU B 563 -48.86 -34.70 -24.36
CA GLU B 563 -49.56 -35.32 -23.22
C GLU B 563 -48.88 -36.63 -22.83
N GLU B 564 -48.80 -36.89 -21.52
CA GLU B 564 -48.13 -38.10 -21.03
C GLU B 564 -49.11 -39.24 -20.71
N PHE B 565 -48.64 -40.48 -20.88
CA PHE B 565 -49.38 -41.68 -20.53
C PHE B 565 -48.44 -42.63 -19.81
N THR B 566 -48.84 -43.11 -18.64
CA THR B 566 -48.07 -44.03 -17.82
C THR B 566 -48.81 -45.39 -17.77
N PRO B 567 -48.40 -46.37 -18.61
CA PRO B 567 -49.10 -47.68 -18.62
C PRO B 567 -49.25 -48.40 -17.28
N LEU B 568 -48.19 -48.46 -16.44
CA LEU B 568 -48.26 -49.18 -15.15
C LEU B 568 -49.25 -48.57 -14.15
N GLN B 569 -49.64 -47.29 -14.33
CA GLN B 569 -50.59 -46.63 -13.43
C GLN B 569 -52.01 -47.22 -13.58
N LEU B 570 -52.25 -48.02 -14.64
CA LEU B 570 -53.53 -48.71 -14.87
C LEU B 570 -53.65 -49.92 -13.96
N LEU B 571 -52.51 -50.41 -13.43
CA LEU B 571 -52.47 -51.56 -12.51
C LEU B 571 -52.87 -51.16 -11.08
N ALA B 572 -52.96 -49.84 -10.80
CA ALA B 572 -53.40 -49.29 -9.51
C ALA B 572 -54.92 -49.44 -9.33
N THR B 573 -55.64 -49.75 -10.42
CA THR B 573 -57.08 -50.00 -10.42
C THR B 573 -57.33 -51.45 -10.76
N ASN B 574 -58.16 -52.14 -9.94
CA ASN B 574 -58.58 -53.53 -10.17
C ASN B 574 -59.53 -53.61 -11.38
N PRO B 575 -59.76 -54.78 -12.02
CA PRO B 575 -60.70 -54.82 -13.15
C PRO B 575 -62.13 -54.41 -12.77
N ASP B 576 -62.52 -54.58 -11.49
CA ASP B 576 -63.85 -54.22 -10.96
C ASP B 576 -63.98 -52.71 -10.62
N GLY B 577 -62.95 -51.93 -10.97
CA GLY B 577 -62.92 -50.47 -10.78
C GLY B 577 -62.36 -49.92 -9.49
N THR B 578 -62.24 -50.76 -8.45
CA THR B 578 -61.75 -50.33 -7.13
C THR B 578 -60.20 -50.16 -7.12
N PRO B 579 -59.62 -49.28 -6.27
CA PRO B 579 -58.15 -49.16 -6.24
C PRO B 579 -57.50 -50.34 -5.51
N THR B 580 -56.25 -50.66 -5.90
CA THR B 580 -55.45 -51.74 -5.29
C THR B 580 -54.75 -51.22 -4.04
N GLY B 581 -54.54 -49.90 -4.00
CA GLY B 581 -53.80 -49.23 -2.93
C GLY B 581 -52.41 -48.85 -3.43
N GLY B 582 -51.99 -49.50 -4.50
CA GLY B 582 -50.70 -49.28 -5.16
C GLY B 582 -50.68 -48.01 -5.97
N LYS B 583 -49.47 -47.58 -6.37
CA LYS B 583 -49.22 -46.36 -7.15
C LYS B 583 -47.86 -46.44 -7.83
N PHE B 584 -47.74 -45.83 -9.03
CA PHE B 584 -46.48 -45.77 -9.77
C PHE B 584 -45.99 -44.32 -9.81
N LEU B 585 -44.93 -44.06 -9.07
CA LEU B 585 -44.33 -42.75 -9.03
C LEU B 585 -43.02 -42.85 -9.79
N VAL B 586 -43.03 -42.37 -11.05
CA VAL B 586 -41.86 -42.45 -11.90
C VAL B 586 -41.47 -41.02 -12.32
N TYR B 587 -40.20 -40.66 -12.07
CA TYR B 587 -39.73 -39.33 -12.33
C TYR B 587 -38.39 -39.31 -13.00
N ASN B 588 -38.11 -38.20 -13.67
CA ASN B 588 -36.82 -37.85 -14.21
C ASN B 588 -36.14 -37.01 -13.12
N SER B 589 -35.04 -37.50 -12.54
CA SER B 589 -34.31 -36.78 -11.52
C SER B 589 -33.57 -35.54 -12.09
N ALA B 590 -33.08 -34.65 -11.19
CA ALA B 590 -32.18 -33.56 -11.59
C ALA B 590 -30.80 -34.18 -11.85
N LEU B 591 -29.89 -33.46 -12.48
CA LEU B 591 -28.57 -34.02 -12.77
C LEU B 591 -27.71 -33.99 -11.50
N SER B 592 -28.05 -34.89 -10.57
CA SER B 592 -27.38 -35.09 -9.28
C SER B 592 -27.33 -36.57 -8.93
N GLU B 593 -26.31 -36.93 -8.15
CA GLU B 593 -26.16 -38.28 -7.64
C GLU B 593 -26.29 -38.24 -6.13
N PHE B 594 -25.49 -37.37 -5.47
CA PHE B 594 -25.44 -37.21 -4.02
C PHE B 594 -26.85 -36.95 -3.44
N ALA B 595 -27.52 -35.87 -3.86
CA ALA B 595 -28.85 -35.49 -3.38
C ALA B 595 -29.92 -36.52 -3.77
N ALA B 596 -29.90 -37.00 -5.02
CA ALA B 596 -30.89 -37.95 -5.56
C ALA B 596 -30.82 -39.31 -4.87
N VAL B 597 -29.59 -39.83 -4.62
CA VAL B 597 -29.39 -41.10 -3.89
C VAL B 597 -29.76 -40.92 -2.40
N GLY B 598 -29.36 -39.79 -1.81
CA GLY B 598 -29.68 -39.46 -0.42
C GLY B 598 -31.18 -39.36 -0.20
N PHE B 599 -31.88 -38.71 -1.13
CA PHE B 599 -33.34 -38.53 -1.13
C PHE B 599 -34.06 -39.90 -1.17
N GLU B 600 -33.61 -40.80 -2.07
CA GLU B 600 -34.23 -42.11 -2.26
C GLU B 600 -33.96 -43.02 -1.10
N TYR B 601 -32.77 -42.87 -0.46
CA TYR B 601 -32.43 -43.60 0.76
C TYR B 601 -33.41 -43.15 1.84
N GLY B 602 -33.52 -41.84 2.06
CA GLY B 602 -34.46 -41.24 3.01
C GLY B 602 -35.92 -41.62 2.75
N TYR B 603 -36.33 -41.69 1.47
CA TYR B 603 -37.69 -42.07 1.07
C TYR B 603 -38.00 -43.47 1.58
N SER B 604 -37.08 -44.42 1.36
CA SER B 604 -37.30 -45.79 1.80
C SER B 604 -37.40 -45.90 3.33
N VAL B 605 -36.64 -45.07 4.07
CA VAL B 605 -36.67 -45.01 5.55
C VAL B 605 -38.06 -44.47 5.98
N GLY B 606 -38.54 -43.44 5.29
CA GLY B 606 -39.82 -42.79 5.55
C GLY B 606 -41.04 -43.67 5.32
N ASN B 607 -40.96 -44.54 4.29
CA ASN B 607 -42.03 -45.47 3.96
C ASN B 607 -41.42 -46.83 3.71
N PRO B 608 -41.34 -47.64 4.78
CA PRO B 608 -40.75 -48.99 4.65
C PRO B 608 -41.57 -49.94 3.77
N ASP B 609 -42.86 -49.63 3.52
CA ASP B 609 -43.76 -50.47 2.70
C ASP B 609 -43.70 -50.06 1.21
N ALA B 610 -42.91 -49.03 0.88
CA ALA B 610 -42.72 -48.61 -0.50
C ALA B 610 -41.59 -49.40 -1.15
N MET B 611 -41.68 -49.53 -2.48
CA MET B 611 -40.67 -50.08 -3.38
C MET B 611 -39.97 -48.84 -3.96
N VAL B 612 -38.73 -48.60 -3.53
CA VAL B 612 -37.96 -47.42 -3.91
C VAL B 612 -36.73 -47.83 -4.71
N LEU B 613 -36.72 -47.41 -5.98
CA LEU B 613 -35.62 -47.69 -6.91
C LEU B 613 -35.04 -46.40 -7.46
N TRP B 614 -33.71 -46.26 -7.40
CA TRP B 614 -32.97 -45.14 -7.97
C TRP B 614 -32.08 -45.69 -9.02
N GLU B 615 -32.09 -45.07 -10.21
CA GLU B 615 -31.28 -45.59 -11.30
C GLU B 615 -30.22 -44.60 -11.74
N ALA B 616 -28.94 -45.04 -11.72
CA ALA B 616 -27.80 -44.28 -12.27
C ALA B 616 -27.90 -44.35 -13.78
N GLN B 617 -27.43 -43.33 -14.50
CA GLN B 617 -27.36 -43.29 -15.95
C GLN B 617 -26.49 -44.45 -16.37
N PHE B 618 -25.30 -44.50 -15.76
CA PHE B 618 -24.27 -45.54 -15.85
C PHE B 618 -23.77 -45.63 -14.45
N GLY B 619 -23.46 -46.84 -13.99
CA GLY B 619 -22.99 -47.07 -12.63
C GLY B 619 -21.72 -46.30 -12.26
N ASP B 620 -20.96 -45.84 -13.26
CA ASP B 620 -19.72 -45.08 -13.13
C ASP B 620 -19.92 -43.75 -12.38
N PHE B 621 -21.15 -43.22 -12.37
CA PHE B 621 -21.48 -41.93 -11.75
C PHE B 621 -22.01 -42.06 -10.31
N VAL B 622 -22.23 -43.29 -9.80
CA VAL B 622 -22.72 -43.45 -8.44
C VAL B 622 -21.65 -42.99 -7.42
N ASN B 623 -20.36 -42.89 -7.81
CA ASN B 623 -19.28 -42.44 -6.91
C ASN B 623 -19.45 -40.96 -6.52
N GLY B 624 -20.37 -40.24 -7.20
CA GLY B 624 -20.72 -38.86 -6.86
C GLY B 624 -21.61 -38.86 -5.62
N ALA B 625 -22.15 -40.04 -5.23
CA ALA B 625 -22.99 -40.23 -4.04
C ALA B 625 -22.28 -41.08 -2.97
N GLN B 626 -20.93 -41.18 -3.05
CA GLN B 626 -20.09 -42.01 -2.19
C GLN B 626 -20.39 -41.85 -0.71
N SER B 627 -20.57 -40.59 -0.21
CA SER B 627 -20.93 -40.32 1.17
C SER B 627 -22.25 -41.00 1.55
N ILE B 628 -23.25 -41.03 0.64
CA ILE B 628 -24.52 -41.68 0.96
C ILE B 628 -24.32 -43.19 1.06
N ILE B 629 -23.62 -43.77 0.09
CA ILE B 629 -23.35 -45.21 0.06
C ILE B 629 -22.58 -45.62 1.35
N ASP B 630 -21.49 -44.90 1.67
CA ASP B 630 -20.65 -45.17 2.84
C ASP B 630 -21.30 -44.86 4.17
N GLU B 631 -21.97 -43.72 4.30
CA GLU B 631 -22.47 -43.26 5.59
C GLU B 631 -23.92 -43.62 5.90
N PHE B 632 -24.73 -43.90 4.89
CA PHE B 632 -26.14 -44.19 5.11
C PHE B 632 -26.53 -45.59 4.68
N ILE B 633 -26.41 -45.89 3.36
CA ILE B 633 -26.87 -47.12 2.77
C ILE B 633 -26.18 -48.38 3.36
N SER B 634 -24.85 -48.44 3.32
CA SER B 634 -24.11 -49.63 3.75
C SER B 634 -23.94 -49.81 5.27
N SER B 635 -24.09 -48.73 6.04
CA SER B 635 -23.78 -48.78 7.47
C SER B 635 -24.88 -48.26 8.43
N GLY B 636 -25.95 -47.67 7.92
CA GLY B 636 -27.02 -47.09 8.75
C GLY B 636 -27.70 -48.01 9.72
N GLU B 637 -27.89 -49.28 9.34
CA GLU B 637 -28.50 -50.30 10.22
C GLU B 637 -27.59 -50.58 11.44
N ALA B 638 -26.30 -50.89 11.18
CA ALA B 638 -25.32 -51.18 12.22
C ALA B 638 -25.11 -50.01 13.16
N LYS B 639 -25.06 -48.77 12.61
CA LYS B 639 -24.79 -47.56 13.41
C LYS B 639 -25.99 -47.03 14.20
N TRP B 640 -27.19 -47.00 13.60
CA TRP B 640 -28.33 -46.35 14.25
C TRP B 640 -29.59 -47.20 14.38
N GLY B 641 -29.60 -48.40 13.81
CA GLY B 641 -30.82 -49.23 13.80
C GLY B 641 -31.79 -48.67 12.76
N GLN B 642 -31.26 -47.86 11.80
CA GLN B 642 -32.02 -47.19 10.76
C GLN B 642 -32.10 -48.09 9.56
N LEU B 643 -33.32 -48.46 9.21
CA LEU B 643 -33.50 -49.42 8.14
C LEU B 643 -33.97 -48.76 6.84
N SER B 644 -33.40 -49.22 5.72
CA SER B 644 -33.70 -48.74 4.38
C SER B 644 -33.76 -49.90 3.42
N ASP B 645 -34.73 -49.90 2.53
CA ASP B 645 -34.91 -50.92 1.50
C ASP B 645 -34.63 -50.34 0.09
N VAL B 646 -33.86 -49.23 0.01
CA VAL B 646 -33.56 -48.57 -1.25
C VAL B 646 -32.86 -49.51 -2.27
N VAL B 647 -33.29 -49.45 -3.53
CA VAL B 647 -32.69 -50.22 -4.60
C VAL B 647 -31.82 -49.28 -5.44
N LEU B 648 -30.56 -49.65 -5.68
CA LEU B 648 -29.70 -48.87 -6.58
C LEU B 648 -29.55 -49.68 -7.87
N LEU B 649 -29.97 -49.10 -9.01
CA LEU B 649 -29.84 -49.71 -10.34
C LEU B 649 -28.62 -49.12 -10.98
N LEU B 650 -27.60 -49.95 -11.24
CA LEU B 650 -26.33 -49.46 -11.75
C LEU B 650 -25.94 -50.10 -13.08
N PRO B 651 -26.23 -49.43 -14.22
CA PRO B 651 -25.86 -49.98 -15.55
C PRO B 651 -24.35 -50.22 -15.62
N HIS B 652 -24.00 -51.48 -15.91
CA HIS B 652 -22.65 -52.01 -15.82
C HIS B 652 -22.32 -52.99 -16.96
N GLY B 653 -21.05 -52.99 -17.38
CA GLY B 653 -20.56 -53.88 -18.41
C GLY B 653 -19.55 -53.28 -19.36
N HIS B 654 -18.51 -54.07 -19.68
CA HIS B 654 -17.46 -53.71 -20.65
C HIS B 654 -18.00 -53.87 -22.07
N GLU B 655 -18.19 -52.74 -22.77
CA GLU B 655 -18.73 -52.73 -24.14
C GLU B 655 -17.93 -51.83 -25.10
N GLY B 656 -16.84 -51.24 -24.63
CA GLY B 656 -16.02 -50.36 -25.45
C GLY B 656 -16.41 -48.89 -25.45
N GLN B 657 -17.20 -48.43 -24.44
CA GLN B 657 -17.66 -47.05 -24.35
C GLN B 657 -16.76 -46.18 -23.41
N GLY B 658 -15.58 -46.68 -23.04
CA GLY B 658 -14.65 -45.93 -22.23
C GLY B 658 -14.67 -46.16 -20.73
N PRO B 659 -13.69 -45.60 -20.00
CA PRO B 659 -13.59 -45.86 -18.55
C PRO B 659 -14.76 -45.33 -17.68
N ASP B 660 -15.57 -44.38 -18.19
CA ASP B 660 -16.72 -43.83 -17.47
C ASP B 660 -18.05 -44.37 -17.95
N HIS B 661 -18.06 -45.37 -18.86
CA HIS B 661 -19.32 -45.92 -19.32
C HIS B 661 -19.23 -47.42 -19.30
N THR B 662 -18.51 -47.96 -18.31
CA THR B 662 -18.20 -49.38 -18.22
C THR B 662 -18.46 -50.03 -16.84
N SER B 663 -18.13 -49.36 -15.71
CA SER B 663 -18.20 -50.01 -14.41
C SER B 663 -18.97 -49.28 -13.33
N GLY B 664 -19.74 -50.05 -12.56
CA GLY B 664 -20.47 -49.58 -11.38
C GLY B 664 -19.70 -49.81 -10.10
N ARG B 665 -18.39 -50.19 -10.26
CA ARG B 665 -17.39 -50.47 -9.22
C ARG B 665 -17.93 -51.53 -8.22
N ILE B 666 -18.24 -52.73 -8.75
CA ILE B 666 -18.73 -53.90 -8.01
C ILE B 666 -17.82 -54.20 -6.79
N GLU B 667 -16.48 -54.13 -6.99
CA GLU B 667 -15.44 -54.39 -5.98
C GLU B 667 -15.60 -53.48 -4.76
N ARG B 668 -16.07 -52.22 -4.97
CA ARG B 668 -16.29 -51.28 -3.87
C ARG B 668 -17.50 -51.67 -3.04
N PHE B 669 -18.61 -52.11 -3.69
CA PHE B 669 -19.81 -52.52 -2.96
C PHE B 669 -19.58 -53.83 -2.20
N LEU B 670 -18.79 -54.75 -2.79
CA LEU B 670 -18.47 -56.03 -2.16
C LEU B 670 -17.57 -55.81 -0.93
N GLN B 671 -16.65 -54.80 -1.01
CA GLN B 671 -15.74 -54.36 0.05
C GLN B 671 -16.54 -53.77 1.20
N LEU B 672 -17.56 -52.98 0.87
CA LEU B 672 -18.41 -52.33 1.85
C LEU B 672 -19.34 -53.33 2.53
N TRP B 673 -19.74 -54.41 1.81
CA TRP B 673 -20.61 -55.44 2.35
C TRP B 673 -20.01 -56.13 3.57
N ALA B 674 -20.84 -56.25 4.61
CA ALA B 674 -20.59 -56.98 5.86
C ALA B 674 -21.90 -57.10 6.62
N GLU B 675 -22.03 -58.12 7.50
CA GLU B 675 -23.17 -58.31 8.42
C GLU B 675 -24.54 -58.40 7.70
N GLY B 676 -24.52 -58.81 6.44
CA GLY B 676 -25.73 -58.90 5.61
C GLY B 676 -26.49 -57.59 5.53
N SER B 677 -25.75 -56.46 5.49
CA SER B 677 -26.34 -55.10 5.45
C SER B 677 -27.05 -54.83 4.13
N MET B 678 -26.52 -55.37 3.02
CA MET B 678 -27.10 -55.22 1.68
C MET B 678 -27.14 -56.52 0.92
N THR B 679 -27.97 -56.56 -0.14
CA THR B 679 -28.03 -57.62 -1.14
C THR B 679 -27.36 -57.03 -2.37
N ILE B 680 -26.44 -57.78 -3.00
CA ILE B 680 -25.72 -57.33 -4.19
C ILE B 680 -25.91 -58.40 -5.26
N ALA B 681 -26.49 -57.99 -6.39
CA ALA B 681 -26.78 -58.92 -7.48
C ALA B 681 -26.37 -58.37 -8.84
N MET B 682 -26.10 -59.26 -9.78
CA MET B 682 -25.80 -58.97 -11.17
C MET B 682 -26.57 -60.01 -12.00
N PRO B 683 -27.92 -59.89 -12.13
CA PRO B 683 -28.67 -60.95 -12.83
C PRO B 683 -28.31 -60.98 -14.30
N SER B 684 -28.42 -62.18 -14.92
CA SER B 684 -28.09 -62.39 -16.32
C SER B 684 -29.34 -62.62 -17.17
N THR B 685 -30.51 -62.85 -16.54
CA THR B 685 -31.76 -63.10 -17.28
C THR B 685 -32.88 -62.18 -16.80
N PRO B 686 -33.83 -61.83 -17.70
CA PRO B 686 -34.97 -60.99 -17.29
C PRO B 686 -35.79 -61.57 -16.13
N ALA B 687 -36.18 -62.87 -16.22
CA ALA B 687 -36.93 -63.56 -15.18
C ALA B 687 -36.24 -63.50 -13.83
N ASN B 688 -34.89 -63.66 -13.78
CA ASN B 688 -34.16 -63.61 -12.53
C ASN B 688 -34.17 -62.21 -11.95
N TYR B 689 -34.09 -61.17 -12.82
CA TYR B 689 -34.20 -59.79 -12.38
C TYR B 689 -35.60 -59.53 -11.81
N PHE B 690 -36.65 -60.04 -12.51
CA PHE B 690 -38.05 -59.92 -12.09
C PHE B 690 -38.24 -60.46 -10.66
N HIS B 691 -37.78 -61.70 -10.39
CA HIS B 691 -37.91 -62.36 -9.09
C HIS B 691 -37.05 -61.68 -8.03
N LEU B 692 -35.87 -61.13 -8.41
CA LEU B 692 -35.00 -60.38 -7.47
C LEU B 692 -35.74 -59.15 -6.92
N LEU B 693 -36.44 -58.40 -7.82
CA LEU B 693 -37.19 -57.19 -7.46
C LEU B 693 -38.41 -57.52 -6.61
N ARG B 694 -39.16 -58.57 -6.98
CA ARG B 694 -40.33 -59.02 -6.26
C ARG B 694 -39.96 -59.54 -4.87
N ARG B 695 -38.85 -60.32 -4.77
CA ARG B 695 -38.38 -60.84 -3.48
C ARG B 695 -38.03 -59.65 -2.58
N HIS B 696 -37.31 -58.65 -3.14
CA HIS B 696 -36.92 -57.45 -2.40
C HIS B 696 -38.13 -56.66 -1.86
N GLY B 697 -39.15 -56.50 -2.66
CA GLY B 697 -40.35 -55.78 -2.25
C GLY B 697 -41.29 -56.54 -1.35
N LYS B 698 -41.26 -57.89 -1.37
CA LYS B 698 -42.19 -58.72 -0.59
C LYS B 698 -41.58 -59.46 0.63
N ASP B 699 -40.23 -59.46 0.78
CA ASP B 699 -39.57 -60.26 1.84
C ASP B 699 -39.79 -59.76 3.30
N GLY B 700 -40.29 -58.55 3.48
CA GLY B 700 -40.48 -57.98 4.83
C GLY B 700 -39.22 -57.43 5.49
N ILE B 701 -38.05 -57.62 4.85
CA ILE B 701 -36.71 -57.17 5.29
C ILE B 701 -36.49 -55.78 4.73
N GLN B 702 -35.88 -54.88 5.50
CA GLN B 702 -35.58 -53.52 5.09
C GLN B 702 -34.08 -53.41 5.00
N ARG B 703 -33.52 -53.82 3.86
CA ARG B 703 -32.08 -53.78 3.59
C ARG B 703 -31.85 -53.41 2.14
N PRO B 704 -30.90 -52.49 1.86
CA PRO B 704 -30.71 -52.02 0.47
C PRO B 704 -30.32 -53.12 -0.49
N LEU B 705 -30.69 -52.94 -1.77
CA LEU B 705 -30.39 -53.86 -2.84
C LEU B 705 -29.57 -53.10 -3.91
N ILE B 706 -28.37 -53.60 -4.19
CA ILE B 706 -27.48 -53.05 -5.21
C ILE B 706 -27.58 -53.97 -6.44
N VAL B 707 -28.08 -53.44 -7.58
CA VAL B 707 -28.23 -54.26 -8.78
C VAL B 707 -27.32 -53.72 -9.89
N PHE B 708 -26.47 -54.58 -10.42
CA PHE B 708 -25.63 -54.27 -11.56
C PHE B 708 -26.45 -54.70 -12.78
N THR B 709 -26.89 -53.70 -13.57
CA THR B 709 -27.85 -53.88 -14.65
C THR B 709 -27.19 -53.81 -16.05
N PRO B 710 -27.85 -54.40 -17.08
CA PRO B 710 -27.24 -54.44 -18.42
C PRO B 710 -27.48 -53.21 -19.27
N LYS B 711 -26.72 -53.11 -20.37
CA LYS B 711 -26.81 -52.05 -21.35
C LYS B 711 -27.10 -52.70 -22.71
N SER B 712 -26.09 -53.35 -23.35
CA SER B 712 -26.28 -54.05 -24.65
C SER B 712 -27.10 -55.35 -24.45
N MET B 713 -26.91 -56.03 -23.29
CA MET B 713 -27.63 -57.25 -22.90
C MET B 713 -29.18 -57.04 -22.89
N LEU B 714 -29.63 -55.75 -22.87
CA LEU B 714 -31.06 -55.39 -22.92
C LEU B 714 -31.68 -55.82 -24.25
N ARG B 715 -30.87 -55.79 -25.32
CA ARG B 715 -31.27 -56.12 -26.69
C ARG B 715 -30.66 -57.44 -27.20
N ASN B 716 -30.00 -58.21 -26.33
CA ASN B 716 -29.44 -59.53 -26.65
C ASN B 716 -30.60 -60.53 -26.73
N LYS B 717 -30.79 -61.14 -27.92
CA LYS B 717 -31.87 -62.07 -28.22
C LYS B 717 -31.73 -63.39 -27.45
N ALA B 718 -30.52 -63.70 -26.92
CA ALA B 718 -30.28 -64.88 -26.07
C ALA B 718 -30.75 -64.61 -24.63
N ALA B 719 -30.69 -63.33 -24.20
CA ALA B 719 -31.07 -62.90 -22.88
C ALA B 719 -32.59 -62.60 -22.78
N VAL B 720 -33.41 -63.61 -23.08
CA VAL B 720 -34.86 -63.50 -22.98
C VAL B 720 -35.39 -64.65 -22.10
N SER B 721 -36.59 -64.50 -21.52
CA SER B 721 -37.13 -65.51 -20.63
C SER B 721 -38.51 -65.97 -21.05
N ASP B 722 -38.86 -67.22 -20.67
CA ASP B 722 -40.16 -67.84 -20.93
C ASP B 722 -41.18 -67.37 -19.91
N ILE B 723 -42.48 -67.45 -20.22
CA ILE B 723 -43.58 -67.07 -19.30
C ILE B 723 -43.52 -67.92 -18.03
N ARG B 724 -43.25 -69.27 -18.18
CA ARG B 724 -43.13 -70.21 -17.05
C ARG B 724 -42.10 -69.75 -16.01
N ASP B 725 -41.03 -69.06 -16.43
CA ASP B 725 -39.98 -68.54 -15.53
C ASP B 725 -40.53 -67.47 -14.58
N PHE B 726 -41.64 -66.82 -14.96
CA PHE B 726 -42.29 -65.77 -14.16
C PHE B 726 -43.44 -66.33 -13.34
N THR B 727 -44.08 -67.37 -13.85
CA THR B 727 -45.29 -67.95 -13.28
C THR B 727 -45.07 -69.20 -12.42
N GLU B 728 -43.97 -69.92 -12.61
CA GLU B 728 -43.78 -71.16 -11.82
C GLU B 728 -42.35 -71.30 -11.28
N SER B 729 -41.55 -70.24 -11.34
CA SER B 729 -40.19 -70.29 -10.86
C SER B 729 -39.99 -69.22 -9.75
N LYS B 730 -38.73 -69.07 -9.27
CA LYS B 730 -38.34 -68.18 -8.19
C LYS B 730 -36.92 -67.70 -8.44
N PHE B 731 -36.42 -66.73 -7.65
CA PHE B 731 -35.07 -66.18 -7.77
C PHE B 731 -34.03 -67.28 -7.62
N ARG B 732 -33.06 -67.27 -8.52
CA ARG B 732 -31.98 -68.26 -8.54
C ARG B 732 -30.68 -67.55 -8.31
N SER B 733 -30.09 -67.77 -7.12
CA SER B 733 -28.84 -67.11 -6.73
C SER B 733 -27.64 -67.61 -7.57
N VAL B 734 -27.75 -68.85 -8.09
CA VAL B 734 -26.78 -69.50 -8.95
C VAL B 734 -27.55 -70.06 -10.15
N LEU B 735 -26.95 -69.98 -11.34
CA LEU B 735 -27.56 -70.51 -12.55
C LEU B 735 -26.58 -71.37 -13.32
N GLU B 736 -27.13 -72.48 -13.85
CA GLU B 736 -26.43 -73.38 -14.74
C GLU B 736 -26.87 -73.10 -16.13
N GLU B 737 -26.14 -73.68 -17.10
CA GLU B 737 -26.48 -73.56 -18.51
C GLU B 737 -27.78 -74.33 -18.80
N PRO B 738 -28.70 -73.75 -19.61
CA PRO B 738 -29.95 -74.45 -19.95
C PRO B 738 -29.77 -75.83 -20.58
N MET B 739 -28.61 -76.09 -21.24
CA MET B 739 -28.33 -77.39 -21.90
C MET B 739 -28.25 -78.55 -20.88
N TYR B 740 -28.00 -78.23 -19.59
CA TYR B 740 -27.89 -79.24 -18.55
C TYR B 740 -29.19 -79.42 -17.79
N THR B 741 -29.91 -78.32 -17.55
CA THR B 741 -31.18 -78.34 -16.80
C THR B 741 -32.39 -78.64 -17.69
N ASP B 742 -32.37 -78.21 -18.96
CA ASP B 742 -33.50 -78.30 -19.90
C ASP B 742 -33.13 -78.95 -21.24
N GLY B 743 -31.83 -79.11 -21.50
CA GLY B 743 -31.34 -79.69 -22.75
C GLY B 743 -30.80 -81.10 -22.64
N GLU B 744 -30.02 -81.51 -23.67
CA GLU B 744 -29.39 -82.82 -23.79
C GLU B 744 -27.86 -82.77 -23.51
N GLY B 745 -27.46 -81.94 -22.55
CA GLY B 745 -26.06 -81.81 -22.16
C GLY B 745 -25.65 -82.77 -21.07
N ASP B 746 -24.39 -83.24 -21.13
CA ASP B 746 -23.84 -84.18 -20.16
C ASP B 746 -22.82 -83.50 -19.24
N ARG B 747 -23.21 -83.32 -17.97
CA ARG B 747 -22.43 -82.69 -16.90
C ARG B 747 -21.17 -83.47 -16.54
N ASN B 748 -21.18 -84.81 -16.77
CA ASN B 748 -20.05 -85.67 -16.43
C ASN B 748 -18.87 -85.51 -17.41
N LYS B 749 -19.10 -84.91 -18.57
CA LYS B 749 -18.06 -84.65 -19.57
C LYS B 749 -17.24 -83.39 -19.20
N VAL B 750 -17.71 -82.59 -18.23
CA VAL B 750 -17.09 -81.35 -17.81
C VAL B 750 -15.82 -81.61 -16.97
N THR B 751 -14.68 -81.03 -17.39
CA THR B 751 -13.40 -81.11 -16.69
C THR B 751 -12.95 -79.71 -16.25
N ARG B 752 -13.39 -78.66 -16.98
CA ARG B 752 -13.08 -77.26 -16.66
C ARG B 752 -14.38 -76.52 -16.33
N LEU B 753 -14.42 -75.90 -15.15
CA LEU B 753 -15.59 -75.14 -14.76
C LEU B 753 -15.26 -73.66 -14.72
N LEU B 754 -16.07 -72.85 -15.42
CA LEU B 754 -15.92 -71.39 -15.50
C LEU B 754 -17.00 -70.77 -14.65
N LEU B 755 -16.61 -70.06 -13.59
CA LEU B 755 -17.53 -69.38 -12.69
C LEU B 755 -17.53 -67.92 -13.07
N THR B 756 -18.72 -67.37 -13.28
CA THR B 756 -18.83 -66.02 -13.75
C THR B 756 -20.09 -65.34 -13.22
N SER B 757 -20.27 -64.07 -13.63
CA SER B 757 -21.42 -63.25 -13.30
C SER B 757 -21.67 -62.23 -14.41
N GLY B 758 -22.93 -62.02 -14.76
CA GLY B 758 -23.29 -61.01 -15.78
C GLY B 758 -23.28 -61.44 -17.23
N LYS B 759 -23.15 -60.44 -18.11
CA LYS B 759 -23.23 -60.55 -19.55
C LYS B 759 -22.12 -61.39 -20.20
N ILE B 760 -20.90 -61.49 -19.59
CA ILE B 760 -19.82 -62.27 -20.20
C ILE B 760 -20.26 -63.76 -20.35
N TYR B 761 -21.27 -64.20 -19.57
CA TYR B 761 -21.79 -65.57 -19.68
C TYR B 761 -22.18 -65.90 -21.14
N TYR B 762 -22.94 -65.00 -21.80
CA TYR B 762 -23.45 -65.18 -23.16
C TYR B 762 -22.32 -65.30 -24.18
N GLU B 763 -21.22 -64.56 -23.99
CA GLU B 763 -20.02 -64.60 -24.85
C GLU B 763 -19.28 -65.91 -24.64
N LEU B 764 -19.17 -66.37 -23.38
CA LEU B 764 -18.54 -67.66 -23.05
C LEU B 764 -19.37 -68.80 -23.61
N ALA B 765 -20.72 -68.70 -23.47
CA ALA B 765 -21.69 -69.70 -23.95
C ALA B 765 -21.65 -69.83 -25.49
N ALA B 766 -21.48 -68.68 -26.21
CA ALA B 766 -21.41 -68.62 -27.68
C ALA B 766 -20.12 -69.23 -28.18
N ARG B 767 -19.03 -69.04 -27.41
CA ARG B 767 -17.73 -69.63 -27.74
C ARG B 767 -17.76 -71.15 -27.52
N LYS B 768 -18.46 -71.59 -26.46
CA LYS B 768 -18.60 -73.01 -26.12
C LYS B 768 -19.38 -73.73 -27.22
N ALA B 769 -20.47 -73.09 -27.73
CA ALA B 769 -21.31 -73.68 -28.79
C ALA B 769 -20.56 -73.75 -30.11
N LYS B 770 -19.86 -72.67 -30.47
CA LYS B 770 -19.07 -72.55 -31.70
C LYS B 770 -18.01 -73.66 -31.77
N GLU B 771 -17.32 -73.95 -30.64
CA GLU B 771 -16.29 -74.97 -30.55
C GLU B 771 -16.81 -76.36 -30.09
N ASN B 772 -18.12 -76.47 -29.74
CA ASN B 772 -18.77 -77.71 -29.22
C ASN B 772 -17.95 -78.28 -28.02
N ARG B 773 -17.59 -77.39 -27.06
CA ARG B 773 -16.78 -77.70 -25.89
C ARG B 773 -17.63 -78.28 -24.74
N GLU B 774 -17.94 -79.58 -24.82
CA GLU B 774 -18.69 -80.32 -23.80
C GLU B 774 -17.88 -80.49 -22.49
N ASP B 775 -16.55 -80.31 -22.57
CA ASP B 775 -15.59 -80.44 -21.47
C ASP B 775 -15.58 -79.20 -20.55
N VAL B 776 -16.26 -78.12 -20.97
CA VAL B 776 -16.31 -76.83 -20.27
C VAL B 776 -17.76 -76.49 -19.88
N ALA B 777 -17.97 -76.07 -18.61
CA ALA B 777 -19.27 -75.62 -18.11
C ALA B 777 -19.15 -74.21 -17.57
N ILE B 778 -20.26 -73.46 -17.64
CA ILE B 778 -20.30 -72.09 -17.17
C ILE B 778 -21.40 -71.99 -16.12
N VAL B 779 -21.00 -71.63 -14.88
CA VAL B 779 -21.91 -71.45 -13.76
C VAL B 779 -21.94 -69.96 -13.41
N ARG B 780 -23.15 -69.40 -13.32
CA ARG B 780 -23.34 -67.99 -13.02
C ARG B 780 -23.70 -67.79 -11.58
N ILE B 781 -23.06 -66.78 -10.95
CA ILE B 781 -23.35 -66.36 -9.57
C ILE B 781 -24.14 -65.08 -9.74
N GLU B 782 -25.47 -65.17 -9.58
CA GLU B 782 -26.42 -64.07 -9.74
C GLU B 782 -26.43 -63.17 -8.52
N GLN B 783 -26.40 -63.77 -7.33
CA GLN B 783 -26.37 -63.04 -6.07
C GLN B 783 -24.92 -63.02 -5.57
N LEU B 784 -24.29 -61.83 -5.67
CA LEU B 784 -22.89 -61.64 -5.28
C LEU B 784 -22.74 -61.54 -3.77
N ALA B 785 -23.73 -60.96 -3.07
CA ALA B 785 -23.71 -60.81 -1.61
C ALA B 785 -25.13 -60.80 -1.02
N PRO B 786 -25.42 -61.60 0.04
CA PRO B 786 -24.55 -62.62 0.66
C PRO B 786 -24.29 -63.77 -0.33
N LEU B 787 -23.06 -64.34 -0.30
CA LEU B 787 -22.67 -65.42 -1.21
C LEU B 787 -23.59 -66.62 -0.99
N PRO B 788 -24.16 -67.18 -2.08
CA PRO B 788 -25.02 -68.36 -1.92
C PRO B 788 -24.17 -69.63 -1.73
N ARG B 789 -23.65 -69.83 -0.53
CA ARG B 789 -22.79 -70.96 -0.13
C ARG B 789 -23.41 -72.36 -0.45
N ARG B 790 -24.65 -72.63 0.03
CA ARG B 790 -25.35 -73.89 -0.14
C ARG B 790 -25.65 -74.22 -1.61
N ARG B 791 -26.32 -73.32 -2.34
CA ARG B 791 -26.67 -73.51 -3.76
C ARG B 791 -25.41 -73.66 -4.62
N LEU B 792 -24.36 -72.84 -4.40
CA LEU B 792 -23.10 -72.93 -5.14
C LEU B 792 -22.46 -74.30 -4.91
N ALA B 793 -22.41 -74.78 -3.64
CA ALA B 793 -21.86 -76.09 -3.30
C ALA B 793 -22.65 -77.21 -3.98
N GLU B 794 -24.00 -77.16 -3.89
CA GLU B 794 -24.90 -78.16 -4.45
C GLU B 794 -24.78 -78.21 -6.00
N THR B 795 -24.64 -77.03 -6.63
CA THR B 795 -24.46 -76.89 -8.06
C THR B 795 -23.10 -77.46 -8.51
N LEU B 796 -21.97 -77.11 -7.86
CA LEU B 796 -20.66 -77.67 -8.27
C LEU B 796 -20.56 -79.19 -8.05
N ASP B 797 -21.39 -79.76 -7.15
CA ASP B 797 -21.36 -81.21 -6.91
C ASP B 797 -22.03 -82.00 -8.05
N ARG B 798 -22.72 -81.29 -8.96
CA ARG B 798 -23.36 -81.88 -10.14
C ARG B 798 -22.32 -82.07 -11.27
N TYR B 799 -21.06 -81.59 -11.06
CA TYR B 799 -19.97 -81.71 -12.04
C TYR B 799 -18.80 -82.47 -11.38
N PRO B 800 -18.91 -83.82 -11.23
CA PRO B 800 -17.88 -84.58 -10.49
C PRO B 800 -16.50 -84.73 -11.15
N ASN B 801 -16.40 -84.53 -12.46
CA ASN B 801 -15.13 -84.73 -13.16
C ASN B 801 -14.34 -83.42 -13.36
N VAL B 802 -14.74 -82.34 -12.67
CA VAL B 802 -14.06 -81.03 -12.74
C VAL B 802 -12.66 -81.17 -12.12
N LYS B 803 -11.63 -80.77 -12.91
CA LYS B 803 -10.21 -80.82 -12.53
C LYS B 803 -9.66 -79.41 -12.27
N GLU B 804 -10.33 -78.39 -12.82
CA GLU B 804 -9.93 -76.99 -12.67
C GLU B 804 -11.12 -76.05 -12.71
N LYS B 805 -11.09 -75.08 -11.80
CA LYS B 805 -12.10 -74.05 -11.63
C LYS B 805 -11.48 -72.66 -11.80
N PHE B 806 -12.13 -71.82 -12.60
CA PHE B 806 -11.68 -70.48 -12.87
C PHE B 806 -12.78 -69.49 -12.63
N TRP B 807 -12.45 -68.35 -11.98
CA TRP B 807 -13.37 -67.23 -11.88
C TRP B 807 -13.09 -66.40 -13.09
N VAL B 808 -14.09 -66.23 -13.96
CA VAL B 808 -13.95 -65.46 -15.20
C VAL B 808 -14.75 -64.17 -15.10
N GLN B 809 -14.11 -63.07 -15.45
CA GLN B 809 -14.72 -61.75 -15.44
C GLN B 809 -14.11 -60.84 -16.50
N GLU B 810 -14.91 -59.93 -17.01
CA GLU B 810 -14.41 -58.97 -17.99
C GLU B 810 -13.68 -57.80 -17.31
N GLU B 811 -13.95 -57.55 -16.02
CA GLU B 811 -13.38 -56.43 -15.25
C GLU B 811 -11.90 -56.64 -14.95
N PRO B 812 -11.10 -55.54 -14.82
CA PRO B 812 -9.69 -55.68 -14.46
C PRO B 812 -9.47 -56.50 -13.18
N ALA B 813 -8.27 -57.10 -13.01
CA ALA B 813 -7.91 -57.99 -11.89
C ALA B 813 -8.19 -57.36 -10.49
N ASN B 814 -7.98 -56.04 -10.33
CA ASN B 814 -8.17 -55.31 -9.08
C ASN B 814 -9.64 -54.80 -8.93
N GLN B 815 -10.52 -55.16 -9.88
CA GLN B 815 -11.91 -54.71 -9.92
C GLN B 815 -12.82 -55.91 -10.12
N GLY B 816 -14.13 -55.68 -10.22
CA GLY B 816 -15.09 -56.77 -10.34
C GLY B 816 -15.22 -57.60 -9.07
N ALA B 817 -15.64 -58.86 -9.19
CA ALA B 817 -15.85 -59.71 -8.00
C ALA B 817 -14.57 -60.41 -7.51
N TRP B 818 -13.53 -60.53 -8.37
CA TRP B 818 -12.31 -61.23 -8.00
C TRP B 818 -11.69 -60.77 -6.65
N PRO B 819 -11.44 -59.46 -6.38
CA PRO B 819 -10.79 -59.08 -5.10
C PRO B 819 -11.44 -59.70 -3.85
N SER B 820 -12.77 -59.80 -3.82
CA SER B 820 -13.44 -60.41 -2.68
C SER B 820 -13.62 -61.93 -2.85
N PHE B 821 -14.10 -62.40 -4.03
CA PHE B 821 -14.33 -63.84 -4.31
C PHE B 821 -13.04 -64.68 -4.28
N GLY B 822 -11.92 -64.11 -4.74
CA GLY B 822 -10.63 -64.79 -4.73
C GLY B 822 -10.14 -65.11 -3.33
N LEU B 823 -10.62 -64.36 -2.35
CA LEU B 823 -10.28 -64.50 -0.94
C LEU B 823 -11.38 -65.26 -0.18
N THR B 824 -12.67 -64.90 -0.39
CA THR B 824 -13.79 -65.53 0.33
C THR B 824 -14.16 -66.94 -0.17
N LEU B 825 -14.21 -67.17 -1.51
CA LEU B 825 -14.59 -68.50 -2.04
C LEU B 825 -13.70 -69.63 -1.52
N PRO B 826 -12.33 -69.54 -1.52
CA PRO B 826 -11.53 -70.65 -0.93
C PRO B 826 -11.69 -70.79 0.58
N GLU B 827 -12.19 -69.74 1.28
CA GLU B 827 -12.37 -69.76 2.73
C GLU B 827 -13.71 -70.36 3.13
N ILE B 828 -14.83 -69.94 2.49
CA ILE B 828 -16.16 -70.44 2.84
C ILE B 828 -16.39 -71.88 2.27
N LEU B 829 -15.77 -72.19 1.12
CA LEU B 829 -15.88 -73.51 0.48
C LEU B 829 -14.46 -74.04 0.12
N PRO B 830 -13.66 -74.46 1.13
CA PRO B 830 -12.29 -74.94 0.85
C PRO B 830 -12.25 -76.22 0.01
N ASP B 831 -13.20 -77.16 0.22
CA ASP B 831 -13.22 -78.41 -0.55
C ASP B 831 -13.53 -78.12 -2.02
N HIS B 832 -14.37 -77.14 -2.29
CA HIS B 832 -14.77 -76.77 -3.66
C HIS B 832 -13.85 -75.75 -4.34
N PHE B 833 -13.36 -74.74 -3.61
CA PHE B 833 -12.64 -73.66 -4.27
C PHE B 833 -11.15 -73.50 -3.99
N THR B 834 -10.50 -74.48 -3.34
CA THR B 834 -9.05 -74.40 -3.15
C THR B 834 -8.40 -74.63 -4.52
N GLY B 835 -7.56 -73.70 -4.94
CA GLY B 835 -6.90 -73.76 -6.24
C GLY B 835 -7.63 -72.98 -7.32
N LEU B 836 -8.67 -72.21 -6.93
CA LEU B 836 -9.44 -71.35 -7.84
C LEU B 836 -8.53 -70.26 -8.41
N LYS B 837 -8.51 -70.14 -9.74
CA LYS B 837 -7.68 -69.18 -10.42
C LYS B 837 -8.55 -68.15 -11.13
N ARG B 838 -7.95 -67.01 -11.47
CA ARG B 838 -8.63 -65.88 -12.10
C ARG B 838 -8.31 -65.77 -13.62
N ILE B 839 -9.36 -65.44 -14.40
CA ILE B 839 -9.33 -65.09 -15.81
C ILE B 839 -10.05 -63.74 -15.92
N SER B 840 -9.28 -62.68 -16.19
CA SER B 840 -9.77 -61.33 -16.28
C SER B 840 -8.82 -60.46 -17.06
N ARG B 841 -9.21 -59.18 -17.19
CA ARG B 841 -8.34 -58.14 -17.72
C ARG B 841 -7.23 -57.95 -16.71
N ARG B 842 -6.07 -57.42 -17.15
CA ARG B 842 -4.98 -57.08 -16.23
C ARG B 842 -5.50 -56.06 -15.19
N ALA B 843 -4.79 -55.88 -14.07
CA ALA B 843 -5.15 -54.81 -13.12
C ALA B 843 -4.98 -53.48 -13.86
N MET B 844 -5.97 -52.60 -13.71
CA MET B 844 -5.98 -51.31 -14.38
C MET B 844 -6.35 -50.20 -13.42
N SER B 845 -5.78 -49.00 -13.64
CA SER B 845 -6.05 -47.79 -12.87
C SER B 845 -7.47 -47.26 -13.17
N ALA B 846 -7.86 -47.32 -14.46
CA ALA B 846 -9.17 -46.92 -14.97
C ALA B 846 -10.03 -48.16 -15.11
N PRO B 847 -11.39 -48.07 -15.09
CA PRO B 847 -12.21 -49.30 -15.19
C PRO B 847 -12.10 -50.03 -16.54
N SER B 848 -11.61 -49.35 -17.60
CA SER B 848 -11.43 -49.94 -18.95
C SER B 848 -10.58 -49.08 -19.82
N SER B 849 -10.33 -49.51 -21.05
CA SER B 849 -9.61 -48.71 -22.04
C SER B 849 -10.58 -47.67 -22.65
N GLY B 850 -10.03 -46.63 -23.28
CA GLY B 850 -10.82 -45.59 -23.93
C GLY B 850 -11.28 -45.92 -25.33
N SER B 851 -10.56 -46.83 -26.00
CA SER B 851 -10.83 -47.27 -27.38
C SER B 851 -11.69 -48.54 -27.39
N SER B 852 -12.77 -48.54 -28.19
CA SER B 852 -13.66 -49.71 -28.36
C SER B 852 -12.91 -50.85 -29.07
N LYS B 853 -11.96 -50.49 -29.98
CA LYS B 853 -11.12 -51.47 -30.70
C LYS B 853 -10.21 -52.21 -29.72
N VAL B 854 -9.60 -51.49 -28.75
CA VAL B 854 -8.70 -52.04 -27.74
C VAL B 854 -9.52 -52.92 -26.77
N HIS B 855 -10.75 -52.48 -26.41
CA HIS B 855 -11.69 -53.24 -25.59
C HIS B 855 -11.94 -54.62 -26.22
N ALA B 856 -12.23 -54.63 -27.55
CA ALA B 856 -12.52 -55.84 -28.34
C ALA B 856 -11.35 -56.84 -28.33
N VAL B 857 -10.10 -56.34 -28.47
CA VAL B 857 -8.89 -57.17 -28.44
C VAL B 857 -8.73 -57.81 -27.04
N GLU B 858 -8.94 -57.02 -25.97
CA GLU B 858 -8.86 -57.48 -24.59
C GLU B 858 -9.95 -58.49 -24.27
N GLN B 859 -11.18 -58.24 -24.75
CA GLN B 859 -12.33 -59.13 -24.53
C GLN B 859 -12.08 -60.52 -25.16
N GLN B 860 -11.49 -60.55 -26.38
CA GLN B 860 -11.22 -61.79 -27.10
C GLN B 860 -10.13 -62.59 -26.38
N GLU B 861 -9.17 -61.90 -25.72
CA GLU B 861 -8.10 -62.54 -24.93
C GLU B 861 -8.67 -63.34 -23.75
N ILE B 862 -9.69 -62.77 -23.07
CA ILE B 862 -10.36 -63.41 -21.94
C ILE B 862 -11.00 -64.73 -22.41
N LEU B 863 -11.80 -64.70 -23.49
CA LEU B 863 -12.48 -65.88 -24.05
C LEU B 863 -11.45 -66.91 -24.52
N ASP B 864 -10.33 -66.46 -25.14
CA ASP B 864 -9.26 -67.37 -25.60
C ASP B 864 -8.57 -68.06 -24.42
N THR B 865 -8.40 -67.35 -23.29
CA THR B 865 -7.77 -67.89 -22.09
C THR B 865 -8.72 -68.91 -21.43
N ALA B 866 -10.02 -68.58 -21.34
CA ALA B 866 -11.05 -69.41 -20.72
C ALA B 866 -11.25 -70.74 -21.46
N PHE B 867 -10.95 -70.76 -22.77
CA PHE B 867 -11.11 -71.94 -23.61
C PHE B 867 -9.76 -72.45 -24.16
N GLY B 868 -8.65 -71.88 -23.69
CA GLY B 868 -7.31 -72.29 -24.12
C GLY B 868 -6.50 -72.98 -23.05
N GLU C 5 41.24 -17.95 12.64
CA GLU C 5 41.13 -17.73 11.20
C GLU C 5 40.24 -16.50 10.89
N ASP C 6 39.07 -16.42 11.55
CA ASP C 6 38.12 -15.32 11.41
C ASP C 6 38.55 -14.11 12.24
N LYS C 7 39.31 -14.35 13.32
CA LYS C 7 39.84 -13.42 14.31
C LYS C 7 40.54 -12.21 13.68
N ASN C 8 41.50 -12.43 12.74
CA ASN C 8 42.24 -11.35 12.08
C ASN C 8 41.31 -10.42 11.27
N ALA C 9 40.18 -10.97 10.75
CA ALA C 9 39.17 -10.22 9.99
C ALA C 9 38.28 -9.38 10.94
N ARG C 10 38.07 -9.85 12.18
CA ARG C 10 37.28 -9.12 13.19
C ARG C 10 38.09 -7.92 13.72
N VAL C 11 39.43 -8.08 13.74
CA VAL C 11 40.42 -7.08 14.16
C VAL C 11 40.41 -5.89 13.18
N ILE C 12 40.34 -6.15 11.88
CA ILE C 12 40.29 -5.10 10.85
C ILE C 12 38.93 -4.36 10.92
N GLU C 13 37.82 -5.10 11.13
CA GLU C 13 36.50 -4.49 11.29
C GLU C 13 36.46 -3.64 12.57
N LEU C 14 37.14 -4.11 13.64
CA LEU C 14 37.24 -3.41 14.93
C LEU C 14 38.04 -2.11 14.77
N ILE C 15 39.21 -2.17 14.09
CA ILE C 15 40.03 -1.01 13.77
C ILE C 15 39.14 0.03 13.07
N ALA C 16 38.32 -0.42 12.11
CA ALA C 16 37.42 0.40 11.31
C ALA C 16 36.32 1.01 12.18
N ALA C 17 35.79 0.25 13.16
CA ALA C 17 34.75 0.73 14.08
C ALA C 17 35.26 1.94 14.90
N TYR C 18 36.52 1.90 15.36
CA TYR C 18 37.12 2.97 16.16
C TYR C 18 37.31 4.20 15.32
N ARG C 19 37.87 4.03 14.10
CA ARG C 19 38.11 5.12 13.16
C ARG C 19 36.78 5.76 12.71
N ASN C 20 35.73 4.95 12.50
CA ASN C 20 34.41 5.37 12.05
C ASN C 20 33.50 5.90 13.15
N ARG C 21 33.34 5.18 14.27
CA ARG C 21 32.36 5.51 15.31
C ARG C 21 32.93 5.79 16.73
N GLY C 22 34.25 5.72 16.90
CA GLY C 22 34.93 5.96 18.17
C GLY C 22 34.62 7.29 18.82
N HIS C 23 34.43 8.36 17.97
CA HIS C 23 34.08 9.72 18.41
C HIS C 23 32.75 9.74 19.19
N LEU C 24 31.85 8.77 18.95
CA LEU C 24 30.56 8.68 19.66
C LEU C 24 30.75 8.14 21.10
N MET C 25 31.94 7.62 21.42
CA MET C 25 32.27 7.07 22.75
C MET C 25 33.29 7.93 23.49
N ALA C 26 33.90 8.91 22.82
CA ALA C 26 34.91 9.80 23.40
C ALA C 26 34.34 10.61 24.56
N ASP C 27 35.16 10.78 25.60
CA ASP C 27 34.86 11.58 26.78
C ASP C 27 35.19 13.04 26.46
N ILE C 28 34.33 13.66 25.62
CA ILE C 28 34.49 15.03 25.11
C ILE C 28 33.66 16.05 25.89
N ASP C 29 32.54 15.65 26.55
CA ASP C 29 31.69 16.59 27.29
C ASP C 29 32.20 16.77 28.75
N PRO C 30 32.76 17.97 29.09
CA PRO C 30 33.22 18.18 30.49
C PRO C 30 32.10 18.20 31.54
N LEU C 31 30.81 18.20 31.11
CA LEU C 31 29.68 18.17 32.05
C LEU C 31 29.10 16.74 32.24
N ARG C 32 29.43 15.80 31.33
CA ARG C 32 28.94 14.41 31.35
C ARG C 32 27.39 14.39 31.52
N LEU C 33 26.71 15.30 30.80
CA LEU C 33 25.25 15.48 30.85
C LEU C 33 24.50 14.23 30.44
N ASP C 34 24.94 13.59 29.34
CA ASP C 34 24.32 12.36 28.83
C ASP C 34 24.89 11.17 29.58
N ASN C 35 24.03 10.54 30.40
CA ASN C 35 24.36 9.36 31.24
C ASN C 35 24.59 8.10 30.40
N THR C 36 23.80 7.91 29.33
CA THR C 36 23.82 6.74 28.45
C THR C 36 24.90 6.83 27.32
N ARG C 37 25.77 7.85 27.36
CA ARG C 37 26.83 8.07 26.36
C ARG C 37 27.74 6.84 26.23
N PHE C 38 28.20 6.29 27.35
CA PHE C 38 29.10 5.14 27.38
C PHE C 38 28.28 3.83 27.56
N ARG C 39 27.38 3.56 26.60
CA ARG C 39 26.47 2.40 26.51
C ARG C 39 25.66 2.19 27.79
N GLY C 50 33.50 -10.82 18.80
CA GLY C 50 33.97 -12.07 18.23
C GLY C 50 35.40 -12.44 18.64
N LEU C 51 36.01 -11.63 19.53
CA LEU C 51 37.36 -11.78 20.06
C LEU C 51 37.35 -12.00 21.56
N THR C 52 38.26 -12.85 22.06
CA THR C 52 38.40 -13.18 23.48
C THR C 52 39.55 -12.39 24.13
N LEU C 53 39.68 -12.49 25.49
CA LEU C 53 40.74 -11.84 26.27
C LEU C 53 42.11 -12.51 25.97
N TRP C 54 42.05 -13.74 25.46
CA TRP C 54 43.19 -14.54 25.04
C TRP C 54 43.82 -13.97 23.77
N ASP C 55 43.02 -13.25 22.97
CA ASP C 55 43.47 -12.67 21.71
C ASP C 55 44.24 -11.37 21.90
N LEU C 56 44.14 -10.75 23.08
CA LEU C 56 44.80 -9.50 23.40
C LEU C 56 46.33 -9.57 23.27
N ASP C 57 46.93 -10.71 23.57
CA ASP C 57 48.39 -10.88 23.51
C ASP C 57 48.87 -11.44 22.14
N ARG C 58 47.93 -11.83 21.26
CA ARG C 58 48.22 -12.37 19.93
C ARG C 58 48.54 -11.26 18.93
N GLU C 59 49.43 -11.53 17.95
CA GLU C 59 49.84 -10.59 16.91
C GLU C 59 48.90 -10.69 15.69
N PHE C 60 48.38 -9.52 15.24
CA PHE C 60 47.46 -9.46 14.11
C PHE C 60 47.97 -8.58 12.96
N LYS C 61 47.38 -8.75 11.75
CA LYS C 61 47.72 -7.97 10.56
C LYS C 61 46.92 -6.67 10.54
N VAL C 62 47.59 -5.52 10.35
CA VAL C 62 46.92 -4.22 10.34
C VAL C 62 46.38 -3.92 8.92
N ARG C 70 52.86 -6.30 11.78
CA ARG C 70 52.24 -7.20 12.74
C ARG C 70 52.27 -6.60 14.16
N LYS C 71 51.08 -6.32 14.72
CA LYS C 71 50.94 -5.72 16.04
C LYS C 71 50.04 -6.55 16.96
N LYS C 72 50.37 -6.59 18.28
CA LYS C 72 49.59 -7.27 19.32
C LYS C 72 48.23 -6.57 19.47
N LEU C 73 47.14 -7.31 19.76
CA LEU C 73 45.79 -6.71 19.88
C LEU C 73 45.70 -5.64 21.01
N ARG C 74 46.40 -5.87 22.14
CA ARG C 74 46.44 -4.95 23.28
C ARG C 74 46.99 -3.56 22.87
N ASP C 75 48.06 -3.55 22.05
CA ASP C 75 48.72 -2.37 21.52
C ASP C 75 47.85 -1.69 20.46
N ILE C 76 47.12 -2.49 19.67
CA ILE C 76 46.19 -2.00 18.66
C ILE C 76 45.04 -1.25 19.36
N LEU C 77 44.40 -1.87 20.37
CA LEU C 77 43.27 -1.31 21.09
C LEU C 77 43.65 -0.09 21.93
N SER C 78 44.83 -0.11 22.57
CA SER C 78 45.29 1.01 23.41
C SER C 78 45.50 2.28 22.54
N VAL C 79 46.05 2.11 21.31
CA VAL C 79 46.30 3.17 20.31
C VAL C 79 44.95 3.72 19.79
N LEU C 80 43.97 2.83 19.53
CA LEU C 80 42.63 3.23 19.08
C LEU C 80 41.85 3.99 20.19
N ARG C 81 41.99 3.58 21.46
CA ARG C 81 41.34 4.25 22.60
C ARG C 81 41.92 5.68 22.82
N ASP C 82 43.26 5.81 22.76
CA ASP C 82 43.98 7.06 23.00
C ASP C 82 43.66 8.10 21.94
N ALA C 83 43.52 7.64 20.70
CA ALA C 83 43.28 8.48 19.53
C ALA C 83 41.82 8.85 19.32
N TYR C 84 40.89 7.92 19.60
CA TYR C 84 39.49 8.12 19.28
C TYR C 84 38.50 8.10 20.45
N CYS C 85 38.87 7.58 21.62
CA CYS C 85 37.87 7.47 22.69
C CYS C 85 38.29 8.14 24.02
N ARG C 86 39.29 9.04 24.00
CA ARG C 86 39.69 9.74 25.22
C ARG C 86 39.02 11.12 25.21
N HIS C 87 39.77 12.23 25.22
CA HIS C 87 39.19 13.58 25.25
C HIS C 87 39.04 14.20 23.86
N VAL C 88 39.39 13.43 22.80
CA VAL C 88 39.29 13.91 21.41
C VAL C 88 38.47 12.92 20.54
N GLY C 89 37.36 13.42 19.99
CA GLY C 89 36.48 12.73 19.04
C GLY C 89 36.88 13.16 17.65
N VAL C 90 37.36 12.22 16.83
CA VAL C 90 37.86 12.52 15.48
C VAL C 90 36.91 12.01 14.41
N GLU C 91 36.43 12.91 13.54
CA GLU C 91 35.57 12.56 12.40
C GLU C 91 36.34 12.86 11.12
N TYR C 92 36.72 11.83 10.38
CA TYR C 92 37.53 12.03 9.18
C TYR C 92 37.25 10.98 8.08
N THR C 93 36.57 9.86 8.39
CA THR C 93 36.33 8.80 7.40
C THR C 93 35.33 9.23 6.31
N HIS C 94 34.67 10.40 6.47
CA HIS C 94 33.76 10.97 5.46
C HIS C 94 34.58 11.66 4.36
N ILE C 95 35.88 11.92 4.61
CA ILE C 95 36.78 12.56 3.64
C ILE C 95 37.01 11.60 2.47
N LEU C 96 36.77 12.09 1.26
CA LEU C 96 36.87 11.34 0.01
C LEU C 96 38.31 11.18 -0.49
N GLU C 97 39.23 12.08 -0.11
CA GLU C 97 40.64 11.99 -0.49
C GLU C 97 41.32 10.96 0.45
N PRO C 98 41.75 9.76 -0.03
CA PRO C 98 42.36 8.77 0.89
C PRO C 98 43.66 9.24 1.54
N GLU C 99 44.42 10.10 0.84
CA GLU C 99 45.69 10.63 1.34
C GLU C 99 45.46 11.51 2.59
N GLN C 100 44.28 12.16 2.69
CA GLN C 100 43.88 13.00 3.84
C GLN C 100 43.48 12.15 5.03
N GLN C 101 42.78 11.02 4.79
CA GLN C 101 42.43 10.05 5.84
C GLN C 101 43.70 9.44 6.42
N ARG C 102 44.66 9.07 5.53
CA ARG C 102 45.96 8.49 5.90
C ARG C 102 46.81 9.47 6.70
N TRP C 103 46.79 10.76 6.34
CA TRP C 103 47.56 11.82 7.02
C TRP C 103 47.10 11.95 8.48
N ILE C 104 45.77 12.06 8.67
CA ILE C 104 45.14 12.15 9.99
C ILE C 104 45.51 10.91 10.79
N GLN C 105 45.22 9.71 10.21
CA GLN C 105 45.48 8.39 10.76
C GLN C 105 46.87 8.28 11.35
N GLU C 106 47.89 8.65 10.56
CA GLU C 106 49.29 8.58 10.96
C GLU C 106 49.62 9.51 12.13
N ARG C 107 49.01 10.72 12.17
CA ARG C 107 49.29 11.70 13.23
C ARG C 107 48.47 11.48 14.50
N VAL C 108 47.36 10.78 14.39
CA VAL C 108 46.43 10.58 15.50
C VAL C 108 46.70 9.21 16.17
N GLU C 109 47.06 8.18 15.36
CA GLU C 109 47.31 6.82 15.86
C GLU C 109 48.80 6.57 16.18
N THR C 110 49.47 7.54 16.81
CA THR C 110 50.86 7.39 17.29
C THR C 110 50.97 7.94 18.71
N LYS C 111 52.10 7.71 19.38
CA LYS C 111 52.35 8.22 20.73
C LYS C 111 52.67 9.72 20.64
N HIS C 112 51.88 10.55 21.31
CA HIS C 112 52.09 12.00 21.31
C HIS C 112 53.10 12.37 22.39
N ASP C 113 54.12 13.18 22.02
CA ASP C 113 55.16 13.63 22.95
C ASP C 113 54.57 14.62 23.95
N LYS C 114 54.75 14.33 25.25
CA LYS C 114 54.23 15.14 26.36
C LYS C 114 54.80 16.58 26.30
N PRO C 115 53.99 17.64 26.57
CA PRO C 115 54.55 19.00 26.54
C PRO C 115 55.59 19.21 27.66
N THR C 116 56.56 20.11 27.43
CA THR C 116 57.57 20.43 28.45
C THR C 116 56.89 21.18 29.60
N VAL C 117 57.53 21.19 30.79
CA VAL C 117 57.07 21.89 32.00
C VAL C 117 56.86 23.38 31.65
N ALA C 118 57.81 23.98 30.88
CA ALA C 118 57.75 25.38 30.41
C ALA C 118 56.50 25.65 29.55
N GLU C 119 56.13 24.69 28.67
CA GLU C 119 54.95 24.80 27.79
C GLU C 119 53.65 24.67 28.59
N GLN C 120 53.63 23.75 29.59
CA GLN C 120 52.48 23.52 30.48
C GLN C 120 52.18 24.76 31.31
N LYS C 121 53.26 25.37 31.86
CA LYS C 121 53.20 26.61 32.64
C LYS C 121 52.63 27.74 31.79
N TYR C 122 53.04 27.79 30.50
CA TYR C 122 52.59 28.81 29.54
C TYR C 122 51.10 28.66 29.28
N ILE C 123 50.58 27.40 29.15
CA ILE C 123 49.15 27.12 28.98
C ILE C 123 48.41 27.62 30.22
N LEU C 124 48.95 27.30 31.42
CA LEU C 124 48.35 27.75 32.68
C LEU C 124 48.27 29.29 32.72
N SER C 125 49.34 30.01 32.31
CA SER C 125 49.33 31.49 32.25
C SER C 125 48.21 31.98 31.35
N LYS C 126 47.89 31.24 30.24
CA LYS C 126 46.80 31.59 29.32
C LYS C 126 45.43 31.40 29.99
N LEU C 127 45.23 30.31 30.76
CA LEU C 127 43.97 30.07 31.51
C LEU C 127 43.85 31.08 32.68
N ASN C 128 44.97 31.50 33.29
CA ASN C 128 45.00 32.49 34.40
C ASN C 128 44.51 33.84 33.89
N ALA C 129 45.09 34.32 32.76
CA ALA C 129 44.77 35.60 32.12
C ALA C 129 43.29 35.61 31.68
N ALA C 130 42.83 34.48 31.10
CA ALA C 130 41.47 34.27 30.62
C ALA C 130 40.42 34.35 31.74
N GLU C 131 40.63 33.61 32.85
CA GLU C 131 39.69 33.56 33.97
C GLU C 131 39.77 34.79 34.85
N ALA C 132 40.97 35.35 35.09
CA ALA C 132 41.10 36.53 35.96
C ALA C 132 40.62 37.79 35.30
N PHE C 133 40.69 37.88 33.96
CA PHE C 133 40.13 38.99 33.20
C PHE C 133 38.59 39.00 33.40
N GLU C 134 37.96 37.80 33.38
CA GLU C 134 36.52 37.65 33.51
C GLU C 134 36.02 37.93 34.93
N THR C 135 36.81 37.52 35.97
CA THR C 135 36.42 37.70 37.37
C THR C 135 36.63 39.12 37.76
N PHE C 136 37.62 39.79 37.18
CA PHE C 136 37.89 41.20 37.43
C PHE C 136 36.73 42.07 36.91
N LEU C 137 36.27 41.84 35.62
CA LEU C 137 35.15 42.58 35.04
C LEU C 137 33.87 42.32 35.83
N GLN C 138 33.71 41.11 36.39
CA GLN C 138 32.58 40.71 37.23
C GLN C 138 32.51 41.59 38.48
N THR C 139 33.65 41.80 39.10
CA THR C 139 33.84 42.56 40.33
C THR C 139 33.63 44.06 40.09
N LYS C 140 34.26 44.63 39.05
CA LYS C 140 34.22 46.07 38.79
C LYS C 140 32.93 46.56 38.11
N TYR C 141 32.46 45.83 37.08
CA TYR C 141 31.29 46.22 36.29
C TYR C 141 30.26 45.08 36.25
N VAL C 142 29.73 44.72 37.44
CA VAL C 142 28.75 43.67 37.66
C VAL C 142 27.44 43.85 36.82
N GLY C 143 27.06 45.09 36.49
CA GLY C 143 25.85 45.36 35.74
C GLY C 143 26.00 45.61 34.24
N GLN C 144 27.18 45.32 33.67
CA GLN C 144 27.39 45.53 32.24
C GLN C 144 27.61 44.18 31.58
N LYS C 145 26.98 43.96 30.39
CA LYS C 145 27.12 42.74 29.59
C LYS C 145 28.55 42.65 29.07
N ARG C 146 29.12 41.47 29.07
CA ARG C 146 30.49 41.27 28.59
C ARG C 146 30.61 39.89 27.90
N PHE C 147 29.49 39.13 27.84
CA PHE C 147 29.37 37.80 27.24
C PHE C 147 30.59 37.00 27.56
N SER C 148 30.81 36.83 28.89
CA SER C 148 31.90 36.12 29.52
C SER C 148 32.18 34.72 28.91
N LEU C 149 33.47 34.42 28.81
CA LEU C 149 34.10 33.20 28.33
C LEU C 149 34.17 32.11 29.47
N GLU C 150 33.79 32.44 30.75
CA GLU C 150 33.82 31.50 31.88
C GLU C 150 33.11 30.18 31.53
N GLY C 151 33.84 29.09 31.73
CA GLY C 151 33.42 27.75 31.39
C GLY C 151 34.00 27.30 30.06
N ALA C 152 34.64 28.25 29.32
CA ALA C 152 35.21 28.00 27.98
C ALA C 152 36.65 28.60 27.85
N GLU C 153 37.32 28.90 28.98
CA GLU C 153 38.64 29.55 29.05
C GLU C 153 39.73 28.92 28.14
N THR C 154 39.60 27.62 27.84
CA THR C 154 40.51 26.85 27.02
C THR C 154 40.61 27.45 25.59
N VAL C 155 39.61 28.19 25.15
CA VAL C 155 39.58 28.92 23.87
C VAL C 155 40.88 29.76 23.72
N ILE C 156 41.32 30.45 24.79
CA ILE C 156 42.52 31.31 24.81
C ILE C 156 43.78 30.46 24.53
N PRO C 157 44.20 29.43 25.35
CA PRO C 157 45.39 28.65 24.97
C PRO C 157 45.26 27.94 23.61
N MET C 158 44.01 27.59 23.19
CA MET C 158 43.75 26.96 21.89
C MET C 158 44.04 27.93 20.73
N MET C 159 43.56 29.18 20.82
CA MET C 159 43.78 30.20 19.75
C MET C 159 45.26 30.56 19.67
N ASP C 160 45.91 30.63 20.84
CA ASP C 160 47.33 30.90 21.00
C ASP C 160 48.12 29.82 20.24
N ALA C 161 47.74 28.53 20.42
CA ALA C 161 48.36 27.38 19.75
C ALA C 161 48.18 27.48 18.23
N VAL C 162 46.96 27.86 17.74
CA VAL C 162 46.68 28.06 16.31
C VAL C 162 47.68 29.09 15.74
N ILE C 163 47.74 30.27 16.37
CA ILE C 163 48.57 31.41 15.93
C ILE C 163 50.05 31.04 16.00
N ASP C 164 50.48 30.39 17.12
CA ASP C 164 51.86 29.98 17.31
C ASP C 164 52.25 28.95 16.23
N GLN C 165 51.33 28.02 15.89
CA GLN C 165 51.59 27.02 14.85
C GLN C 165 51.70 27.69 13.47
N CYS C 166 50.92 28.75 13.21
CA CYS C 166 50.97 29.53 11.95
C CYS C 166 52.33 30.24 11.82
N ALA C 167 52.84 30.81 12.95
CA ALA C 167 54.16 31.46 13.03
C ALA C 167 55.27 30.41 12.83
N GLU C 168 55.04 29.16 13.32
CA GLU C 168 55.96 28.04 13.19
C GLU C 168 56.10 27.65 11.71
N HIS C 169 55.00 27.77 10.91
CA HIS C 169 54.98 27.53 9.46
C HIS C 169 55.53 28.75 8.69
N GLY C 170 55.89 29.83 9.42
CA GLY C 170 56.44 31.06 8.87
C GLY C 170 55.46 31.88 8.07
N LEU C 171 54.15 31.83 8.43
CA LEU C 171 53.11 32.57 7.72
C LEU C 171 53.10 34.05 8.11
N ASP C 172 52.40 34.89 7.31
CA ASP C 172 52.42 36.34 7.47
C ASP C 172 51.36 36.93 8.40
N GLU C 173 50.14 36.40 8.41
CA GLU C 173 49.07 36.98 9.21
C GLU C 173 47.97 35.98 9.53
N VAL C 174 47.36 36.15 10.69
CA VAL C 174 46.17 35.39 11.12
C VAL C 174 45.06 36.42 11.24
N VAL C 175 43.97 36.23 10.48
CA VAL C 175 42.86 37.20 10.54
C VAL C 175 41.67 36.50 11.22
N ILE C 176 41.22 37.07 12.34
CA ILE C 176 40.13 36.49 13.13
C ILE C 176 38.79 37.18 12.92
N ALA C 177 37.73 36.38 12.92
CA ALA C 177 36.34 36.80 12.98
C ALA C 177 35.67 35.93 14.02
N MET C 178 34.88 36.54 14.86
CA MET C 178 34.23 35.79 15.93
C MET C 178 32.96 36.49 16.40
N PRO C 179 32.09 35.75 17.16
CA PRO C 179 30.91 36.40 17.73
C PRO C 179 31.26 37.03 19.10
N HIS C 180 30.26 37.21 19.96
CA HIS C 180 30.35 37.85 21.27
C HIS C 180 31.09 37.01 22.35
N ARG C 181 30.95 35.65 22.32
CA ARG C 181 31.47 34.76 23.35
C ARG C 181 32.98 34.87 23.51
N GLY C 182 33.39 35.51 24.62
CA GLY C 182 34.78 35.77 25.00
C GLY C 182 35.54 36.70 24.07
N ARG C 183 34.80 37.51 23.27
CA ARG C 183 35.35 38.51 22.34
C ARG C 183 36.30 39.48 23.09
N LEU C 184 35.84 40.03 24.19
CA LEU C 184 36.65 40.95 24.99
C LEU C 184 37.94 40.27 25.45
N ASN C 185 37.81 39.02 25.96
CA ASN C 185 38.93 38.20 26.43
C ASN C 185 39.96 38.00 25.33
N VAL C 186 39.50 37.60 24.10
CA VAL C 186 40.34 37.36 22.92
C VAL C 186 41.07 38.66 22.53
N LEU C 187 40.35 39.76 22.51
CA LEU C 187 40.93 41.07 22.21
C LEU C 187 42.09 41.41 23.14
N ALA C 188 41.92 41.17 24.46
CA ALA C 188 42.94 41.49 25.45
C ALA C 188 44.10 40.46 25.54
N ASN C 189 43.76 39.17 25.45
CA ASN C 189 44.73 38.11 25.69
C ASN C 189 45.29 37.46 24.41
N ILE C 190 44.66 37.66 23.25
CA ILE C 190 45.17 37.07 22.00
C ILE C 190 45.70 38.18 21.05
N VAL C 191 44.86 39.15 20.70
CA VAL C 191 45.21 40.19 19.73
C VAL C 191 46.11 41.25 20.37
N GLY C 192 45.93 41.51 21.66
CA GLY C 192 46.75 42.46 22.38
C GLY C 192 46.21 43.86 22.48
N LYS C 193 44.86 43.98 22.42
CA LYS C 193 44.16 45.24 22.59
C LYS C 193 44.45 45.73 24.03
N PRO C 194 44.96 46.98 24.22
CA PRO C 194 45.28 47.43 25.57
C PRO C 194 44.10 47.28 26.52
N TYR C 195 44.41 46.80 27.71
CA TYR C 195 43.50 46.64 28.82
C TYR C 195 42.85 47.95 29.12
N SER C 196 43.65 49.02 29.08
CA SER C 196 43.20 50.40 29.33
C SER C 196 42.06 50.81 28.38
N GLN C 197 42.12 50.36 27.12
CA GLN C 197 41.12 50.64 26.09
C GLN C 197 39.79 49.90 26.40
N ILE C 198 39.87 48.58 26.80
CA ILE C 198 38.72 47.78 27.19
C ILE C 198 38.10 48.39 28.51
N PHE C 199 38.95 48.79 29.48
CA PHE C 199 38.50 49.41 30.73
C PHE C 199 37.83 50.81 30.49
N SER C 200 38.40 51.63 29.58
CA SER C 200 37.82 52.94 29.20
C SER C 200 36.38 52.77 28.61
N GLU C 201 36.17 51.69 27.83
CA GLU C 201 34.89 51.34 27.21
C GLU C 201 33.83 51.00 28.26
N PHE C 202 34.21 50.31 29.33
CA PHE C 202 33.28 49.97 30.41
C PHE C 202 32.94 51.22 31.23
N GLU C 203 33.94 52.10 31.44
CA GLU C 203 33.79 53.39 32.13
C GLU C 203 32.84 54.31 31.37
N GLY C 204 32.79 54.14 30.04
CA GLY C 204 31.96 54.93 29.15
C GLY C 204 32.54 56.32 28.94
N ASN C 205 33.88 56.40 28.90
CA ASN C 205 34.63 57.64 28.73
C ASN C 205 35.59 57.49 27.53
N LEU C 206 35.08 57.85 26.34
CA LEU C 206 35.80 57.72 25.08
C LEU C 206 36.32 59.09 24.59
N ASN C 207 37.58 59.11 24.07
CA ASN C 207 38.23 60.30 23.54
C ASN C 207 37.63 60.66 22.14
N PRO C 208 37.86 61.88 21.56
CA PRO C 208 37.24 62.22 20.24
C PRO C 208 37.44 61.19 19.12
N SER C 209 38.58 60.46 19.12
CA SER C 209 38.91 59.44 18.13
C SER C 209 38.01 58.19 18.29
N GLN C 210 37.78 57.76 19.57
CA GLN C 210 36.94 56.61 19.92
C GLN C 210 35.45 56.93 19.86
N ALA C 211 35.09 58.24 20.02
CA ALA C 211 33.71 58.73 19.97
C ALA C 211 33.31 59.20 18.54
N HIS C 212 34.13 58.88 17.52
CA HIS C 212 33.91 59.25 16.13
C HIS C 212 32.85 58.33 15.46
N GLY C 213 31.99 58.93 14.63
CA GLY C 213 30.88 58.26 13.96
C GLY C 213 29.76 57.96 14.94
N SER C 214 28.90 56.98 14.65
CA SER C 214 27.81 56.61 15.57
C SER C 214 28.27 55.45 16.48
N GLY C 215 29.27 54.70 16.02
CA GLY C 215 29.88 53.64 16.81
C GLY C 215 29.08 52.37 16.91
N ASP C 216 29.57 51.48 17.79
CA ASP C 216 28.99 50.18 18.06
C ASP C 216 29.45 49.69 19.39
N VAL C 217 28.84 48.60 19.87
CA VAL C 217 29.10 48.00 21.19
C VAL C 217 30.51 47.41 21.23
N LYS C 218 31.11 47.34 22.46
CA LYS C 218 32.48 46.92 22.75
C LYS C 218 32.86 45.54 22.22
N TYR C 219 31.92 44.57 22.24
CA TYR C 219 32.22 43.21 21.77
C TYR C 219 31.83 43.02 20.24
N HIS C 220 32.00 44.12 19.44
CA HIS C 220 31.82 44.16 18.00
C HIS C 220 33.04 44.71 17.34
N LEU C 221 33.92 45.29 18.13
CA LEU C 221 35.12 45.96 17.68
C LEU C 221 36.27 44.98 17.39
N GLY C 222 37.19 45.42 16.56
CA GLY C 222 38.36 44.66 16.19
C GLY C 222 39.63 45.28 16.75
N ALA C 223 40.78 44.72 16.37
CA ALA C 223 42.13 45.15 16.79
C ALA C 223 43.16 44.50 15.92
N THR C 224 44.37 45.02 15.95
CA THR C 224 45.51 44.48 15.18
C THR C 224 46.72 44.43 16.09
N GLY C 225 47.67 43.55 15.81
CA GLY C 225 48.86 43.39 16.62
C GLY C 225 49.87 42.43 16.04
N THR C 226 50.99 42.23 16.74
CA THR C 226 52.07 41.33 16.34
C THR C 226 52.29 40.28 17.43
N TYR C 227 52.06 39.02 17.09
CA TYR C 227 52.28 37.89 18.00
C TYR C 227 53.73 37.48 17.92
N ILE C 228 54.38 37.35 19.06
CA ILE C 228 55.77 36.92 19.12
C ILE C 228 55.78 35.56 19.82
N GLN C 229 56.42 34.55 19.17
CA GLN C 229 56.52 33.19 19.70
C GLN C 229 57.23 33.18 21.04
N MET C 230 56.68 32.42 21.99
CA MET C 230 57.20 32.25 23.34
C MET C 230 58.44 31.37 23.31
N PHE C 231 58.41 30.28 22.50
CA PHE C 231 59.51 29.32 22.42
C PHE C 231 60.24 29.33 21.07
N GLY C 232 59.64 29.93 20.05
CA GLY C 232 60.25 30.05 18.73
C GLY C 232 60.81 31.44 18.48
N ASP C 233 61.40 31.65 17.29
CA ASP C 233 62.03 32.92 16.92
C ASP C 233 61.23 33.70 15.86
N ASN C 234 59.99 33.28 15.59
CA ASN C 234 59.16 33.92 14.58
C ASN C 234 58.07 34.78 15.17
N ASP C 235 57.59 35.74 14.35
CA ASP C 235 56.50 36.63 14.67
C ASP C 235 55.46 36.53 13.55
N ILE C 236 54.22 36.89 13.84
CA ILE C 236 53.11 36.86 12.88
C ILE C 236 52.13 37.98 13.26
N GLU C 237 51.49 38.60 12.24
CA GLU C 237 50.47 39.62 12.46
C GLU C 237 49.16 38.96 12.87
N VAL C 238 48.48 39.52 13.87
CA VAL C 238 47.18 38.98 14.34
C VAL C 238 46.14 40.09 14.21
N SER C 239 45.09 39.84 13.45
CA SER C 239 44.02 40.82 13.24
C SER C 239 42.69 40.22 13.65
N LEU C 240 41.80 41.07 14.13
CA LEU C 240 40.43 40.69 14.47
C LEU C 240 39.51 41.70 13.80
N THR C 241 38.59 41.23 12.96
CA THR C 241 37.73 42.13 12.19
C THR C 241 36.41 42.45 12.92
N ALA C 242 35.88 43.62 12.61
CA ALA C 242 34.61 44.10 13.17
C ALA C 242 33.41 43.29 12.65
N ASN C 243 32.27 43.42 13.34
CA ASN C 243 31.08 42.68 12.93
C ASN C 243 29.81 43.17 13.60
N PRO C 244 28.63 42.82 13.08
CA PRO C 244 27.39 43.19 13.80
C PRO C 244 26.98 42.06 14.79
N SER C 245 25.79 42.23 15.44
CA SER C 245 25.20 41.26 16.35
C SER C 245 24.81 40.03 15.58
N HIS C 246 24.36 40.25 14.30
CA HIS C 246 23.98 39.22 13.31
C HIS C 246 25.10 38.20 13.18
N LEU C 247 24.89 37.13 13.93
CA LEU C 247 25.77 35.97 14.08
C LEU C 247 26.00 35.32 12.77
N GLU C 248 27.32 35.04 12.49
CA GLU C 248 27.84 34.38 11.29
C GLU C 248 27.84 35.25 10.04
N ALA C 249 27.25 36.44 10.08
CA ALA C 249 27.21 37.32 8.89
C ALA C 249 28.61 37.76 8.43
N VAL C 250 29.58 37.84 9.38
CA VAL C 250 30.98 38.22 9.14
C VAL C 250 31.78 37.10 8.47
N ASP C 251 31.30 35.82 8.53
CA ASP C 251 32.01 34.67 7.94
C ASP C 251 32.47 34.93 6.48
N PRO C 252 31.61 35.30 5.50
CA PRO C 252 32.14 35.54 4.14
C PRO C 252 33.00 36.80 4.03
N VAL C 253 32.74 37.81 4.89
CA VAL C 253 33.47 39.08 4.97
C VAL C 253 34.93 38.75 5.31
N LEU C 254 35.14 37.85 6.33
CA LEU C 254 36.47 37.40 6.76
C LEU C 254 37.24 36.80 5.58
N GLU C 255 36.59 35.83 4.86
CA GLU C 255 37.13 35.15 3.70
C GLU C 255 37.56 36.15 2.60
N GLY C 256 36.70 37.12 2.29
CA GLY C 256 37.01 38.16 1.31
C GLY C 256 38.22 39.00 1.67
N LEU C 257 38.31 39.37 2.97
CA LEU C 257 39.37 40.17 3.60
C LEU C 257 40.71 39.44 3.49
N VAL C 258 40.71 38.14 3.80
CA VAL C 258 41.87 37.27 3.73
C VAL C 258 42.33 37.09 2.26
N ARG C 259 41.37 36.76 1.34
CA ARG C 259 41.67 36.62 -0.10
C ARG C 259 42.27 37.94 -0.68
N ALA C 260 41.76 39.10 -0.26
CA ALA C 260 42.33 40.40 -0.71
C ALA C 260 43.77 40.58 -0.22
N LYS C 261 44.05 40.14 1.03
CA LYS C 261 45.38 40.22 1.64
C LYS C 261 46.35 39.23 0.95
N GLN C 262 45.86 38.00 0.68
CA GLN C 262 46.62 36.97 -0.02
C GLN C 262 46.99 37.42 -1.42
N ASP C 263 46.04 38.01 -2.15
CA ASP C 263 46.32 38.53 -3.51
C ASP C 263 47.39 39.64 -3.48
N LEU C 264 47.41 40.49 -2.40
CA LEU C 264 48.42 41.55 -2.25
C LEU C 264 49.81 40.99 -1.93
N LEU C 265 49.87 39.90 -1.14
CA LEU C 265 51.11 39.26 -0.72
C LEU C 265 51.65 38.29 -1.77
N ASP C 266 50.98 38.16 -2.93
CA ASP C 266 51.37 37.27 -4.03
C ASP C 266 51.42 35.82 -3.49
N THR C 267 50.42 35.49 -2.69
CA THR C 267 50.26 34.19 -2.05
C THR C 267 48.85 33.71 -2.40
N GLY C 268 48.64 32.39 -2.38
CA GLY C 268 47.34 31.82 -2.70
C GLY C 268 47.04 31.62 -4.16
N GLU C 269 45.73 31.58 -4.51
CA GLU C 269 45.21 31.33 -5.85
C GLU C 269 45.73 32.31 -6.91
N GLU C 270 45.85 33.63 -6.59
CA GLU C 270 46.35 34.61 -7.55
C GLU C 270 47.78 35.08 -7.19
N GLY C 271 48.56 34.16 -6.62
CA GLY C 271 49.93 34.44 -6.22
C GLY C 271 50.94 33.47 -6.77
N SER C 272 52.22 33.89 -6.84
CA SER C 272 53.35 33.09 -7.35
C SER C 272 53.58 31.83 -6.47
N ASP C 273 53.38 31.96 -5.15
CA ASP C 273 53.54 30.84 -4.20
C ASP C 273 52.18 30.22 -3.82
N ASN C 274 52.19 28.98 -3.31
CA ASN C 274 50.99 28.27 -2.88
C ASN C 274 50.99 28.19 -1.38
N ARG C 275 51.43 29.27 -0.71
CA ARG C 275 51.53 29.25 0.74
C ARG C 275 50.22 29.70 1.45
N PHE C 276 49.36 30.55 0.80
CA PHE C 276 48.13 31.12 1.42
C PHE C 276 48.52 31.57 2.82
N SER C 277 49.60 32.37 2.91
CA SER C 277 50.23 32.79 4.15
C SER C 277 49.37 33.73 5.02
N VAL C 278 48.12 34.01 4.63
CA VAL C 278 47.17 34.76 5.47
C VAL C 278 46.09 33.74 5.88
N VAL C 279 45.98 33.46 7.19
CA VAL C 279 45.09 32.44 7.73
C VAL C 279 43.80 33.00 8.33
N PRO C 280 42.63 32.54 7.82
CA PRO C 280 41.37 32.90 8.51
C PRO C 280 41.16 31.93 9.70
N LEU C 281 40.97 32.51 10.88
CA LEU C 281 40.62 31.80 12.09
C LEU C 281 39.20 32.28 12.42
N MET C 282 38.22 31.41 12.21
CA MET C 282 36.81 31.75 12.37
C MET C 282 36.22 31.08 13.58
N LEU C 283 35.74 31.86 14.53
CA LEU C 283 35.13 31.34 15.76
C LEU C 283 33.62 31.38 15.62
N HIS C 284 32.93 30.43 16.28
CA HIS C 284 31.49 30.27 16.19
C HIS C 284 30.87 29.85 17.51
N GLY C 285 29.58 30.13 17.66
CA GLY C 285 28.75 29.63 18.75
C GLY C 285 28.06 28.39 18.22
N ASP C 286 27.81 27.42 19.08
CA ASP C 286 27.20 26.17 18.67
C ASP C 286 25.80 26.36 18.05
N ALA C 287 24.94 27.23 18.62
CA ALA C 287 23.61 27.29 18.02
C ALA C 287 23.58 28.05 16.66
N ALA C 288 24.36 29.14 16.55
CA ALA C 288 24.47 29.94 15.33
C ALA C 288 25.19 29.17 14.22
N PHE C 289 26.14 28.26 14.55
CA PHE C 289 26.82 27.45 13.52
C PHE C 289 25.89 26.48 12.83
N ALA C 290 24.92 25.93 13.56
CA ALA C 290 24.00 24.97 12.95
C ALA C 290 22.76 25.66 12.32
N GLY C 291 22.33 26.80 12.86
CA GLY C 291 21.14 27.48 12.36
C GLY C 291 21.30 28.46 11.22
N GLN C 292 22.45 29.12 11.09
CA GLN C 292 22.59 30.15 10.06
C GLN C 292 23.11 29.59 8.73
N GLY C 293 22.31 29.79 7.67
CA GLY C 293 22.58 29.37 6.30
C GLY C 293 23.86 29.89 5.68
N VAL C 294 24.28 31.11 6.08
CA VAL C 294 25.50 31.73 5.55
C VAL C 294 26.76 30.88 5.86
N VAL C 295 26.68 29.98 6.90
CA VAL C 295 27.77 29.09 7.26
C VAL C 295 28.01 28.16 6.08
N ALA C 296 26.95 27.47 5.59
CA ALA C 296 27.02 26.55 4.44
C ALA C 296 27.45 27.29 3.17
N GLU C 297 26.98 28.53 2.99
CA GLU C 297 27.32 29.36 1.83
C GLU C 297 28.81 29.71 1.78
N THR C 298 29.43 29.96 2.96
CA THR C 298 30.83 30.35 3.11
C THR C 298 31.72 29.11 2.96
N LEU C 299 31.32 27.96 3.53
CA LEU C 299 32.01 26.67 3.41
C LEU C 299 32.06 26.27 1.94
N ASN C 300 30.94 26.47 1.23
CA ASN C 300 30.80 26.17 -0.18
C ASN C 300 31.82 26.91 -1.08
N LEU C 301 32.37 28.06 -0.59
CA LEU C 301 33.41 28.89 -1.25
C LEU C 301 34.86 28.38 -1.03
N ALA C 302 35.07 27.53 0.03
CA ALA C 302 36.37 27.08 0.52
C ALA C 302 37.35 26.56 -0.55
N LEU C 303 36.87 25.89 -1.61
CA LEU C 303 37.78 25.34 -2.62
C LEU C 303 37.57 25.99 -4.00
N LEU C 304 36.66 26.96 -4.11
CA LEU C 304 36.42 27.67 -5.37
C LEU C 304 37.61 28.57 -5.75
N ARG C 305 38.00 28.60 -7.02
CA ARG C 305 39.11 29.39 -7.55
C ARG C 305 38.97 30.90 -7.22
N GLY C 306 37.78 31.44 -7.39
CA GLY C 306 37.54 32.85 -7.11
C GLY C 306 37.40 33.25 -5.67
N TYR C 307 37.32 32.28 -4.76
CA TYR C 307 37.05 32.53 -3.34
C TYR C 307 37.97 31.82 -2.34
N ARG C 308 38.69 30.78 -2.76
CA ARG C 308 39.51 29.98 -1.83
C ARG C 308 40.58 30.82 -1.11
N THR C 309 40.77 30.51 0.17
CA THR C 309 41.74 31.21 1.02
C THR C 309 42.77 30.22 1.57
N GLY C 310 42.72 28.99 1.04
CA GLY C 310 43.62 27.90 1.38
C GLY C 310 43.28 27.22 2.67
N GLY C 311 42.00 27.27 3.04
CA GLY C 311 41.51 26.63 4.24
C GLY C 311 41.38 27.55 5.45
N THR C 312 40.24 27.46 6.09
CA THR C 312 39.89 28.22 7.27
C THR C 312 40.01 27.31 8.51
N ILE C 313 40.52 27.85 9.61
CA ILE C 313 40.56 27.12 10.87
C ILE C 313 39.30 27.55 11.61
N HIS C 314 38.38 26.61 11.82
CA HIS C 314 37.14 26.90 12.54
C HIS C 314 37.21 26.40 13.97
N ILE C 315 36.82 27.25 14.92
CA ILE C 315 36.72 26.91 16.33
C ILE C 315 35.27 27.18 16.75
N VAL C 316 34.51 26.11 17.04
CA VAL C 316 33.17 26.27 17.58
C VAL C 316 33.31 26.19 19.12
N VAL C 317 32.87 27.26 19.83
CA VAL C 317 32.84 27.38 21.29
C VAL C 317 31.51 26.77 21.67
N ASN C 318 31.49 25.44 21.77
CA ASN C 318 30.31 24.60 22.03
C ASN C 318 30.04 24.46 23.51
N ASN C 319 29.29 25.45 24.05
CA ASN C 319 28.89 25.50 25.47
C ASN C 319 27.52 24.83 25.66
N GLN C 320 27.11 24.09 24.63
CA GLN C 320 25.92 23.23 24.60
C GLN C 320 24.62 23.98 24.99
N ILE C 321 24.53 25.26 24.59
CA ILE C 321 23.40 26.14 24.88
C ILE C 321 23.36 27.32 23.90
N GLY C 322 22.16 27.76 23.55
CA GLY C 322 21.89 28.92 22.70
C GLY C 322 20.91 29.80 23.44
N PHE C 323 21.45 30.67 24.36
CA PHE C 323 20.68 31.54 25.26
C PHE C 323 19.79 30.63 26.19
N THR C 324 18.52 30.35 25.85
CA THR C 324 17.71 29.46 26.69
C THR C 324 17.36 28.20 25.93
N THR C 325 17.92 28.05 24.75
CA THR C 325 17.57 26.96 23.85
C THR C 325 18.53 25.80 23.94
N ALA C 326 17.99 24.61 24.22
CA ALA C 326 18.72 23.36 24.30
C ALA C 326 19.15 22.92 22.90
N PRO C 327 20.35 22.27 22.74
CA PRO C 327 20.80 21.82 21.42
C PRO C 327 19.77 20.95 20.67
N THR C 328 18.87 20.25 21.39
CA THR C 328 17.79 19.42 20.82
C THR C 328 16.81 20.28 19.98
N ASP C 329 16.72 21.58 20.31
CA ASP C 329 15.85 22.50 19.58
C ASP C 329 16.65 23.40 18.61
N SER C 330 17.97 23.26 18.62
CA SER C 330 18.87 24.05 17.79
C SER C 330 19.30 23.37 16.50
N ARG C 331 19.37 22.00 16.49
CA ARG C 331 19.83 21.25 15.32
C ARG C 331 19.19 19.87 15.22
N SER C 332 19.17 19.32 14.00
CA SER C 332 18.62 18.01 13.67
C SER C 332 19.73 16.97 13.49
N SER C 333 20.94 17.28 14.03
CA SER C 333 22.10 16.41 13.91
C SER C 333 22.81 16.23 15.26
N GLU C 334 23.68 15.21 15.33
CA GLU C 334 24.49 14.84 16.48
C GLU C 334 25.36 16.01 16.94
N TYR C 335 26.12 16.61 16.00
CA TYR C 335 27.05 17.68 16.30
C TYR C 335 26.68 18.96 15.60
N CYS C 336 26.99 20.10 16.25
CA CYS C 336 26.76 21.46 15.74
C CYS C 336 27.64 21.74 14.52
N THR C 337 28.70 20.93 14.35
CA THR C 337 29.69 21.04 13.26
C THR C 337 29.38 20.19 12.00
N ASP C 338 28.28 19.42 11.99
CA ASP C 338 27.98 18.47 10.91
C ASP C 338 27.80 19.10 9.52
N VAL C 339 27.51 20.41 9.46
CA VAL C 339 27.37 21.12 8.20
C VAL C 339 28.77 21.17 7.48
N ALA C 340 29.90 21.16 8.23
CA ALA C 340 31.25 21.20 7.66
C ALA C 340 31.64 19.92 6.90
N LYS C 341 30.85 18.84 7.07
CA LYS C 341 31.05 17.58 6.35
C LYS C 341 30.74 17.76 4.84
N MET C 342 29.90 18.74 4.48
CA MET C 342 29.54 19.05 3.09
C MET C 342 30.78 19.35 2.19
N ILE C 343 31.92 19.76 2.76
CA ILE C 343 33.14 20.08 2.01
C ILE C 343 34.27 19.12 2.38
N GLY C 344 33.91 18.07 3.13
CA GLY C 344 34.84 17.02 3.54
C GLY C 344 35.91 17.53 4.47
N ALA C 345 35.53 18.41 5.38
CA ALA C 345 36.45 18.94 6.35
C ALA C 345 36.59 17.96 7.52
N PRO C 346 37.83 17.68 8.01
CA PRO C 346 37.95 16.85 9.23
C PRO C 346 37.40 17.64 10.42
N ILE C 347 36.72 16.95 11.34
CA ILE C 347 36.17 17.59 12.55
C ILE C 347 36.77 16.94 13.79
N PHE C 348 37.29 17.78 14.70
CA PHE C 348 37.85 17.36 15.98
C PHE C 348 36.98 17.90 17.11
N HIS C 349 36.30 16.99 17.82
CA HIS C 349 35.49 17.30 18.99
C HIS C 349 36.43 17.13 20.16
N VAL C 350 36.69 18.21 20.91
CA VAL C 350 37.67 18.13 21.98
C VAL C 350 37.08 18.64 23.32
N ASN C 351 37.46 17.96 24.43
CA ASN C 351 37.04 18.30 25.78
C ASN C 351 37.72 19.60 26.22
N GLY C 352 36.90 20.61 26.49
CA GLY C 352 37.36 21.92 26.95
C GLY C 352 38.05 21.89 28.30
N ASP C 353 37.89 20.83 29.11
CA ASP C 353 38.57 20.72 30.40
C ASP C 353 39.99 20.14 30.25
N ASP C 354 40.40 19.81 29.02
CA ASP C 354 41.74 19.28 28.74
C ASP C 354 42.44 20.30 27.86
N PRO C 355 43.07 21.33 28.46
CA PRO C 355 43.71 22.39 27.65
C PRO C 355 44.88 21.87 26.79
N GLU C 356 45.57 20.78 27.23
CA GLU C 356 46.65 20.20 26.45
C GLU C 356 46.12 19.53 25.18
N ALA C 357 44.97 18.80 25.28
CA ALA C 357 44.35 18.16 24.11
C ALA C 357 43.85 19.24 23.13
N CYS C 358 43.36 20.37 23.68
CA CYS C 358 42.86 21.50 22.91
C CYS C 358 44.00 22.19 22.14
N ALA C 359 45.15 22.41 22.77
CA ALA C 359 46.32 23.03 22.14
C ALA C 359 46.90 22.10 21.07
N TRP C 360 46.92 20.77 21.32
CA TRP C 360 47.46 19.77 20.39
C TRP C 360 46.60 19.67 19.13
N VAL C 361 45.26 19.67 19.27
CA VAL C 361 44.28 19.60 18.18
C VAL C 361 44.39 20.87 17.33
N ALA C 362 44.58 22.04 17.97
CA ALA C 362 44.75 23.33 17.30
C ALA C 362 45.97 23.31 16.40
N ARG C 363 47.09 22.71 16.85
CA ARG C 363 48.32 22.61 16.07
C ARG C 363 48.17 21.61 14.93
N LEU C 364 47.43 20.51 15.16
CA LEU C 364 47.14 19.48 14.16
C LEU C 364 46.29 20.10 13.05
N ALA C 365 45.28 20.91 13.45
CA ALA C 365 44.38 21.64 12.55
C ALA C 365 45.17 22.51 11.59
N VAL C 366 46.14 23.30 12.10
CA VAL C 366 46.99 24.21 11.31
C VAL C 366 47.84 23.38 10.35
N ASP C 367 48.39 22.24 10.82
CA ASP C 367 49.20 21.34 10.00
C ASP C 367 48.39 20.72 8.85
N PHE C 368 47.09 20.42 9.09
CA PHE C 368 46.22 19.86 8.04
C PHE C 368 45.90 20.91 7.00
N ARG C 369 45.63 22.16 7.46
CA ARG C 369 45.34 23.30 6.58
C ARG C 369 46.55 23.56 5.68
N GLN C 370 47.77 23.54 6.25
CA GLN C 370 48.98 23.78 5.47
C GLN C 370 49.27 22.67 4.47
N ALA C 371 48.89 21.42 4.78
CA ALA C 371 49.14 20.28 3.91
C ALA C 371 48.14 20.16 2.77
N PHE C 372 46.85 20.43 3.03
CA PHE C 372 45.83 20.19 2.02
C PHE C 372 45.05 21.44 1.56
N LYS C 373 45.36 22.64 2.12
CA LYS C 373 44.73 23.93 1.73
C LYS C 373 43.19 23.83 1.84
N LYS C 374 42.76 23.19 2.94
CA LYS C 374 41.36 22.89 3.20
C LYS C 374 40.98 23.23 4.64
N ASP C 375 39.69 23.57 4.85
CA ASP C 375 39.10 23.90 6.14
C ASP C 375 39.18 22.75 7.12
N VAL C 376 39.35 23.12 8.40
CA VAL C 376 39.42 22.22 9.57
C VAL C 376 38.48 22.80 10.64
N VAL C 377 37.71 21.92 11.29
CA VAL C 377 36.77 22.36 12.28
C VAL C 377 37.11 21.74 13.63
N ILE C 378 37.22 22.58 14.65
CA ILE C 378 37.45 22.20 16.03
C ILE C 378 36.18 22.54 16.82
N ASP C 379 35.59 21.52 17.38
CA ASP C 379 34.37 21.62 18.19
C ASP C 379 34.80 21.60 19.65
N MET C 380 34.95 22.77 20.31
CA MET C 380 35.38 22.78 21.70
C MET C 380 34.21 22.66 22.64
N LEU C 381 34.08 21.46 23.23
CA LEU C 381 33.01 21.15 24.16
C LEU C 381 33.33 21.75 25.51
N CYS C 382 32.43 22.58 25.94
CA CYS C 382 32.55 23.34 27.17
C CYS C 382 31.17 23.63 27.75
N TYR C 383 31.11 24.68 28.56
CA TYR C 383 29.89 25.12 29.21
C TYR C 383 29.96 26.63 29.45
N ARG C 384 28.81 27.22 29.72
CA ARG C 384 28.68 28.66 29.94
C ARG C 384 28.40 28.77 31.42
N ARG C 385 29.40 29.22 32.21
CA ARG C 385 29.35 29.30 33.67
C ARG C 385 28.21 30.19 34.16
N ARG C 386 28.00 31.36 33.55
CA ARG C 386 26.92 32.28 33.94
C ARG C 386 25.77 32.16 32.96
N GLY C 387 24.84 33.08 33.06
CA GLY C 387 23.70 33.14 32.15
C GLY C 387 24.15 33.57 30.78
N HIS C 388 23.21 33.68 29.81
CA HIS C 388 23.54 34.04 28.43
C HIS C 388 24.34 35.35 28.37
N ASN C 389 23.88 36.33 29.13
CA ASN C 389 24.52 37.60 29.46
C ASN C 389 24.78 37.51 30.97
N GLU C 390 25.55 38.41 31.54
CA GLU C 390 25.90 38.27 32.96
C GLU C 390 24.75 38.66 33.91
N GLY C 391 23.67 39.22 33.34
CA GLY C 391 22.49 39.57 34.13
C GLY C 391 21.35 38.56 34.05
N ASP C 392 21.49 37.52 33.21
CA ASP C 392 20.46 36.49 32.99
C ASP C 392 20.57 35.32 33.99
N ASP C 393 19.42 34.80 34.47
CA ASP C 393 19.35 33.66 35.42
C ASP C 393 18.99 32.39 34.60
N PRO C 394 19.99 31.51 34.34
CA PRO C 394 19.75 30.37 33.45
C PRO C 394 19.06 29.15 34.07
N SER C 395 18.93 29.10 35.40
CA SER C 395 18.27 27.97 36.08
C SER C 395 16.73 27.98 35.84
N MET C 396 16.18 29.09 35.32
CA MET C 396 14.74 29.17 35.04
C MET C 396 14.39 28.16 33.97
N THR C 397 15.25 28.04 32.96
CA THR C 397 15.06 27.19 31.79
C THR C 397 15.96 25.97 31.79
N GLN C 398 17.19 26.06 32.33
CA GLN C 398 18.13 24.93 32.37
C GLN C 398 18.53 24.57 33.83
N PRO C 399 17.59 24.12 34.71
CA PRO C 399 17.98 23.81 36.09
C PRO C 399 18.93 22.61 36.20
N TYR C 400 18.73 21.54 35.41
CA TYR C 400 19.62 20.36 35.46
C TYR C 400 21.08 20.75 35.10
N MET C 401 21.27 21.40 33.95
CA MET C 401 22.59 21.85 33.47
C MET C 401 23.28 22.77 34.51
N TYR C 402 22.54 23.72 35.11
CA TYR C 402 23.15 24.65 36.06
C TYR C 402 23.34 24.05 37.43
N ASP C 403 22.68 22.93 37.72
CA ASP C 403 22.92 22.21 38.98
C ASP C 403 24.26 21.44 38.87
N VAL C 404 24.60 21.00 37.64
CA VAL C 404 25.84 20.28 37.34
C VAL C 404 27.00 21.29 37.29
N ILE C 405 26.80 22.47 36.67
CA ILE C 405 27.84 23.52 36.55
C ILE C 405 28.30 23.98 37.95
N ASP C 406 27.37 24.13 38.91
CA ASP C 406 27.67 24.56 40.28
C ASP C 406 28.60 23.58 41.04
N THR C 407 28.63 22.29 40.65
CA THR C 407 29.51 21.31 41.28
C THR C 407 30.89 21.30 40.61
N LYS C 408 30.97 21.82 39.37
CA LYS C 408 32.16 21.80 38.53
C LYS C 408 33.21 22.85 38.89
N ARG C 409 34.44 22.39 39.09
CA ARG C 409 35.61 23.25 39.27
C ARG C 409 36.04 23.65 37.85
N GLY C 410 36.36 24.93 37.64
CA GLY C 410 36.77 25.42 36.33
C GLY C 410 38.00 24.71 35.77
N SER C 411 38.31 24.96 34.50
CA SER C 411 39.48 24.36 33.84
C SER C 411 40.80 24.87 34.43
N ARG C 412 40.87 26.17 34.82
CA ARG C 412 42.05 26.80 35.40
C ARG C 412 42.43 26.15 36.72
N LYS C 413 41.46 26.01 37.66
CA LYS C 413 41.67 25.38 38.97
C LYS C 413 42.08 23.91 38.81
N ALA C 414 41.41 23.17 37.91
CA ALA C 414 41.69 21.78 37.63
C ALA C 414 43.10 21.58 37.03
N TYR C 415 43.49 22.44 36.07
CA TYR C 415 44.80 22.36 35.43
C TYR C 415 45.87 22.74 36.43
N THR C 416 45.60 23.71 37.34
CA THR C 416 46.53 24.15 38.38
C THR C 416 46.82 22.97 39.34
N GLU C 417 45.76 22.26 39.78
CA GLU C 417 45.85 21.11 40.66
C GLU C 417 46.61 19.94 40.03
N ALA C 418 46.54 19.78 38.70
CA ALA C 418 47.30 18.73 38.00
C ALA C 418 48.79 19.11 37.98
N LEU C 419 49.08 20.42 37.75
CA LEU C 419 50.42 21.01 37.73
C LEU C 419 51.09 21.00 39.16
N ILE C 420 50.30 21.09 40.27
CA ILE C 420 50.89 21.02 41.62
C ILE C 420 51.07 19.52 41.98
N GLY C 421 50.23 18.66 41.40
CA GLY C 421 50.29 17.21 41.57
C GLY C 421 51.49 16.60 40.89
N ARG C 422 51.76 17.02 39.62
CA ARG C 422 52.90 16.59 38.80
C ARG C 422 54.24 17.13 39.36
N GLY C 423 54.17 17.91 40.44
CA GLY C 423 55.32 18.53 41.11
C GLY C 423 55.95 19.68 40.34
N ASP C 424 55.32 20.11 39.21
CA ASP C 424 55.78 21.17 38.30
C ASP C 424 55.85 22.53 38.96
N ILE C 425 54.81 22.89 39.72
CA ILE C 425 54.71 24.18 40.43
C ILE C 425 54.28 23.94 41.87
N SER C 426 54.52 24.92 42.74
CA SER C 426 54.08 24.87 44.12
C SER C 426 52.71 25.55 44.20
N MET C 427 52.01 25.42 45.35
CA MET C 427 50.73 26.09 45.59
C MET C 427 50.98 27.59 45.69
N LYS C 428 52.13 27.98 46.28
CA LYS C 428 52.56 29.36 46.47
C LYS C 428 52.80 30.06 45.13
N GLU C 429 53.55 29.41 44.20
CA GLU C 429 53.85 29.92 42.85
C GLU C 429 52.56 30.17 42.05
N ALA C 430 51.57 29.27 42.19
CA ALA C 430 50.27 29.35 41.53
C ALA C 430 49.42 30.52 42.09
N GLU C 431 49.41 30.66 43.44
CA GLU C 431 48.72 31.74 44.15
C GLU C 431 49.33 33.10 43.79
N ASP C 432 50.67 33.22 43.87
CA ASP C 432 51.46 34.41 43.59
C ASP C 432 51.25 34.90 42.16
N ALA C 433 51.13 33.96 41.18
CA ALA C 433 50.90 34.29 39.76
C ALA C 433 49.53 34.92 39.57
N LEU C 434 48.51 34.50 40.35
CA LEU C 434 47.16 35.09 40.26
C LEU C 434 47.15 36.48 40.91
N ARG C 435 47.85 36.64 42.07
CA ARG C 435 48.00 37.92 42.76
C ARG C 435 48.69 38.97 41.87
N ASP C 436 49.69 38.55 41.07
CA ASP C 436 50.43 39.39 40.12
C ASP C 436 49.54 39.88 38.99
N TYR C 437 48.73 38.97 38.45
CA TYR C 437 47.81 39.29 37.37
C TYR C 437 46.67 40.20 37.87
N GLN C 438 46.15 39.91 39.07
CA GLN C 438 45.10 40.68 39.75
C GLN C 438 45.57 42.08 40.16
N GLY C 439 46.85 42.20 40.50
CA GLY C 439 47.46 43.46 40.88
C GLY C 439 47.68 44.35 39.67
N GLN C 440 48.04 43.74 38.51
CA GLN C 440 48.30 44.47 37.28
C GLN C 440 47.01 45.05 36.70
N LEU C 441 45.91 44.27 36.74
CA LEU C 441 44.59 44.67 36.22
C LEU C 441 44.00 45.79 37.01
N GLU C 442 44.15 45.76 38.36
CA GLU C 442 43.70 46.79 39.30
C GLU C 442 44.47 48.12 39.08
N ARG C 443 45.81 48.04 38.83
CA ARG C 443 46.67 49.19 38.57
C ARG C 443 46.22 49.93 37.28
N VAL C 444 45.90 49.17 36.20
CA VAL C 444 45.45 49.74 34.92
C VAL C 444 44.01 50.31 35.08
N PHE C 445 43.11 49.56 35.76
CA PHE C 445 41.73 50.00 36.06
C PHE C 445 41.72 51.33 36.83
N ASN C 446 42.63 51.49 37.82
CA ASN C 446 42.74 52.73 38.61
C ASN C 446 43.24 53.92 37.77
N GLU C 447 44.25 53.70 36.89
CA GLU C 447 44.83 54.73 36.01
C GLU C 447 43.79 55.25 35.03
N VAL C 448 42.94 54.35 34.49
CA VAL C 448 41.86 54.66 33.55
C VAL C 448 40.75 55.48 34.26
N ARG C 449 40.38 55.08 35.49
CA ARG C 449 39.36 55.73 36.33
C ARG C 449 39.80 57.14 36.74
N GLU C 450 41.13 57.37 36.83
CA GLU C 450 41.76 58.64 37.15
C GLU C 450 41.74 59.65 36.00
N LEU C 451 41.46 59.20 34.75
CA LEU C 451 41.40 60.08 33.56
C LEU C 451 40.21 61.05 33.59
N GLU C 452 40.43 62.27 33.05
CA GLU C 452 39.43 63.35 32.96
C GLU C 452 38.29 62.95 32.02
N LYS C 453 37.04 63.01 32.51
CA LYS C 453 35.85 62.60 31.77
C LYS C 453 35.39 63.64 30.72
N HIS C 454 35.26 63.19 29.48
CA HIS C 454 34.79 63.98 28.33
C HIS C 454 33.27 64.10 28.35
N GLU C 455 32.73 65.25 27.87
CA GLU C 455 31.28 65.47 27.76
C GLU C 455 30.69 64.61 26.64
N ILE C 456 29.57 63.93 26.92
CA ILE C 456 28.89 63.09 25.93
C ILE C 456 28.01 63.98 25.06
N GLU C 457 28.26 63.96 23.74
CA GLU C 457 27.54 64.72 22.72
C GLU C 457 26.84 63.76 21.74
N PRO C 458 25.76 64.19 21.03
CA PRO C 458 25.14 63.30 20.04
C PRO C 458 26.11 62.93 18.92
N SER C 459 25.95 61.70 18.37
CA SER C 459 26.83 61.17 17.33
C SER C 459 26.71 62.05 16.09
N GLU C 460 27.83 62.19 15.36
CA GLU C 460 27.85 63.03 14.18
C GLU C 460 28.03 62.20 12.93
N SER C 461 27.48 62.74 11.82
CA SER C 461 27.57 62.18 10.46
C SER C 461 29.06 62.05 10.07
N VAL C 462 29.39 61.01 9.30
CA VAL C 462 30.75 60.70 8.84
C VAL C 462 31.01 61.33 7.47
N GLU C 463 30.00 62.04 6.89
CA GLU C 463 30.06 62.59 5.53
C GLU C 463 31.37 63.31 5.18
N ALA C 464 31.81 64.24 6.06
CA ALA C 464 33.02 65.07 5.88
C ALA C 464 34.34 64.30 6.15
N ASP C 465 34.28 63.06 6.69
CA ASP C 465 35.49 62.26 6.97
C ASP C 465 36.27 61.89 5.73
N GLN C 466 35.58 61.84 4.56
CA GLN C 466 36.15 61.52 3.26
C GLN C 466 35.68 62.57 2.24
N GLN C 467 36.59 63.48 1.84
CA GLN C 467 36.27 64.57 0.93
C GLN C 467 36.86 64.35 -0.45
N ILE C 468 36.00 64.52 -1.48
CA ILE C 468 36.30 64.32 -2.90
C ILE C 468 37.38 65.26 -3.42
N LYS C 471 37.59 68.29 -8.46
CA LYS C 471 37.68 68.15 -9.92
C LYS C 471 38.67 67.03 -10.28
N LEU C 472 38.14 65.82 -10.57
CA LEU C 472 38.91 64.61 -10.91
C LEU C 472 38.77 64.29 -12.41
N ALA C 473 39.92 64.15 -13.11
CA ALA C 473 39.98 63.84 -14.54
C ALA C 473 39.90 62.33 -14.78
N THR C 474 38.78 61.89 -15.40
CA THR C 474 38.50 60.48 -15.67
C THR C 474 38.61 60.15 -17.17
N ALA C 475 38.79 61.17 -18.02
CA ALA C 475 38.94 61.00 -19.48
C ALA C 475 40.23 60.21 -19.79
N VAL C 476 40.24 59.47 -20.90
CA VAL C 476 41.39 58.69 -21.33
C VAL C 476 41.78 59.10 -22.73
N ASP C 477 43.01 58.80 -23.17
CA ASP C 477 43.39 59.13 -24.55
C ASP C 477 42.69 58.15 -25.49
N LYS C 478 42.38 58.57 -26.73
CA LYS C 478 41.74 57.72 -27.74
C LYS C 478 42.59 56.47 -28.00
N ALA C 479 43.94 56.59 -27.94
CA ALA C 479 44.89 55.49 -28.14
C ALA C 479 44.65 54.37 -27.09
N MET C 480 44.10 54.72 -25.91
CA MET C 480 43.71 53.80 -24.85
C MET C 480 42.45 53.02 -25.24
N LEU C 481 41.45 53.71 -25.84
CA LEU C 481 40.21 53.01 -26.27
C LEU C 481 40.55 52.02 -27.40
N GLN C 482 41.40 52.45 -28.33
CA GLN C 482 41.86 51.66 -29.47
C GLN C 482 42.61 50.42 -29.02
N ARG C 483 43.49 50.57 -27.99
CA ARG C 483 44.27 49.48 -27.43
C ARG C 483 43.36 48.39 -26.83
N ILE C 484 42.29 48.82 -26.11
CA ILE C 484 41.33 47.94 -25.45
C ILE C 484 40.51 47.27 -26.54
N GLY C 485 40.21 47.99 -27.62
CA GLY C 485 39.52 47.44 -28.78
C GLY C 485 40.35 46.38 -29.48
N ASP C 486 41.66 46.68 -29.75
CA ASP C 486 42.62 45.76 -30.38
C ASP C 486 42.81 44.50 -29.55
N ALA C 487 42.77 44.61 -28.19
CA ALA C 487 42.94 43.49 -27.28
C ALA C 487 41.87 42.40 -27.50
N HIS C 488 40.67 42.77 -27.97
CA HIS C 488 39.61 41.79 -28.24
C HIS C 488 39.96 40.94 -29.48
N LEU C 489 40.79 41.50 -30.38
CA LEU C 489 41.20 40.77 -31.57
C LEU C 489 42.64 40.21 -31.48
N ALA C 490 43.35 40.44 -30.34
CA ALA C 490 44.72 39.94 -30.14
C ALA C 490 44.65 38.51 -29.57
N LEU C 491 44.01 37.64 -30.34
CA LEU C 491 43.73 36.25 -30.02
C LEU C 491 44.98 35.40 -30.06
N PRO C 492 45.12 34.42 -29.12
CA PRO C 492 46.25 33.49 -29.15
C PRO C 492 46.31 32.73 -30.46
N GLU C 493 47.50 32.22 -30.85
CA GLU C 493 47.69 31.49 -32.11
C GLU C 493 46.80 30.23 -32.14
N GLY C 494 45.99 30.13 -33.19
CA GLY C 494 45.07 29.00 -33.41
C GLY C 494 43.78 29.01 -32.62
N PHE C 495 43.49 30.09 -31.89
CA PHE C 495 42.26 30.22 -31.10
C PHE C 495 41.02 30.22 -32.00
N THR C 496 40.00 29.48 -31.61
CA THR C 496 38.77 29.44 -32.41
C THR C 496 37.65 30.12 -31.63
N VAL C 497 37.24 31.27 -32.11
CA VAL C 497 36.17 32.03 -31.51
C VAL C 497 34.84 31.46 -31.99
N HIS C 498 33.88 31.31 -31.09
CA HIS C 498 32.52 30.92 -31.38
C HIS C 498 31.94 31.86 -32.45
N PRO C 499 31.24 31.36 -33.50
CA PRO C 499 30.73 32.26 -34.55
C PRO C 499 29.85 33.43 -34.08
N ARG C 500 29.12 33.27 -32.97
CA ARG C 500 28.24 34.32 -32.43
C ARG C 500 28.98 35.24 -31.40
N VAL C 501 30.27 34.93 -31.08
CA VAL C 501 31.10 35.74 -30.18
C VAL C 501 32.00 36.66 -31.03
N ARG C 502 32.54 36.15 -32.15
CA ARG C 502 33.40 36.88 -33.09
C ARG C 502 32.83 38.30 -33.46
N PRO C 503 31.51 38.51 -33.79
CA PRO C 503 31.06 39.87 -34.13
C PRO C 503 31.15 40.85 -32.95
N VAL C 504 31.03 40.38 -31.69
CA VAL C 504 31.15 41.19 -30.46
C VAL C 504 32.56 41.79 -30.44
N LEU C 505 33.59 40.92 -30.60
CA LEU C 505 35.02 41.28 -30.59
C LEU C 505 35.36 42.26 -31.67
N GLU C 506 34.94 41.98 -32.93
CA GLU C 506 35.16 42.85 -34.08
C GLU C 506 34.39 44.17 -34.00
N LYS C 507 33.13 44.14 -33.54
CA LYS C 507 32.29 45.35 -33.39
C LYS C 507 32.91 46.29 -32.33
N ARG C 508 33.63 45.73 -31.34
CA ARG C 508 34.32 46.46 -30.27
C ARG C 508 35.55 47.18 -30.79
N ARG C 509 36.35 46.52 -31.67
CA ARG C 509 37.51 47.18 -32.26
C ARG C 509 37.00 48.28 -33.20
N GLU C 510 35.86 48.05 -33.88
CA GLU C 510 35.24 49.07 -34.70
C GLU C 510 34.77 50.25 -33.82
N MET C 511 34.12 49.95 -32.66
CA MET C 511 33.62 50.94 -31.71
C MET C 511 34.76 51.80 -31.13
N ALA C 512 35.89 51.17 -30.78
CA ALA C 512 37.08 51.85 -30.24
C ALA C 512 37.68 52.88 -31.20
N TYR C 513 37.50 52.69 -32.52
CA TYR C 513 38.07 53.58 -33.55
C TYR C 513 37.03 54.46 -34.22
N GLU C 514 35.75 54.03 -34.20
CA GLU C 514 34.71 54.76 -34.94
C GLU C 514 33.56 55.29 -34.07
N GLY C 515 33.52 54.90 -32.81
CA GLY C 515 32.49 55.42 -31.92
C GLY C 515 31.26 54.54 -31.81
N ARG C 516 30.11 55.14 -31.44
CA ARG C 516 28.82 54.44 -31.20
C ARG C 516 29.05 53.28 -30.21
N ILE C 517 29.78 53.57 -29.14
CA ILE C 517 30.15 52.65 -28.07
C ILE C 517 28.90 52.32 -27.23
N ASP C 518 28.56 50.99 -27.14
CA ASP C 518 27.43 50.48 -26.39
C ASP C 518 27.82 50.35 -24.92
N TRP C 519 26.85 50.03 -24.04
CA TRP C 519 27.03 49.92 -22.59
C TRP C 519 28.10 48.90 -22.20
N ALA C 520 27.97 47.65 -22.69
CA ALA C 520 28.84 46.53 -22.33
C ALA C 520 30.31 46.82 -22.63
N PHE C 521 30.62 47.55 -23.71
CA PHE C 521 31.99 47.86 -24.07
C PHE C 521 32.47 49.03 -23.21
N ALA C 522 31.59 50.00 -22.92
CA ALA C 522 31.98 51.16 -22.09
C ALA C 522 32.46 50.70 -20.71
N GLU C 523 31.84 49.62 -20.19
CA GLU C 523 32.19 48.99 -18.92
C GLU C 523 33.62 48.47 -18.97
N LEU C 524 33.93 47.70 -20.01
CA LEU C 524 35.24 47.06 -20.22
C LEU C 524 36.31 48.13 -20.55
N LEU C 525 35.92 49.21 -21.23
CA LEU C 525 36.82 50.37 -21.49
C LEU C 525 37.23 50.97 -20.17
N ALA C 526 36.27 51.10 -19.19
CA ALA C 526 36.56 51.65 -17.85
C ALA C 526 37.49 50.71 -17.06
N LEU C 527 37.12 49.40 -16.97
CA LEU C 527 37.90 48.41 -16.22
C LEU C 527 39.30 48.20 -16.85
N GLY C 528 39.36 48.14 -18.18
CA GLY C 528 40.61 47.99 -18.93
C GLY C 528 41.58 49.15 -18.78
N SER C 529 41.06 50.40 -18.81
CA SER C 529 41.88 51.61 -18.64
C SER C 529 42.47 51.67 -17.23
N LEU C 530 41.70 51.24 -16.22
CA LEU C 530 42.16 51.17 -14.81
C LEU C 530 43.29 50.14 -14.69
N ILE C 531 43.13 48.93 -15.32
CA ILE C 531 44.16 47.89 -15.34
C ILE C 531 45.45 48.45 -15.97
N ALA C 532 45.31 49.16 -17.10
CA ALA C 532 46.41 49.79 -17.86
C ALA C 532 47.14 50.84 -17.02
N GLU C 533 46.42 51.48 -16.07
CA GLU C 533 46.98 52.49 -15.18
C GLU C 533 47.63 51.84 -13.95
N GLY C 534 47.51 50.51 -13.84
CA GLY C 534 48.09 49.73 -12.74
C GLY C 534 47.15 49.30 -11.65
N LYS C 535 45.82 49.37 -11.86
CA LYS C 535 44.86 48.98 -10.84
C LYS C 535 44.47 47.49 -10.88
N LEU C 536 44.33 46.88 -9.68
CA LEU C 536 43.83 45.53 -9.53
C LEU C 536 42.29 45.60 -9.70
N VAL C 537 41.72 44.84 -10.67
CA VAL C 537 40.27 44.85 -10.91
C VAL C 537 39.69 43.46 -10.65
N ARG C 538 38.72 43.39 -9.72
CA ARG C 538 38.06 42.15 -9.37
C ARG C 538 36.60 42.31 -9.69
N LEU C 539 36.11 41.46 -10.63
CA LEU C 539 34.75 41.47 -11.13
C LEU C 539 34.20 40.10 -10.99
N SER C 540 33.05 39.96 -10.33
CA SER C 540 32.44 38.65 -10.13
C SER C 540 30.91 38.75 -9.98
N GLY C 541 30.26 37.60 -9.99
CA GLY C 541 28.81 37.48 -9.88
C GLY C 541 28.33 36.31 -10.70
N GLN C 542 27.03 36.02 -10.63
N GLN C 542 27.00 36.14 -10.73
CA GLN C 542 26.44 34.86 -11.34
CA GLN C 542 26.32 35.07 -11.45
C GLN C 542 26.45 35.09 -12.86
C GLN C 542 26.50 35.19 -12.95
N ASP C 543 27.21 34.22 -13.58
CA ASP C 543 27.42 34.18 -15.04
C ASP C 543 28.06 35.52 -15.53
N THR C 544 28.94 36.12 -14.69
CA THR C 544 29.55 37.41 -14.93
C THR C 544 30.64 37.35 -16.01
N GLN C 545 31.27 36.18 -16.25
CA GLN C 545 32.33 36.14 -17.29
C GLN C 545 31.75 36.39 -18.68
N ARG C 546 30.66 35.70 -19.01
CA ARG C 546 29.97 35.91 -20.29
C ARG C 546 29.01 37.10 -20.14
N GLY C 547 28.18 37.06 -19.11
CA GLY C 547 27.15 38.06 -18.87
C GLY C 547 25.77 37.45 -18.99
N THR C 548 24.87 37.78 -18.02
CA THR C 548 23.46 37.31 -18.02
C THR C 548 22.80 37.61 -19.39
N PHE C 549 23.04 38.80 -19.93
CA PHE C 549 22.41 39.21 -21.18
C PHE C 549 23.32 39.01 -22.38
N THR C 550 24.34 38.12 -22.24
CA THR C 550 25.28 37.69 -23.31
C THR C 550 26.00 38.88 -23.89
N GLN C 551 26.28 39.87 -23.06
CA GLN C 551 26.82 41.15 -23.52
C GLN C 551 28.27 41.41 -23.12
N ARG C 552 28.74 40.83 -21.96
CA ARG C 552 30.07 41.17 -21.45
C ARG C 552 31.22 40.48 -22.25
N HIS C 553 31.21 39.12 -22.33
CA HIS C 553 32.27 38.32 -22.96
C HIS C 553 33.67 38.78 -22.44
N ALA C 554 33.80 38.89 -21.09
CA ALA C 554 35.06 39.26 -20.39
C ALA C 554 36.07 38.13 -20.55
N VAL C 555 35.56 36.90 -20.66
CA VAL C 555 36.30 35.66 -20.95
C VAL C 555 35.63 35.03 -22.18
N ILE C 556 36.43 34.59 -23.20
CA ILE C 556 35.87 33.94 -24.40
C ILE C 556 36.36 32.47 -24.43
N VAL C 557 35.48 31.53 -24.80
CA VAL C 557 35.79 30.09 -24.73
C VAL C 557 36.05 29.53 -26.13
N ASP C 558 37.26 28.95 -26.34
CA ASP C 558 37.65 28.36 -27.61
C ASP C 558 36.61 27.29 -28.00
N ARG C 559 35.98 27.45 -29.18
CA ARG C 559 34.92 26.59 -29.70
C ARG C 559 35.34 25.13 -29.84
N LYS C 560 36.63 24.88 -30.13
CA LYS C 560 37.14 23.53 -30.34
C LYS C 560 37.78 22.90 -29.10
N THR C 561 38.49 23.69 -28.29
CA THR C 561 39.26 23.12 -27.16
C THR C 561 38.73 23.48 -25.75
N GLY C 562 37.89 24.50 -25.64
CA GLY C 562 37.38 24.94 -24.35
C GLY C 562 38.30 25.89 -23.61
N GLU C 563 39.50 26.13 -24.18
CA GLU C 563 40.53 27.02 -23.64
C GLU C 563 39.98 28.44 -23.47
N GLU C 564 40.35 29.11 -22.39
CA GLU C 564 39.85 30.46 -22.12
C GLU C 564 40.81 31.55 -22.54
N PHE C 565 40.26 32.70 -22.93
CA PHE C 565 41.02 33.90 -23.29
C PHE C 565 40.34 35.10 -22.66
N THR C 566 41.12 35.90 -21.91
CA THR C 566 40.62 37.10 -21.23
C THR C 566 41.26 38.34 -21.89
N PRO C 567 40.53 39.01 -22.81
CA PRO C 567 41.10 40.21 -23.50
C PRO C 567 41.66 41.32 -22.61
N LEU C 568 40.95 41.74 -21.52
CA LEU C 568 41.45 42.83 -20.66
C LEU C 568 42.76 42.51 -19.92
N GLN C 569 43.12 41.21 -19.77
CA GLN C 569 44.36 40.81 -19.10
C GLN C 569 45.61 41.24 -19.93
N LEU C 570 45.42 41.60 -21.22
CA LEU C 570 46.50 42.09 -22.08
C LEU C 570 46.86 43.53 -21.72
N LEU C 571 45.95 44.24 -21.00
CA LEU C 571 46.16 45.64 -20.57
C LEU C 571 47.08 45.70 -19.34
N ALA C 572 47.35 44.55 -18.69
CA ALA C 572 48.24 44.42 -17.53
C ALA C 572 49.73 44.53 -17.95
N THR C 573 49.99 44.43 -19.27
CA THR C 573 51.31 44.57 -19.85
C THR C 573 51.33 45.81 -20.73
N ASN C 574 52.35 46.67 -20.53
CA ASN C 574 52.56 47.88 -21.32
C ASN C 574 53.02 47.49 -22.76
N PRO C 575 52.93 48.37 -23.79
CA PRO C 575 53.41 47.98 -25.14
C PRO C 575 54.91 47.66 -25.18
N ASP C 576 55.71 48.21 -24.24
CA ASP C 576 57.16 47.97 -24.13
C ASP C 576 57.49 46.66 -23.37
N GLY C 577 56.47 45.85 -23.06
CA GLY C 577 56.60 44.55 -22.41
C GLY C 577 56.58 44.49 -20.90
N THR C 578 56.77 45.62 -20.23
CA THR C 578 56.81 45.69 -18.75
C THR C 578 55.38 45.62 -18.14
N PRO C 579 55.22 45.12 -16.89
CA PRO C 579 53.87 45.10 -16.30
C PRO C 579 53.43 46.48 -15.81
N THR C 580 52.10 46.72 -15.80
CA THR C 580 51.49 47.97 -15.34
C THR C 580 51.31 47.94 -13.82
N GLY C 581 51.20 46.72 -13.28
CA GLY C 581 50.93 46.47 -11.87
C GLY C 581 49.48 46.04 -11.70
N GLY C 582 48.66 46.35 -12.71
CA GLY C 582 47.25 46.00 -12.77
C GLY C 582 47.02 44.54 -13.07
N LYS C 583 45.76 44.08 -12.86
CA LYS C 583 45.32 42.70 -13.07
C LYS C 583 43.80 42.64 -13.21
N PHE C 584 43.31 41.67 -13.99
CA PHE C 584 41.88 41.47 -14.18
C PHE C 584 41.48 40.11 -13.58
N LEU C 585 40.76 40.16 -12.46
CA LEU C 585 40.28 38.97 -11.80
C LEU C 585 38.78 38.92 -12.04
N VAL C 586 38.37 38.05 -12.98
CA VAL C 586 36.96 37.93 -13.34
C VAL C 586 36.52 36.48 -13.11
N TYR C 587 35.45 36.32 -12.33
CA TYR C 587 34.98 35.00 -11.97
C TYR C 587 33.49 34.86 -12.09
N ASN C 588 33.05 33.62 -12.24
CA ASN C 588 31.67 33.19 -12.13
C ASN C 588 31.48 32.78 -10.66
N SER C 589 30.65 33.50 -9.92
CA SER C 589 30.37 33.19 -8.52
C SER C 589 29.53 31.89 -8.35
N ALA C 590 29.45 31.36 -7.11
CA ALA C 590 28.51 30.25 -6.82
C ALA C 590 27.10 30.86 -6.74
N LEU C 591 26.05 30.04 -6.73
CA LEU C 591 24.72 30.56 -6.70
C LEU C 591 24.36 30.99 -5.27
N SER C 592 24.94 32.13 -4.87
CA SER C 592 24.78 32.76 -3.58
C SER C 592 24.78 34.28 -3.73
N GLU C 593 24.10 34.96 -2.80
CA GLU C 593 24.07 36.41 -2.75
C GLU C 593 24.71 36.84 -1.45
N PHE C 594 24.25 36.30 -0.32
CA PHE C 594 24.72 36.61 1.02
C PHE C 594 26.26 36.46 1.11
N ALA C 595 26.79 35.26 0.86
CA ALA C 595 28.23 34.97 0.93
C ALA C 595 29.04 35.75 -0.10
N ALA C 596 28.55 35.79 -1.37
CA ALA C 596 29.22 36.46 -2.49
C ALA C 596 29.33 37.97 -2.29
N VAL C 597 28.26 38.62 -1.81
CA VAL C 597 28.25 40.08 -1.52
C VAL C 597 29.12 40.36 -0.28
N GLY C 598 29.03 39.53 0.75
CA GLY C 598 29.83 39.62 1.96
C GLY C 598 31.32 39.51 1.65
N PHE C 599 31.68 38.56 0.81
CA PHE C 599 33.05 38.29 0.33
C PHE C 599 33.62 39.50 -0.38
N GLU C 600 32.84 40.10 -1.32
CA GLU C 600 33.29 41.24 -2.12
C GLU C 600 33.38 42.48 -1.29
N TYR C 601 32.51 42.64 -0.30
CA TYR C 601 32.59 43.75 0.66
C TYR C 601 33.90 43.61 1.43
N GLY C 602 34.15 42.42 2.01
CA GLY C 602 35.40 42.12 2.72
C GLY C 602 36.65 42.24 1.86
N TYR C 603 36.55 41.91 0.54
CA TYR C 603 37.67 42.02 -0.40
C TYR C 603 38.06 43.48 -0.52
N SER C 604 37.07 44.37 -0.70
CA SER C 604 37.37 45.81 -0.84
C SER C 604 38.00 46.39 0.43
N VAL C 605 37.59 45.89 1.62
CA VAL C 605 38.13 46.32 2.92
C VAL C 605 39.61 45.88 3.00
N GLY C 606 39.87 44.66 2.56
CA GLY C 606 41.19 44.05 2.56
C GLY C 606 42.20 44.72 1.65
N ASN C 607 41.73 45.19 0.49
CA ASN C 607 42.56 45.89 -0.48
C ASN C 607 41.82 47.13 -0.95
N PRO C 608 42.10 48.26 -0.24
CA PRO C 608 41.44 49.53 -0.59
C PRO C 608 41.84 50.08 -1.97
N ASP C 609 42.98 49.61 -2.53
CA ASP C 609 43.47 50.07 -3.84
C ASP C 609 42.89 49.22 -4.99
N ALA C 610 42.10 48.20 -4.67
CA ALA C 610 41.45 47.37 -5.68
C ALA C 610 40.13 47.97 -6.13
N MET C 611 39.73 47.66 -7.37
CA MET C 611 38.44 47.97 -7.97
C MET C 611 37.65 46.67 -7.82
N VAL C 612 36.65 46.65 -6.94
CA VAL C 612 35.87 45.46 -6.61
C VAL C 612 34.42 45.65 -7.01
N LEU C 613 33.97 44.85 -7.97
CA LEU C 613 32.62 44.88 -8.51
C LEU C 613 31.96 43.53 -8.37
N TRP C 614 30.72 43.52 -7.81
CA TRP C 614 29.89 42.33 -7.69
C TRP C 614 28.67 42.57 -8.47
N GLU C 615 28.28 41.59 -9.31
CA GLU C 615 27.12 41.78 -10.15
C GLU C 615 26.04 40.77 -9.84
N ALA C 616 24.82 41.27 -9.54
CA ALA C 616 23.62 40.45 -9.37
C ALA C 616 23.16 40.02 -10.76
N GLN C 617 22.52 38.85 -10.89
CA GLN C 617 21.97 38.36 -12.14
C GLN C 617 20.92 39.38 -12.60
N PHE C 618 20.04 39.71 -11.67
CA PHE C 618 19.00 40.72 -11.72
C PHE C 618 19.00 41.29 -10.33
N GLY C 619 18.83 42.60 -10.21
CA GLY C 619 18.84 43.29 -8.92
C GLY C 619 17.83 42.76 -7.91
N ASP C 620 16.79 42.07 -8.38
CA ASP C 620 15.74 41.46 -7.58
C ASP C 620 16.26 40.44 -6.55
N PHE C 621 17.45 39.86 -6.80
CA PHE C 621 18.03 38.83 -5.94
C PHE C 621 19.02 39.36 -4.90
N VAL C 622 19.34 40.68 -4.93
CA VAL C 622 20.27 41.25 -3.96
C VAL C 622 19.66 41.22 -2.53
N ASN C 623 18.31 41.10 -2.40
CA ASN C 623 17.65 41.02 -1.09
C ASN C 623 18.04 39.73 -0.32
N GLY C 624 18.69 38.78 -1.01
CA GLY C 624 19.24 37.58 -0.38
C GLY C 624 20.50 37.93 0.41
N ALA C 625 21.07 39.13 0.18
CA ALA C 625 22.27 39.63 0.87
C ALA C 625 21.94 40.83 1.78
N GLN C 626 20.65 40.97 2.16
CA GLN C 626 20.13 42.10 2.91
C GLN C 626 20.93 42.40 4.17
N SER C 627 21.34 41.36 4.94
CA SER C 627 22.17 41.53 6.13
C SER C 627 23.50 42.20 5.79
N ILE C 628 24.12 41.87 4.62
CA ILE C 628 25.38 42.50 4.23
C ILE C 628 25.14 43.97 3.89
N ILE C 629 24.10 44.25 3.09
CA ILE C 629 23.75 45.62 2.70
C ILE C 629 23.48 46.47 3.96
N ASP C 630 22.61 45.98 4.86
CA ASP C 630 22.22 46.66 6.09
C ASP C 630 23.33 46.76 7.14
N GLU C 631 24.04 45.66 7.40
CA GLU C 631 25.00 45.61 8.51
C GLU C 631 26.43 45.96 8.16
N PHE C 632 26.83 45.86 6.87
CA PHE C 632 28.20 46.11 6.49
C PHE C 632 28.34 47.26 5.52
N ILE C 633 27.74 47.13 4.32
CA ILE C 633 27.89 48.07 3.22
C ILE C 633 27.38 49.50 3.57
N SER C 634 26.12 49.63 4.00
CA SER C 634 25.52 50.94 4.22
C SER C 634 25.90 51.61 5.55
N SER C 635 26.38 50.83 6.54
CA SER C 635 26.60 51.37 7.88
C SER C 635 27.99 51.12 8.52
N GLY C 636 28.83 50.29 7.90
CA GLY C 636 30.15 49.93 8.42
C GLY C 636 31.08 51.09 8.74
N GLU C 637 31.06 52.14 7.92
CA GLU C 637 31.89 53.35 8.14
C GLU C 637 31.46 54.07 9.42
N ALA C 638 30.14 54.37 9.55
CA ALA C 638 29.58 55.06 10.73
C ALA C 638 29.80 54.27 12.01
N LYS C 639 29.62 52.93 11.97
CA LYS C 639 29.71 52.06 13.13
C LYS C 639 31.12 51.73 13.58
N TRP C 640 32.04 51.43 12.62
CA TRP C 640 33.35 50.95 13.02
C TRP C 640 34.53 51.71 12.45
N GLY C 641 34.29 52.66 11.54
CA GLY C 641 35.37 53.35 10.85
C GLY C 641 35.98 52.43 9.78
N GLN C 642 35.26 51.35 9.41
CA GLN C 642 35.66 50.36 8.43
C GLN C 642 35.17 50.82 7.09
N LEU C 643 36.14 51.00 6.16
CA LEU C 643 35.85 51.54 4.85
C LEU C 643 35.87 50.46 3.76
N SER C 644 34.93 50.57 2.81
CA SER C 644 34.75 49.67 1.70
C SER C 644 34.41 50.45 0.46
N ASP C 645 35.01 50.09 -0.66
CA ASP C 645 34.76 50.72 -1.97
C ASP C 645 34.02 49.74 -2.91
N VAL C 646 33.34 48.72 -2.35
CA VAL C 646 32.65 47.70 -3.14
C VAL C 646 31.59 48.31 -4.08
N VAL C 647 31.53 47.81 -5.31
CA VAL C 647 30.55 48.25 -6.29
C VAL C 647 29.50 47.13 -6.42
N LEU C 648 28.21 47.48 -6.32
CA LEU C 648 27.14 46.53 -6.55
C LEU C 648 26.50 46.88 -7.91
N LEU C 649 26.52 45.94 -8.85
CA LEU C 649 25.90 46.09 -10.18
C LEU C 649 24.56 45.39 -10.14
N LEU C 650 23.49 46.16 -10.29
CA LEU C 650 22.14 45.61 -10.12
C LEU C 650 21.26 45.82 -11.36
N PRO C 651 21.16 44.78 -12.25
CA PRO C 651 20.33 44.89 -13.46
C PRO C 651 18.88 45.20 -13.05
N HIS C 652 18.38 46.31 -13.61
CA HIS C 652 17.12 46.93 -13.23
C HIS C 652 16.37 47.52 -14.42
N GLY C 653 15.02 47.46 -14.35
CA GLY C 653 14.15 47.99 -15.39
C GLY C 653 12.92 47.18 -15.69
N HIS C 654 11.78 47.89 -15.90
CA HIS C 654 10.47 47.33 -16.25
C HIS C 654 10.46 47.00 -17.72
N GLU C 655 10.43 45.69 -18.05
CA GLU C 655 10.48 45.18 -19.41
C GLU C 655 9.45 44.07 -19.66
N GLY C 656 8.64 43.75 -18.65
CA GLY C 656 7.63 42.71 -18.76
C GLY C 656 8.08 41.30 -18.44
N GLN C 657 9.19 41.14 -17.69
CA GLN C 657 9.72 39.82 -17.33
C GLN C 657 9.27 39.37 -15.90
N GLY C 658 8.29 40.05 -15.31
CA GLY C 658 7.73 39.65 -14.03
C GLY C 658 8.27 40.36 -12.81
N PRO C 659 7.64 40.12 -11.61
CA PRO C 659 8.05 40.83 -10.39
C PRO C 659 9.48 40.54 -9.89
N ASP C 660 10.11 39.42 -10.33
CA ASP C 660 11.48 39.07 -9.91
C ASP C 660 12.52 39.34 -10.98
N HIS C 661 12.13 39.98 -12.10
CA HIS C 661 13.11 40.27 -13.14
C HIS C 661 12.95 41.70 -13.57
N THR C 662 12.64 42.56 -12.60
CA THR C 662 12.31 43.96 -12.88
C THR C 662 13.02 45.00 -12.01
N SER C 663 13.08 44.79 -10.68
CA SER C 663 13.56 45.81 -9.78
C SER C 663 14.72 45.40 -8.86
N GLY C 664 15.67 46.33 -8.71
CA GLY C 664 16.79 46.21 -7.78
C GLY C 664 16.49 46.88 -6.45
N ARG C 665 15.21 47.29 -6.25
CA ARG C 665 14.62 47.95 -5.09
C ARG C 665 15.41 49.23 -4.74
N ILE C 666 15.47 50.17 -5.71
CA ILE C 666 16.12 51.49 -5.61
C ILE C 666 15.69 52.22 -4.32
N GLU C 667 14.37 52.21 -4.02
CA GLU C 667 13.74 52.82 -2.84
C GLU C 667 14.37 52.33 -1.54
N ARG C 668 14.82 51.06 -1.48
CA ARG C 668 15.45 50.50 -0.29
C ARG C 668 16.86 51.06 -0.10
N PHE C 669 17.64 51.19 -1.18
CA PHE C 669 19.00 51.74 -1.11
C PHE C 669 18.97 53.24 -0.78
N LEU C 670 17.98 53.97 -1.33
CA LEU C 670 17.84 55.40 -1.07
C LEU C 670 17.43 55.64 0.40
N GLN C 671 16.59 54.73 0.96
CA GLN C 671 16.13 54.70 2.36
C GLN C 671 17.31 54.47 3.29
N LEU C 672 18.21 53.55 2.90
CA LEU C 672 19.40 53.23 3.68
C LEU C 672 20.44 54.34 3.62
N TRP C 673 20.47 55.10 2.52
CA TRP C 673 21.44 56.19 2.32
C TRP C 673 21.29 57.25 3.38
N ALA C 674 22.43 57.65 3.94
CA ALA C 674 22.61 58.76 4.90
C ALA C 674 24.09 59.04 5.07
N GLU C 675 24.45 60.30 5.45
CA GLU C 675 25.84 60.68 5.79
C GLU C 675 26.86 60.45 4.66
N GLY C 676 26.38 60.43 3.42
CA GLY C 676 27.21 60.18 2.25
C GLY C 676 27.97 58.87 2.34
N SER C 677 27.32 57.83 2.92
CA SER C 677 27.92 56.50 3.12
C SER C 677 28.13 55.77 1.79
N MET C 678 27.21 55.96 0.84
CA MET C 678 27.29 55.35 -0.48
C MET C 678 26.97 56.34 -1.60
N THR C 679 27.39 55.98 -2.83
CA THR C 679 27.03 56.66 -4.07
C THR C 679 25.99 55.73 -4.71
N ILE C 680 24.88 56.30 -5.20
CA ILE C 680 23.81 55.53 -5.83
C ILE C 680 23.54 56.17 -7.18
N ALA C 681 23.69 55.39 -8.25
CA ALA C 681 23.53 55.90 -9.60
C ALA C 681 22.71 54.98 -10.48
N MET C 682 22.06 55.57 -11.49
CA MET C 682 21.28 54.88 -12.50
C MET C 682 21.65 55.54 -13.84
N PRO C 683 22.88 55.27 -14.39
CA PRO C 683 23.29 55.95 -15.63
C PRO C 683 22.46 55.52 -16.82
N SER C 684 22.26 56.43 -17.78
CA SER C 684 21.45 56.18 -18.97
C SER C 684 22.31 56.04 -20.24
N THR C 685 23.61 56.39 -20.17
CA THR C 685 24.49 56.32 -21.33
C THR C 685 25.77 55.54 -21.01
N PRO C 686 26.35 54.85 -22.03
CA PRO C 686 27.62 54.11 -21.79
C PRO C 686 28.76 55.00 -21.25
N ALA C 687 29.01 56.17 -21.89
CA ALA C 687 30.05 57.12 -21.47
C ALA C 687 29.88 57.54 -20.01
N ASN C 688 28.63 57.80 -19.56
CA ASN C 688 28.37 58.21 -18.17
C ASN C 688 28.68 57.07 -17.21
N TYR C 689 28.34 55.81 -17.59
CA TYR C 689 28.68 54.65 -16.81
C TYR C 689 30.21 54.49 -16.72
N PHE C 690 30.92 54.67 -17.86
CA PHE C 690 32.39 54.60 -17.93
C PHE C 690 33.03 55.57 -16.92
N HIS C 691 32.62 56.87 -16.94
CA HIS C 691 33.17 57.92 -16.07
C HIS C 691 32.78 57.67 -14.60
N LEU C 692 31.57 57.11 -14.34
CA LEU C 692 31.13 56.76 -12.98
C LEU C 692 32.09 55.71 -12.35
N LEU C 693 32.46 54.69 -13.13
CA LEU C 693 33.35 53.62 -12.68
C LEU C 693 34.78 54.13 -12.46
N ARG C 694 35.28 54.93 -13.40
CA ARG C 694 36.63 55.52 -13.32
C ARG C 694 36.73 56.50 -12.16
N ARG C 695 35.68 57.34 -11.92
CA ARG C 695 35.66 58.27 -10.78
C ARG C 695 35.74 57.47 -9.49
N HIS C 696 34.94 56.39 -9.40
CA HIS C 696 34.88 55.52 -8.22
C HIS C 696 36.25 54.88 -7.92
N GLY C 697 36.93 54.41 -8.94
CA GLY C 697 38.24 53.77 -8.76
C GLY C 697 39.40 54.71 -8.57
N LYS C 698 39.27 55.98 -8.99
CA LYS C 698 40.37 56.95 -8.89
C LYS C 698 40.20 58.08 -7.86
N ASP C 699 39.00 58.24 -7.26
CA ASP C 699 38.72 59.36 -6.34
C ASP C 699 39.46 59.31 -4.98
N GLY C 700 40.06 58.18 -4.61
CA GLY C 700 40.75 58.06 -3.32
C GLY C 700 39.84 57.84 -2.12
N ILE C 701 38.51 57.90 -2.31
CA ILE C 701 37.45 57.71 -1.31
C ILE C 701 37.10 56.22 -1.28
N GLN C 702 36.86 55.68 -0.09
CA GLN C 702 36.51 54.29 0.09
C GLN C 702 35.08 54.24 0.59
N ARG C 703 34.14 54.33 -0.36
CA ARG C 703 32.69 54.30 -0.08
C ARG C 703 31.99 53.48 -1.15
N PRO C 704 31.05 52.58 -0.77
CA PRO C 704 30.41 51.71 -1.75
C PRO C 704 29.65 52.46 -2.83
N LEU C 705 29.56 51.85 -4.01
CA LEU C 705 28.84 52.39 -5.16
C LEU C 705 27.75 51.39 -5.57
N ILE C 706 26.49 51.85 -5.56
CA ILE C 706 25.33 51.05 -5.97
C ILE C 706 24.95 51.53 -7.37
N VAL C 707 25.02 50.62 -8.37
CA VAL C 707 24.70 50.99 -9.75
C VAL C 707 23.49 50.19 -10.23
N PHE C 708 22.46 50.89 -10.70
CA PHE C 708 21.28 50.27 -11.29
C PHE C 708 21.59 50.21 -12.78
N THR C 709 21.81 48.98 -13.28
CA THR C 709 22.30 48.73 -14.63
C THR C 709 21.21 48.24 -15.61
N PRO C 710 21.42 48.43 -16.94
CA PRO C 710 20.37 48.07 -17.91
C PRO C 710 20.37 46.60 -18.34
N LYS C 711 19.27 46.22 -19.00
CA LYS C 711 19.06 44.87 -19.55
C LYS C 711 18.82 45.01 -21.05
N SER C 712 17.62 45.48 -21.48
CA SER C 712 17.30 45.71 -22.91
C SER C 712 18.05 46.96 -23.46
N MET C 713 18.25 47.98 -22.59
CA MET C 713 18.96 49.23 -22.89
C MET C 713 20.42 48.94 -23.36
N LEU C 714 20.94 47.71 -23.07
CA LEU C 714 22.28 47.27 -23.51
C LEU C 714 22.36 47.21 -25.04
N ARG C 715 21.22 46.87 -25.68
CA ARG C 715 21.11 46.71 -27.14
C ARG C 715 20.30 47.84 -27.81
N ASN C 716 19.97 48.90 -27.06
CA ASN C 716 19.23 50.05 -27.58
C ASN C 716 20.22 50.89 -28.40
N LYS C 717 19.93 51.07 -29.70
CA LYS C 717 20.79 51.77 -30.66
C LYS C 717 20.86 53.28 -30.37
N ALA C 718 19.90 53.82 -29.58
CA ALA C 718 19.91 55.22 -29.14
C ALA C 718 20.87 55.42 -27.96
N ALA C 719 21.05 54.36 -27.15
CA ALA C 719 21.89 54.35 -25.96
C ALA C 719 23.35 54.02 -26.31
N VAL C 720 23.96 54.81 -27.19
CA VAL C 720 25.37 54.66 -27.59
C VAL C 720 26.09 56.01 -27.37
N SER C 721 27.42 55.98 -27.23
CA SER C 721 28.21 57.19 -26.97
C SER C 721 29.33 57.39 -27.98
N ASP C 722 29.72 58.66 -28.17
CA ASP C 722 30.82 59.08 -29.04
C ASP C 722 32.15 58.88 -28.34
N ILE C 723 33.26 58.76 -29.09
CA ILE C 723 34.62 58.64 -28.56
C ILE C 723 34.97 59.87 -27.69
N ARG C 724 34.56 61.10 -28.11
CA ARG C 724 34.82 62.35 -27.38
C ARG C 724 34.23 62.34 -25.98
N ASP C 725 33.14 61.60 -25.77
CA ASP C 725 32.49 61.49 -24.46
C ASP C 725 33.41 60.75 -23.47
N PHE C 726 34.37 59.96 -23.99
CA PHE C 726 35.30 59.19 -23.17
C PHE C 726 36.65 59.91 -23.03
N THR C 727 36.99 60.69 -24.04
CA THR C 727 38.29 61.33 -24.11
C THR C 727 38.31 62.81 -23.71
N GLU C 728 37.16 63.50 -23.71
CA GLU C 728 37.14 64.93 -23.39
C GLU C 728 36.01 65.32 -22.45
N SER C 729 35.31 64.33 -21.89
CA SER C 729 34.21 64.64 -21.00
C SER C 729 34.49 64.03 -19.61
N LYS C 730 33.50 64.13 -18.69
CA LYS C 730 33.57 63.67 -17.30
C LYS C 730 32.18 63.23 -16.87
N PHE C 731 32.05 62.61 -15.67
CA PHE C 731 30.77 62.13 -15.14
C PHE C 731 29.79 63.28 -15.03
N ARG C 732 28.55 63.02 -15.48
CA ARG C 732 27.49 64.01 -15.46
C ARG C 732 26.39 63.52 -14.57
N SER C 733 26.24 64.13 -13.40
CA SER C 733 25.24 63.72 -12.40
C SER C 733 23.81 63.98 -12.88
N VAL C 734 23.66 64.99 -13.75
CA VAL C 734 22.41 65.40 -14.37
C VAL C 734 22.67 65.49 -15.88
N LEU C 735 21.71 65.05 -16.69
CA LEU C 735 21.81 65.11 -18.16
C LEU C 735 20.59 65.75 -18.78
N GLU C 736 20.83 66.58 -19.79
CA GLU C 736 19.83 67.20 -20.62
C GLU C 736 19.71 66.43 -21.89
N GLU C 737 18.67 66.73 -22.68
CA GLU C 737 18.51 66.12 -24.00
C GLU C 737 19.58 66.66 -24.95
N PRO C 738 20.19 65.79 -25.80
CA PRO C 738 21.20 66.26 -26.76
C PRO C 738 20.72 67.36 -27.71
N MET C 739 19.40 67.47 -27.99
CA MET C 739 18.83 68.48 -28.89
C MET C 739 19.05 69.91 -28.35
N TYR C 740 19.28 70.06 -27.03
CA TYR C 740 19.49 71.37 -26.43
C TYR C 740 20.96 71.68 -26.26
N THR C 741 21.78 70.69 -25.93
CA THR C 741 23.22 70.86 -25.73
C THR C 741 24.05 70.76 -27.04
N ASP C 742 23.59 69.95 -28.01
CA ASP C 742 24.30 69.66 -29.26
C ASP C 742 23.43 69.85 -30.52
N GLY C 743 22.12 70.01 -30.34
CA GLY C 743 21.20 70.18 -31.45
C GLY C 743 20.63 71.57 -31.63
N GLU C 744 19.52 71.65 -32.39
CA GLU C 744 18.81 72.89 -32.73
C GLU C 744 17.50 73.06 -31.92
N GLY C 745 17.49 72.59 -30.67
CA GLY C 745 16.35 72.71 -29.78
C GLY C 745 16.30 74.02 -29.00
N ASP C 746 15.07 74.53 -28.78
CA ASP C 746 14.83 75.78 -28.04
C ASP C 746 14.24 75.50 -26.65
N ARG C 747 15.08 75.73 -25.61
CA ARG C 747 14.76 75.54 -24.21
C ARG C 747 13.65 76.47 -23.70
N ASN C 748 13.49 77.63 -24.34
CA ASN C 748 12.51 78.64 -23.92
C ASN C 748 11.07 78.24 -24.32
N LYS C 749 10.92 77.27 -25.21
CA LYS C 749 9.60 76.77 -25.63
C LYS C 749 9.03 75.77 -24.61
N VAL C 750 9.87 75.29 -23.67
CA VAL C 750 9.51 74.29 -22.67
C VAL C 750 8.62 74.90 -21.56
N THR C 751 7.45 74.28 -21.34
CA THR C 751 6.49 74.68 -20.30
C THR C 751 6.30 73.53 -19.31
N ARG C 752 6.50 72.28 -19.76
CA ARG C 752 6.40 71.09 -18.92
C ARG C 752 7.76 70.41 -18.85
N LEU C 753 8.23 70.16 -17.62
CA LEU C 753 9.52 69.55 -17.45
C LEU C 753 9.35 68.16 -16.79
N LEU C 754 9.91 67.14 -17.44
CA LEU C 754 9.83 65.76 -16.97
C LEU C 754 11.17 65.38 -16.41
N LEU C 755 11.18 65.07 -15.14
CA LEU C 755 12.36 64.68 -14.41
C LEU C 755 12.36 63.20 -14.29
N THR C 756 13.47 62.56 -14.66
CA THR C 756 13.49 61.11 -14.67
C THR C 756 14.89 60.55 -14.41
N SER C 757 14.99 59.21 -14.43
CA SER C 757 16.22 58.46 -14.28
C SER C 757 16.09 57.11 -14.99
N GLY C 758 17.16 56.71 -15.69
CA GLY C 758 17.21 55.42 -16.36
C GLY C 758 16.67 55.32 -17.77
N LYS C 759 16.30 54.10 -18.15
CA LYS C 759 15.87 53.74 -19.50
C LYS C 759 14.57 54.39 -19.96
N ILE C 760 13.63 54.77 -19.04
CA ILE C 760 12.36 55.38 -19.43
C ILE C 760 12.63 56.70 -20.21
N TYR C 761 13.82 57.31 -20.04
CA TYR C 761 14.19 58.53 -20.77
C TYR C 761 14.02 58.33 -22.27
N TYR C 762 14.57 57.21 -22.82
CA TYR C 762 14.55 56.92 -24.27
C TYR C 762 13.13 56.76 -24.81
N GLU C 763 12.21 56.19 -24.01
CA GLU C 763 10.80 56.02 -24.36
C GLU C 763 10.10 57.37 -24.37
N LEU C 764 10.40 58.22 -23.36
CA LEU C 764 9.84 59.58 -23.27
C LEU C 764 10.37 60.43 -24.43
N ALA C 765 11.69 60.31 -24.74
CA ALA C 765 12.36 61.03 -25.82
C ALA C 765 11.79 60.65 -27.21
N ALA C 766 11.45 59.33 -27.41
CA ALA C 766 10.87 58.81 -28.65
C ALA C 766 9.45 59.30 -28.84
N ARG C 767 8.70 59.44 -27.74
CA ARG C 767 7.33 59.95 -27.77
C ARG C 767 7.34 61.46 -28.08
N LYS C 768 8.33 62.17 -27.53
CA LYS C 768 8.51 63.61 -27.75
C LYS C 768 8.82 63.88 -29.23
N ALA C 769 9.69 63.04 -29.86
CA ALA C 769 10.08 63.18 -31.27
C ALA C 769 8.90 62.87 -32.19
N LYS C 770 8.18 61.78 -31.91
CA LYS C 770 7.02 61.33 -32.67
C LYS C 770 5.94 62.43 -32.74
N GLU C 771 5.68 63.11 -31.61
CA GLU C 771 4.67 64.17 -31.51
C GLU C 771 5.25 65.59 -31.72
N ASN C 772 6.59 65.72 -31.91
CA ASN C 772 7.31 67.00 -32.07
C ASN C 772 6.93 68.00 -30.93
N ARG C 773 6.99 67.49 -29.67
CA ARG C 773 6.61 68.23 -28.46
C ARG C 773 7.76 69.09 -27.93
N GLU C 774 7.94 70.27 -28.53
CA GLU C 774 8.96 71.25 -28.15
C GLU C 774 8.66 71.89 -26.77
N ASP C 775 7.39 71.79 -26.30
CA ASP C 775 6.88 72.33 -25.05
C ASP C 775 7.28 71.46 -23.84
N VAL C 776 7.81 70.25 -24.10
CA VAL C 776 8.20 69.28 -23.08
C VAL C 776 9.71 68.99 -23.14
N ALA C 777 10.38 69.01 -21.96
CA ALA C 777 11.80 68.67 -21.83
C ALA C 777 11.97 67.54 -20.84
N ILE C 778 13.00 66.72 -21.05
CA ILE C 778 13.29 65.58 -20.18
C ILE C 778 14.70 65.76 -19.63
N VAL C 779 14.79 65.83 -18.28
CA VAL C 779 16.05 65.98 -17.56
C VAL C 779 16.29 64.71 -16.75
N ARG C 780 17.50 64.14 -16.91
CA ARG C 780 17.86 62.90 -16.24
C ARG C 780 18.71 63.15 -15.03
N ILE C 781 18.39 62.47 -13.92
CA ILE C 781 19.17 62.47 -12.68
C ILE C 781 19.92 61.15 -12.68
N GLU C 782 21.22 61.19 -13.02
CA GLU C 782 22.10 60.03 -13.14
C GLU C 782 22.59 59.59 -11.77
N GLN C 783 22.96 60.55 -10.92
CA GLN C 783 23.41 60.27 -9.59
C GLN C 783 22.24 60.50 -8.63
N LEU C 784 21.67 59.39 -8.10
CA LEU C 784 20.51 59.42 -7.20
C LEU C 784 20.91 59.83 -5.77
N ALA C 785 22.12 59.44 -5.33
CA ALA C 785 22.63 59.77 -4.00
C ALA C 785 24.16 59.88 -3.98
N PRO C 786 24.76 60.95 -3.42
CA PRO C 786 24.11 62.15 -2.88
C PRO C 786 23.43 62.94 -4.02
N LEU C 787 22.25 63.56 -3.74
CA LEU C 787 21.53 64.33 -4.74
C LEU C 787 22.40 65.50 -5.25
N PRO C 788 22.52 65.64 -6.58
CA PRO C 788 23.38 66.71 -7.12
C PRO C 788 22.62 68.04 -7.21
N ARG C 789 22.41 68.66 -6.02
CA ARG C 789 21.68 69.91 -5.79
C ARG C 789 22.09 71.04 -6.74
N ARG C 790 23.39 71.40 -6.74
CA ARG C 790 23.89 72.52 -7.55
C ARG C 790 23.65 72.31 -9.07
N ARG C 791 24.08 71.14 -9.64
CA ARG C 791 23.91 70.88 -11.06
C ARG C 791 22.43 70.85 -11.46
N LEU C 792 21.57 70.22 -10.62
CA LEU C 792 20.14 70.12 -10.85
C LEU C 792 19.49 71.51 -10.93
N ALA C 793 19.82 72.40 -9.98
CA ALA C 793 19.30 73.77 -9.94
C ALA C 793 19.83 74.56 -11.13
N GLU C 794 21.12 74.37 -11.49
CA GLU C 794 21.78 75.01 -12.64
C GLU C 794 21.17 74.52 -13.97
N THR C 795 20.84 73.23 -14.08
CA THR C 795 20.20 72.71 -15.27
C THR C 795 18.76 73.25 -15.40
N LEU C 796 17.92 73.18 -14.32
CA LEU C 796 16.51 73.63 -14.41
C LEU C 796 16.40 75.13 -14.72
N ASP C 797 17.39 75.93 -14.28
CA ASP C 797 17.44 77.37 -14.50
C ASP C 797 17.55 77.74 -15.98
N ARG C 798 17.89 76.77 -16.86
CA ARG C 798 18.03 76.91 -18.31
C ARG C 798 16.67 76.78 -19.01
N TYR C 799 15.59 76.48 -18.25
CA TYR C 799 14.22 76.33 -18.76
C TYR C 799 13.32 77.33 -18.04
N PRO C 800 13.39 78.65 -18.38
CA PRO C 800 12.67 79.67 -17.59
C PRO C 800 11.14 79.68 -17.74
N ASN C 801 10.58 79.08 -18.79
CA ASN C 801 9.15 79.13 -19.00
C ASN C 801 8.41 77.88 -18.47
N VAL C 802 9.08 77.06 -17.64
CA VAL C 802 8.50 75.85 -17.05
C VAL C 802 7.39 76.27 -16.06
N LYS C 803 6.18 75.71 -16.26
CA LYS C 803 4.98 75.97 -15.46
C LYS C 803 4.63 74.78 -14.59
N GLU C 804 5.12 73.58 -14.97
CA GLU C 804 4.86 72.35 -14.21
C GLU C 804 6.04 71.36 -14.35
N LYS C 805 6.40 70.74 -13.23
CA LYS C 805 7.47 69.76 -13.10
C LYS C 805 6.90 68.44 -12.59
N PHE C 806 7.28 67.35 -13.24
CA PHE C 806 6.85 66.02 -12.85
C PHE C 806 8.02 65.08 -12.72
N TRP C 807 8.02 64.27 -11.64
CA TRP C 807 8.98 63.19 -11.51
C TRP C 807 8.33 62.00 -12.19
N VAL C 808 8.97 61.50 -13.25
CA VAL C 808 8.46 60.39 -14.04
C VAL C 808 9.33 59.16 -13.81
N GLN C 809 8.66 58.03 -13.53
CA GLN C 809 9.32 56.76 -13.31
C GLN C 809 8.40 55.60 -13.73
N GLU C 810 9.01 54.52 -14.17
CA GLU C 810 8.26 53.33 -14.53
C GLU C 810 7.87 52.49 -13.30
N GLU C 811 8.61 52.65 -12.18
CA GLU C 811 8.42 51.91 -10.93
C GLU C 811 7.13 52.30 -10.21
N PRO C 812 6.49 51.35 -9.47
CA PRO C 812 5.28 51.69 -8.70
C PRO C 812 5.51 52.90 -7.76
N ALA C 813 4.40 53.61 -7.39
CA ALA C 813 4.41 54.82 -6.56
C ALA C 813 5.21 54.67 -5.23
N ASN C 814 5.15 53.49 -4.58
CA ASN C 814 5.82 53.19 -3.32
C ASN C 814 7.27 52.66 -3.53
N GLN C 815 7.73 52.64 -4.80
CA GLN C 815 9.03 52.11 -5.18
C GLN C 815 9.74 53.12 -6.05
N GLY C 816 10.95 52.78 -6.53
CA GLY C 816 11.73 53.72 -7.34
C GLY C 816 12.26 54.89 -6.52
N ALA C 817 12.56 56.01 -7.18
CA ALA C 817 13.11 57.18 -6.48
C ALA C 817 12.04 58.09 -5.87
N TRP C 818 10.76 58.00 -6.29
CA TRP C 818 9.71 58.86 -5.77
C TRP C 818 9.62 58.91 -4.22
N PRO C 819 9.56 57.77 -3.46
CA PRO C 819 9.42 57.89 -1.99
C PRO C 819 10.42 58.83 -1.33
N SER C 820 11.67 58.85 -1.81
CA SER C 820 12.67 59.74 -1.22
C SER C 820 12.68 61.11 -1.94
N PHE C 821 12.68 61.15 -3.29
CA PHE C 821 12.71 62.38 -4.10
C PHE C 821 11.47 63.27 -3.88
N GLY C 822 10.31 62.66 -3.71
CA GLY C 822 9.06 63.39 -3.46
C GLY C 822 9.09 64.19 -2.17
N LEU C 823 9.93 63.75 -1.23
CA LEU C 823 10.11 64.37 0.08
C LEU C 823 11.36 65.27 0.11
N THR C 824 12.50 64.79 -0.40
CA THR C 824 13.76 65.55 -0.37
C THR C 824 13.85 66.68 -1.40
N LEU C 825 13.41 66.47 -2.68
CA LEU C 825 13.50 67.51 -3.72
C LEU C 825 12.78 68.80 -3.32
N PRO C 826 11.51 68.81 -2.81
CA PRO C 826 10.91 70.09 -2.38
C PRO C 826 11.58 70.72 -1.15
N GLU C 827 12.34 69.93 -0.37
CA GLU C 827 13.00 70.41 0.82
C GLU C 827 14.39 71.01 0.52
N ILE C 828 15.22 70.33 -0.30
CA ILE C 828 16.55 70.83 -0.62
C ILE C 828 16.49 71.97 -1.67
N LEU C 829 15.49 71.95 -2.58
CA LEU C 829 15.30 72.97 -3.61
C LEU C 829 13.83 73.44 -3.62
N PRO C 830 13.39 74.22 -2.59
CA PRO C 830 11.99 74.67 -2.53
C PRO C 830 11.59 75.61 -3.68
N ASP C 831 12.50 76.49 -4.14
CA ASP C 831 12.17 77.41 -5.24
C ASP C 831 11.97 76.61 -6.54
N HIS C 832 12.74 75.55 -6.74
CA HIS C 832 12.65 74.75 -7.95
C HIS C 832 11.61 73.63 -7.88
N PHE C 833 11.45 72.94 -6.73
CA PHE C 833 10.61 71.75 -6.69
C PHE C 833 9.31 71.80 -5.88
N THR C 834 8.88 72.98 -5.41
CA THR C 834 7.60 73.07 -4.72
C THR C 834 6.51 72.90 -5.80
N GLY C 835 5.61 71.95 -5.56
CA GLY C 835 4.54 71.62 -6.50
C GLY C 835 4.89 70.48 -7.43
N LEU C 836 6.02 69.79 -7.17
CA LEU C 836 6.48 68.64 -7.95
C LEU C 836 5.50 67.49 -7.77
N LYS C 837 5.04 66.93 -8.88
CA LYS C 837 4.07 65.85 -8.88
C LYS C 837 4.70 64.60 -9.46
N ARG C 838 4.08 63.46 -9.19
CA ARG C 838 4.54 62.14 -9.60
C ARG C 838 3.74 61.56 -10.77
N ILE C 839 4.46 60.92 -11.72
CA ILE C 839 3.95 60.13 -12.84
C ILE C 839 4.66 58.79 -12.74
N SER C 840 3.89 57.76 -12.37
CA SER C 840 4.40 56.42 -12.18
C SER C 840 3.30 55.40 -12.25
N ARG C 841 3.68 54.13 -12.08
CA ARG C 841 2.73 53.04 -11.90
C ARG C 841 2.07 53.26 -10.53
N ARG C 842 0.87 52.70 -10.32
CA ARG C 842 0.19 52.75 -9.02
C ARG C 842 1.09 52.10 -7.96
N ALA C 843 0.84 52.33 -6.67
CA ALA C 843 1.58 51.63 -5.62
C ALA C 843 1.24 50.13 -5.75
N MET C 844 2.26 49.30 -5.69
CA MET C 844 2.11 47.86 -5.87
C MET C 844 2.85 47.08 -4.80
N SER C 845 2.30 45.91 -4.44
CA SER C 845 2.85 44.97 -3.46
C SER C 845 4.10 44.29 -4.04
N ALA C 846 4.03 43.92 -5.32
CA ALA C 846 5.10 43.30 -6.08
C ALA C 846 5.82 44.39 -6.90
N PRO C 847 7.09 44.20 -7.33
CA PRO C 847 7.75 45.27 -8.11
C PRO C 847 7.12 45.54 -9.50
N SER C 848 6.29 44.61 -10.01
CA SER C 848 5.59 44.70 -11.32
C SER C 848 4.60 43.56 -11.48
N SER C 849 3.81 43.60 -12.56
CA SER C 849 2.88 42.53 -12.91
C SER C 849 3.66 41.30 -13.45
N GLY C 850 3.00 40.15 -13.56
CA GLY C 850 3.60 38.94 -14.08
C GLY C 850 3.51 38.82 -15.60
N SER C 851 2.53 39.51 -16.20
CA SER C 851 2.28 39.49 -17.66
C SER C 851 2.99 40.64 -18.36
N SER C 852 3.74 40.33 -19.43
CA SER C 852 4.43 41.30 -20.29
C SER C 852 3.42 42.19 -21.04
N LYS C 853 2.24 41.62 -21.39
CA LYS C 853 1.15 42.34 -22.06
C LYS C 853 0.58 43.42 -21.14
N VAL C 854 0.39 43.10 -19.83
CA VAL C 854 -0.13 44.01 -18.81
C VAL C 854 0.92 45.11 -18.53
N HIS C 855 2.22 44.72 -18.51
CA HIS C 855 3.34 45.65 -18.36
C HIS C 855 3.27 46.73 -19.46
N ALA C 856 3.09 46.29 -20.73
CA ALA C 856 3.03 47.15 -21.92
C ALA C 856 1.88 48.16 -21.83
N VAL C 857 0.69 47.72 -21.35
CA VAL C 857 -0.49 48.59 -21.18
C VAL C 857 -0.19 49.67 -20.10
N GLU C 858 0.42 49.27 -18.97
CA GLU C 858 0.82 50.16 -17.88
C GLU C 858 1.90 51.15 -18.32
N GLN C 859 2.91 50.67 -19.09
CA GLN C 859 3.99 51.50 -19.58
C GLN C 859 3.46 52.62 -20.51
N GLN C 860 2.48 52.29 -21.37
CA GLN C 860 1.90 53.24 -22.32
C GLN C 860 1.10 54.31 -21.56
N GLU C 861 0.47 53.93 -20.41
CA GLU C 861 -0.29 54.86 -19.56
C GLU C 861 0.62 55.96 -18.99
N ILE C 862 1.85 55.58 -18.57
CA ILE C 862 2.84 56.52 -18.01
C ILE C 862 3.19 57.55 -19.10
N LEU C 863 3.54 57.06 -20.31
CA LEU C 863 3.90 57.86 -21.48
C LEU C 863 2.75 58.83 -21.88
N ASP C 864 1.49 58.33 -21.84
CA ASP C 864 0.29 59.12 -22.16
C ASP C 864 0.02 60.18 -21.10
N THR C 865 0.33 59.89 -19.82
CA THR C 865 0.13 60.84 -18.71
C THR C 865 1.17 61.97 -18.81
N ALA C 866 2.43 61.60 -19.08
CA ALA C 866 3.56 62.52 -19.18
C ALA C 866 3.40 63.50 -20.34
N PHE C 867 2.66 63.09 -21.39
CA PHE C 867 2.45 63.91 -22.57
C PHE C 867 0.96 64.32 -22.76
N GLY C 868 0.11 64.02 -21.77
CA GLY C 868 -1.32 64.33 -21.79
C GLY C 868 -1.72 65.40 -20.80
N ASP D 2 48.94 -12.99 2.91
CA ASP D 2 49.92 -14.08 2.80
C ASP D 2 49.25 -15.45 3.05
N SER D 3 48.51 -15.58 4.16
CA SER D 3 47.82 -16.81 4.57
C SER D 3 46.29 -16.64 4.47
N ILE D 4 45.51 -17.61 5.02
CA ILE D 4 44.03 -17.61 5.03
C ILE D 4 43.49 -16.44 5.87
N GLU D 5 44.04 -16.24 7.09
CA GLU D 5 43.68 -15.17 8.04
C GLU D 5 43.99 -13.78 7.47
N ASP D 6 45.06 -13.68 6.64
CA ASP D 6 45.48 -12.43 6.00
C ASP D 6 44.58 -12.10 4.78
N LYS D 7 44.24 -13.13 3.97
CA LYS D 7 43.38 -13.01 2.79
C LYS D 7 41.96 -12.61 3.17
N ASN D 8 41.36 -13.30 4.15
CA ASN D 8 39.99 -13.03 4.62
C ASN D 8 39.86 -11.60 5.18
N ALA D 9 40.95 -11.03 5.75
CA ALA D 9 40.96 -9.66 6.28
C ALA D 9 41.02 -8.62 5.16
N ARG D 10 41.60 -8.97 3.99
CA ARG D 10 41.70 -8.10 2.81
C ARG D 10 40.35 -7.97 2.10
N VAL D 11 39.51 -9.01 2.23
CA VAL D 11 38.16 -9.10 1.66
C VAL D 11 37.23 -8.13 2.44
N ILE D 12 37.28 -8.17 3.80
CA ILE D 12 36.50 -7.30 4.70
C ILE D 12 36.80 -5.78 4.41
N GLU D 13 38.06 -5.45 4.05
CA GLU D 13 38.49 -4.10 3.66
C GLU D 13 37.92 -3.72 2.31
N LEU D 14 37.88 -4.69 1.37
CA LEU D 14 37.33 -4.52 0.03
C LEU D 14 35.82 -4.31 0.12
N ILE D 15 35.12 -5.09 0.99
CA ILE D 15 33.68 -5.01 1.25
C ILE D 15 33.32 -3.60 1.74
N ALA D 16 34.10 -3.04 2.69
CA ALA D 16 33.89 -1.71 3.24
C ALA D 16 34.21 -0.61 2.20
N ALA D 17 35.27 -0.78 1.38
CA ALA D 17 35.63 0.19 0.31
C ALA D 17 34.48 0.39 -0.69
N TYR D 18 33.74 -0.69 -1.03
CA TYR D 18 32.59 -0.56 -1.95
C TYR D 18 31.43 0.18 -1.26
N ARG D 19 31.11 -0.21 -0.03
CA ARG D 19 30.04 0.40 0.75
C ARG D 19 30.33 1.87 1.04
N ASN D 20 31.62 2.22 1.24
CA ASN D 20 32.06 3.58 1.56
C ASN D 20 32.32 4.46 0.35
N ARG D 21 33.03 3.93 -0.66
CA ARG D 21 33.55 4.66 -1.82
C ARG D 21 33.11 4.17 -3.22
N GLY D 22 32.30 3.11 -3.29
CA GLY D 22 31.81 2.55 -4.55
C GLY D 22 31.12 3.56 -5.46
N HIS D 23 30.31 4.48 -4.86
CA HIS D 23 29.59 5.58 -5.52
C HIS D 23 30.53 6.46 -6.35
N LEU D 24 31.83 6.51 -6.00
CA LEU D 24 32.82 7.31 -6.74
C LEU D 24 33.19 6.65 -8.06
N MET D 25 32.86 5.37 -8.22
CA MET D 25 33.13 4.57 -9.42
C MET D 25 31.87 4.28 -10.21
N ALA D 26 30.68 4.55 -9.65
CA ALA D 26 29.38 4.30 -10.28
C ALA D 26 29.20 5.09 -11.55
N ASP D 27 28.60 4.43 -12.56
CA ASP D 27 28.30 4.96 -13.88
C ASP D 27 26.97 5.75 -13.80
N ILE D 28 27.03 6.92 -13.15
CA ILE D 28 25.89 7.78 -12.86
C ILE D 28 25.75 8.94 -13.85
N ASP D 29 26.84 9.36 -14.52
CA ASP D 29 26.79 10.50 -15.44
C ASP D 29 26.41 10.03 -16.87
N PRO D 30 25.19 10.34 -17.35
CA PRO D 30 24.81 9.93 -18.72
C PRO D 30 25.64 10.58 -19.83
N LEU D 31 26.49 11.58 -19.50
CA LEU D 31 27.34 12.24 -20.50
C LEU D 31 28.78 11.69 -20.50
N ARG D 32 29.19 10.99 -19.43
CA ARG D 32 30.55 10.43 -19.26
C ARG D 32 31.63 11.54 -19.50
N LEU D 33 31.35 12.77 -19.03
CA LEU D 33 32.19 13.95 -19.24
C LEU D 33 33.58 13.78 -18.66
N ASP D 34 33.67 13.26 -17.42
CA ASP D 34 34.94 13.04 -16.73
C ASP D 34 35.56 11.73 -17.22
N ASN D 35 36.69 11.88 -17.94
CA ASN D 35 37.47 10.80 -18.55
C ASN D 35 38.16 9.93 -17.50
N THR D 36 38.71 10.56 -16.44
CA THR D 36 39.47 9.93 -15.36
C THR D 36 38.57 9.32 -14.24
N ARG D 37 37.22 9.33 -14.42
CA ARG D 37 36.28 8.80 -13.43
C ARG D 37 36.58 7.32 -13.08
N PHE D 38 36.76 6.47 -14.11
CA PHE D 38 37.06 5.05 -13.93
C PHE D 38 38.60 4.82 -14.08
N ARG D 39 39.39 5.52 -13.23
CA ARG D 39 40.87 5.55 -13.18
C ARG D 39 41.53 4.17 -13.36
N LEU D 51 45.42 -9.71 -2.78
CA LEU D 51 44.65 -10.84 -3.27
C LEU D 51 44.98 -11.15 -4.73
N THR D 52 45.03 -12.44 -5.07
CA THR D 52 45.33 -12.91 -6.43
C THR D 52 44.04 -13.33 -7.15
N LEU D 53 44.14 -13.65 -8.46
CA LEU D 53 43.01 -14.11 -9.30
C LEU D 53 42.57 -15.50 -8.84
N TRP D 54 43.47 -16.22 -8.17
CA TRP D 54 43.26 -17.54 -7.59
C TRP D 54 42.34 -17.46 -6.37
N ASP D 55 42.28 -16.27 -5.71
CA ASP D 55 41.45 -16.05 -4.52
C ASP D 55 39.98 -15.76 -4.86
N LEU D 56 39.67 -15.47 -6.14
CA LEU D 56 38.31 -15.20 -6.61
C LEU D 56 37.35 -16.41 -6.46
N ASP D 57 37.86 -17.64 -6.60
CA ASP D 57 37.04 -18.85 -6.51
C ASP D 57 37.02 -19.45 -5.10
N ARG D 58 37.81 -18.88 -4.16
CA ARG D 58 37.89 -19.32 -2.76
C ARG D 58 36.71 -18.76 -1.94
N GLU D 59 36.25 -19.53 -0.94
CA GLU D 59 35.13 -19.19 -0.06
C GLU D 59 35.63 -18.41 1.16
N PHE D 60 35.00 -17.27 1.45
CA PHE D 60 35.38 -16.40 2.58
C PHE D 60 34.24 -16.23 3.59
N LYS D 61 34.60 -15.82 4.82
CA LYS D 61 33.67 -15.61 5.94
C LYS D 61 32.96 -14.27 5.77
N VAL D 62 31.61 -14.31 5.71
CA VAL D 62 30.77 -13.13 5.54
C VAL D 62 29.65 -13.15 6.61
N ASP D 63 29.46 -12.00 7.28
CA ASP D 63 28.42 -11.80 8.30
C ASP D 63 27.25 -11.10 7.62
N GLY D 64 26.23 -11.89 7.26
CA GLY D 64 25.03 -11.42 6.58
C GLY D 64 23.75 -11.63 7.37
N GLY D 67 22.42 -15.74 9.44
CA GLY D 67 23.53 -15.04 10.07
C GLY D 67 24.82 -15.11 9.26
N VAL D 68 25.83 -15.80 9.81
CA VAL D 68 27.14 -15.97 9.18
C VAL D 68 27.06 -17.03 8.08
N GLN D 69 27.56 -16.68 6.88
CA GLN D 69 27.58 -17.56 5.72
C GLN D 69 28.93 -17.49 4.99
N ARG D 70 29.25 -18.57 4.24
CA ARG D 70 30.48 -18.69 3.47
C ARG D 70 30.18 -18.41 1.99
N LYS D 71 30.78 -17.35 1.44
CA LYS D 71 30.57 -16.97 0.04
C LYS D 71 31.90 -16.85 -0.72
N LYS D 72 31.90 -17.25 -2.03
CA LYS D 72 33.04 -17.15 -2.94
C LYS D 72 33.35 -15.68 -3.18
N LEU D 73 34.64 -15.32 -3.34
CA LEU D 73 35.06 -13.93 -3.53
C LEU D 73 34.44 -13.29 -4.78
N ARG D 74 34.32 -14.05 -5.89
CA ARG D 74 33.73 -13.58 -7.14
C ARG D 74 32.26 -13.12 -6.93
N ASP D 75 31.49 -13.87 -6.12
CA ASP D 75 30.08 -13.63 -5.83
C ASP D 75 29.89 -12.44 -4.91
N ILE D 76 30.78 -12.25 -3.92
CA ILE D 76 30.75 -11.07 -3.05
C ILE D 76 30.99 -9.82 -3.91
N LEU D 77 32.06 -9.85 -4.72
CA LEU D 77 32.52 -8.80 -5.63
C LEU D 77 31.40 -8.34 -6.55
N SER D 78 30.75 -9.30 -7.25
CA SER D 78 29.65 -9.04 -8.17
C SER D 78 28.42 -8.44 -7.45
N VAL D 79 28.16 -8.81 -6.16
CA VAL D 79 27.06 -8.21 -5.38
C VAL D 79 27.37 -6.72 -5.16
N LEU D 80 28.62 -6.42 -4.78
CA LEU D 80 29.08 -5.06 -4.47
C LEU D 80 29.05 -4.17 -5.70
N ARG D 81 29.56 -4.66 -6.85
CA ARG D 81 29.57 -3.95 -8.12
C ARG D 81 28.15 -3.64 -8.62
N ASP D 82 27.21 -4.61 -8.48
CA ASP D 82 25.82 -4.41 -8.92
C ASP D 82 25.08 -3.41 -8.02
N ALA D 83 25.33 -3.48 -6.73
CA ALA D 83 24.69 -2.60 -5.78
C ALA D 83 25.24 -1.16 -5.81
N TYR D 84 26.57 -1.04 -5.91
CA TYR D 84 27.22 0.24 -5.76
C TYR D 84 27.99 0.78 -6.94
N CYS D 85 28.22 0.00 -7.99
CA CYS D 85 29.04 0.55 -9.08
C CYS D 85 28.32 0.53 -10.45
N ARG D 86 26.98 0.40 -10.47
CA ARG D 86 26.26 0.40 -11.74
C ARG D 86 25.72 1.83 -11.99
N HIS D 87 24.39 2.01 -12.17
CA HIS D 87 23.80 3.33 -12.45
C HIS D 87 23.35 4.06 -11.20
N VAL D 88 23.57 3.47 -10.01
CA VAL D 88 23.18 4.06 -8.73
C VAL D 88 24.41 4.12 -7.78
N GLY D 89 24.75 5.36 -7.39
CA GLY D 89 25.79 5.67 -6.41
C GLY D 89 25.10 5.86 -5.08
N VAL D 90 25.39 5.00 -4.10
CA VAL D 90 24.74 5.03 -2.79
C VAL D 90 25.71 5.54 -1.72
N GLU D 91 25.32 6.63 -1.03
CA GLU D 91 26.06 7.20 0.08
C GLU D 91 25.22 7.01 1.35
N TYR D 92 25.66 6.14 2.26
CA TYR D 92 24.90 5.86 3.47
C TYR D 92 25.77 5.54 4.69
N THR D 93 27.07 5.24 4.51
CA THR D 93 27.94 4.86 5.64
C THR D 93 28.24 6.05 6.58
N HIS D 94 27.86 7.28 6.20
CA HIS D 94 27.99 8.47 7.04
C HIS D 94 26.85 8.50 8.08
N ILE D 95 25.79 7.67 7.87
CA ILE D 95 24.63 7.62 8.78
C ILE D 95 25.11 7.00 10.12
N LEU D 96 24.80 7.71 11.21
CA LEU D 96 25.21 7.36 12.57
C LEU D 96 24.33 6.28 13.18
N GLU D 97 23.07 6.15 12.73
CA GLU D 97 22.16 5.11 13.24
C GLU D 97 22.51 3.78 12.54
N PRO D 98 23.03 2.75 13.25
CA PRO D 98 23.37 1.47 12.59
C PRO D 98 22.19 0.75 11.95
N GLU D 99 20.97 0.88 12.54
CA GLU D 99 19.74 0.26 12.03
C GLU D 99 19.32 0.83 10.65
N GLN D 100 19.77 2.07 10.31
CA GLN D 100 19.51 2.75 9.04
C GLN D 100 20.50 2.31 7.99
N GLN D 101 21.77 2.12 8.38
CA GLN D 101 22.81 1.59 7.50
C GLN D 101 22.47 0.14 7.10
N ARG D 102 22.03 -0.66 8.07
CA ARG D 102 21.62 -2.05 7.88
C ARG D 102 20.43 -2.12 6.91
N TRP D 103 19.41 -1.23 7.06
CA TRP D 103 18.20 -1.19 6.25
C TRP D 103 18.52 -0.96 4.78
N ILE D 104 19.34 0.05 4.48
CA ILE D 104 19.76 0.41 3.12
C ILE D 104 20.60 -0.74 2.52
N GLN D 105 21.66 -1.17 3.26
CA GLN D 105 22.57 -2.24 2.89
C GLN D 105 21.81 -3.52 2.48
N GLU D 106 20.75 -3.90 3.23
CA GLU D 106 19.92 -5.07 2.94
C GLU D 106 19.09 -4.90 1.66
N ARG D 107 18.56 -3.68 1.41
CA ARG D 107 17.72 -3.42 0.24
C ARG D 107 18.51 -3.15 -1.04
N VAL D 108 19.75 -2.69 -0.89
CA VAL D 108 20.64 -2.33 -2.00
C VAL D 108 21.51 -3.54 -2.43
N GLU D 109 22.01 -4.36 -1.46
CA GLU D 109 22.88 -5.50 -1.75
C GLU D 109 22.13 -6.84 -2.04
N THR D 110 20.95 -6.79 -2.67
CA THR D 110 20.18 -7.99 -3.04
C THR D 110 19.74 -7.93 -4.50
N LYS D 111 19.16 -9.03 -5.03
CA LYS D 111 18.66 -9.08 -6.41
C LYS D 111 17.35 -8.29 -6.50
N HIS D 112 17.33 -7.27 -7.36
CA HIS D 112 16.15 -6.43 -7.55
C HIS D 112 15.20 -7.07 -8.56
N ASP D 113 13.90 -7.12 -8.20
CA ASP D 113 12.85 -7.70 -9.05
C ASP D 113 12.60 -6.78 -10.25
N LYS D 114 12.72 -7.35 -11.47
CA LYS D 114 12.54 -6.62 -12.72
C LYS D 114 11.08 -6.13 -12.84
N PRO D 115 10.83 -4.89 -13.35
CA PRO D 115 9.44 -4.42 -13.49
C PRO D 115 8.67 -5.24 -14.53
N THR D 116 7.33 -5.33 -14.39
CA THR D 116 6.47 -6.03 -15.34
C THR D 116 6.43 -5.23 -16.65
N VAL D 117 6.06 -5.90 -17.76
CA VAL D 117 5.94 -5.29 -19.10
C VAL D 117 4.97 -4.09 -19.02
N ALA D 118 3.85 -4.26 -18.30
CA ALA D 118 2.84 -3.22 -18.09
C ALA D 118 3.43 -1.99 -17.39
N GLU D 119 4.33 -2.19 -16.38
CA GLU D 119 4.99 -1.11 -15.64
C GLU D 119 6.01 -0.40 -16.51
N GLN D 120 6.75 -1.15 -17.34
CA GLN D 120 7.77 -0.62 -18.28
C GLN D 120 7.11 0.29 -19.32
N LYS D 121 5.98 -0.17 -19.88
CA LYS D 121 5.17 0.56 -20.85
C LYS D 121 4.65 1.86 -20.23
N TYR D 122 4.26 1.80 -18.93
CA TYR D 122 3.77 2.96 -18.19
C TYR D 122 4.88 4.00 -18.02
N ILE D 123 6.14 3.56 -17.73
CA ILE D 123 7.31 4.44 -17.62
C ILE D 123 7.51 5.10 -18.99
N LEU D 124 7.47 4.30 -20.08
CA LEU D 124 7.61 4.85 -21.43
C LEU D 124 6.55 5.95 -21.70
N SER D 125 5.27 5.70 -21.33
CA SER D 125 4.20 6.69 -21.50
C SER D 125 4.53 8.00 -20.77
N LYS D 126 5.22 7.91 -19.59
CA LYS D 126 5.65 9.07 -18.81
C LYS D 126 6.76 9.84 -19.54
N LEU D 127 7.74 9.12 -20.16
CA LEU D 127 8.82 9.75 -20.94
C LEU D 127 8.26 10.34 -22.26
N ASN D 128 7.22 9.71 -22.84
CA ASN D 128 6.54 10.18 -24.08
C ASN D 128 5.85 11.51 -23.83
N ALA D 129 5.01 11.58 -22.77
CA ALA D 129 4.28 12.78 -22.36
C ALA D 129 5.24 13.93 -22.02
N ALA D 130 6.35 13.61 -21.31
CA ALA D 130 7.40 14.54 -20.90
C ALA D 130 8.13 15.16 -22.09
N GLU D 131 8.58 14.33 -23.05
CA GLU D 131 9.34 14.82 -24.21
C GLU D 131 8.44 15.46 -25.26
N ALA D 132 7.25 14.93 -25.51
CA ALA D 132 6.35 15.49 -26.52
C ALA D 132 5.71 16.81 -26.06
N PHE D 133 5.57 17.04 -24.75
CA PHE D 133 5.09 18.33 -24.23
C PHE D 133 6.14 19.42 -24.56
N GLU D 134 7.44 19.13 -24.28
CA GLU D 134 8.55 20.06 -24.53
C GLU D 134 8.78 20.31 -26.02
N THR D 135 8.55 19.30 -26.90
CA THR D 135 8.76 19.50 -28.36
C THR D 135 7.58 20.23 -28.97
N PHE D 136 6.37 20.02 -28.44
CA PHE D 136 5.16 20.71 -28.92
C PHE D 136 5.28 22.19 -28.65
N LEU D 137 5.84 22.52 -27.47
CA LEU D 137 6.02 23.89 -27.05
C LEU D 137 7.14 24.56 -27.84
N GLN D 138 8.16 23.79 -28.29
CA GLN D 138 9.29 24.32 -29.08
C GLN D 138 8.77 24.71 -30.45
N THR D 139 7.76 23.94 -30.94
CA THR D 139 7.14 24.13 -32.25
C THR D 139 6.18 25.31 -32.23
N LYS D 140 5.25 25.40 -31.25
CA LYS D 140 4.22 26.44 -31.23
C LYS D 140 4.70 27.79 -30.71
N TYR D 141 5.48 27.81 -29.63
CA TYR D 141 5.94 29.04 -28.99
C TYR D 141 7.47 29.05 -28.87
N VAL D 142 8.17 29.00 -30.01
CA VAL D 142 9.64 28.97 -30.11
C VAL D 142 10.32 30.22 -29.41
N GLY D 143 9.62 31.35 -29.34
CA GLY D 143 10.15 32.57 -28.73
C GLY D 143 9.80 32.85 -27.28
N GLN D 144 9.19 31.87 -26.59
CA GLN D 144 8.81 32.06 -25.18
C GLN D 144 9.60 31.09 -24.32
N LYS D 145 10.11 31.57 -23.17
CA LYS D 145 10.85 30.76 -22.19
C LYS D 145 9.91 29.74 -21.55
N ARG D 146 10.35 28.50 -21.38
CA ARG D 146 9.54 27.46 -20.73
C ARG D 146 10.41 26.61 -19.76
N PHE D 147 11.75 26.87 -19.75
CA PHE D 147 12.77 26.19 -18.94
C PHE D 147 12.55 24.70 -19.04
N SER D 148 12.60 24.21 -20.29
CA SER D 148 12.44 22.81 -20.71
C SER D 148 13.18 21.79 -19.80
N LEU D 149 12.54 20.65 -19.66
CA LEU D 149 13.03 19.49 -18.92
C LEU D 149 13.82 18.54 -19.84
N GLU D 150 13.96 18.87 -21.16
CA GLU D 150 14.69 18.06 -22.14
C GLU D 150 16.12 17.75 -21.66
N GLY D 151 16.42 16.46 -21.60
CA GLY D 151 17.68 15.93 -21.13
C GLY D 151 17.52 15.37 -19.73
N ALA D 152 16.36 15.60 -19.09
CA ALA D 152 16.02 15.26 -17.70
C ALA D 152 14.60 14.68 -17.59
N GLU D 153 14.04 14.18 -18.74
CA GLU D 153 12.68 13.63 -18.83
C GLU D 153 12.37 12.58 -17.77
N THR D 154 13.40 11.86 -17.32
CA THR D 154 13.31 10.79 -16.32
C THR D 154 12.72 11.30 -14.96
N VAL D 155 12.78 12.61 -14.69
CA VAL D 155 12.20 13.24 -13.50
C VAL D 155 10.70 12.91 -13.37
N ILE D 156 9.96 12.95 -14.49
CA ILE D 156 8.53 12.69 -14.52
C ILE D 156 8.26 11.23 -14.09
N PRO D 157 8.77 10.12 -14.73
CA PRO D 157 8.50 8.79 -14.16
C PRO D 157 9.02 8.62 -12.71
N MET D 158 10.09 9.35 -12.33
CA MET D 158 10.65 9.33 -10.97
C MET D 158 9.68 9.92 -9.95
N MET D 159 9.09 11.10 -10.23
CA MET D 159 8.12 11.78 -9.35
C MET D 159 6.86 10.95 -9.23
N ASP D 160 6.43 10.36 -10.35
CA ASP D 160 5.28 9.46 -10.44
C ASP D 160 5.49 8.27 -9.49
N ALA D 161 6.71 7.69 -9.49
CA ALA D 161 7.07 6.56 -8.62
C ALA D 161 7.02 6.99 -7.14
N VAL D 162 7.54 8.20 -6.79
CA VAL D 162 7.49 8.76 -5.43
C VAL D 162 6.03 8.79 -4.96
N ILE D 163 5.17 9.43 -5.76
CA ILE D 163 3.75 9.64 -5.45
C ILE D 163 3.00 8.32 -5.35
N ASP D 164 3.27 7.40 -6.31
CA ASP D 164 2.66 6.07 -6.35
C ASP D 164 3.07 5.28 -5.12
N GLN D 165 4.36 5.38 -4.70
CA GLN D 165 4.83 4.69 -3.50
C GLN D 165 4.18 5.27 -2.22
N CYS D 166 3.91 6.58 -2.18
CA CYS D 166 3.22 7.25 -1.06
C CYS D 166 1.78 6.76 -0.95
N ALA D 167 1.09 6.57 -2.11
CA ALA D 167 -0.27 6.03 -2.19
C ALA D 167 -0.27 4.57 -1.75
N GLU D 168 0.82 3.84 -2.07
CA GLU D 168 1.02 2.43 -1.72
C GLU D 168 1.12 2.27 -0.19
N HIS D 169 1.70 3.29 0.51
CA HIS D 169 1.80 3.36 1.98
C HIS D 169 0.48 3.89 2.60
N GLY D 170 -0.50 4.22 1.75
CA GLY D 170 -1.81 4.71 2.14
C GLY D 170 -1.82 6.12 2.72
N LEU D 171 -0.87 6.97 2.30
CA LEU D 171 -0.76 8.35 2.80
C LEU D 171 -1.83 9.26 2.17
N ASP D 172 -2.02 10.45 2.77
CA ASP D 172 -3.09 11.38 2.40
C ASP D 172 -2.74 12.41 1.33
N GLU D 173 -1.50 12.95 1.33
CA GLU D 173 -1.16 13.99 0.37
C GLU D 173 0.34 14.08 0.15
N VAL D 174 0.73 14.47 -1.08
CA VAL D 174 2.10 14.78 -1.46
C VAL D 174 2.11 16.26 -1.81
N VAL D 175 2.92 17.06 -1.11
CA VAL D 175 2.97 18.50 -1.40
C VAL D 175 4.33 18.80 -2.05
N ILE D 176 4.28 19.33 -3.29
CA ILE D 176 5.49 19.63 -4.06
C ILE D 176 5.86 21.12 -4.05
N ALA D 177 7.17 21.36 -4.04
CA ALA D 177 7.83 22.63 -4.25
C ALA D 177 8.98 22.34 -5.18
N MET D 178 9.15 23.21 -6.18
CA MET D 178 10.18 23.04 -7.18
C MET D 178 10.57 24.35 -7.82
N PRO D 179 11.77 24.41 -8.48
CA PRO D 179 12.12 25.62 -9.23
C PRO D 179 11.54 25.56 -10.66
N HIS D 180 12.15 26.29 -11.59
CA HIS D 180 11.71 26.43 -12.97
C HIS D 180 11.86 25.15 -13.82
N ARG D 181 12.97 24.39 -13.65
CA ARG D 181 13.31 23.26 -14.50
C ARG D 181 12.20 22.21 -14.58
N GLY D 182 11.55 22.15 -15.73
CA GLY D 182 10.45 21.21 -16.00
C GLY D 182 9.18 21.47 -15.22
N ARG D 183 9.01 22.70 -14.68
CA ARG D 183 7.89 23.11 -13.85
C ARG D 183 6.53 22.93 -14.58
N LEU D 184 6.44 23.45 -15.82
CA LEU D 184 5.21 23.32 -16.63
C LEU D 184 4.97 21.85 -16.93
N ASN D 185 6.04 21.09 -17.21
CA ASN D 185 5.96 19.66 -17.51
C ASN D 185 5.33 18.91 -16.35
N VAL D 186 5.85 19.14 -15.11
CA VAL D 186 5.36 18.58 -13.84
C VAL D 186 3.87 18.96 -13.63
N LEU D 187 3.53 20.27 -13.79
CA LEU D 187 2.16 20.78 -13.67
C LEU D 187 1.19 19.97 -14.53
N ALA D 188 1.53 19.77 -15.79
CA ALA D 188 0.71 19.06 -16.78
C ALA D 188 0.67 17.53 -16.61
N ASN D 189 1.84 16.90 -16.37
CA ASN D 189 1.98 15.45 -16.36
C ASN D 189 1.99 14.81 -14.98
N ILE D 190 2.23 15.58 -13.89
CA ILE D 190 2.25 15.00 -12.54
C ILE D 190 1.02 15.49 -11.73
N VAL D 191 0.87 16.82 -11.56
CA VAL D 191 -0.19 17.41 -10.73
C VAL D 191 -1.55 17.36 -11.45
N GLY D 192 -1.54 17.43 -12.78
CA GLY D 192 -2.74 17.42 -13.57
C GLY D 192 -3.32 18.77 -13.96
N LYS D 193 -2.46 19.83 -14.05
CA LYS D 193 -2.87 21.17 -14.49
C LYS D 193 -3.33 21.08 -15.95
N PRO D 194 -4.59 21.50 -16.27
CA PRO D 194 -5.07 21.34 -17.65
C PRO D 194 -4.13 21.97 -18.66
N TYR D 195 -3.92 21.24 -19.76
CA TYR D 195 -3.10 21.66 -20.87
C TYR D 195 -3.64 22.97 -21.42
N SER D 196 -4.99 23.08 -21.48
CA SER D 196 -5.70 24.26 -21.97
C SER D 196 -5.29 25.50 -21.18
N GLN D 197 -5.11 25.37 -19.84
CA GLN D 197 -4.70 26.46 -18.98
C GLN D 197 -3.27 26.89 -19.31
N ILE D 198 -2.33 25.91 -19.45
CA ILE D 198 -0.93 26.19 -19.79
C ILE D 198 -0.88 26.86 -21.19
N PHE D 199 -1.62 26.31 -22.17
CA PHE D 199 -1.70 26.84 -23.52
C PHE D 199 -2.26 28.27 -23.54
N SER D 200 -3.30 28.56 -22.70
CA SER D 200 -3.89 29.91 -22.58
C SER D 200 -2.88 30.93 -22.00
N GLU D 201 -1.92 30.44 -21.17
CA GLU D 201 -0.85 31.25 -20.58
C GLU D 201 0.18 31.66 -21.64
N PHE D 202 0.50 30.74 -22.56
CA PHE D 202 1.44 31.03 -23.64
C PHE D 202 0.83 31.98 -24.65
N GLU D 203 -0.49 31.82 -24.92
CA GLU D 203 -1.28 32.68 -25.81
C GLU D 203 -1.36 34.11 -25.25
N GLY D 204 -1.27 34.23 -23.92
CA GLY D 204 -1.37 35.49 -23.21
C GLY D 204 -2.80 36.02 -23.22
N ASN D 205 -3.78 35.10 -23.13
CA ASN D 205 -5.23 35.36 -23.14
C ASN D 205 -5.88 34.76 -21.87
N LEU D 206 -5.83 35.52 -20.76
CA LEU D 206 -6.30 35.11 -19.43
C LEU D 206 -7.68 35.68 -19.11
N ASN D 207 -8.56 34.84 -18.50
CA ASN D 207 -9.92 35.22 -18.10
C ASN D 207 -9.88 36.13 -16.84
N PRO D 208 -10.98 36.84 -16.42
CA PRO D 208 -10.90 37.73 -15.24
C PRO D 208 -10.32 37.11 -13.95
N SER D 209 -10.53 35.79 -13.74
CA SER D 209 -10.04 35.05 -12.58
C SER D 209 -8.51 34.89 -12.64
N GLN D 210 -7.96 34.57 -13.83
CA GLN D 210 -6.51 34.40 -14.06
C GLN D 210 -5.79 35.73 -14.18
N ALA D 211 -6.51 36.81 -14.58
CA ALA D 211 -5.98 38.18 -14.72
C ALA D 211 -6.14 39.01 -13.43
N HIS D 212 -6.55 38.37 -12.31
CA HIS D 212 -6.76 39.00 -11.00
C HIS D 212 -5.42 39.26 -10.28
N GLY D 213 -5.32 40.43 -9.64
CA GLY D 213 -4.11 40.86 -8.95
C GLY D 213 -3.05 41.30 -9.95
N SER D 214 -1.77 41.30 -9.55
CA SER D 214 -0.69 41.68 -10.48
C SER D 214 -0.14 40.44 -11.20
N GLY D 215 -0.28 39.28 -10.55
CA GLY D 215 0.11 38.01 -11.12
C GLY D 215 1.60 37.71 -11.11
N ASP D 216 1.95 36.61 -11.78
CA ASP D 216 3.32 36.12 -11.89
C ASP D 216 3.46 35.24 -13.11
N VAL D 217 4.71 34.95 -13.48
CA VAL D 217 5.11 34.12 -14.61
C VAL D 217 4.59 32.66 -14.45
N LYS D 218 4.35 31.97 -15.60
CA LYS D 218 3.75 30.64 -15.74
C LYS D 218 4.46 29.52 -14.98
N TYR D 219 5.80 29.58 -14.88
CA TYR D 219 6.59 28.56 -14.18
C TYR D 219 6.78 28.90 -12.65
N HIS D 220 5.85 29.70 -12.07
CA HIS D 220 5.83 30.04 -10.63
C HIS D 220 4.52 29.60 -10.00
N LEU D 221 3.58 29.14 -10.83
CA LEU D 221 2.23 28.78 -10.43
C LEU D 221 2.11 27.36 -9.86
N GLY D 222 1.12 27.19 -9.00
CA GLY D 222 0.81 25.91 -8.37
C GLY D 222 -0.48 25.32 -8.92
N ALA D 223 -0.80 24.11 -8.45
CA ALA D 223 -2.01 23.36 -8.81
C ALA D 223 -2.27 22.29 -7.78
N THR D 224 -3.47 21.72 -7.80
CA THR D 224 -3.87 20.64 -6.90
C THR D 224 -4.60 19.60 -7.72
N GLY D 225 -4.59 18.37 -7.25
CA GLY D 225 -5.24 17.26 -7.94
C GLY D 225 -5.24 15.97 -7.14
N THR D 226 -5.82 14.91 -7.72
CA THR D 226 -5.90 13.59 -7.11
C THR D 226 -5.20 12.58 -8.02
N TYR D 227 -4.12 11.98 -7.51
CA TYR D 227 -3.38 10.95 -8.22
C TYR D 227 -4.07 9.63 -7.99
N ILE D 228 -4.34 8.89 -9.06
CA ILE D 228 -4.96 7.58 -8.95
C ILE D 228 -3.92 6.55 -9.40
N GLN D 229 -3.67 5.54 -8.55
CA GLN D 229 -2.72 4.47 -8.86
C GLN D 229 -3.11 3.74 -10.12
N MET D 230 -2.12 3.49 -10.99
CA MET D 230 -2.27 2.82 -12.27
C MET D 230 -2.48 1.32 -12.03
N PHE D 231 -1.74 0.73 -11.06
CA PHE D 231 -1.80 -0.70 -10.78
C PHE D 231 -2.40 -1.03 -9.41
N GLY D 232 -2.46 -0.04 -8.52
CA GLY D 232 -3.03 -0.19 -7.19
C GLY D 232 -4.44 0.37 -7.10
N ASP D 233 -5.07 0.24 -5.91
CA ASP D 233 -6.45 0.69 -5.70
C ASP D 233 -6.54 1.94 -4.81
N ASN D 234 -5.41 2.61 -4.57
CA ASN D 234 -5.38 3.81 -3.73
C ASN D 234 -5.25 5.10 -4.54
N ASP D 235 -5.70 6.19 -3.94
CA ASP D 235 -5.57 7.53 -4.47
C ASP D 235 -4.87 8.39 -3.41
N ILE D 236 -4.26 9.48 -3.84
CA ILE D 236 -3.54 10.40 -2.97
C ILE D 236 -3.66 11.81 -3.57
N GLU D 237 -3.75 12.83 -2.72
CA GLU D 237 -3.81 14.22 -3.16
C GLU D 237 -2.40 14.67 -3.56
N VAL D 238 -2.29 15.39 -4.67
CA VAL D 238 -1.00 15.93 -5.12
C VAL D 238 -1.14 17.45 -5.24
N SER D 239 -0.30 18.17 -4.49
CA SER D 239 -0.31 19.63 -4.52
C SER D 239 1.04 20.17 -4.92
N LEU D 240 1.05 21.30 -5.61
CA LEU D 240 2.26 22.02 -5.98
C LEU D 240 2.11 23.47 -5.53
N THR D 241 3.02 23.95 -4.68
CA THR D 241 2.94 25.31 -4.15
C THR D 241 3.64 26.35 -5.03
N ALA D 242 3.15 27.59 -4.97
CA ALA D 242 3.70 28.72 -5.72
C ALA D 242 5.08 29.14 -5.18
N ASN D 243 5.85 29.86 -5.98
CA ASN D 243 7.15 30.32 -5.53
C ASN D 243 7.65 31.53 -6.32
N PRO D 244 8.61 32.31 -5.77
CA PRO D 244 9.23 33.36 -6.58
C PRO D 244 10.39 32.75 -7.42
N SER D 245 11.12 33.61 -8.14
CA SER D 245 12.27 33.23 -8.96
C SER D 245 13.39 32.80 -8.07
N HIS D 246 13.46 33.43 -6.86
CA HIS D 246 14.44 33.20 -5.79
C HIS D 246 14.45 31.71 -5.44
N LEU D 247 15.51 31.03 -5.94
CA LEU D 247 15.70 29.59 -5.84
C LEU D 247 15.96 29.19 -4.43
N GLU D 248 15.32 28.06 -4.06
CA GLU D 248 15.39 27.42 -2.75
C GLU D 248 14.62 28.21 -1.66
N ALA D 249 14.11 29.46 -1.94
CA ALA D 249 13.40 30.27 -0.93
C ALA D 249 12.07 29.62 -0.44
N VAL D 250 11.42 28.82 -1.32
CA VAL D 250 10.17 28.09 -1.04
C VAL D 250 10.42 26.86 -0.14
N ASP D 251 11.67 26.35 -0.04
CA ASP D 251 11.98 25.15 0.77
C ASP D 251 11.38 25.24 2.20
N PRO D 252 11.61 26.28 3.04
CA PRO D 252 11.01 26.28 4.39
C PRO D 252 9.49 26.50 4.36
N VAL D 253 9.00 27.22 3.34
CA VAL D 253 7.57 27.51 3.10
C VAL D 253 6.84 26.16 2.91
N LEU D 254 7.43 25.25 2.09
CA LEU D 254 6.89 23.90 1.82
C LEU D 254 6.74 23.13 3.13
N GLU D 255 7.82 23.09 3.94
CA GLU D 255 7.89 22.43 5.24
C GLU D 255 6.78 22.96 6.20
N GLY D 256 6.62 24.29 6.27
CA GLY D 256 5.58 24.91 7.09
C GLY D 256 4.18 24.49 6.69
N LEU D 257 3.94 24.49 5.36
CA LEU D 257 2.68 24.14 4.69
C LEU D 257 2.30 22.69 5.01
N VAL D 258 3.28 21.78 4.92
CA VAL D 258 3.13 20.35 5.20
C VAL D 258 2.85 20.13 6.71
N ARG D 259 3.66 20.77 7.61
CA ARG D 259 3.48 20.68 9.07
C ARG D 259 2.06 21.19 9.47
N ALA D 260 1.57 22.29 8.84
CA ALA D 260 0.23 22.81 9.11
C ALA D 260 -0.86 21.79 8.70
N LYS D 261 -0.65 21.10 7.57
CA LYS D 261 -1.57 20.08 7.04
C LYS D 261 -1.53 18.84 7.93
N GLN D 262 -0.30 18.43 8.35
CA GLN D 262 -0.10 17.28 9.25
C GLN D 262 -0.78 17.51 10.58
N ASP D 263 -0.64 18.73 11.17
CA ASP D 263 -1.29 19.09 12.43
C ASP D 263 -2.82 19.01 12.31
N LEU D 264 -3.41 19.42 11.15
CA LEU D 264 -4.85 19.37 10.89
C LEU D 264 -5.38 17.93 10.74
N LEU D 265 -4.60 17.03 10.15
CA LEU D 265 -5.01 15.63 9.93
C LEU D 265 -4.73 14.74 11.15
N ASP D 266 -4.25 15.34 12.25
CA ASP D 266 -3.93 14.62 13.49
C ASP D 266 -2.79 13.61 13.21
N THR D 267 -1.86 13.99 12.32
CA THR D 267 -0.73 13.14 11.97
C THR D 267 0.58 13.85 12.27
N GLY D 268 1.58 13.06 12.62
CA GLY D 268 2.89 13.60 12.91
C GLY D 268 3.17 13.97 14.35
N GLU D 269 4.05 14.98 14.53
CA GLU D 269 4.53 15.45 15.83
C GLU D 269 3.39 15.86 16.80
N GLU D 270 2.42 16.65 16.34
CA GLU D 270 1.30 17.08 17.20
C GLU D 270 0.04 16.27 16.88
N GLY D 271 0.25 15.08 16.31
CA GLY D 271 -0.82 14.17 15.92
C GLY D 271 -0.77 12.84 16.63
N SER D 272 -1.96 12.23 16.77
CA SER D 272 -2.22 10.94 17.42
C SER D 272 -1.32 9.82 16.88
N ASP D 273 -1.26 9.65 15.56
CA ASP D 273 -0.45 8.62 14.92
C ASP D 273 0.94 9.17 14.52
N ASN D 274 1.84 8.27 14.09
CA ASN D 274 3.18 8.67 13.63
C ASN D 274 3.34 8.37 12.14
N ARG D 275 2.24 8.49 11.38
CA ARG D 275 2.24 8.23 9.95
C ARG D 275 2.85 9.36 9.12
N PHE D 276 2.76 10.65 9.59
CA PHE D 276 3.26 11.84 8.86
C PHE D 276 2.74 11.76 7.42
N SER D 277 1.40 11.51 7.32
CA SER D 277 0.62 11.20 6.12
C SER D 277 0.64 12.30 5.02
N VAL D 278 1.29 13.47 5.28
CA VAL D 278 1.49 14.53 4.26
C VAL D 278 3.01 14.58 3.97
N VAL D 279 3.39 14.28 2.72
CA VAL D 279 4.77 14.14 2.28
C VAL D 279 5.28 15.35 1.49
N PRO D 280 6.36 15.98 1.97
CA PRO D 280 6.99 17.03 1.18
C PRO D 280 7.92 16.38 0.13
N LEU D 281 7.71 16.76 -1.14
CA LEU D 281 8.53 16.33 -2.26
C LEU D 281 9.15 17.63 -2.78
N MET D 282 10.45 17.81 -2.49
CA MET D 282 11.17 19.04 -2.78
C MET D 282 12.16 18.85 -3.92
N LEU D 283 11.97 19.59 -5.04
CA LEU D 283 12.85 19.51 -6.21
C LEU D 283 13.82 20.67 -6.15
N HIS D 284 15.04 20.47 -6.69
CA HIS D 284 16.12 21.44 -6.66
C HIS D 284 16.97 21.38 -7.92
N GLY D 285 17.66 22.48 -8.20
CA GLY D 285 18.66 22.53 -9.26
C GLY D 285 20.00 22.24 -8.62
N ASP D 286 20.95 21.71 -9.38
CA ASP D 286 22.26 21.39 -8.83
C ASP D 286 23.06 22.63 -8.32
N ALA D 287 23.03 23.78 -9.03
CA ALA D 287 23.81 24.96 -8.56
C ALA D 287 23.17 25.60 -7.34
N ALA D 288 21.83 25.74 -7.33
CA ALA D 288 21.06 26.33 -6.25
C ALA D 288 21.10 25.49 -5.00
N PHE D 289 21.14 24.16 -5.12
CA PHE D 289 21.20 23.27 -3.95
C PHE D 289 22.50 23.43 -3.17
N ALA D 290 23.61 23.68 -3.85
CA ALA D 290 24.89 23.82 -3.14
C ALA D 290 25.15 25.29 -2.71
N GLY D 291 24.67 26.27 -3.49
CA GLY D 291 24.94 27.69 -3.23
C GLY D 291 24.04 28.43 -2.27
N GLN D 292 22.77 28.04 -2.14
CA GLN D 292 21.83 28.74 -1.28
C GLN D 292 21.80 28.20 0.17
N GLY D 293 22.10 29.10 1.12
CA GLY D 293 22.15 28.83 2.55
C GLY D 293 20.86 28.35 3.16
N VAL D 294 19.71 28.77 2.61
CA VAL D 294 18.39 28.37 3.11
C VAL D 294 18.19 26.82 3.03
N VAL D 295 18.98 26.14 2.19
CA VAL D 295 18.92 24.68 2.03
C VAL D 295 19.35 24.08 3.35
N ALA D 296 20.53 24.48 3.87
CA ALA D 296 21.07 24.01 5.16
C ALA D 296 20.14 24.38 6.32
N GLU D 297 19.55 25.58 6.27
CA GLU D 297 18.62 26.06 7.29
C GLU D 297 17.35 25.19 7.38
N THR D 298 16.84 24.73 6.22
CA THR D 298 15.62 23.94 6.11
C THR D 298 15.91 22.48 6.52
N LEU D 299 17.09 21.93 6.13
CA LEU D 299 17.54 20.59 6.50
C LEU D 299 17.70 20.50 8.02
N ASN D 300 18.25 21.58 8.61
CA ASN D 300 18.47 21.72 10.03
C ASN D 300 17.15 21.60 10.85
N LEU D 301 15.99 21.88 10.24
CA LEU D 301 14.63 21.78 10.84
C LEU D 301 14.05 20.35 10.79
N ALA D 302 14.57 19.48 9.89
CA ALA D 302 14.07 18.14 9.57
C ALA D 302 13.73 17.24 10.78
N LEU D 303 14.49 17.31 11.89
CA LEU D 303 14.23 16.43 13.05
C LEU D 303 13.81 17.22 14.30
N LEU D 304 13.69 18.56 14.20
CA LEU D 304 13.23 19.40 15.32
C LEU D 304 11.72 19.19 15.61
N ARG D 305 11.34 19.11 16.89
CA ARG D 305 9.96 18.93 17.35
C ARG D 305 9.00 19.98 16.78
N GLY D 306 9.39 21.24 16.78
CA GLY D 306 8.55 22.32 16.27
C GLY D 306 8.44 22.45 14.77
N TYR D 307 9.29 21.72 14.02
CA TYR D 307 9.37 21.85 12.56
C TYR D 307 9.34 20.54 11.76
N ARG D 308 9.60 19.39 12.39
CA ARG D 308 9.68 18.11 11.67
C ARG D 308 8.40 17.77 10.90
N THR D 309 8.59 17.23 9.69
CA THR D 309 7.49 16.85 8.80
C THR D 309 7.54 15.35 8.49
N GLY D 310 8.39 14.63 9.23
CA GLY D 310 8.61 13.19 9.11
C GLY D 310 9.45 12.79 7.92
N GLY D 311 10.30 13.71 7.47
CA GLY D 311 11.19 13.45 6.35
C GLY D 311 10.69 13.97 5.02
N THR D 312 11.57 14.64 4.32
CA THR D 312 11.33 15.22 3.00
C THR D 312 12.01 14.35 1.95
N ILE D 313 11.33 14.16 0.80
CA ILE D 313 11.92 13.45 -0.33
C ILE D 313 12.50 14.56 -1.20
N HIS D 314 13.83 14.59 -1.35
CA HIS D 314 14.50 15.57 -2.17
C HIS D 314 14.93 14.97 -3.49
N ILE D 315 14.61 15.66 -4.59
CA ILE D 315 15.03 15.29 -5.95
C ILE D 315 15.84 16.46 -6.51
N VAL D 316 17.13 16.23 -6.79
CA VAL D 316 17.99 17.22 -7.42
C VAL D 316 18.10 16.88 -8.92
N VAL D 317 17.53 17.73 -9.78
CA VAL D 317 17.61 17.60 -11.24
C VAL D 317 19.01 18.10 -11.59
N ASN D 318 20.00 17.27 -11.36
CA ASN D 318 21.41 17.60 -11.57
C ASN D 318 21.79 17.50 -13.04
N ASN D 319 21.59 18.59 -13.81
CA ASN D 319 21.93 18.65 -15.25
C ASN D 319 23.39 19.16 -15.45
N GLN D 320 24.19 19.11 -14.36
CA GLN D 320 25.62 19.42 -14.30
C GLN D 320 25.96 20.80 -14.86
N ILE D 321 25.03 21.76 -14.68
CA ILE D 321 25.15 23.13 -15.17
C ILE D 321 24.19 24.05 -14.38
N GLY D 322 24.58 25.32 -14.24
CA GLY D 322 23.83 26.42 -13.64
C GLY D 322 23.91 27.59 -14.60
N PHE D 323 22.98 27.63 -15.59
CA PHE D 323 23.02 28.63 -16.65
C PHE D 323 24.39 28.49 -17.44
N THR D 324 25.37 29.40 -17.25
CA THR D 324 26.66 29.28 -17.95
C THR D 324 27.76 28.81 -17.00
N THR D 325 27.40 28.52 -15.73
CA THR D 325 28.36 28.19 -14.69
C THR D 325 28.55 26.67 -14.55
N ALA D 326 29.83 26.24 -14.69
CA ALA D 326 30.27 24.87 -14.53
C ALA D 326 30.23 24.48 -13.06
N PRO D 327 29.89 23.21 -12.70
CA PRO D 327 29.90 22.78 -11.30
C PRO D 327 31.19 23.10 -10.55
N THR D 328 32.36 23.04 -11.21
CA THR D 328 33.67 23.35 -10.64
C THR D 328 33.63 24.75 -9.95
N ASP D 329 32.83 25.69 -10.49
CA ASP D 329 32.67 27.07 -9.97
C ASP D 329 31.41 27.25 -9.12
N SER D 330 30.61 26.17 -8.95
CA SER D 330 29.35 26.20 -8.20
C SER D 330 29.46 25.65 -6.77
N ARG D 331 30.43 24.73 -6.51
CA ARG D 331 30.59 24.08 -5.20
C ARG D 331 32.02 23.64 -4.94
N SER D 332 32.35 23.49 -3.62
CA SER D 332 33.66 23.05 -3.15
C SER D 332 33.62 21.58 -2.70
N SER D 333 32.65 20.83 -3.24
CA SER D 333 32.46 19.43 -2.90
C SER D 333 32.20 18.59 -4.15
N GLU D 334 32.36 17.26 -4.00
CA GLU D 334 32.17 16.27 -5.05
C GLU D 334 30.76 16.33 -5.60
N TYR D 335 29.76 16.33 -4.71
CA TYR D 335 28.36 16.30 -5.10
C TYR D 335 27.62 17.50 -4.64
N CYS D 336 26.63 17.92 -5.44
CA CYS D 336 25.76 19.06 -5.17
C CYS D 336 24.88 18.79 -3.94
N THR D 337 24.74 17.51 -3.55
CA THR D 337 23.93 17.03 -2.44
C THR D 337 24.66 16.87 -1.11
N ASP D 338 25.98 17.17 -1.04
CA ASP D 338 26.82 16.91 0.15
C ASP D 338 26.37 17.67 1.41
N VAL D 339 25.63 18.78 1.26
CA VAL D 339 25.07 19.53 2.38
C VAL D 339 24.04 18.64 3.15
N ALA D 340 23.35 17.69 2.48
CA ALA D 340 22.37 16.81 3.13
C ALA D 340 23.00 15.79 4.11
N LYS D 341 24.34 15.66 4.07
CA LYS D 341 25.06 14.76 4.99
C LYS D 341 25.03 15.32 6.42
N MET D 342 24.87 16.65 6.59
CA MET D 342 24.77 17.35 7.88
C MET D 342 23.63 16.79 8.77
N ILE D 343 22.60 16.13 8.19
CA ILE D 343 21.49 15.57 8.98
C ILE D 343 21.47 14.04 8.85
N GLY D 344 22.54 13.48 8.29
CA GLY D 344 22.69 12.05 8.11
C GLY D 344 21.67 11.46 7.16
N ALA D 345 21.35 12.19 6.10
CA ALA D 345 20.40 11.72 5.12
C ALA D 345 21.11 10.79 4.12
N PRO D 346 20.49 9.64 3.76
CA PRO D 346 21.10 8.82 2.70
C PRO D 346 20.97 9.56 1.36
N ILE D 347 21.99 9.45 0.50
CA ILE D 347 21.99 10.10 -0.81
C ILE D 347 22.14 9.03 -1.89
N PHE D 348 21.25 9.09 -2.88
CA PHE D 348 21.25 8.21 -4.04
C PHE D 348 21.53 9.02 -5.28
N HIS D 349 22.71 8.80 -5.88
CA HIS D 349 23.12 9.43 -7.13
C HIS D 349 22.68 8.46 -8.20
N VAL D 350 21.76 8.87 -9.08
CA VAL D 350 21.23 7.94 -10.07
C VAL D 350 21.37 8.50 -11.48
N ASN D 351 21.68 7.61 -12.45
CA ASN D 351 21.81 7.92 -13.87
C ASN D 351 20.43 8.21 -14.45
N GLY D 352 20.28 9.45 -14.94
CA GLY D 352 19.05 9.92 -15.58
C GLY D 352 18.66 9.17 -16.85
N ASP D 353 19.62 8.45 -17.49
CA ASP D 353 19.32 7.68 -18.70
C ASP D 353 18.78 6.29 -18.37
N ASP D 354 18.67 5.96 -17.08
CA ASP D 354 18.14 4.67 -16.64
C ASP D 354 16.84 4.96 -15.90
N PRO D 355 15.69 5.07 -16.63
CA PRO D 355 14.43 5.43 -15.93
C PRO D 355 13.98 4.37 -14.93
N GLU D 356 14.32 3.08 -15.14
CA GLU D 356 13.97 2.01 -14.21
C GLU D 356 14.74 2.14 -12.89
N ALA D 357 16.06 2.48 -12.96
CA ALA D 357 16.86 2.70 -11.75
C ALA D 357 16.34 3.93 -10.99
N CYS D 358 15.89 4.96 -11.72
CA CYS D 358 15.34 6.19 -11.18
C CYS D 358 14.01 5.94 -10.44
N ALA D 359 13.12 5.13 -11.03
CA ALA D 359 11.83 4.79 -10.42
C ALA D 359 12.04 3.91 -9.19
N TRP D 360 13.03 3.00 -9.22
CA TRP D 360 13.34 2.08 -8.12
C TRP D 360 13.91 2.83 -6.92
N VAL D 361 14.82 3.79 -7.15
CA VAL D 361 15.44 4.64 -6.13
C VAL D 361 14.38 5.54 -5.48
N ALA D 362 13.44 6.05 -6.28
CA ALA D 362 12.33 6.89 -5.81
C ALA D 362 11.45 6.11 -4.83
N ARG D 363 11.15 4.83 -5.12
CA ARG D 363 10.35 3.97 -4.25
C ARG D 363 11.13 3.59 -2.97
N LEU D 364 12.44 3.35 -3.10
CA LEU D 364 13.31 3.04 -1.97
C LEU D 364 13.36 4.26 -1.03
N ALA D 365 13.47 5.49 -1.62
CA ALA D 365 13.49 6.77 -0.91
C ALA D 365 12.25 6.93 -0.03
N VAL D 366 11.05 6.66 -0.60
CA VAL D 366 9.75 6.75 0.11
C VAL D 366 9.72 5.70 1.23
N ASP D 367 10.23 4.48 0.98
CA ASP D 367 10.29 3.41 1.98
C ASP D 367 11.20 3.78 3.14
N PHE D 368 12.32 4.49 2.86
CA PHE D 368 13.25 4.94 3.92
C PHE D 368 12.60 6.02 4.78
N ARG D 369 11.88 6.95 4.14
CA ARG D 369 11.19 8.06 4.80
C ARG D 369 10.13 7.48 5.71
N GLN D 370 9.35 6.50 5.24
CA GLN D 370 8.31 5.87 6.04
C GLN D 370 8.84 5.06 7.21
N ALA D 371 10.03 4.45 7.06
CA ALA D 371 10.64 3.65 8.10
C ALA D 371 11.32 4.49 9.19
N PHE D 372 12.00 5.57 8.82
CA PHE D 372 12.80 6.33 9.79
C PHE D 372 12.38 7.80 10.02
N LYS D 373 11.35 8.29 9.29
CA LYS D 373 10.81 9.66 9.42
C LYS D 373 11.93 10.70 9.25
N LYS D 374 12.77 10.44 8.25
CA LYS D 374 13.95 11.22 7.96
C LYS D 374 14.06 11.53 6.45
N ASP D 375 14.71 12.67 6.12
CA ASP D 375 14.95 13.13 4.76
C ASP D 375 15.80 12.15 3.96
N VAL D 376 15.52 12.09 2.64
CA VAL D 376 16.19 11.27 1.63
C VAL D 376 16.48 12.16 0.43
N VAL D 377 17.68 12.03 -0.13
CA VAL D 377 18.07 12.86 -1.26
C VAL D 377 18.39 11.99 -2.46
N ILE D 378 17.76 12.33 -3.59
CA ILE D 378 17.97 11.68 -4.89
C ILE D 378 18.64 12.70 -5.80
N ASP D 379 19.85 12.36 -6.24
CA ASP D 379 20.64 13.20 -7.13
C ASP D 379 20.51 12.61 -8.54
N MET D 380 19.61 13.20 -9.38
CA MET D 380 19.42 12.69 -10.72
C MET D 380 20.39 13.31 -11.68
N LEU D 381 21.46 12.58 -12.02
CA LEU D 381 22.43 13.09 -12.99
C LEU D 381 21.83 13.03 -14.37
N CYS D 382 21.75 14.20 -14.99
CA CYS D 382 21.19 14.32 -16.32
C CYS D 382 21.95 15.39 -17.06
N TYR D 383 21.28 16.04 -18.02
CA TYR D 383 21.82 17.10 -18.81
C TYR D 383 20.68 18.01 -19.25
N ARG D 384 21.04 19.23 -19.68
CA ARG D 384 20.10 20.23 -20.15
C ARG D 384 20.33 20.28 -21.66
N ARG D 385 19.38 19.71 -22.44
CA ARG D 385 19.45 19.57 -23.90
C ARG D 385 19.59 20.92 -24.60
N ARG D 386 18.82 21.94 -24.18
CA ARG D 386 18.91 23.27 -24.79
C ARG D 386 19.73 24.20 -23.91
N GLY D 387 19.70 25.48 -24.22
CA GLY D 387 20.37 26.50 -23.42
C GLY D 387 19.66 26.66 -22.09
N HIS D 388 20.16 27.58 -21.22
CA HIS D 388 19.55 27.79 -19.90
C HIS D 388 18.06 28.07 -20.00
N ASN D 389 17.71 28.96 -20.93
CA ASN D 389 16.37 29.29 -21.40
C ASN D 389 16.37 28.80 -22.84
N GLU D 390 15.23 28.75 -23.48
CA GLU D 390 15.13 28.20 -24.82
C GLU D 390 15.71 29.15 -25.89
N GLY D 391 16.02 30.40 -25.51
CA GLY D 391 16.63 31.36 -26.43
C GLY D 391 18.12 31.54 -26.26
N ASP D 392 18.73 30.83 -25.31
CA ASP D 392 20.16 30.95 -25.00
C ASP D 392 21.01 29.94 -25.81
N ASP D 393 22.20 30.37 -26.28
CA ASP D 393 23.14 29.53 -27.04
C ASP D 393 24.26 29.06 -26.05
N PRO D 394 24.21 27.78 -25.60
CA PRO D 394 25.14 27.34 -24.56
C PRO D 394 26.55 26.95 -25.03
N SER D 395 26.76 26.79 -26.35
CA SER D 395 28.09 26.42 -26.89
C SER D 395 29.12 27.58 -26.77
N MET D 396 28.64 28.81 -26.48
CA MET D 396 29.55 29.94 -26.31
C MET D 396 30.45 29.68 -25.10
N THR D 397 29.85 29.16 -24.02
CA THR D 397 30.54 28.93 -22.75
C THR D 397 30.82 27.47 -22.49
N GLN D 398 29.96 26.53 -22.95
CA GLN D 398 30.16 25.09 -22.75
C GLN D 398 30.24 24.33 -24.10
N PRO D 399 31.28 24.57 -24.96
CA PRO D 399 31.34 23.87 -26.24
C PRO D 399 31.58 22.36 -26.10
N TYR D 400 32.45 21.92 -25.17
CA TYR D 400 32.70 20.48 -24.98
C TYR D 400 31.41 19.74 -24.57
N MET D 401 30.73 20.22 -23.51
CA MET D 401 29.47 19.63 -23.02
C MET D 401 28.39 19.56 -24.13
N TYR D 402 28.24 20.63 -24.94
CA TYR D 402 27.20 20.64 -25.96
C TYR D 402 27.60 19.89 -27.22
N ASP D 403 28.90 19.59 -27.38
CA ASP D 403 29.34 18.73 -28.47
C ASP D 403 29.00 17.25 -28.13
N VAL D 404 29.01 16.91 -26.83
CA VAL D 404 28.69 15.57 -26.33
C VAL D 404 27.17 15.41 -26.36
N ILE D 405 26.38 16.41 -25.92
CA ILE D 405 24.90 16.37 -25.91
C ILE D 405 24.35 16.14 -27.34
N ASP D 406 24.95 16.74 -28.38
CA ASP D 406 24.52 16.60 -29.78
C ASP D 406 24.67 15.15 -30.32
N THR D 407 25.55 14.33 -29.71
CA THR D 407 25.74 12.94 -30.14
C THR D 407 24.76 12.04 -29.42
N LYS D 408 24.31 12.49 -28.24
CA LYS D 408 23.45 11.84 -27.27
C LYS D 408 22.01 11.66 -27.78
N ARG D 409 21.52 10.40 -27.74
CA ARG D 409 20.11 10.07 -28.02
C ARG D 409 19.38 10.24 -26.69
N GLY D 410 18.21 10.87 -26.70
CA GLY D 410 17.42 11.08 -25.49
C GLY D 410 17.03 9.83 -24.74
N SER D 411 16.64 9.98 -23.48
CA SER D 411 16.24 8.85 -22.64
C SER D 411 14.99 8.15 -23.22
N ARG D 412 14.04 8.91 -23.82
CA ARG D 412 12.80 8.39 -24.40
C ARG D 412 13.10 7.47 -25.58
N LYS D 413 13.94 7.93 -26.54
CA LYS D 413 14.33 7.16 -27.73
C LYS D 413 15.10 5.88 -27.31
N ALA D 414 16.03 6.01 -26.34
CA ALA D 414 16.83 4.91 -25.85
C ALA D 414 15.95 3.86 -25.14
N TYR D 415 15.00 4.31 -24.27
CA TYR D 415 14.10 3.42 -23.55
C TYR D 415 13.14 2.76 -24.53
N THR D 416 12.68 3.49 -25.57
CA THR D 416 11.79 2.96 -26.63
C THR D 416 12.48 1.79 -27.36
N GLU D 417 13.77 1.97 -27.72
CA GLU D 417 14.59 0.96 -28.41
C GLU D 417 14.84 -0.27 -27.51
N ALA D 418 14.87 -0.09 -26.16
CA ALA D 418 15.01 -1.17 -25.19
C ALA D 418 13.71 -1.98 -25.13
N LEU D 419 12.54 -1.30 -25.00
CA LEU D 419 11.22 -1.96 -24.95
C LEU D 419 10.88 -2.68 -26.28
N ILE D 420 11.41 -2.22 -27.43
CA ILE D 420 11.16 -2.89 -28.71
C ILE D 420 12.08 -4.11 -28.80
N GLY D 421 13.33 -3.96 -28.34
CA GLY D 421 14.34 -5.03 -28.31
C GLY D 421 13.91 -6.22 -27.48
N ARG D 422 13.43 -5.93 -26.24
CA ARG D 422 12.88 -6.90 -25.29
C ARG D 422 11.54 -7.50 -25.79
N GLY D 423 11.11 -7.10 -26.99
CA GLY D 423 9.87 -7.54 -27.64
C GLY D 423 8.58 -7.13 -26.94
N ASP D 424 8.67 -6.20 -25.97
CA ASP D 424 7.54 -5.71 -25.17
C ASP D 424 6.51 -4.92 -26.02
N ILE D 425 7.00 -4.15 -27.02
CA ILE D 425 6.18 -3.35 -27.95
C ILE D 425 6.80 -3.40 -29.35
N SER D 426 6.03 -3.03 -30.38
CA SER D 426 6.50 -2.94 -31.76
C SER D 426 6.95 -1.50 -32.06
N MET D 427 7.58 -1.28 -33.23
CA MET D 427 7.99 0.06 -33.71
C MET D 427 6.72 0.86 -34.05
N LYS D 428 5.69 0.16 -34.59
CA LYS D 428 4.40 0.74 -34.96
C LYS D 428 3.64 1.25 -33.73
N GLU D 429 3.54 0.43 -32.65
CA GLU D 429 2.89 0.77 -31.37
C GLU D 429 3.52 2.01 -30.73
N ALA D 430 4.87 2.13 -30.80
CA ALA D 430 5.66 3.23 -30.27
C ALA D 430 5.41 4.51 -31.06
N GLU D 431 5.39 4.40 -32.41
CA GLU D 431 5.12 5.52 -33.33
C GLU D 431 3.69 6.03 -33.14
N ASP D 432 2.70 5.11 -33.16
CA ASP D 432 1.28 5.40 -32.99
C ASP D 432 0.96 6.11 -31.68
N ALA D 433 1.66 5.72 -30.58
CA ALA D 433 1.49 6.33 -29.24
C ALA D 433 1.96 7.78 -29.24
N LEU D 434 3.03 8.12 -30.02
CA LEU D 434 3.52 9.49 -30.12
C LEU D 434 2.58 10.32 -30.98
N ARG D 435 2.05 9.76 -32.08
CA ARG D 435 1.07 10.41 -32.96
C ARG D 435 -0.21 10.77 -32.20
N ASP D 436 -0.65 9.88 -31.27
CA ASP D 436 -1.85 10.05 -30.44
C ASP D 436 -1.68 11.20 -29.49
N TYR D 437 -0.50 11.27 -28.85
CA TYR D 437 -0.18 12.30 -27.89
C TYR D 437 -0.04 13.67 -28.56
N GLN D 438 0.61 13.75 -29.74
CA GLN D 438 0.79 15.03 -30.45
C GLN D 438 -0.53 15.47 -31.13
N GLY D 439 -1.39 14.51 -31.47
CA GLY D 439 -2.71 14.81 -32.03
C GLY D 439 -3.62 15.43 -30.98
N GLN D 440 -3.49 14.95 -29.72
CA GLN D 440 -4.30 15.42 -28.60
C GLN D 440 -3.89 16.85 -28.20
N LEU D 441 -2.57 17.15 -28.18
CA LEU D 441 -2.05 18.47 -27.83
C LEU D 441 -2.46 19.52 -28.87
N GLU D 442 -2.40 19.13 -30.17
CA GLU D 442 -2.81 19.98 -31.28
C GLU D 442 -4.30 20.34 -31.22
N ARG D 443 -5.16 19.37 -30.86
CA ARG D 443 -6.61 19.54 -30.68
C ARG D 443 -6.91 20.56 -29.56
N VAL D 444 -6.20 20.45 -28.42
CA VAL D 444 -6.40 21.35 -27.26
C VAL D 444 -5.82 22.76 -27.59
N PHE D 445 -4.63 22.80 -28.22
CA PHE D 445 -3.98 24.05 -28.66
C PHE D 445 -4.90 24.84 -29.62
N ASN D 446 -5.56 24.15 -30.55
CA ASN D 446 -6.48 24.78 -31.51
C ASN D 446 -7.76 25.33 -30.83
N GLU D 447 -8.34 24.59 -29.87
CA GLU D 447 -9.55 24.99 -29.12
C GLU D 447 -9.28 26.24 -28.30
N VAL D 448 -8.09 26.33 -27.68
CA VAL D 448 -7.64 27.46 -26.86
C VAL D 448 -7.43 28.71 -27.75
N ARG D 449 -6.80 28.54 -28.94
CA ARG D 449 -6.50 29.58 -29.92
C ARG D 449 -7.78 30.15 -30.51
N GLU D 450 -8.84 29.32 -30.56
CA GLU D 450 -10.17 29.68 -31.07
C GLU D 450 -10.98 30.54 -30.09
N LEU D 451 -10.56 30.64 -28.81
CA LEU D 451 -11.25 31.44 -27.79
C LEU D 451 -11.14 32.95 -28.05
N GLU D 452 -12.25 33.69 -27.75
CA GLU D 452 -12.36 35.15 -27.89
C GLU D 452 -11.39 35.85 -26.93
N LYS D 453 -10.54 36.73 -27.47
CA LYS D 453 -9.49 37.44 -26.75
C LYS D 453 -10.03 38.60 -25.88
N HIS D 454 -9.68 38.57 -24.60
CA HIS D 454 -10.02 39.59 -23.60
C HIS D 454 -9.14 40.82 -23.78
N GLU D 455 -9.67 42.03 -23.49
CA GLU D 455 -8.91 43.29 -23.55
C GLU D 455 -7.91 43.35 -22.38
N ILE D 456 -6.65 43.71 -22.69
CA ILE D 456 -5.61 43.80 -21.65
C ILE D 456 -5.76 45.15 -20.93
N GLU D 457 -5.93 45.07 -19.60
CA GLU D 457 -6.08 46.22 -18.70
C GLU D 457 -4.91 46.27 -17.69
N PRO D 458 -4.58 47.45 -17.10
CA PRO D 458 -3.52 47.49 -16.06
C PRO D 458 -3.90 46.65 -14.85
N SER D 459 -2.90 46.06 -14.17
CA SER D 459 -3.16 45.23 -12.98
C SER D 459 -3.84 46.07 -11.88
N GLU D 460 -4.74 45.45 -11.14
CA GLU D 460 -5.50 46.16 -10.11
C GLU D 460 -5.10 45.69 -8.74
N SER D 461 -5.21 46.61 -7.77
CA SER D 461 -4.97 46.39 -6.36
C SER D 461 -5.93 45.28 -5.84
N VAL D 462 -5.45 44.45 -4.90
CA VAL D 462 -6.18 43.34 -4.30
C VAL D 462 -6.89 43.79 -3.02
N GLU D 463 -6.75 45.08 -2.63
CA GLU D 463 -7.28 45.64 -1.38
C GLU D 463 -8.74 45.23 -1.06
N ALA D 464 -9.65 45.39 -2.03
CA ALA D 464 -11.08 45.10 -1.89
C ALA D 464 -11.42 43.59 -1.93
N ASP D 465 -10.45 42.72 -2.29
CA ASP D 465 -10.69 41.26 -2.36
C ASP D 465 -11.04 40.65 -1.01
N GLN D 466 -10.57 41.29 0.09
CA GLN D 466 -10.80 40.86 1.47
C GLN D 466 -11.31 42.07 2.28
N GLN D 467 -12.62 42.11 2.59
CA GLN D 467 -13.22 43.24 3.32
C GLN D 467 -13.52 42.89 4.76
N ILE D 468 -13.11 43.79 5.67
CA ILE D 468 -13.23 43.68 7.12
C ILE D 468 -14.69 43.68 7.61
N PRO D 469 -15.05 42.79 8.57
CA PRO D 469 -16.43 42.80 9.09
C PRO D 469 -16.72 44.09 9.87
N LEU D 472 -16.61 44.16 14.49
CA LEU D 472 -16.04 42.95 15.08
C LEU D 472 -15.78 43.13 16.60
N ALA D 473 -16.45 42.30 17.42
CA ALA D 473 -16.35 42.33 18.87
C ALA D 473 -15.19 41.44 19.34
N THR D 474 -14.15 42.07 19.90
CA THR D 474 -12.94 41.40 20.37
C THR D 474 -12.87 41.37 21.90
N ALA D 475 -13.79 42.11 22.55
CA ALA D 475 -13.90 42.19 24.00
C ALA D 475 -14.29 40.84 24.58
N VAL D 476 -13.70 40.47 25.71
CA VAL D 476 -14.00 39.18 26.36
C VAL D 476 -14.67 39.39 27.72
N ASP D 477 -15.21 38.32 28.30
CA ASP D 477 -15.83 38.38 29.62
C ASP D 477 -14.75 38.39 30.71
N LYS D 478 -15.04 38.99 31.88
CA LYS D 478 -14.14 39.04 33.04
C LYS D 478 -13.78 37.62 33.50
N ALA D 479 -14.73 36.66 33.40
CA ALA D 479 -14.54 35.25 33.76
C ALA D 479 -13.47 34.59 32.87
N MET D 480 -13.37 35.05 31.60
CA MET D 480 -12.35 34.59 30.65
C MET D 480 -10.97 34.99 31.15
N LEU D 481 -10.77 36.29 31.45
CA LEU D 481 -9.49 36.84 31.94
C LEU D 481 -9.03 36.14 33.21
N GLN D 482 -9.96 35.87 34.14
CA GLN D 482 -9.74 35.21 35.43
C GLN D 482 -9.31 33.76 35.24
N ARG D 483 -9.94 33.04 34.28
CA ARG D 483 -9.65 31.65 33.94
C ARG D 483 -8.17 31.52 33.44
N ILE D 484 -7.72 32.47 32.60
CA ILE D 484 -6.34 32.54 32.07
C ILE D 484 -5.37 32.86 33.23
N GLY D 485 -5.81 33.69 34.17
CA GLY D 485 -5.07 34.03 35.39
C GLY D 485 -4.91 32.82 36.30
N ASP D 486 -6.01 32.04 36.50
CA ASP D 486 -6.05 30.83 37.34
C ASP D 486 -5.16 29.73 36.78
N ALA D 487 -5.16 29.57 35.46
CA ALA D 487 -4.34 28.61 34.70
C ALA D 487 -2.85 28.72 35.09
N HIS D 488 -2.37 29.95 35.35
CA HIS D 488 -0.99 30.27 35.74
C HIS D 488 -0.62 29.72 37.13
N LEU D 489 -1.63 29.38 37.95
CA LEU D 489 -1.45 28.79 39.29
C LEU D 489 -2.01 27.35 39.40
N ALA D 490 -2.61 26.80 38.30
CA ALA D 490 -3.15 25.44 38.28
C ALA D 490 -2.01 24.46 37.92
N LEU D 491 -0.99 24.45 38.80
CA LEU D 491 0.23 23.67 38.67
C LEU D 491 -0.01 22.18 38.93
N PRO D 492 0.66 21.30 38.13
CA PRO D 492 0.53 19.85 38.36
C PRO D 492 0.96 19.46 39.77
N GLU D 493 0.53 18.29 40.25
CA GLU D 493 0.86 17.82 41.60
C GLU D 493 2.38 17.64 41.78
N GLY D 494 2.92 18.31 42.81
CA GLY D 494 4.34 18.27 43.14
C GLY D 494 5.27 19.11 42.28
N PHE D 495 4.71 19.95 41.36
CA PHE D 495 5.52 20.82 40.50
C PHE D 495 6.30 21.85 41.34
N THR D 496 7.61 22.02 41.03
CA THR D 496 8.43 23.00 41.75
C THR D 496 8.76 24.17 40.81
N VAL D 497 8.15 25.30 41.10
CA VAL D 497 8.36 26.50 40.31
C VAL D 497 9.65 27.15 40.78
N HIS D 498 10.47 27.62 39.83
CA HIS D 498 11.67 28.37 40.12
C HIS D 498 11.30 29.59 40.99
N PRO D 499 12.06 29.90 42.07
CA PRO D 499 11.68 31.04 42.95
C PRO D 499 11.46 32.39 42.25
N ARG D 500 12.15 32.65 41.13
CA ARG D 500 12.03 33.91 40.38
C ARG D 500 10.93 33.83 39.27
N VAL D 501 10.31 32.65 39.09
CA VAL D 501 9.23 32.46 38.11
C VAL D 501 7.86 32.53 38.85
N ARG D 502 7.79 31.98 40.07
CA ARG D 502 6.60 32.00 40.93
C ARG D 502 5.93 33.42 41.02
N PRO D 503 6.66 34.56 41.21
CA PRO D 503 5.96 35.86 41.28
C PRO D 503 5.26 36.26 39.97
N VAL D 504 5.79 35.87 38.81
CA VAL D 504 5.16 36.16 37.51
C VAL D 504 3.77 35.45 37.44
N LEU D 505 3.69 34.15 37.81
CA LEU D 505 2.43 33.38 37.80
C LEU D 505 1.39 33.93 38.80
N GLU D 506 1.84 34.33 40.01
CA GLU D 506 0.98 34.92 41.05
C GLU D 506 0.55 36.33 40.68
N LYS D 507 1.47 37.15 40.13
CA LYS D 507 1.17 38.54 39.75
C LYS D 507 0.15 38.55 38.60
N ARG D 508 0.14 37.50 37.73
CA ARG D 508 -0.80 37.33 36.62
C ARG D 508 -2.20 36.99 37.10
N ARG D 509 -2.33 36.08 38.10
CA ARG D 509 -3.65 35.79 38.70
C ARG D 509 -4.18 37.07 39.33
N GLU D 510 -3.28 37.86 39.98
CA GLU D 510 -3.66 39.15 40.57
C GLU D 510 -4.12 40.15 39.49
N MET D 511 -3.37 40.26 38.36
CA MET D 511 -3.68 41.10 37.19
C MET D 511 -5.04 40.79 36.58
N ALA D 512 -5.39 39.49 36.48
CA ALA D 512 -6.62 38.97 35.89
C ALA D 512 -7.87 39.32 36.73
N TYR D 513 -7.68 39.55 38.03
CA TYR D 513 -8.79 39.87 38.94
C TYR D 513 -8.78 41.31 39.40
N GLU D 514 -7.61 41.97 39.38
CA GLU D 514 -7.52 43.32 39.94
C GLU D 514 -7.08 44.41 38.92
N GLY D 515 -6.71 44.01 37.72
CA GLY D 515 -6.29 44.96 36.70
C GLY D 515 -4.80 45.21 36.65
N ARG D 516 -4.39 46.39 36.12
CA ARG D 516 -3.00 46.83 35.91
C ARG D 516 -2.21 45.74 35.15
N ILE D 517 -2.84 45.24 34.08
CA ILE D 517 -2.33 44.19 33.20
C ILE D 517 -1.19 44.76 32.32
N ASP D 518 0.01 44.13 32.43
CA ASP D 518 1.19 44.50 31.67
C ASP D 518 1.10 43.87 30.26
N TRP D 519 2.04 44.26 29.36
CA TRP D 519 2.10 43.80 27.98
C TRP D 519 2.19 42.27 27.84
N ALA D 520 3.11 41.63 28.58
CA ALA D 520 3.40 40.19 28.53
C ALA D 520 2.18 39.33 28.85
N PHE D 521 1.34 39.77 29.81
CA PHE D 521 0.13 39.04 30.19
C PHE D 521 -0.97 39.30 29.20
N ALA D 522 -1.11 40.56 28.70
CA ALA D 522 -2.13 40.94 27.71
C ALA D 522 -2.04 40.07 26.45
N GLU D 523 -0.79 39.74 26.04
CA GLU D 523 -0.49 38.88 24.91
C GLU D 523 -1.07 37.47 25.16
N LEU D 524 -0.76 36.90 26.34
CA LEU D 524 -1.22 35.57 26.73
C LEU D 524 -2.74 35.54 26.97
N LEU D 525 -3.33 36.67 27.41
CA LEU D 525 -4.78 36.81 27.55
C LEU D 525 -5.43 36.72 26.17
N ALA D 526 -4.81 37.35 25.14
CA ALA D 526 -5.31 37.29 23.76
C ALA D 526 -5.21 35.86 23.22
N LEU D 527 -4.01 35.25 23.28
CA LEU D 527 -3.75 33.90 22.77
C LEU D 527 -4.59 32.85 23.51
N GLY D 528 -4.69 32.96 24.84
CA GLY D 528 -5.48 32.07 25.69
C GLY D 528 -6.97 32.10 25.42
N SER D 529 -7.53 33.31 25.21
CA SER D 529 -8.97 33.48 24.91
C SER D 529 -9.31 32.87 23.56
N LEU D 530 -8.39 33.00 22.56
CA LEU D 530 -8.55 32.41 21.23
C LEU D 530 -8.56 30.87 21.33
N ILE D 531 -7.63 30.29 22.14
CA ILE D 531 -7.53 28.85 22.39
C ILE D 531 -8.86 28.37 22.99
N ALA D 532 -9.38 29.12 23.99
CA ALA D 532 -10.63 28.84 24.69
C ALA D 532 -11.83 28.86 23.75
N GLU D 533 -11.77 29.69 22.68
CA GLU D 533 -12.82 29.80 21.68
C GLU D 533 -12.67 28.70 20.58
N GLY D 534 -11.61 27.90 20.67
CA GLY D 534 -11.34 26.79 19.76
C GLY D 534 -10.30 27.02 18.69
N LYS D 535 -9.47 28.06 18.83
CA LYS D 535 -8.46 28.35 17.81
C LYS D 535 -7.12 27.65 18.07
N LEU D 536 -6.50 27.15 16.99
CA LEU D 536 -5.16 26.59 17.03
C LEU D 536 -4.19 27.78 17.09
N VAL D 537 -3.33 27.86 18.13
CA VAL D 537 -2.37 28.96 18.26
C VAL D 537 -0.94 28.41 18.18
N ARG D 538 -0.16 28.88 17.19
CA ARG D 538 1.23 28.49 17.02
C ARG D 538 2.09 29.73 17.21
N LEU D 539 2.92 29.70 18.25
CA LEU D 539 3.82 30.78 18.66
C LEU D 539 5.21 30.22 18.71
N SER D 540 6.15 30.85 18.03
CA SER D 540 7.53 30.39 17.99
C SER D 540 8.50 31.54 17.70
N GLY D 541 9.79 31.25 17.84
CA GLY D 541 10.88 32.19 17.66
C GLY D 541 12.00 31.89 18.66
N GLN D 542 13.05 32.70 18.63
CA GLN D 542 14.24 32.49 19.44
C GLN D 542 13.99 32.81 20.93
N ASP D 543 14.03 31.76 21.77
CA ASP D 543 13.81 31.82 23.22
C ASP D 543 12.38 32.35 23.52
N THR D 544 11.41 31.98 22.67
CA THR D 544 10.04 32.45 22.72
C THR D 544 9.25 31.79 23.86
N GLN D 545 9.63 30.58 24.29
CA GLN D 545 8.91 29.94 25.40
C GLN D 545 9.05 30.77 26.70
N ARG D 546 10.27 31.19 27.06
CA ARG D 546 10.47 32.04 28.24
C ARG D 546 10.24 33.51 27.89
N GLY D 547 10.82 33.92 26.77
CA GLY D 547 10.84 35.30 26.32
C GLY D 547 12.24 35.88 26.50
N THR D 548 12.79 36.49 25.42
CA THR D 548 14.09 37.18 25.39
C THR D 548 14.26 38.08 26.66
N PHE D 549 13.19 38.79 27.04
CA PHE D 549 13.19 39.74 28.14
C PHE D 549 12.58 39.13 29.38
N THR D 550 12.55 37.77 29.50
CA THR D 550 12.14 36.97 30.65
C THR D 550 10.72 37.35 31.09
N GLN D 551 9.90 37.75 30.12
CA GLN D 551 8.57 38.29 30.35
C GLN D 551 7.45 37.31 30.07
N ARG D 552 7.57 36.46 29.01
CA ARG D 552 6.46 35.60 28.55
C ARG D 552 6.16 34.41 29.49
N HIS D 553 7.14 33.52 29.67
CA HIS D 553 7.01 32.29 30.48
C HIS D 553 5.76 31.49 30.04
N ALA D 554 5.64 31.27 28.74
CA ALA D 554 4.58 30.50 28.13
C ALA D 554 4.72 29.02 28.52
N VAL D 555 5.98 28.59 28.81
CA VAL D 555 6.37 27.29 29.34
C VAL D 555 7.20 27.54 30.61
N ILE D 556 6.92 26.81 31.72
CA ILE D 556 7.68 26.95 32.97
C ILE D 556 8.41 25.62 33.25
N VAL D 557 9.67 25.68 33.69
CA VAL D 557 10.50 24.49 33.88
C VAL D 557 10.64 24.13 35.38
N ASP D 558 10.23 22.90 35.74
CA ASP D 558 10.30 22.40 37.12
C ASP D 558 11.77 22.49 37.58
N ARG D 559 12.00 23.23 38.70
CA ARG D 559 13.32 23.49 39.29
C ARG D 559 14.07 22.21 39.70
N LYS D 560 13.34 21.17 40.09
CA LYS D 560 13.93 19.93 40.56
C LYS D 560 14.05 18.85 39.47
N THR D 561 13.05 18.74 38.56
CA THR D 561 13.02 17.64 37.61
C THR D 561 13.22 18.05 36.14
N GLY D 562 13.05 19.33 35.80
CA GLY D 562 13.19 19.79 34.43
C GLY D 562 11.94 19.65 33.60
N GLU D 563 10.89 19.03 34.19
CA GLU D 563 9.57 18.82 33.58
C GLU D 563 8.93 20.14 33.17
N GLU D 564 8.26 20.15 32.03
CA GLU D 564 7.64 21.39 31.53
C GLU D 564 6.15 21.49 31.84
N PHE D 565 5.66 22.73 32.01
CA PHE D 565 4.25 23.04 32.22
C PHE D 565 3.88 24.25 31.36
N THR D 566 2.83 24.11 30.56
CA THR D 566 2.33 25.15 29.67
C THR D 566 0.94 25.62 30.16
N PRO D 567 0.87 26.75 30.92
CA PRO D 567 -0.43 27.22 31.46
C PRO D 567 -1.56 27.41 30.43
N LEU D 568 -1.30 28.02 29.25
CA LEU D 568 -2.37 28.26 28.26
C LEU D 568 -2.97 26.95 27.66
N GLN D 569 -2.26 25.80 27.79
CA GLN D 569 -2.76 24.53 27.27
C GLN D 569 -3.98 24.05 28.07
N LEU D 570 -4.23 24.63 29.25
CA LEU D 570 -5.40 24.31 30.10
C LEU D 570 -6.68 24.94 29.52
N LEU D 571 -6.52 25.96 28.67
CA LEU D 571 -7.62 26.67 28.01
C LEU D 571 -8.20 25.86 26.83
N ALA D 572 -7.47 24.79 26.39
CA ALA D 572 -7.90 23.89 25.33
C ALA D 572 -9.02 22.94 25.81
N THR D 573 -9.24 22.89 27.13
CA THR D 573 -10.30 22.09 27.74
C THR D 573 -11.32 23.04 28.39
N ASN D 574 -12.61 22.83 28.09
CA ASN D 574 -13.72 23.59 28.67
C ASN D 574 -13.88 23.22 30.17
N PRO D 575 -14.56 24.04 31.01
CA PRO D 575 -14.76 23.65 32.41
C PRO D 575 -15.55 22.34 32.58
N ASP D 576 -16.39 21.97 31.58
CA ASP D 576 -17.19 20.73 31.59
C ASP D 576 -16.37 19.48 31.11
N GLY D 577 -15.06 19.66 30.90
CA GLY D 577 -14.14 18.60 30.51
C GLY D 577 -13.93 18.34 29.01
N THR D 578 -14.83 18.85 28.16
CA THR D 578 -14.76 18.64 26.71
C THR D 578 -13.68 19.54 26.06
N PRO D 579 -13.06 19.13 24.92
CA PRO D 579 -12.07 20.03 24.29
C PRO D 579 -12.74 21.18 23.55
N THR D 580 -12.04 22.32 23.45
CA THR D 580 -12.53 23.51 22.77
C THR D 580 -12.27 23.41 21.27
N GLY D 581 -11.28 22.59 20.92
CA GLY D 581 -10.81 22.43 19.55
C GLY D 581 -9.49 23.16 19.39
N GLY D 582 -9.24 24.10 20.30
CA GLY D 582 -8.03 24.92 20.35
C GLY D 582 -6.83 24.17 20.87
N LYS D 583 -5.64 24.76 20.67
CA LYS D 583 -4.35 24.18 21.06
C LYS D 583 -3.28 25.27 21.12
N PHE D 584 -2.31 25.14 22.02
CA PHE D 584 -1.20 26.06 22.15
C PHE D 584 0.09 25.36 21.76
N LEU D 585 0.63 25.74 20.61
CA LEU D 585 1.86 25.16 20.10
C LEU D 585 2.90 26.25 20.23
N VAL D 586 3.72 26.14 21.27
CA VAL D 586 4.74 27.13 21.55
C VAL D 586 6.12 26.43 21.53
N TYR D 587 7.02 26.97 20.71
CA TYR D 587 8.33 26.38 20.54
C TYR D 587 9.44 27.38 20.56
N ASN D 588 10.62 26.88 20.88
CA ASN D 588 11.87 27.60 20.76
C ASN D 588 12.43 27.23 19.37
N SER D 589 12.53 28.21 18.48
CA SER D 589 13.02 27.97 17.13
C SER D 589 14.54 27.68 17.11
N ALA D 590 15.08 27.23 15.96
CA ALA D 590 16.55 27.12 15.78
C ALA D 590 17.06 28.54 15.54
N LEU D 591 18.38 28.75 15.59
CA LEU D 591 18.90 30.10 15.41
C LEU D 591 18.93 30.43 13.91
N SER D 592 17.73 30.67 13.35
CA SER D 592 17.49 31.02 11.96
C SER D 592 16.37 32.06 11.86
N GLU D 593 16.40 32.86 10.80
CA GLU D 593 15.36 33.84 10.51
C GLU D 593 14.70 33.46 9.20
N PHE D 594 15.50 33.24 8.13
CA PHE D 594 15.03 32.90 6.79
C PHE D 594 14.11 31.66 6.82
N ALA D 595 14.64 30.51 7.30
CA ALA D 595 13.86 29.27 7.36
C ALA D 595 12.67 29.34 8.34
N ALA D 596 12.88 29.94 9.53
CA ALA D 596 11.85 30.06 10.57
C ALA D 596 10.68 30.96 10.14
N VAL D 597 10.97 32.11 9.49
CA VAL D 597 9.94 33.03 8.96
C VAL D 597 9.22 32.37 7.75
N GLY D 598 9.99 31.72 6.88
CA GLY D 598 9.44 31.00 5.74
C GLY D 598 8.50 29.90 6.15
N PHE D 599 8.89 29.13 7.17
CA PHE D 599 8.12 28.03 7.75
C PHE D 599 6.78 28.54 8.32
N GLU D 600 6.81 29.64 9.08
CA GLU D 600 5.63 30.20 9.73
C GLU D 600 4.70 30.83 8.72
N TYR D 601 5.26 31.43 7.65
CA TYR D 601 4.46 31.94 6.54
C TYR D 601 3.72 30.77 5.90
N GLY D 602 4.46 29.69 5.61
CA GLY D 602 3.92 28.48 5.00
C GLY D 602 2.87 27.83 5.88
N TYR D 603 3.10 27.84 7.23
CA TYR D 603 2.19 27.25 8.20
C TYR D 603 0.85 27.97 8.11
N SER D 604 0.86 29.32 8.09
CA SER D 604 -0.40 30.07 8.01
C SER D 604 -1.16 29.81 6.70
N VAL D 605 -0.45 29.56 5.57
CA VAL D 605 -1.04 29.25 4.26
C VAL D 605 -1.69 27.86 4.34
N GLY D 606 -1.01 26.91 5.00
CA GLY D 606 -1.46 25.54 5.20
C GLY D 606 -2.67 25.40 6.09
N ASN D 607 -2.78 26.26 7.11
CA ASN D 607 -3.93 26.27 8.01
C ASN D 607 -4.39 27.73 8.20
N PRO D 608 -5.33 28.17 7.33
CA PRO D 608 -5.83 29.56 7.41
C PRO D 608 -6.62 29.84 8.70
N ASP D 609 -7.10 28.80 9.41
CA ASP D 609 -7.85 28.96 10.66
C ASP D 609 -6.93 29.01 11.90
N ALA D 610 -5.62 28.85 11.70
CA ALA D 610 -4.65 28.92 12.78
C ALA D 610 -4.20 30.37 13.01
N MET D 611 -3.80 30.64 14.26
CA MET D 611 -3.19 31.89 14.71
C MET D 611 -1.68 31.57 14.75
N VAL D 612 -0.94 32.12 13.80
CA VAL D 612 0.49 31.85 13.62
C VAL D 612 1.29 33.11 13.88
N LEU D 613 2.11 33.06 14.93
CA LEU D 613 2.95 34.16 15.37
C LEU D 613 4.43 33.73 15.40
N TRP D 614 5.28 34.52 14.77
CA TRP D 614 6.73 34.31 14.78
C TRP D 614 7.33 35.49 15.45
N GLU D 615 8.23 35.27 16.39
CA GLU D 615 8.81 36.37 17.11
C GLU D 615 10.32 36.42 16.91
N ALA D 616 10.79 37.60 16.44
CA ALA D 616 12.22 37.91 16.31
C ALA D 616 12.75 38.17 17.71
N GLN D 617 14.02 37.87 17.98
CA GLN D 617 14.67 38.14 19.26
C GLN D 617 14.60 39.65 19.47
N PHE D 618 15.03 40.38 18.44
CA PHE D 618 14.99 41.82 18.26
C PHE D 618 14.66 41.97 16.79
N GLY D 619 13.84 42.97 16.45
CA GLY D 619 13.41 43.21 15.07
C GLY D 619 14.56 43.43 14.11
N ASP D 620 15.74 43.79 14.63
CA ASP D 620 16.96 44.06 13.85
C ASP D 620 17.44 42.83 13.06
N PHE D 621 17.02 41.62 13.45
CA PHE D 621 17.43 40.36 12.83
C PHE D 621 16.46 39.84 11.79
N VAL D 622 15.28 40.49 11.63
CA VAL D 622 14.29 40.03 10.63
C VAL D 622 14.84 40.23 9.20
N ASN D 623 15.84 41.11 9.00
CA ASN D 623 16.46 41.34 7.68
C ASN D 623 17.20 40.07 7.16
N GLY D 624 17.40 39.07 8.03
CA GLY D 624 17.94 37.77 7.65
C GLY D 624 16.90 36.95 6.90
N ALA D 625 15.62 37.36 6.96
CA ALA D 625 14.47 36.71 6.28
C ALA D 625 13.89 37.63 5.18
N GLN D 626 14.68 38.60 4.70
CA GLN D 626 14.28 39.60 3.72
C GLN D 626 13.62 39.02 2.47
N SER D 627 14.14 37.89 1.93
CA SER D 627 13.53 37.22 0.78
C SER D 627 12.11 36.75 1.09
N ILE D 628 11.86 36.27 2.33
CA ILE D 628 10.50 35.83 2.70
C ILE D 628 9.59 37.04 2.78
N ILE D 629 10.02 38.12 3.46
CA ILE D 629 9.23 39.34 3.60
C ILE D 629 8.88 39.87 2.19
N ASP D 630 9.89 40.06 1.33
CA ASP D 630 9.73 40.59 -0.03
C ASP D 630 8.98 39.67 -0.98
N GLU D 631 9.31 38.39 -1.01
CA GLU D 631 8.77 37.46 -2.03
C GLU D 631 7.52 36.71 -1.63
N PHE D 632 7.26 36.57 -0.33
CA PHE D 632 6.11 35.79 0.11
C PHE D 632 5.10 36.61 0.90
N ILE D 633 5.53 37.13 2.08
CA ILE D 633 4.68 37.83 3.03
C ILE D 633 4.01 39.10 2.43
N SER D 634 4.79 40.03 1.88
CA SER D 634 4.23 41.31 1.40
C SER D 634 3.56 41.25 0.02
N SER D 635 3.87 40.22 -0.80
CA SER D 635 3.43 40.19 -2.18
C SER D 635 2.70 38.95 -2.67
N GLY D 636 2.70 37.88 -1.89
CA GLY D 636 2.07 36.60 -2.26
C GLY D 636 0.63 36.65 -2.71
N GLU D 637 -0.20 37.50 -2.06
CA GLU D 637 -1.63 37.67 -2.40
C GLU D 637 -1.77 38.27 -3.82
N ALA D 638 -1.10 39.41 -4.07
CA ALA D 638 -1.15 40.10 -5.36
C ALA D 638 -0.61 39.21 -6.50
N LYS D 639 0.49 38.46 -6.26
CA LYS D 639 1.15 37.62 -7.28
C LYS D 639 0.44 36.29 -7.57
N TRP D 640 -0.02 35.58 -6.53
CA TRP D 640 -0.54 34.22 -6.73
C TRP D 640 -1.94 33.97 -6.21
N GLY D 641 -2.51 34.93 -5.47
CA GLY D 641 -3.82 34.74 -4.85
C GLY D 641 -3.68 33.86 -3.62
N GLN D 642 -2.42 33.63 -3.20
CA GLN D 642 -2.04 32.86 -2.04
C GLN D 642 -2.16 33.74 -0.81
N LEU D 643 -2.94 33.29 0.18
CA LEU D 643 -3.20 34.10 1.37
C LEU D 643 -2.50 33.54 2.62
N SER D 644 -1.99 34.47 3.45
CA SER D 644 -1.29 34.16 4.69
C SER D 644 -1.70 35.13 5.77
N ASP D 645 -1.93 34.64 6.98
CA ASP D 645 -2.30 35.46 8.14
C ASP D 645 -1.14 35.48 9.17
N VAL D 646 0.11 35.20 8.73
CA VAL D 646 1.27 35.15 9.63
C VAL D 646 1.48 36.49 10.39
N VAL D 647 1.78 36.38 11.69
CA VAL D 647 2.05 37.55 12.53
C VAL D 647 3.56 37.61 12.76
N LEU D 648 4.18 38.78 12.51
CA LEU D 648 5.58 38.95 12.81
C LEU D 648 5.67 39.86 14.02
N LEU D 649 6.28 39.36 15.11
CA LEU D 649 6.50 40.13 16.35
C LEU D 649 7.92 40.63 16.32
N LEU D 650 8.08 41.96 16.25
CA LEU D 650 9.40 42.56 16.08
C LEU D 650 9.76 43.52 17.23
N PRO D 651 10.52 43.04 18.25
CA PRO D 651 10.93 43.91 19.37
C PRO D 651 11.70 45.09 18.84
N HIS D 652 11.19 46.29 19.16
CA HIS D 652 11.62 47.57 18.60
C HIS D 652 11.64 48.69 19.64
N GLY D 653 12.56 49.62 19.49
CA GLY D 653 12.66 50.79 20.36
C GLY D 653 14.07 51.23 20.69
N HIS D 654 14.28 52.55 20.72
CA HIS D 654 15.55 53.22 21.05
C HIS D 654 15.74 53.18 22.55
N GLU D 655 16.72 52.38 23.03
CA GLU D 655 16.97 52.21 24.47
C GLU D 655 18.46 52.25 24.83
N GLY D 656 19.32 52.47 23.85
CA GLY D 656 20.76 52.55 24.07
C GLY D 656 21.52 51.24 24.02
N GLN D 657 20.94 50.19 23.41
CA GLN D 657 21.58 48.86 23.30
C GLN D 657 22.34 48.66 21.96
N GLY D 658 22.58 49.74 21.20
CA GLY D 658 23.31 49.69 19.94
C GLY D 658 22.49 49.58 18.67
N PRO D 659 23.17 49.67 17.50
CA PRO D 659 22.44 49.67 16.22
C PRO D 659 21.72 48.37 15.83
N ASP D 660 22.07 47.23 16.49
CA ASP D 660 21.43 45.93 16.24
C ASP D 660 20.45 45.52 17.32
N HIS D 661 20.19 46.40 18.29
CA HIS D 661 19.23 46.04 19.34
C HIS D 661 18.27 47.17 19.52
N THR D 662 17.90 47.80 18.39
CA THR D 662 17.09 49.00 18.41
C THR D 662 15.91 49.01 17.45
N SER D 663 16.11 48.68 16.17
CA SER D 663 15.09 48.87 15.16
C SER D 663 14.69 47.63 14.38
N GLY D 664 13.37 47.51 14.15
CA GLY D 664 12.75 46.49 13.33
C GLY D 664 12.56 46.95 11.89
N ARG D 665 13.14 48.14 11.57
CA ARG D 665 13.14 48.82 10.25
C ARG D 665 11.68 49.01 9.76
N ILE D 666 10.89 49.78 10.56
CA ILE D 666 9.49 50.16 10.30
C ILE D 666 9.34 50.76 8.88
N GLU D 667 10.27 51.64 8.50
CA GLU D 667 10.35 52.33 7.21
C GLU D 667 10.36 51.34 6.03
N ARG D 668 11.00 50.16 6.20
CA ARG D 668 11.06 49.14 5.16
C ARG D 668 9.71 48.45 4.98
N PHE D 669 9.00 48.15 6.08
CA PHE D 669 7.69 47.51 6.01
C PHE D 669 6.65 48.47 5.45
N LEU D 670 6.74 49.77 5.80
CA LEU D 670 5.82 50.81 5.31
C LEU D 670 6.02 51.02 3.80
N GLN D 671 7.28 50.94 3.33
CA GLN D 671 7.70 51.05 1.93
C GLN D 671 7.14 49.87 1.12
N LEU D 672 7.20 48.66 1.71
CA LEU D 672 6.70 47.45 1.09
C LEU D 672 5.16 47.44 1.04
N TRP D 673 4.50 48.08 2.02
CA TRP D 673 3.03 48.13 2.11
C TRP D 673 2.42 48.80 0.89
N ALA D 674 1.39 48.15 0.36
CA ALA D 674 0.52 48.59 -0.75
C ALA D 674 -0.66 47.65 -0.84
N GLU D 675 -1.79 48.15 -1.39
CA GLU D 675 -3.01 47.36 -1.68
C GLU D 675 -3.61 46.66 -0.45
N GLY D 676 -3.33 47.17 0.74
CA GLY D 676 -3.79 46.59 1.99
C GLY D 676 -3.36 45.15 2.15
N SER D 677 -2.12 44.82 1.69
CA SER D 677 -1.54 43.46 1.73
C SER D 677 -1.23 43.02 3.17
N MET D 678 -0.81 43.98 4.01
CA MET D 678 -0.50 43.72 5.42
C MET D 678 -1.07 44.80 6.33
N THR D 679 -1.19 44.47 7.62
CA THR D 679 -1.53 45.38 8.70
C THR D 679 -0.20 45.62 9.41
N ILE D 680 0.12 46.89 9.69
CA ILE D 680 1.36 47.27 10.38
C ILE D 680 0.96 48.11 11.59
N ALA D 681 1.35 47.65 12.80
CA ALA D 681 0.99 48.31 14.04
C ALA D 681 2.15 48.43 14.99
N MET D 682 2.06 49.46 15.83
CA MET D 682 3.00 49.68 16.91
C MET D 682 2.14 50.15 18.12
N PRO D 683 1.50 49.16 18.81
CA PRO D 683 0.64 49.51 19.95
C PRO D 683 1.43 50.01 21.16
N SER D 684 0.84 50.94 21.92
CA SER D 684 1.47 51.56 23.07
C SER D 684 0.90 51.06 24.40
N THR D 685 -0.21 50.28 24.37
CA THR D 685 -0.81 49.77 25.59
C THR D 685 -1.05 48.26 25.48
N PRO D 686 -1.01 47.52 26.61
CA PRO D 686 -1.30 46.07 26.58
C PRO D 686 -2.68 45.75 25.99
N ALA D 687 -3.74 46.43 26.46
CA ALA D 687 -5.12 46.24 25.98
C ALA D 687 -5.23 46.42 24.46
N ASN D 688 -4.57 47.46 23.89
CA ASN D 688 -4.60 47.69 22.43
C ASN D 688 -3.89 46.55 21.69
N TYR D 689 -2.79 46.02 22.25
CA TYR D 689 -2.10 44.86 21.68
C TYR D 689 -3.02 43.63 21.73
N PHE D 690 -3.71 43.42 22.88
CA PHE D 690 -4.66 42.33 23.07
C PHE D 690 -5.74 42.33 21.96
N HIS D 691 -6.40 43.49 21.75
CA HIS D 691 -7.47 43.65 20.76
C HIS D 691 -6.94 43.54 19.33
N LEU D 692 -5.68 43.99 19.07
CA LEU D 692 -5.03 43.87 17.75
C LEU D 692 -4.88 42.38 17.38
N LEU D 693 -4.42 41.55 18.33
CA LEU D 693 -4.22 40.11 18.12
C LEU D 693 -5.54 39.37 17.93
N ARG D 694 -6.56 39.69 18.77
CA ARG D 694 -7.89 39.09 18.69
C ARG D 694 -8.59 39.48 17.40
N ARG D 695 -8.48 40.77 16.96
CA ARG D 695 -9.06 41.22 15.69
C ARG D 695 -8.43 40.43 14.55
N HIS D 696 -7.08 40.28 14.57
CA HIS D 696 -6.35 39.55 13.55
C HIS D 696 -6.78 38.09 13.45
N GLY D 697 -6.97 37.43 14.59
CA GLY D 697 -7.38 36.03 14.61
C GLY D 697 -8.85 35.78 14.33
N LYS D 698 -9.72 36.79 14.55
CA LYS D 698 -11.18 36.62 14.39
C LYS D 698 -11.81 37.33 13.19
N ASP D 699 -11.07 38.22 12.48
CA ASP D 699 -11.65 39.02 11.38
C ASP D 699 -12.02 38.23 10.09
N GLY D 700 -11.58 36.98 9.95
CA GLY D 700 -11.86 36.18 8.76
C GLY D 700 -10.97 36.50 7.55
N ILE D 701 -10.14 37.56 7.65
CA ILE D 701 -9.21 38.04 6.62
C ILE D 701 -7.88 37.30 6.80
N GLN D 702 -7.24 36.92 5.68
CA GLN D 702 -5.95 36.22 5.69
C GLN D 702 -4.92 37.16 5.12
N ARG D 703 -4.40 38.05 5.96
CA ARG D 703 -3.39 39.02 5.59
C ARG D 703 -2.37 39.15 6.71
N PRO D 704 -1.06 39.17 6.39
CA PRO D 704 -0.06 39.23 7.47
C PRO D 704 -0.17 40.47 8.35
N LEU D 705 0.28 40.33 9.61
CA LEU D 705 0.27 41.40 10.59
C LEU D 705 1.70 41.58 11.08
N ILE D 706 2.21 42.80 10.93
CA ILE D 706 3.55 43.20 11.37
C ILE D 706 3.38 44.02 12.64
N VAL D 707 3.90 43.52 13.78
CA VAL D 707 3.77 44.21 15.06
C VAL D 707 5.14 44.62 15.58
N PHE D 708 5.30 45.92 15.84
CA PHE D 708 6.51 46.46 16.44
C PHE D 708 6.23 46.45 17.94
N THR D 709 6.94 45.57 18.65
CA THR D 709 6.69 45.24 20.05
C THR D 709 7.73 45.86 21.01
N PRO D 710 7.36 46.05 22.29
CA PRO D 710 8.27 46.71 23.23
C PRO D 710 9.29 45.80 23.88
N LYS D 711 10.28 46.43 24.52
CA LYS D 711 11.37 45.78 25.25
C LYS D 711 11.32 46.29 26.70
N SER D 712 11.74 47.56 26.96
CA SER D 712 11.70 48.17 28.30
C SER D 712 10.24 48.52 28.69
N MET D 713 9.41 48.90 27.68
CA MET D 713 7.99 49.25 27.85
C MET D 713 7.20 48.06 28.46
N LEU D 714 7.79 46.82 28.41
CA LEU D 714 7.19 45.61 28.99
C LEU D 714 7.07 45.76 30.51
N ARG D 715 8.04 46.48 31.14
CA ARG D 715 8.13 46.71 32.58
C ARG D 715 7.84 48.18 32.99
N ASN D 716 7.34 49.01 32.05
CA ASN D 716 6.94 50.39 32.32
C ASN D 716 5.60 50.35 33.07
N LYS D 717 5.58 50.87 34.31
CA LYS D 717 4.40 50.85 35.19
C LYS D 717 3.29 51.77 34.69
N ALA D 718 3.60 52.69 33.75
CA ALA D 718 2.59 53.57 33.13
C ALA D 718 1.88 52.83 32.02
N ALA D 719 2.58 51.88 31.36
CA ALA D 719 2.08 51.06 30.25
C ALA D 719 1.34 49.82 30.74
N VAL D 720 0.29 50.03 31.53
CA VAL D 720 -0.56 48.95 32.05
C VAL D 720 -2.01 49.28 31.69
N SER D 721 -2.87 48.26 31.63
CA SER D 721 -4.27 48.46 31.26
C SER D 721 -5.24 47.93 32.30
N ASP D 722 -6.43 48.54 32.34
CA ASP D 722 -7.53 48.19 33.23
C ASP D 722 -8.29 47.00 32.65
N ILE D 723 -9.03 46.24 33.50
CA ILE D 723 -9.81 45.08 33.06
C ILE D 723 -10.89 45.52 32.04
N ARG D 724 -11.54 46.69 32.26
CA ARG D 724 -12.58 47.24 31.36
C ARG D 724 -12.06 47.54 29.93
N ASP D 725 -10.73 47.69 29.75
CA ASP D 725 -10.10 47.88 28.44
C ASP D 725 -10.11 46.56 27.64
N PHE D 726 -10.22 45.42 28.33
CA PHE D 726 -10.27 44.09 27.71
C PHE D 726 -11.72 43.60 27.57
N THR D 727 -12.57 43.96 28.54
CA THR D 727 -13.95 43.48 28.61
C THR D 727 -14.96 44.38 27.89
N GLU D 728 -14.75 45.72 27.88
CA GLU D 728 -15.72 46.66 27.31
C GLU D 728 -15.07 47.68 26.34
N SER D 729 -14.08 47.22 25.57
CA SER D 729 -13.40 48.07 24.60
C SER D 729 -13.09 47.28 23.33
N LYS D 730 -12.43 47.92 22.37
CA LYS D 730 -12.02 47.37 21.08
C LYS D 730 -10.70 48.01 20.62
N PHE D 731 -10.10 47.50 19.52
CA PHE D 731 -8.85 48.04 18.97
C PHE D 731 -9.03 49.49 18.58
N ARG D 732 -8.05 50.31 18.97
CA ARG D 732 -8.06 51.74 18.70
C ARG D 732 -6.88 52.07 17.83
N SER D 733 -7.14 52.41 16.57
CA SER D 733 -6.10 52.71 15.58
C SER D 733 -5.38 54.02 15.92
N VAL D 734 -6.13 54.96 16.52
CA VAL D 734 -5.68 56.27 16.98
C VAL D 734 -6.02 56.40 18.49
N LEU D 735 -5.05 56.86 19.31
CA LEU D 735 -5.26 57.05 20.73
C LEU D 735 -4.96 58.49 21.14
N GLU D 736 -5.90 59.06 21.90
CA GLU D 736 -5.76 60.37 22.54
C GLU D 736 -5.25 60.12 23.95
N GLU D 737 -4.76 61.18 24.61
CA GLU D 737 -4.34 61.10 26.00
C GLU D 737 -5.56 60.84 26.91
N PRO D 738 -5.42 59.96 27.93
CA PRO D 738 -6.56 59.68 28.84
C PRO D 738 -7.14 60.90 29.53
N MET D 739 -6.35 61.99 29.72
CA MET D 739 -6.82 63.22 30.37
C MET D 739 -7.95 63.92 29.57
N TYR D 740 -8.07 63.62 28.26
CA TYR D 740 -9.10 64.24 27.43
C TYR D 740 -10.31 63.35 27.28
N THR D 741 -10.10 62.03 27.18
CA THR D 741 -11.17 61.05 27.01
C THR D 741 -11.79 60.59 28.34
N ASP D 742 -11.00 60.53 29.43
CA ASP D 742 -11.42 60.03 30.74
C ASP D 742 -11.13 60.99 31.90
N GLY D 743 -10.32 62.02 31.65
CA GLY D 743 -9.94 62.99 32.67
C GLY D 743 -10.60 64.35 32.55
N GLU D 744 -10.00 65.36 33.23
CA GLU D 744 -10.51 66.73 33.26
C GLU D 744 -9.64 67.69 32.39
N GLY D 745 -9.14 67.18 31.25
CA GLY D 745 -8.33 67.95 30.32
C GLY D 745 -9.14 68.73 29.31
N ASP D 746 -8.65 69.93 28.95
CA ASP D 746 -9.31 70.83 27.99
C ASP D 746 -8.56 70.84 26.65
N ARG D 747 -9.18 70.24 25.63
CA ARG D 747 -8.69 70.12 24.26
C ARG D 747 -8.57 71.48 23.55
N ASN D 748 -9.37 72.47 23.97
CA ASN D 748 -9.38 73.80 23.35
C ASN D 748 -8.15 74.65 23.75
N LYS D 749 -7.43 74.24 24.79
CA LYS D 749 -6.20 74.92 25.24
C LYS D 749 -4.99 74.52 24.37
N VAL D 750 -5.12 73.43 23.59
CA VAL D 750 -4.06 72.88 22.75
C VAL D 750 -3.79 73.76 21.52
N THR D 751 -2.52 74.16 21.34
CA THR D 751 -2.04 74.96 20.21
C THR D 751 -1.00 74.17 19.41
N ARG D 752 -0.26 73.26 20.08
CA ARG D 752 0.73 72.39 19.45
C ARG D 752 0.30 70.94 19.57
N LEU D 753 0.22 70.23 18.44
CA LEU D 753 -0.10 68.82 18.44
C LEU D 753 1.13 68.00 18.09
N LEU D 754 1.39 66.97 18.90
CA LEU D 754 2.48 66.04 18.68
C LEU D 754 1.90 64.70 18.29
N LEU D 755 2.21 64.27 17.06
CA LEU D 755 1.75 63.00 16.49
C LEU D 755 2.85 61.98 16.59
N THR D 756 2.56 60.85 17.22
CA THR D 756 3.61 59.89 17.46
C THR D 756 3.09 58.43 17.40
N SER D 757 4.00 57.49 17.64
CA SER D 757 3.71 56.07 17.70
C SER D 757 4.72 55.37 18.63
N GLY D 758 4.24 54.46 19.46
CA GLY D 758 5.11 53.68 20.34
C GLY D 758 5.43 54.23 21.72
N LYS D 759 6.55 53.76 22.28
CA LYS D 759 6.98 54.06 23.63
C LYS D 759 7.34 55.54 23.88
N ILE D 760 7.76 56.31 22.85
CA ILE D 760 8.15 57.71 23.05
C ILE D 760 6.95 58.52 23.60
N TYR D 761 5.69 58.01 23.41
CA TYR D 761 4.49 58.67 23.96
C TYR D 761 4.63 58.91 25.45
N TYR D 762 5.03 57.88 26.23
CA TYR D 762 5.15 57.94 27.70
C TYR D 762 6.18 58.96 28.15
N GLU D 763 7.28 59.13 27.40
CA GLU D 763 8.33 60.11 27.68
C GLU D 763 7.81 61.53 27.40
N LEU D 764 7.06 61.70 26.30
CA LEU D 764 6.45 62.97 25.94
C LEU D 764 5.37 63.33 26.96
N ALA D 765 4.55 62.33 27.36
CA ALA D 765 3.47 62.51 28.35
C ALA D 765 4.01 62.91 29.73
N ALA D 766 5.18 62.32 30.13
CA ALA D 766 5.84 62.59 31.42
C ALA D 766 6.40 63.99 31.44
N ARG D 767 6.91 64.46 30.28
CA ARG D 767 7.45 65.81 30.12
C ARG D 767 6.31 66.84 30.16
N LYS D 768 5.16 66.49 29.55
CA LYS D 768 3.96 67.34 29.53
C LYS D 768 3.43 67.53 30.95
N ALA D 769 3.41 66.42 31.74
CA ALA D 769 2.93 66.43 33.12
C ALA D 769 3.84 67.28 34.00
N LYS D 770 5.17 67.04 33.93
CA LYS D 770 6.21 67.74 34.67
C LYS D 770 6.11 69.25 34.49
N GLU D 771 5.85 69.70 33.25
CA GLU D 771 5.78 71.12 32.93
C GLU D 771 4.33 71.65 32.87
N ASN D 772 3.31 70.80 33.15
CA ASN D 772 1.87 71.11 33.12
C ASN D 772 1.51 71.89 31.81
N ARG D 773 1.96 71.33 30.67
CA ARG D 773 1.78 71.90 29.34
C ARG D 773 0.42 71.54 28.73
N GLU D 774 -0.63 72.28 29.14
CA GLU D 774 -1.99 72.11 28.63
C GLU D 774 -2.13 72.56 27.15
N ASP D 775 -1.14 73.34 26.66
CA ASP D 775 -1.06 73.87 25.30
C ASP D 775 -0.58 72.81 24.28
N VAL D 776 -0.10 71.65 24.78
CA VAL D 776 0.44 70.56 23.96
C VAL D 776 -0.39 69.28 24.16
N ALA D 777 -0.75 68.61 23.04
CA ALA D 777 -1.43 67.33 23.06
C ALA D 777 -0.62 66.30 22.29
N ILE D 778 -0.72 65.03 22.72
CA ILE D 778 0.00 63.93 22.09
C ILE D 778 -1.02 62.92 21.60
N VAL D 779 -1.02 62.69 20.28
CA VAL D 779 -1.93 61.74 19.62
C VAL D 779 -1.09 60.58 19.09
N ARG D 780 -1.49 59.35 19.42
CA ARG D 780 -0.78 58.15 19.00
C ARG D 780 -1.44 57.50 17.85
N ILE D 781 -0.65 57.13 16.84
CA ILE D 781 -1.09 56.36 15.67
C ILE D 781 -0.63 54.93 15.95
N GLU D 782 -1.57 54.07 16.37
CA GLU D 782 -1.32 52.68 16.73
C GLU D 782 -1.23 51.81 15.49
N GLN D 783 -2.11 52.04 14.52
CA GLN D 783 -2.12 51.30 13.27
C GLN D 783 -1.44 52.16 12.21
N LEU D 784 -0.21 51.76 11.84
CA LEU D 784 0.62 52.49 10.87
C LEU D 784 0.17 52.23 9.44
N ALA D 785 -0.34 51.01 9.14
CA ALA D 785 -0.82 50.65 7.82
C ALA D 785 -1.93 49.60 7.89
N PRO D 786 -3.10 49.78 7.21
CA PRO D 786 -3.51 50.97 6.44
C PRO D 786 -3.70 52.17 7.37
N LEU D 787 -3.35 53.40 6.92
CA LEU D 787 -3.47 54.60 7.72
C LEU D 787 -4.92 54.82 8.13
N PRO D 788 -5.20 55.04 9.44
CA PRO D 788 -6.59 55.28 9.84
C PRO D 788 -6.97 56.71 9.53
N ARG D 789 -7.23 57.01 8.23
CA ARG D 789 -7.56 58.33 7.70
C ARG D 789 -8.76 58.95 8.44
N ARG D 790 -9.94 58.29 8.39
CA ARG D 790 -11.18 58.77 9.00
C ARG D 790 -11.03 59.05 10.50
N ARG D 791 -10.48 58.07 11.28
CA ARG D 791 -10.31 58.18 12.72
C ARG D 791 -9.31 59.29 13.10
N LEU D 792 -8.24 59.47 12.32
CA LEU D 792 -7.21 60.49 12.51
C LEU D 792 -7.77 61.88 12.24
N ALA D 793 -8.52 62.05 11.12
CA ALA D 793 -9.17 63.31 10.75
C ALA D 793 -10.21 63.74 11.80
N GLU D 794 -10.96 62.76 12.38
CA GLU D 794 -11.98 63.02 13.41
C GLU D 794 -11.32 63.56 14.69
N THR D 795 -10.24 62.87 15.13
CA THR D 795 -9.41 63.15 16.31
C THR D 795 -8.87 64.57 16.28
N LEU D 796 -8.25 64.97 15.15
CA LEU D 796 -7.65 66.31 14.98
C LEU D 796 -8.69 67.43 15.04
N ASP D 797 -9.92 67.15 14.55
CA ASP D 797 -11.04 68.10 14.53
C ASP D 797 -11.54 68.42 15.94
N ARG D 798 -11.18 67.58 16.93
CA ARG D 798 -11.51 67.75 18.34
C ARG D 798 -10.56 68.77 19.02
N TYR D 799 -9.50 69.22 18.30
CA TYR D 799 -8.50 70.20 18.76
C TYR D 799 -8.52 71.42 17.80
N PRO D 800 -9.52 72.34 17.93
CA PRO D 800 -9.65 73.44 16.94
C PRO D 800 -8.62 74.57 17.03
N ASN D 801 -7.90 74.71 18.14
CA ASN D 801 -6.96 75.82 18.28
C ASN D 801 -5.51 75.43 17.96
N VAL D 802 -5.31 74.26 17.32
CA VAL D 802 -3.98 73.78 16.91
C VAL D 802 -3.43 74.69 15.80
N LYS D 803 -2.22 75.22 16.02
CA LYS D 803 -1.52 76.14 15.11
C LYS D 803 -0.34 75.44 14.44
N GLU D 804 0.16 74.35 15.04
CA GLU D 804 1.29 73.58 14.52
C GLU D 804 1.19 72.11 14.90
N LYS D 805 1.48 71.24 13.94
CA LYS D 805 1.47 69.78 14.06
C LYS D 805 2.86 69.23 13.74
N PHE D 806 3.35 68.34 14.59
CA PHE D 806 4.65 67.72 14.41
C PHE D 806 4.56 66.22 14.51
N TRP D 807 5.23 65.52 13.59
CA TRP D 807 5.38 64.08 13.70
C TRP D 807 6.64 63.87 14.55
N VAL D 808 6.48 63.24 15.70
CA VAL D 808 7.59 63.01 16.63
C VAL D 808 7.92 61.51 16.66
N GLN D 809 9.22 61.21 16.53
CA GLN D 809 9.71 59.85 16.57
C GLN D 809 11.13 59.80 17.11
N GLU D 810 11.47 58.69 17.75
CA GLU D 810 12.81 58.50 18.27
C GLU D 810 13.78 58.03 17.15
N GLU D 811 13.25 57.42 16.08
CA GLU D 811 14.02 56.88 14.96
C GLU D 811 14.68 57.96 14.10
N PRO D 812 15.88 57.68 13.48
CA PRO D 812 16.50 58.66 12.58
C PRO D 812 15.55 59.15 11.48
N ALA D 813 15.80 60.39 10.95
CA ALA D 813 14.96 61.06 9.94
C ALA D 813 14.64 60.17 8.69
N ASN D 814 15.60 59.31 8.26
CA ASN D 814 15.45 58.43 7.09
C ASN D 814 14.84 57.07 7.46
N GLN D 815 14.44 56.90 8.73
CA GLN D 815 13.91 55.65 9.28
C GLN D 815 12.61 55.94 10.03
N GLY D 816 12.01 54.93 10.63
CA GLY D 816 10.73 55.10 11.32
C GLY D 816 9.58 55.38 10.37
N ALA D 817 8.51 56.03 10.85
CA ALA D 817 7.33 56.29 10.03
C ALA D 817 7.44 57.58 9.18
N TRP D 818 8.36 58.51 9.53
CA TRP D 818 8.47 59.78 8.82
C TRP D 818 8.62 59.62 7.28
N PRO D 819 9.56 58.80 6.72
CA PRO D 819 9.68 58.73 5.24
C PRO D 819 8.34 58.52 4.51
N SER D 820 7.44 57.70 5.06
CA SER D 820 6.16 57.47 4.41
C SER D 820 5.10 58.48 4.87
N PHE D 821 4.96 58.74 6.20
CA PHE D 821 3.98 59.67 6.78
C PHE D 821 4.20 61.14 6.34
N GLY D 822 5.47 61.55 6.18
CA GLY D 822 5.81 62.89 5.74
C GLY D 822 5.36 63.19 4.32
N LEU D 823 5.17 62.12 3.54
CA LEU D 823 4.72 62.18 2.15
C LEU D 823 3.22 61.88 2.03
N THR D 824 2.72 60.83 2.71
CA THR D 824 1.32 60.41 2.60
C THR D 824 0.36 61.29 3.42
N LEU D 825 0.69 61.66 4.68
CA LEU D 825 -0.23 62.45 5.53
C LEU D 825 -0.62 63.79 4.87
N PRO D 826 0.29 64.63 4.30
CA PRO D 826 -0.18 65.86 3.62
C PRO D 826 -0.97 65.60 2.33
N GLU D 827 -0.84 64.40 1.75
CA GLU D 827 -1.53 64.05 0.50
C GLU D 827 -2.93 63.49 0.76
N ILE D 828 -3.10 62.55 1.71
CA ILE D 828 -4.41 61.95 2.00
C ILE D 828 -5.29 62.91 2.81
N LEU D 829 -4.68 63.76 3.66
CA LEU D 829 -5.41 64.72 4.46
C LEU D 829 -4.74 66.12 4.36
N PRO D 830 -4.91 66.81 3.20
CA PRO D 830 -4.28 68.13 3.01
C PRO D 830 -4.77 69.22 3.97
N ASP D 831 -6.07 69.20 4.34
CA ASP D 831 -6.64 70.17 5.27
C ASP D 831 -6.03 70.03 6.66
N HIS D 832 -5.81 68.79 7.11
CA HIS D 832 -5.27 68.48 8.42
C HIS D 832 -3.73 68.45 8.50
N PHE D 833 -3.02 68.04 7.42
CA PHE D 833 -1.58 67.85 7.57
C PHE D 833 -0.66 68.69 6.68
N THR D 834 -1.17 69.71 5.98
CA THR D 834 -0.30 70.61 5.23
C THR D 834 0.48 71.44 6.27
N GLY D 835 1.79 71.42 6.17
CA GLY D 835 2.65 72.14 7.10
C GLY D 835 3.19 71.27 8.22
N LEU D 836 2.91 69.95 8.15
CA LEU D 836 3.38 68.96 9.14
C LEU D 836 4.90 68.88 9.09
N LYS D 837 5.54 69.05 10.26
CA LYS D 837 6.98 69.03 10.37
C LYS D 837 7.43 67.82 11.20
N ARG D 838 8.71 67.47 11.08
CA ARG D 838 9.33 66.32 11.73
C ARG D 838 10.20 66.72 12.93
N ILE D 839 10.10 65.93 14.02
CA ILE D 839 10.94 65.95 15.21
C ILE D 839 11.45 64.50 15.39
N SER D 840 12.73 64.31 15.14
CA SER D 840 13.38 63.01 15.19
C SER D 840 14.87 63.15 15.36
N ARG D 841 15.55 61.99 15.42
CA ARG D 841 17.02 61.94 15.37
C ARG D 841 17.40 62.36 13.95
N ARG D 842 18.64 62.82 13.76
CA ARG D 842 19.17 63.14 12.42
C ARG D 842 19.11 61.87 11.55
N ALA D 843 19.23 61.99 10.22
CA ALA D 843 19.31 60.83 9.35
C ALA D 843 20.62 60.10 9.71
N MET D 844 20.55 58.77 9.83
CA MET D 844 21.67 57.96 10.21
C MET D 844 21.80 56.73 9.30
N SER D 845 23.04 56.29 9.06
CA SER D 845 23.39 55.11 8.29
C SER D 845 23.03 53.83 9.06
N ALA D 846 23.26 53.84 10.38
CA ALA D 846 22.92 52.75 11.28
C ALA D 846 21.61 53.11 12.01
N PRO D 847 20.85 52.14 12.58
CA PRO D 847 19.57 52.50 13.21
C PRO D 847 19.70 53.34 14.49
N SER D 848 20.89 53.35 15.11
CA SER D 848 21.20 54.13 16.32
C SER D 848 22.70 54.13 16.59
N SER D 849 23.12 54.95 17.58
CA SER D 849 24.51 55.04 18.00
C SER D 849 24.84 53.84 18.91
N GLY D 850 26.12 53.46 18.96
CA GLY D 850 26.59 52.33 19.77
C GLY D 850 26.63 52.58 21.27
N SER D 851 26.74 53.88 21.68
CA SER D 851 26.81 54.28 23.09
C SER D 851 25.41 54.57 23.65
N SER D 852 25.13 54.02 24.84
CA SER D 852 23.91 54.20 25.63
C SER D 852 23.81 55.64 26.14
N LYS D 853 24.98 56.24 26.48
CA LYS D 853 25.13 57.63 26.95
C LYS D 853 24.76 58.60 25.84
N VAL D 854 25.23 58.33 24.60
CA VAL D 854 25.00 59.16 23.41
C VAL D 854 23.51 59.05 23.02
N HIS D 855 22.92 57.82 23.13
CA HIS D 855 21.50 57.58 22.92
C HIS D 855 20.66 58.52 23.82
N ALA D 856 21.01 58.56 25.12
CA ALA D 856 20.34 59.35 26.16
C ALA D 856 20.36 60.86 25.84
N VAL D 857 21.52 61.37 25.37
CA VAL D 857 21.68 62.78 24.99
C VAL D 857 20.77 63.11 23.78
N GLU D 858 20.76 62.21 22.76
CA GLU D 858 19.92 62.35 21.57
C GLU D 858 18.42 62.27 21.92
N GLN D 859 18.04 61.35 22.80
CA GLN D 859 16.65 61.19 23.25
C GLN D 859 16.12 62.45 23.95
N GLN D 860 16.96 63.08 24.79
CA GLN D 860 16.57 64.28 25.53
C GLN D 860 16.40 65.47 24.57
N GLU D 861 17.20 65.52 23.48
CA GLU D 861 17.11 66.56 22.43
C GLU D 861 15.73 66.54 21.75
N ILE D 862 15.21 65.33 21.46
CA ILE D 862 13.90 65.13 20.84
C ILE D 862 12.80 65.73 21.73
N LEU D 863 12.76 65.39 23.04
CA LEU D 863 11.73 65.89 23.96
C LEU D 863 11.89 67.40 24.22
N ASP D 864 13.15 67.91 24.19
CA ASP D 864 13.39 69.37 24.33
C ASP D 864 12.89 70.12 23.10
N THR D 865 13.00 69.51 21.91
CA THR D 865 12.52 70.12 20.66
C THR D 865 10.99 70.12 20.63
N ALA D 866 10.38 69.00 21.02
CA ALA D 866 8.92 68.80 21.03
C ALA D 866 8.22 69.75 21.99
N PHE D 867 8.92 70.20 23.05
CA PHE D 867 8.36 71.10 24.06
C PHE D 867 9.05 72.48 24.08
N GLY D 868 9.95 72.73 23.12
CA GLY D 868 10.69 73.99 23.01
C GLY D 868 10.30 74.81 21.81
#